data_8ABK
#
_entry.id   8ABK
#
_cell.length_a   1.00
_cell.length_b   1.00
_cell.length_c   1.00
_cell.angle_alpha   90.00
_cell.angle_beta   90.00
_cell.angle_gamma   90.00
#
_symmetry.space_group_name_H-M   'P 1'
#
loop_
_entity.id
_entity.type
_entity.pdbx_description
1 polymer 'Cytochrome b'
2 polymer 'Cytochrome b-c1 complex subunit Rieske, mitochondrial'
3 polymer 'Cytochrome b-c1 complex subunit 7'
4 polymer YALI0F24673p
5 polymer YALI0A14806p
6 polymer 'Cytochrome b-c1 complex subunit 2, mitochondrial'
7 polymer YALI0A17468p
8 polymer 'Cytochrome b-c1 complex subunit 8'
9 polymer 'Complex III subunit 9'
10 polymer YALI0C12210p
11 non-polymer 'PROTOPORPHYRIN IX CONTAINING FE'
12 non-polymer 1,2-DIACYL-SN-GLYCERO-3-PHOSPHOCHOLINE
13 non-polymer PHOSPHATIDYLETHANOLAMINE
14 non-polymer CARDIOLIPIN
15 non-polymer 2-decyl-5,6-dimethoxy-3-methylcyclohexa-2,5-diene-1,4-dione
16 non-polymer DODECYL-BETA-D-MALTOSIDE
17 non-polymer 'FE2/S2 (INORGANIC) CLUSTER'
18 non-polymer 1,2-DIMYRISTOYL-SN-GLYCERO-3-PHOSPHATE
19 non-polymer 'HEME C'
#
loop_
_entity_poly.entity_id
_entity_poly.type
_entity_poly.pdbx_seq_one_letter_code
_entity_poly.pdbx_strand_id
1 'polypeptide(L)'
;MALRKKNSLLNMANSYVLDSPQPSNLNYFWNFGSLLALCLVIQLATGITLAMHYTSHASLAFDSVEHIMRDVNFGWFIRY
AHANTASFFFICIYAHMGRNIYYGSYKTPRVLPWSIGVIIFLLLIITAFMGYVLVFGQMSLWGATVICNLVSAIPWLGED
IVHFLWGGFSVGNPTLQRFFALHYLMPFVLAVFALLHLIALHTAGSSNPLGITSNVDKLSMHPYYSFKDLITVFAFLLMF
TLFVFFSPDKLGHPDNYIPANPMVTPASIVPEWYLLPFYAILRAIPDKLGGVIAMVAAILILLILPIVDRSIIRGNAFKP
ISKLLFGFFICNFLLLGVLGQVHIEPPFIVLGQICTIFYFSYFLILLPMVSTIENIFFYIGSLRK
;
C,N
2 'polypeptide(L)'
;MSLLRTAAQAVKAPKAYTPLVAAKAFAQTRSVSSQPIGGKSTYKIPDFTPYLKKDRNTDANRLFSYFMIGSFGMLSAAGA
KATVQDFLSNMSASADVLAMAKVEVKLGAIPLGKNVIIKWRGKPIFIRHRTSEEIEEANEVNVATLRDPQTDDERVQKPE
WLVMIGVCTHLGCVPIGEAGDFGGWFCPCHGSHYDISGRIRRGPAPLNLEIPEYDFADAETLVIG
;
P,E
3 'polypeptide(L)'
;MASITSVVKTSELILKSPLLSKIVVPLAKTYVKFSGYRQLGFKMNDLIIEETPNMQLALRRLPPTESYDRVYRLIRATQF
SLSHKLATGNDITKPEEDDHYLIPYILDVEAEAFEKDALDNLEVVKRK
;
G,R
4 'polypeptide(L)'
;MSYFLTLASEVAESLLPTVAFASEEEKEQDEPVEVESDDDESEEKEDDDEEEDEDDDDDDDDDEVPDPAIALHEAAAEGP
CHDFKHHFDECVERVTKAQEAEDYDHAEYKEDCVEEFFHLQHCINDNTADKLFRVLK
;
F,Q
5 'polypeptide(L)'
;MNSLLRLPALKRGVFTMSKRGLATTVSPKTRTSNLKNGLTIASESNPLVQTATVGVWIDAGSRNENAYNNGTAHFFEHLA
FKGTDKRSQHQLELDIENMGGHLNAYTSRESTVYYAKSFKDDVPKSVEILADILQHSKLAESAIDREREVITRELEEVNK
QYEEVVFDHLHATAFMNQPLGRTILGPRENIQTITNTELRKFITENYTADRMVLVGAGAVDHDALVELAEKYFSHLPSSQ
SPVPLGTPRSSGEDANQNPIPNFVGSEVRLRDDTMPVAHIAIAVEGVSWTSEDYYTALVAQAIIGNYDRAVGTSRHQGSR
LSNIVSENNLANSFQSFSTSYSDTGLWGIYLTSENTTQIDDLVHFTLKEWNRLSTSVSNLQVERAKSQLKAGLLLSLDGT
TYVAEDIGRQLTTLGRRVTPAEVEAKLEAVTEHDVRAWAQKTLYDKDIALVGLGPIEGLYDYNRIRNDMSMMRW
;
A,L
6 'polypeptide(L)'
;MTRGVPRLAVAARHFSTAEAAGVKVAAQDGQSPISDLSVVLRGGSRYATVPGVSHILEKFAFQNTVPKSALRFVRELELF
GGKLYTHTTREHIVLRTQFLKQDLPYFVDAFANVLKETKFQQFELTERVAPVAELDLLKRESDPAFTALEAAHEVAFRTG
LGNSVYAQGYSPVTLEDVKEFARQVYAKQNVAVVGNNVVPADLQQLVGTAFADLQEGSKVTQAGTTTLHGGEARVRTSTG
NALTIALPIAEPKPVYHALASFLGGPASMPWSVGASPLAQATVGTHTSVKATYHNYGDAGLFAITIKGDSPAEISQVAHK
AVQALKDTGAEVTEEQAARAYAKSKFAAAEAFENPDSSASVIGMELLSGVSRIAPENVQKFTPAELSEAAAQLSASAKPV
VAAVGQVHALPFADELF
;
B,M
7 'polypeptide(L)'
;MRRRRIGVWPENRRVSRLWVSLSPRSCVTCPVPTNQNPPINNHHTPILTQMFKAIPLRQALLGISSAVCAGATTTYYYTT
KAEAMTAAEHGLHPAEYPWPQNGMLSTFDHASLRRGYQVYKEVCAACHSLDRIAWRNLVGVTHTTDEAKAFAEELEYDDE
PDDEGNPRKRPGKLADYIPGPYPNEQAARAANQGALPPDLSLIAKARHGGADYIFALLTGYPDEPPAGVVLAPGMNYNPY
FPGGGIGMARTLFDGVVEYEDGTPATTSQMAKDVAAFLTWAAEPEHDERKKLGLKAIIVISAMLGLSVYIKKFKWSPIKN
RKFIYNPPKN
;
D,O
8 'polypeptide(L)'
;MGGNGHYMGWWGHMGSPPQKGIAGYTISPFAARPFAGVVHAAIFNTFRRTKNQALFVILPVSFFYYVWTQASEKNEWLYT
KAGRHELAKALAE
;
H,S
9 'polypeptide(L)' MAWATTFYNVFVKRNSAFVATILASAFVFDMTFETAIDNFWDRINAGKQWKDIRHKYIEAAGDDDEDDE I,T
10 'polypeptide(L)'
;MICGEGDYVKKPSYKIVPHFLGFNIPTVSKWIPIFGIWGAAAGIGALFLIEGVPRTRQDILSKIPIIGEHWIREIPASDN
PF
;
J,U
#
# COMPACT_ATOMS: atom_id res chain seq x y z
N MET A 1 16.81 -4.13 8.29
CA MET A 1 15.52 -3.30 8.36
C MET A 1 14.77 -3.42 9.70
N ALA A 2 14.32 -2.27 10.21
CA ALA A 2 13.53 -2.17 11.43
C ALA A 2 12.25 -3.00 11.32
N LEU A 3 11.90 -3.68 12.42
CA LEU A 3 10.71 -4.50 12.46
C LEU A 3 9.45 -3.70 12.10
N ARG A 4 9.38 -2.44 12.54
CA ARG A 4 8.20 -1.63 12.28
C ARG A 4 8.02 -1.42 10.77
N LYS A 5 9.06 -1.64 9.97
CA LYS A 5 8.95 -1.40 8.54
C LYS A 5 8.78 -2.74 7.81
N LYS A 6 9.33 -3.80 8.40
CA LYS A 6 9.48 -5.09 7.75
C LYS A 6 8.16 -5.84 7.84
N ASN A 7 7.58 -5.86 9.04
CA ASN A 7 6.35 -6.59 9.27
C ASN A 7 5.16 -5.82 8.68
N SER A 8 4.36 -6.48 7.84
CA SER A 8 3.32 -5.75 7.12
C SER A 8 2.27 -5.16 8.05
N LEU A 9 1.87 -5.87 9.11
CA LEU A 9 0.88 -5.27 9.99
C LEU A 9 1.45 -4.05 10.69
N LEU A 10 2.61 -4.19 11.36
CA LEU A 10 3.26 -3.09 12.05
C LEU A 10 3.50 -1.93 11.09
N ASN A 11 3.84 -2.27 9.85
CA ASN A 11 4.14 -1.21 8.91
C ASN A 11 2.92 -0.34 8.59
N MET A 12 1.73 -0.93 8.59
CA MET A 12 0.54 -0.13 8.39
C MET A 12 0.31 0.85 9.53
N ALA A 13 0.47 0.40 10.77
CA ALA A 13 0.40 1.32 11.90
C ALA A 13 1.47 2.39 11.77
N ASN A 14 2.71 1.95 11.53
CA ASN A 14 3.88 2.81 11.38
C ASN A 14 3.60 3.92 10.38
N SER A 15 3.01 3.57 9.24
CA SER A 15 2.78 4.53 8.18
C SER A 15 1.75 5.58 8.56
N TYR A 16 0.95 5.36 9.60
CA TYR A 16 -0.09 6.30 9.97
C TYR A 16 0.29 7.06 11.24
N VAL A 17 1.04 6.43 12.14
CA VAL A 17 1.10 7.07 13.44
C VAL A 17 2.54 7.32 13.85
N LEU A 18 3.51 6.76 13.13
CA LEU A 18 4.86 7.00 13.60
C LEU A 18 5.70 7.66 12.51
N ASP A 19 6.04 6.92 11.46
CA ASP A 19 6.85 7.48 10.40
C ASP A 19 6.06 8.38 9.47
N SER A 20 4.74 8.49 9.65
CA SER A 20 3.95 9.24 8.69
C SER A 20 4.58 10.62 8.46
N PRO A 21 5.01 11.03 7.24
CA PRO A 21 5.60 12.35 7.05
C PRO A 21 4.59 13.49 7.01
N GLN A 22 4.71 14.44 7.95
CA GLN A 22 3.71 15.50 8.07
C GLN A 22 4.36 16.83 7.73
N PRO A 23 3.60 17.85 7.33
CA PRO A 23 4.15 19.19 7.19
C PRO A 23 4.70 19.61 8.55
N SER A 24 5.70 20.48 8.55
CA SER A 24 6.28 20.84 9.82
C SER A 24 5.53 22.01 10.44
N ASN A 25 4.55 22.58 9.74
CA ASN A 25 3.90 23.80 10.24
C ASN A 25 2.39 23.62 10.48
N LEU A 26 1.88 22.44 10.82
CA LEU A 26 0.45 22.36 11.13
C LEU A 26 0.16 23.17 12.38
N ASN A 27 -0.90 23.99 12.38
CA ASN A 27 -1.26 24.80 13.55
C ASN A 27 -2.28 24.02 14.39
N TYR A 28 -2.85 24.63 15.44
CA TYR A 28 -3.73 23.91 16.35
C TYR A 28 -5.06 23.50 15.70
N PHE A 29 -5.43 24.11 14.58
CA PHE A 29 -6.64 23.64 13.92
C PHE A 29 -6.45 22.28 13.25
N TRP A 30 -5.23 21.74 13.18
CA TRP A 30 -5.05 20.40 12.67
C TRP A 30 -5.25 19.40 13.81
N ASN A 31 -5.66 19.87 15.00
CA ASN A 31 -5.77 18.91 16.09
C ASN A 31 -7.18 18.37 16.24
N PHE A 32 -8.15 18.84 15.45
CA PHE A 32 -9.51 18.37 15.59
C PHE A 32 -9.68 16.95 15.08
N GLY A 33 -8.87 16.54 14.10
CA GLY A 33 -8.95 15.17 13.64
C GLY A 33 -8.71 14.20 14.80
N SER A 34 -7.68 14.43 15.62
CA SER A 34 -7.44 13.51 16.72
C SER A 34 -8.50 13.72 17.79
N LEU A 35 -9.02 14.94 18.00
CA LEU A 35 -10.13 15.05 18.94
C LEU A 35 -11.34 14.26 18.44
N LEU A 36 -11.63 14.30 17.13
CA LEU A 36 -12.74 13.52 16.65
C LEU A 36 -12.52 12.03 16.89
N ALA A 37 -11.29 11.55 16.75
CA ALA A 37 -10.96 10.15 17.01
C ALA A 37 -11.18 9.85 18.49
N LEU A 38 -10.79 10.78 19.37
CA LEU A 38 -11.08 10.66 20.80
C LEU A 38 -12.58 10.60 21.11
N CYS A 39 -13.39 11.49 20.54
CA CYS A 39 -14.83 11.45 20.74
C CYS A 39 -15.36 10.10 20.28
N LEU A 40 -14.87 9.62 19.14
CA LEU A 40 -15.37 8.37 18.64
C LEU A 40 -15.04 7.23 19.59
N VAL A 41 -13.83 7.21 20.12
CA VAL A 41 -13.45 6.21 21.10
C VAL A 41 -14.28 6.33 22.39
N ILE A 42 -14.46 7.53 22.92
CA ILE A 42 -15.29 7.70 24.12
C ILE A 42 -16.72 7.20 23.87
N GLN A 43 -17.31 7.57 22.73
CA GLN A 43 -18.66 7.16 22.39
C GLN A 43 -18.72 5.65 22.24
N LEU A 44 -17.68 5.02 21.67
CA LEU A 44 -17.77 3.56 21.62
C LEU A 44 -17.72 2.97 23.02
N ALA A 45 -16.80 3.42 23.87
CA ALA A 45 -16.68 2.82 25.20
C ALA A 45 -17.92 3.12 26.02
N THR A 46 -18.37 4.38 26.03
CA THR A 46 -19.54 4.64 26.86
C THR A 46 -20.78 3.99 26.25
N GLY A 47 -20.89 4.02 24.93
CA GLY A 47 -22.09 3.50 24.28
C GLY A 47 -22.24 2.00 24.49
N ILE A 48 -21.14 1.26 24.35
CA ILE A 48 -21.22 -0.18 24.55
C ILE A 48 -21.58 -0.48 26.00
N THR A 49 -21.02 0.31 26.92
CA THR A 49 -21.36 0.17 28.32
C THR A 49 -22.83 0.47 28.58
N LEU A 50 -23.37 1.55 28.03
CA LEU A 50 -24.77 1.83 28.25
C LEU A 50 -25.62 0.69 27.72
N ALA A 51 -25.26 0.15 26.55
CA ALA A 51 -25.98 -0.97 25.98
C ALA A 51 -26.02 -2.15 26.93
N MET A 52 -25.07 -2.30 27.86
CA MET A 52 -25.15 -3.41 28.79
C MET A 52 -26.26 -3.23 29.84
N HIS A 53 -26.86 -2.04 29.94
CA HIS A 53 -27.78 -1.73 31.01
C HIS A 53 -29.06 -1.11 30.46
N TYR A 54 -29.12 -0.89 29.14
CA TYR A 54 -30.27 -0.20 28.59
C TYR A 54 -31.27 -1.23 28.07
N THR A 55 -32.57 -0.93 28.11
CA THR A 55 -33.51 -1.88 27.54
C THR A 55 -34.24 -1.17 26.41
N SER A 56 -34.32 -1.78 25.23
CA SER A 56 -34.79 -1.03 24.07
C SER A 56 -36.31 -1.05 23.97
N HIS A 57 -36.98 -1.89 24.75
CA HIS A 57 -38.43 -2.01 24.71
C HIS A 57 -39.09 -0.73 25.20
N ALA A 58 -40.10 -0.20 24.50
CA ALA A 58 -40.68 1.10 24.80
C ALA A 58 -41.27 1.15 26.22
N SER A 59 -41.62 0.00 26.78
CA SER A 59 -42.23 0.03 28.09
C SER A 59 -41.16 0.21 29.17
N LEU A 60 -39.89 0.00 28.80
CA LEU A 60 -38.83 -0.08 29.78
C LEU A 60 -37.69 0.88 29.51
N ALA A 61 -37.66 1.50 28.31
CA ALA A 61 -36.51 2.23 27.83
C ALA A 61 -36.18 3.40 28.76
N PHE A 62 -37.15 4.31 28.91
CA PHE A 62 -36.99 5.49 29.74
C PHE A 62 -36.60 5.07 31.15
N ASP A 63 -37.26 4.05 31.69
CA ASP A 63 -36.88 3.64 33.03
C ASP A 63 -35.50 3.01 33.06
N SER A 64 -35.03 2.40 31.97
CA SER A 64 -33.71 1.79 32.02
C SER A 64 -32.68 2.89 32.05
N VAL A 65 -33.00 4.03 31.43
CA VAL A 65 -32.09 5.15 31.53
C VAL A 65 -32.09 5.72 32.94
N GLU A 66 -33.24 5.77 33.63
CA GLU A 66 -33.25 6.18 35.03
C GLU A 66 -32.50 5.20 35.92
N HIS A 67 -32.54 3.91 35.59
CA HIS A 67 -31.84 2.89 36.35
C HIS A 67 -30.33 3.10 36.22
N ILE A 68 -29.90 3.44 35.00
CA ILE A 68 -28.51 3.79 34.73
C ILE A 68 -28.09 4.97 35.60
N MET A 69 -28.85 6.06 35.61
CA MET A 69 -28.54 7.23 36.41
C MET A 69 -28.51 6.90 37.91
N ARG A 70 -29.44 6.05 38.38
CA ARG A 70 -29.63 5.91 39.82
C ARG A 70 -28.93 4.71 40.46
N ASP A 71 -28.85 3.56 39.77
CA ASP A 71 -28.45 2.31 40.42
C ASP A 71 -27.13 1.76 39.92
N VAL A 72 -26.81 2.00 38.65
CA VAL A 72 -25.59 1.44 38.09
C VAL A 72 -24.41 2.23 38.65
N ASN A 73 -23.39 1.55 39.18
CA ASN A 73 -22.20 2.25 39.65
C ASN A 73 -21.59 3.12 38.56
N PHE A 74 -21.46 4.43 38.83
CA PHE A 74 -20.95 5.37 37.84
C PHE A 74 -21.84 5.44 36.61
N GLY A 75 -23.06 4.94 36.71
CA GLY A 75 -23.96 5.06 35.58
C GLY A 75 -24.19 6.52 35.19
N TRP A 76 -24.29 7.42 36.19
CA TRP A 76 -24.56 8.83 35.90
C TRP A 76 -23.41 9.35 35.04
N PHE A 77 -22.18 8.89 35.33
CA PHE A 77 -21.03 9.41 34.63
C PHE A 77 -21.07 8.93 33.18
N ILE A 78 -21.30 7.63 33.02
CA ILE A 78 -21.29 7.02 31.71
C ILE A 78 -22.40 7.65 30.88
N ARG A 79 -23.56 7.87 31.49
CA ARG A 79 -24.64 8.46 30.72
C ARG A 79 -24.29 9.90 30.34
N TYR A 80 -23.86 10.72 31.29
CA TYR A 80 -23.59 12.11 30.95
C TYR A 80 -22.39 12.25 30.02
N ALA A 81 -21.39 11.38 30.19
CA ALA A 81 -20.25 11.36 29.29
C ALA A 81 -20.75 11.11 27.87
N HIS A 82 -21.61 10.10 27.70
CA HIS A 82 -22.10 9.77 26.38
C HIS A 82 -22.92 10.92 25.79
N ALA A 83 -23.78 11.56 26.60
CA ALA A 83 -24.67 12.60 26.12
C ALA A 83 -23.89 13.86 25.76
N ASN A 84 -22.89 14.22 26.56
CA ASN A 84 -22.16 15.47 26.34
C ASN A 84 -21.13 15.29 25.23
N THR A 85 -20.52 14.11 25.17
CA THR A 85 -19.58 13.84 24.09
C THR A 85 -20.29 13.86 22.75
N ALA A 86 -21.58 13.51 22.69
CA ALA A 86 -22.28 13.71 21.45
C ALA A 86 -22.23 15.18 21.02
N SER A 87 -22.37 16.14 21.95
CA SER A 87 -22.25 17.55 21.58
C SER A 87 -20.82 17.92 21.22
N PHE A 88 -19.85 17.43 21.99
CA PHE A 88 -18.46 17.76 21.71
C PHE A 88 -18.05 17.22 20.33
N PHE A 89 -18.57 16.05 19.97
CA PHE A 89 -18.33 15.47 18.66
C PHE A 89 -18.74 16.47 17.59
N PHE A 90 -19.87 17.16 17.76
CA PHE A 90 -20.27 18.10 16.73
C PHE A 90 -19.48 19.40 16.81
N ILE A 91 -19.04 19.81 17.99
CA ILE A 91 -18.21 20.99 18.00
C ILE A 91 -16.92 20.67 17.25
N CYS A 92 -16.35 19.49 17.52
CA CYS A 92 -15.10 19.16 16.86
C CYS A 92 -15.29 18.99 15.36
N ILE A 93 -16.44 18.47 14.94
CA ILE A 93 -16.63 18.21 13.53
C ILE A 93 -16.89 19.51 12.77
N TYR A 94 -17.58 20.46 13.39
CA TYR A 94 -17.74 21.76 12.75
C TYR A 94 -16.41 22.48 12.63
N ALA A 95 -15.57 22.39 13.68
CA ALA A 95 -14.26 23.01 13.68
C ALA A 95 -13.40 22.41 12.57
N HIS A 96 -13.40 21.08 12.51
CA HIS A 96 -12.65 20.34 11.52
C HIS A 96 -13.13 20.68 10.11
N MET A 97 -14.44 20.74 9.88
CA MET A 97 -14.92 21.14 8.57
C MET A 97 -14.61 22.60 8.29
N GLY A 98 -14.68 23.46 9.31
CA GLY A 98 -14.34 24.85 9.08
C GLY A 98 -12.87 24.99 8.68
N ARG A 99 -11.98 24.27 9.40
CA ARG A 99 -10.58 24.25 9.04
C ARG A 99 -10.46 23.86 7.56
N ASN A 100 -11.13 22.78 7.18
CA ASN A 100 -11.03 22.29 5.81
C ASN A 100 -11.49 23.33 4.80
N ILE A 101 -12.54 24.10 5.10
CA ILE A 101 -13.04 25.04 4.12
C ILE A 101 -12.12 26.25 4.05
N TYR A 102 -11.61 26.72 5.20
CA TYR A 102 -10.76 27.89 5.20
C TYR A 102 -9.42 27.60 4.52
N TYR A 103 -8.87 26.41 4.74
CA TYR A 103 -7.53 26.15 4.22
C TYR A 103 -7.59 25.43 2.88
N GLY A 104 -8.78 25.33 2.28
CA GLY A 104 -8.85 24.78 0.95
C GLY A 104 -8.55 23.28 0.94
N SER A 105 -8.84 22.57 2.04
CA SER A 105 -8.52 21.16 2.09
C SER A 105 -9.34 20.35 1.09
N TYR A 106 -10.37 20.97 0.52
CA TYR A 106 -11.21 20.22 -0.39
C TYR A 106 -10.63 20.27 -1.80
N LYS A 107 -9.62 21.10 -2.07
CA LYS A 107 -9.11 21.21 -3.44
C LYS A 107 -8.29 19.98 -3.83
N THR A 108 -8.18 19.77 -5.14
CA THR A 108 -7.27 18.77 -5.66
C THR A 108 -5.91 18.96 -4.98
N PRO A 109 -5.18 17.89 -4.59
CA PRO A 109 -5.58 16.53 -4.86
C PRO A 109 -6.33 15.87 -3.70
N ARG A 110 -7.14 16.63 -2.96
CA ARG A 110 -7.76 16.03 -1.78
C ARG A 110 -9.28 16.04 -1.91
N VAL A 111 -9.82 15.99 -3.14
CA VAL A 111 -11.25 15.87 -3.35
C VAL A 111 -11.79 14.59 -2.73
N LEU A 112 -11.06 13.47 -2.83
CA LEU A 112 -11.64 12.23 -2.34
C LEU A 112 -11.78 12.20 -0.82
N PRO A 113 -10.76 12.50 0.01
CA PRO A 113 -10.97 12.55 1.46
C PRO A 113 -12.07 13.53 1.85
N TRP A 114 -12.19 14.63 1.10
CA TRP A 114 -13.23 15.58 1.45
C TRP A 114 -14.62 15.02 1.16
N SER A 115 -14.79 14.35 0.02
CA SER A 115 -16.07 13.79 -0.38
C SER A 115 -16.48 12.67 0.57
N ILE A 116 -15.52 11.83 0.97
CA ILE A 116 -15.86 10.81 1.94
C ILE A 116 -16.21 11.51 3.26
N GLY A 117 -15.51 12.59 3.57
CA GLY A 117 -15.80 13.35 4.77
C GLY A 117 -17.25 13.81 4.81
N VAL A 118 -17.77 14.30 3.68
CA VAL A 118 -19.16 14.73 3.68
C VAL A 118 -20.08 13.57 4.06
N ILE A 119 -19.77 12.35 3.63
CA ILE A 119 -20.59 11.23 4.05
C ILE A 119 -20.42 10.93 5.54
N ILE A 120 -19.20 11.02 6.06
CA ILE A 120 -19.00 10.83 7.50
C ILE A 120 -19.91 11.78 8.26
N PHE A 121 -20.04 13.02 7.78
CA PHE A 121 -20.85 14.01 8.48
C PHE A 121 -22.31 13.59 8.48
N LEU A 122 -22.82 13.07 7.34
CA LEU A 122 -24.19 12.57 7.28
C LEU A 122 -24.36 11.37 8.21
N LEU A 123 -23.38 10.47 8.24
CA LEU A 123 -23.52 9.34 9.15
C LEU A 123 -23.55 9.80 10.60
N LEU A 124 -22.79 10.85 10.95
CA LEU A 124 -22.81 11.33 12.32
C LEU A 124 -24.20 11.85 12.67
N ILE A 125 -24.82 12.59 11.74
CA ILE A 125 -26.14 13.14 11.98
C ILE A 125 -27.14 12.02 12.23
N ILE A 126 -27.12 10.99 11.38
CA ILE A 126 -28.05 9.89 11.57
C ILE A 126 -27.76 9.15 12.87
N THR A 127 -26.49 8.89 13.15
CA THR A 127 -26.15 8.22 14.40
C THR A 127 -26.72 9.00 15.56
N ALA A 128 -26.47 10.30 15.61
CA ALA A 128 -26.84 11.06 16.78
C ALA A 128 -28.35 11.21 16.88
N PHE A 129 -29.04 11.30 15.73
CA PHE A 129 -30.48 11.39 15.73
C PHE A 129 -31.10 10.15 16.36
N MET A 130 -30.66 8.97 15.93
CA MET A 130 -31.20 7.73 16.44
C MET A 130 -30.87 7.56 17.91
N GLY A 131 -29.68 8.00 18.33
CA GLY A 131 -29.32 7.78 19.72
C GLY A 131 -30.22 8.64 20.61
N TYR A 132 -30.58 9.82 20.12
CA TYR A 132 -31.41 10.70 20.94
C TYR A 132 -32.79 10.11 21.17
N VAL A 133 -33.33 9.41 20.18
CA VAL A 133 -34.63 8.78 20.31
C VAL A 133 -34.62 7.73 21.41
N LEU A 134 -33.46 7.14 21.71
CA LEU A 134 -33.44 5.96 22.56
C LEU A 134 -33.87 6.26 23.98
N VAL A 135 -33.76 7.51 24.41
CA VAL A 135 -34.14 7.87 25.76
C VAL A 135 -35.65 7.69 25.93
N PHE A 136 -36.39 7.97 24.86
CA PHE A 136 -37.84 7.85 24.85
C PHE A 136 -38.48 8.80 25.86
N GLY A 137 -37.89 9.99 26.01
CA GLY A 137 -38.58 11.11 26.64
C GLY A 137 -39.46 11.85 25.64
N GLN A 138 -40.04 12.98 26.05
CA GLN A 138 -40.92 13.71 25.16
C GLN A 138 -40.18 14.21 23.92
N MET A 139 -38.95 14.74 24.07
CA MET A 139 -38.25 15.24 22.90
C MET A 139 -37.85 14.09 21.98
N SER A 140 -37.39 12.99 22.56
CA SER A 140 -37.12 11.78 21.80
C SER A 140 -38.29 11.45 20.89
N LEU A 141 -39.50 11.30 21.44
CA LEU A 141 -40.63 10.83 20.64
C LEU A 141 -41.03 11.86 19.58
N TRP A 142 -41.21 13.10 20.00
CA TRP A 142 -41.73 14.13 19.12
C TRP A 142 -40.71 14.52 18.07
N GLY A 143 -39.42 14.48 18.44
CA GLY A 143 -38.38 14.68 17.46
C GLY A 143 -38.39 13.57 16.40
N ALA A 144 -38.51 12.32 16.85
CA ALA A 144 -38.58 11.21 15.90
C ALA A 144 -39.78 11.39 14.99
N THR A 145 -40.92 11.81 15.55
CA THR A 145 -42.13 11.92 14.76
C THR A 145 -41.95 12.92 13.62
N VAL A 146 -41.41 14.08 13.94
CA VAL A 146 -41.39 15.18 13.02
C VAL A 146 -40.33 14.93 11.95
N ILE A 147 -39.19 14.39 12.37
CA ILE A 147 -38.11 14.19 11.43
C ILE A 147 -38.43 13.02 10.52
N CYS A 148 -39.03 11.95 11.05
CA CYS A 148 -39.37 10.81 10.20
C CYS A 148 -40.53 11.15 9.27
N ASN A 149 -41.38 12.11 9.63
CA ASN A 149 -42.45 12.49 8.73
C ASN A 149 -41.97 13.29 7.52
N LEU A 150 -40.72 13.75 7.52
CA LEU A 150 -40.20 14.50 6.39
C LEU A 150 -40.08 13.59 5.17
N VAL A 151 -39.88 12.29 5.44
CA VAL A 151 -39.82 11.25 4.42
C VAL A 151 -41.16 11.13 3.70
N SER A 152 -42.28 11.49 4.36
CA SER A 152 -43.58 11.44 3.71
C SER A 152 -43.62 12.34 2.48
N ALA A 153 -42.60 13.18 2.30
CA ALA A 153 -42.68 14.19 1.25
C ALA A 153 -42.18 13.58 -0.06
N ILE A 154 -41.39 12.52 0.05
CA ILE A 154 -41.00 11.75 -1.12
C ILE A 154 -42.28 11.41 -1.87
N PRO A 155 -42.37 11.74 -3.17
CA PRO A 155 -43.63 11.62 -3.88
C PRO A 155 -43.97 10.15 -4.10
N TRP A 156 -45.29 9.87 -4.13
CA TRP A 156 -45.83 8.57 -4.45
C TRP A 156 -45.66 7.57 -3.30
N LEU A 157 -44.40 7.31 -2.90
CA LEU A 157 -44.12 6.21 -2.01
C LEU A 157 -43.83 6.68 -0.57
N GLY A 158 -43.78 8.00 -0.37
CA GLY A 158 -43.29 8.60 0.87
C GLY A 158 -43.95 8.06 2.14
N GLU A 159 -45.30 8.06 2.14
CA GLU A 159 -46.11 7.54 3.25
C GLU A 159 -45.76 6.09 3.56
N ASP A 160 -45.69 5.26 2.50
CA ASP A 160 -45.36 3.85 2.65
C ASP A 160 -43.96 3.70 3.23
N ILE A 161 -43.05 4.58 2.83
CA ILE A 161 -41.70 4.46 3.36
C ILE A 161 -41.71 4.80 4.84
N VAL A 162 -42.50 5.80 5.24
CA VAL A 162 -42.51 6.19 6.63
C VAL A 162 -43.04 5.04 7.50
N HIS A 163 -44.14 4.43 7.06
CA HIS A 163 -44.70 3.31 7.81
C HIS A 163 -43.72 2.16 7.87
N PHE A 164 -42.95 2.00 6.81
CA PHE A 164 -41.94 0.96 6.78
C PHE A 164 -40.83 1.27 7.78
N LEU A 165 -40.36 2.52 7.83
CA LEU A 165 -39.31 2.91 8.77
C LEU A 165 -39.76 2.73 10.22
N TRP A 166 -41.00 3.17 10.52
CA TRP A 166 -41.54 3.08 11.86
C TRP A 166 -41.81 1.65 12.30
N GLY A 167 -42.12 0.79 11.33
CA GLY A 167 -42.62 -0.55 11.57
C GLY A 167 -44.01 -0.52 12.19
N GLY A 168 -44.84 0.46 11.79
CA GLY A 168 -46.16 0.63 12.34
C GLY A 168 -46.75 1.94 11.83
N PHE A 169 -47.73 2.51 12.55
CA PHE A 169 -48.40 3.67 12.01
C PHE A 169 -48.02 4.94 12.74
N SER A 170 -47.14 4.80 13.71
CA SER A 170 -46.62 5.94 14.42
C SER A 170 -45.34 5.50 15.07
N VAL A 171 -44.61 6.44 15.67
CA VAL A 171 -43.40 6.07 16.38
C VAL A 171 -43.81 5.31 17.63
N GLY A 172 -43.27 4.10 17.79
CA GLY A 172 -43.62 3.29 18.93
C GLY A 172 -42.52 2.29 19.24
N ASN A 173 -42.90 1.18 19.87
CA ASN A 173 -41.94 0.16 20.25
C ASN A 173 -41.12 -0.36 19.07
N PRO A 174 -41.72 -0.71 17.90
CA PRO A 174 -40.91 -1.22 16.80
C PRO A 174 -39.86 -0.21 16.35
N THR A 175 -40.21 1.08 16.46
CA THR A 175 -39.29 2.12 16.01
C THR A 175 -38.13 2.23 16.98
N LEU A 176 -38.45 2.17 18.26
CA LEU A 176 -37.43 2.28 19.27
C LEU A 176 -36.47 1.09 19.18
N GLN A 177 -36.97 -0.12 18.99
CA GLN A 177 -36.06 -1.26 18.97
C GLN A 177 -35.20 -1.27 17.72
N ARG A 178 -35.73 -0.82 16.60
CA ARG A 178 -34.91 -0.74 15.42
C ARG A 178 -33.88 0.39 15.54
N PHE A 179 -34.24 1.50 16.21
CA PHE A 179 -33.27 2.57 16.34
C PHE A 179 -32.15 2.13 17.27
N PHE A 180 -32.48 1.31 18.26
CA PHE A 180 -31.40 0.83 19.10
C PHE A 180 -30.41 0.04 18.26
N ALA A 181 -30.91 -0.88 17.44
CA ALA A 181 -30.01 -1.76 16.69
C ALA A 181 -29.17 -0.94 15.72
N LEU A 182 -29.81 0.01 15.03
CA LEU A 182 -29.07 0.81 14.06
C LEU A 182 -28.13 1.79 14.75
N HIS A 183 -28.52 2.37 15.89
CA HIS A 183 -27.64 3.25 16.61
C HIS A 183 -26.40 2.49 17.05
N TYR A 184 -26.53 1.20 17.36
CA TYR A 184 -25.36 0.44 17.76
C TYR A 184 -24.46 0.26 16.55
N LEU A 185 -25.05 0.04 15.38
CA LEU A 185 -24.28 -0.29 14.20
C LEU A 185 -23.58 0.94 13.61
N MET A 186 -24.30 2.05 13.47
CA MET A 186 -23.87 3.21 12.69
C MET A 186 -22.48 3.71 13.10
N PRO A 187 -22.12 3.81 14.39
CA PRO A 187 -20.77 4.17 14.77
C PRO A 187 -19.68 3.28 14.19
N PHE A 188 -19.96 1.99 13.95
CA PHE A 188 -18.96 1.15 13.34
C PHE A 188 -18.81 1.48 11.87
N VAL A 189 -19.94 1.75 11.21
CA VAL A 189 -19.88 2.18 9.81
C VAL A 189 -19.09 3.48 9.71
N LEU A 190 -19.38 4.39 10.63
CA LEU A 190 -18.74 5.69 10.67
C LEU A 190 -17.25 5.53 10.87
N ALA A 191 -16.81 4.63 11.76
CA ALA A 191 -15.39 4.44 11.95
C ALA A 191 -14.71 3.91 10.68
N VAL A 192 -15.41 3.06 9.93
CA VAL A 192 -14.84 2.60 8.68
C VAL A 192 -14.67 3.77 7.72
N PHE A 193 -15.68 4.62 7.58
CA PHE A 193 -15.52 5.73 6.65
C PHE A 193 -14.46 6.72 7.12
N ALA A 194 -14.29 6.87 8.44
CA ALA A 194 -13.26 7.75 8.97
C ALA A 194 -11.92 7.17 8.55
N LEU A 195 -11.79 5.85 8.65
CA LEU A 195 -10.56 5.24 8.18
C LEU A 195 -10.36 5.44 6.68
N LEU A 196 -11.43 5.24 5.88
CA LEU A 196 -11.31 5.43 4.43
C LEU A 196 -10.87 6.84 4.09
N HIS A 197 -11.43 7.87 4.74
CA HIS A 197 -10.99 9.20 4.34
C HIS A 197 -9.53 9.42 4.67
N LEU A 198 -8.99 8.82 5.74
CA LEU A 198 -7.57 8.94 6.03
C LEU A 198 -6.69 8.22 5.02
N ILE A 199 -7.08 7.00 4.64
CA ILE A 199 -6.31 6.30 3.65
C ILE A 199 -6.33 7.12 2.36
N ALA A 200 -7.50 7.67 1.98
CA ALA A 200 -7.53 8.48 0.78
C ALA A 200 -6.59 9.68 0.93
N LEU A 201 -6.54 10.27 2.13
CA LEU A 201 -5.69 11.43 2.32
C LEU A 201 -4.21 11.09 2.19
N HIS A 202 -3.85 9.84 2.48
CA HIS A 202 -2.45 9.53 2.63
C HIS A 202 -1.72 9.59 1.30
N THR A 203 -2.46 9.64 0.20
CA THR A 203 -1.81 9.76 -1.09
C THR A 203 -1.21 11.16 -1.30
N ALA A 204 -1.84 12.21 -0.79
CA ALA A 204 -1.28 13.55 -0.93
C ALA A 204 -0.57 14.00 0.34
N GLY A 205 -0.91 13.34 1.46
CA GLY A 205 -0.60 13.87 2.78
C GLY A 205 -1.48 15.06 3.18
N SER A 206 -1.40 15.41 4.46
CA SER A 206 -2.03 16.59 5.00
C SER A 206 -1.68 17.84 4.20
N SER A 207 -2.65 18.72 4.06
CA SER A 207 -2.35 20.07 3.60
C SER A 207 -1.75 20.82 4.79
N ASN A 208 -1.47 22.11 4.64
CA ASN A 208 -0.87 22.87 5.71
C ASN A 208 -1.40 24.29 5.63
N PRO A 209 -1.25 25.12 6.67
CA PRO A 209 -1.83 26.46 6.63
C PRO A 209 -1.33 27.39 5.54
N LEU A 210 -0.17 27.13 4.94
CA LEU A 210 0.30 28.06 3.90
C LEU A 210 -0.28 27.68 2.53
N GLY A 211 -0.72 26.43 2.42
CA GLY A 211 -1.34 25.98 1.18
C GLY A 211 -0.32 25.56 0.13
N ILE A 212 0.97 25.55 0.49
CA ILE A 212 2.01 25.10 -0.41
C ILE A 212 2.33 23.64 -0.11
N THR A 213 3.19 23.06 -0.94
CA THR A 213 3.69 21.70 -0.76
C THR A 213 4.49 21.62 0.53
N SER A 214 4.40 20.47 1.19
CA SER A 214 5.28 20.23 2.31
C SER A 214 6.32 19.19 1.95
N ASN A 215 6.30 18.73 0.70
CA ASN A 215 7.27 17.72 0.27
C ASN A 215 8.70 18.20 0.52
N VAL A 216 8.90 19.52 0.61
CA VAL A 216 10.22 20.07 0.84
C VAL A 216 10.68 19.94 2.30
N ASP A 217 9.77 19.73 3.26
CA ASP A 217 10.10 19.85 4.68
C ASP A 217 9.16 19.04 5.59
N LYS A 218 9.49 17.77 5.80
CA LYS A 218 8.56 16.90 6.48
C LYS A 218 9.06 16.59 7.89
N LEU A 219 8.11 16.34 8.79
CA LEU A 219 8.38 15.99 10.17
C LEU A 219 7.63 14.68 10.45
N SER A 220 8.25 13.73 11.17
CA SER A 220 7.53 12.52 11.57
C SER A 220 6.31 12.86 12.42
N MET A 221 5.23 12.11 12.25
CA MET A 221 4.05 12.27 13.06
C MET A 221 4.40 12.11 14.54
N HIS A 222 5.25 11.13 14.86
CA HIS A 222 5.69 10.96 16.23
C HIS A 222 7.18 11.27 16.26
N PRO A 223 7.74 11.97 17.27
CA PRO A 223 6.96 12.47 18.42
C PRO A 223 6.26 13.82 18.32
N TYR A 224 6.36 14.52 17.20
CA TYR A 224 5.95 15.92 17.20
C TYR A 224 4.45 16.11 17.32
N TYR A 225 3.68 15.41 16.49
CA TYR A 225 2.26 15.64 16.54
C TYR A 225 1.61 14.79 17.63
N SER A 226 2.22 13.67 18.01
CA SER A 226 1.75 12.94 19.18
C SER A 226 1.69 13.84 20.41
N PHE A 227 2.79 14.54 20.70
CA PHE A 227 2.83 15.36 21.90
C PHE A 227 2.05 16.65 21.71
N LYS A 228 1.94 17.15 20.48
CA LYS A 228 1.10 18.32 20.25
C LYS A 228 -0.38 17.97 20.41
N ASP A 229 -0.79 16.76 20.02
CA ASP A 229 -2.15 16.27 20.19
C ASP A 229 -2.50 16.14 21.68
N LEU A 230 -1.53 15.81 22.54
CA LEU A 230 -1.83 15.70 23.97
C LEU A 230 -2.32 17.02 24.55
N ILE A 231 -1.77 18.15 24.11
CA ILE A 231 -2.23 19.41 24.66
C ILE A 231 -3.73 19.57 24.41
N THR A 232 -4.19 19.30 23.19
CA THR A 232 -5.60 19.53 22.95
C THR A 232 -6.44 18.42 23.58
N VAL A 233 -5.89 17.22 23.70
CA VAL A 233 -6.61 16.20 24.44
C VAL A 233 -6.88 16.69 25.86
N PHE A 234 -5.88 17.23 26.56
CA PHE A 234 -6.13 17.73 27.90
C PHE A 234 -7.02 18.97 27.92
N ALA A 235 -6.94 19.84 26.92
CA ALA A 235 -7.89 20.96 26.85
C ALA A 235 -9.32 20.45 26.68
N PHE A 236 -9.50 19.47 25.80
CA PHE A 236 -10.79 18.85 25.59
C PHE A 236 -11.30 18.22 26.88
N LEU A 237 -10.46 17.44 27.59
CA LEU A 237 -10.84 16.77 28.83
C LEU A 237 -11.20 17.75 29.92
N LEU A 238 -10.59 18.92 29.95
CA LEU A 238 -10.99 19.94 30.88
C LEU A 238 -12.40 20.45 30.55
N MET A 239 -12.69 20.68 29.26
CA MET A 239 -14.03 21.12 28.89
C MET A 239 -15.04 20.01 29.18
N PHE A 240 -14.64 18.77 28.89
CA PHE A 240 -15.49 17.61 29.13
C PHE A 240 -15.84 17.56 30.61
N THR A 241 -14.83 17.70 31.46
CA THR A 241 -14.98 17.67 32.90
C THR A 241 -15.93 18.75 33.39
N LEU A 242 -15.79 19.97 32.89
CA LEU A 242 -16.68 21.01 33.36
C LEU A 242 -18.14 20.72 33.04
N PHE A 243 -18.41 20.10 31.89
CA PHE A 243 -19.80 19.76 31.59
C PHE A 243 -20.22 18.52 32.36
N VAL A 244 -19.45 17.46 32.26
CA VAL A 244 -19.93 16.20 32.78
C VAL A 244 -20.05 16.25 34.31
N PHE A 245 -19.13 16.92 35.00
CA PHE A 245 -19.19 16.89 36.46
C PHE A 245 -19.94 18.06 37.08
N PHE A 246 -19.95 19.23 36.42
CA PHE A 246 -20.45 20.44 37.07
C PHE A 246 -21.73 20.94 36.43
N SER A 247 -21.97 20.59 35.16
CA SER A 247 -23.15 21.12 34.51
C SER A 247 -23.70 20.08 33.55
N PRO A 248 -23.99 18.83 33.98
CA PRO A 248 -24.23 17.75 33.02
C PRO A 248 -25.44 17.93 32.10
N ASP A 249 -26.34 18.86 32.42
CA ASP A 249 -27.56 18.96 31.65
C ASP A 249 -27.67 20.28 30.89
N LYS A 250 -26.60 21.08 30.86
CA LYS A 250 -26.63 22.39 30.23
C LYS A 250 -26.95 22.29 28.73
N LEU A 251 -26.51 21.21 28.07
CA LEU A 251 -26.66 21.15 26.63
C LEU A 251 -27.95 20.44 26.24
N GLY A 252 -28.73 20.00 27.22
CA GLY A 252 -29.92 19.22 26.92
C GLY A 252 -31.22 20.00 27.08
N HIS A 253 -32.31 19.29 26.84
CA HIS A 253 -33.66 19.81 26.91
C HIS A 253 -34.36 19.17 28.10
N PRO A 254 -34.89 19.96 29.05
CA PRO A 254 -35.61 19.41 30.20
C PRO A 254 -36.77 18.49 29.84
N ASP A 255 -37.40 18.74 28.69
CA ASP A 255 -38.54 17.93 28.28
C ASP A 255 -38.14 16.47 28.04
N ASN A 256 -36.85 16.19 27.86
CA ASN A 256 -36.46 14.81 27.66
C ASN A 256 -36.38 14.06 28.99
N TYR A 257 -36.70 14.73 30.10
CA TYR A 257 -36.88 14.01 31.36
C TYR A 257 -38.35 13.78 31.67
N ILE A 258 -39.21 14.03 30.68
CA ILE A 258 -40.59 13.64 30.83
C ILE A 258 -40.80 12.39 29.96
N PRO A 259 -41.36 11.25 30.43
CA PRO A 259 -41.56 10.10 29.55
C PRO A 259 -42.43 10.41 28.33
N ALA A 260 -42.05 9.87 27.17
CA ALA A 260 -42.77 10.04 25.91
C ALA A 260 -44.27 9.86 26.15
N ASN A 261 -45.07 10.78 25.60
CA ASN A 261 -46.52 10.72 25.70
C ASN A 261 -47.08 11.06 24.33
N PRO A 262 -47.56 10.08 23.56
CA PRO A 262 -48.06 10.38 22.21
C PRO A 262 -49.22 11.35 22.12
N MET A 263 -49.91 11.53 23.25
CA MET A 263 -51.07 12.41 23.30
C MET A 263 -50.62 13.85 23.43
N VAL A 264 -49.93 14.17 24.52
CA VAL A 264 -49.47 15.53 24.79
C VAL A 264 -48.29 15.88 23.88
N THR A 265 -48.44 17.01 23.19
CA THR A 265 -47.36 17.55 22.38
C THR A 265 -46.62 18.59 23.20
N PRO A 266 -45.27 18.55 23.25
CA PRO A 266 -44.51 19.56 23.98
C PRO A 266 -44.69 20.93 23.36
N ALA A 267 -44.50 21.96 24.19
CA ALA A 267 -44.62 23.35 23.82
C ALA A 267 -43.87 23.65 22.52
N SER A 268 -42.58 23.30 22.47
CA SER A 268 -41.78 23.49 21.26
C SER A 268 -40.90 22.26 21.01
N ILE A 269 -40.95 21.77 19.78
CA ILE A 269 -40.12 20.66 19.37
C ILE A 269 -38.99 21.28 18.56
N VAL A 270 -37.79 21.29 19.14
CA VAL A 270 -36.60 21.70 18.41
C VAL A 270 -35.61 20.56 18.40
N PRO A 271 -34.74 20.48 17.37
CA PRO A 271 -33.70 19.47 17.37
C PRO A 271 -32.60 19.82 18.37
N GLU A 272 -31.71 18.86 18.58
CA GLU A 272 -30.48 19.10 19.29
C GLU A 272 -29.73 20.25 18.62
N TRP A 273 -28.98 21.01 19.40
CA TRP A 273 -28.47 22.28 18.92
C TRP A 273 -27.69 22.11 17.63
N TYR A 274 -26.99 20.98 17.48
CA TYR A 274 -26.08 20.83 16.35
C TYR A 274 -26.83 20.61 15.04
N LEU A 275 -28.12 20.30 15.10
CA LEU A 275 -28.91 20.17 13.89
C LEU A 275 -29.64 21.46 13.57
N LEU A 276 -29.53 22.47 14.44
CA LEU A 276 -30.41 23.61 14.30
C LEU A 276 -30.24 24.37 12.99
N PRO A 277 -29.03 24.57 12.43
CA PRO A 277 -28.94 25.33 11.19
C PRO A 277 -29.69 24.66 10.05
N PHE A 278 -29.67 23.31 10.01
CA PHE A 278 -30.34 22.61 8.93
C PHE A 278 -31.85 22.72 9.08
N TYR A 279 -32.29 22.77 10.33
CA TYR A 279 -33.70 22.96 10.59
C TYR A 279 -34.15 24.36 10.15
N ALA A 280 -33.31 25.37 10.37
CA ALA A 280 -33.69 26.70 9.92
C ALA A 280 -33.82 26.77 8.40
N ILE A 281 -32.92 26.08 7.69
CA ILE A 281 -32.95 26.06 6.24
C ILE A 281 -34.23 25.38 5.78
N LEU A 282 -34.62 24.30 6.46
CA LEU A 282 -35.85 23.62 6.08
C LEU A 282 -37.07 24.53 6.26
N ARG A 283 -37.17 25.23 7.38
CA ARG A 283 -38.29 26.13 7.62
C ARG A 283 -38.36 27.25 6.59
N ALA A 284 -37.22 27.61 6.00
CA ALA A 284 -37.20 28.77 5.11
C ALA A 284 -38.04 28.51 3.86
N ILE A 285 -38.07 27.27 3.40
CA ILE A 285 -38.81 26.95 2.18
C ILE A 285 -40.23 26.61 2.59
N PRO A 286 -41.28 27.27 2.05
CA PRO A 286 -42.65 26.98 2.47
C PRO A 286 -43.16 25.57 2.16
N ASP A 287 -42.79 25.05 0.98
CA ASP A 287 -43.14 23.69 0.55
C ASP A 287 -42.45 22.64 1.41
N LYS A 288 -43.18 21.56 1.74
CA LYS A 288 -42.65 20.41 2.48
C LYS A 288 -41.50 19.76 1.73
N LEU A 289 -41.74 19.38 0.47
CA LEU A 289 -40.70 18.67 -0.27
C LEU A 289 -39.55 19.62 -0.60
N GLY A 290 -39.90 20.87 -0.94
CA GLY A 290 -38.93 21.93 -1.14
C GLY A 290 -37.99 22.03 0.05
N GLY A 291 -38.58 22.09 1.24
CA GLY A 291 -37.81 22.23 2.47
C GLY A 291 -36.88 21.05 2.71
N VAL A 292 -37.33 19.84 2.37
CA VAL A 292 -36.50 18.68 2.60
C VAL A 292 -35.33 18.70 1.64
N ILE A 293 -35.62 19.04 0.38
CA ILE A 293 -34.58 19.10 -0.62
C ILE A 293 -33.53 20.14 -0.22
N ALA A 294 -33.99 21.33 0.18
CA ALA A 294 -33.10 22.39 0.62
C ALA A 294 -32.21 21.93 1.78
N MET A 295 -32.81 21.21 2.73
CA MET A 295 -32.09 20.80 3.92
C MET A 295 -30.99 19.81 3.52
N VAL A 296 -31.30 18.90 2.60
CA VAL A 296 -30.33 17.90 2.20
C VAL A 296 -29.25 18.54 1.32
N ALA A 297 -29.70 19.40 0.40
CA ALA A 297 -28.82 20.15 -0.47
C ALA A 297 -27.82 20.97 0.33
N ALA A 298 -28.22 21.46 1.50
CA ALA A 298 -27.34 22.29 2.33
C ALA A 298 -26.13 21.46 2.75
N ILE A 299 -26.28 20.15 2.82
CA ILE A 299 -25.14 19.33 3.15
C ILE A 299 -24.46 18.85 1.88
N LEU A 300 -25.24 18.45 0.89
CA LEU A 300 -24.61 17.89 -0.29
C LEU A 300 -23.88 18.95 -1.10
N ILE A 301 -24.24 20.23 -0.94
CA ILE A 301 -23.57 21.29 -1.69
C ILE A 301 -22.10 21.42 -1.32
N LEU A 302 -21.69 20.90 -0.15
CA LEU A 302 -20.28 20.83 0.20
C LEU A 302 -19.47 20.07 -0.86
N LEU A 303 -20.12 19.12 -1.56
CA LEU A 303 -19.47 18.34 -2.60
C LEU A 303 -19.07 19.20 -3.80
N ILE A 304 -19.58 20.42 -3.94
CA ILE A 304 -19.22 21.16 -5.14
C ILE A 304 -18.13 22.18 -4.85
N LEU A 305 -17.68 22.29 -3.60
CA LEU A 305 -16.62 23.25 -3.31
C LEU A 305 -15.41 23.06 -4.23
N PRO A 306 -14.96 21.83 -4.53
CA PRO A 306 -13.81 21.67 -5.43
C PRO A 306 -14.00 22.35 -6.79
N ILE A 307 -15.25 22.51 -7.23
CA ILE A 307 -15.56 23.09 -8.53
C ILE A 307 -15.72 24.61 -8.46
N VAL A 308 -16.44 25.08 -7.45
CA VAL A 308 -16.86 26.47 -7.45
C VAL A 308 -15.74 27.38 -6.98
N ASP A 309 -14.80 26.83 -6.21
CA ASP A 309 -13.61 27.59 -5.84
C ASP A 309 -12.68 27.67 -7.06
N ARG A 310 -12.54 28.84 -7.66
CA ARG A 310 -11.81 28.94 -8.92
C ARG A 310 -10.38 29.41 -8.67
N SER A 311 -9.94 29.41 -7.42
CA SER A 311 -8.69 30.08 -7.09
C SER A 311 -7.51 29.27 -7.61
N ILE A 312 -6.43 29.97 -7.98
CA ILE A 312 -5.21 29.29 -8.38
C ILE A 312 -4.36 29.00 -7.14
N ILE A 313 -4.84 29.44 -5.97
CA ILE A 313 -4.09 29.29 -4.74
C ILE A 313 -4.94 28.49 -3.76
N ARG A 314 -4.32 27.61 -2.96
CA ARG A 314 -5.09 26.81 -2.04
C ARG A 314 -5.19 27.56 -0.71
N GLY A 315 -6.42 27.76 -0.21
CA GLY A 315 -6.62 28.21 1.15
C GLY A 315 -6.72 29.72 1.27
N ASN A 316 -7.10 30.21 2.47
CA ASN A 316 -7.43 31.63 2.62
C ASN A 316 -6.34 32.43 3.31
N ALA A 317 -5.27 31.81 3.80
CA ALA A 317 -4.28 32.56 4.55
C ALA A 317 -3.86 33.88 3.86
N PHE A 318 -3.79 33.89 2.53
CA PHE A 318 -3.26 35.07 1.85
C PHE A 318 -4.34 35.73 1.03
N LYS A 319 -5.62 35.50 1.35
CA LYS A 319 -6.66 36.04 0.50
C LYS A 319 -7.58 36.88 1.37
N PRO A 320 -7.29 38.17 1.59
CA PRO A 320 -8.13 39.00 2.45
C PRO A 320 -9.62 39.03 2.12
N ILE A 321 -10.02 39.07 0.84
CA ILE A 321 -11.46 39.11 0.56
C ILE A 321 -12.11 37.76 0.86
N SER A 322 -11.49 36.66 0.42
CA SER A 322 -11.99 35.34 0.76
C SER A 322 -12.12 35.16 2.28
N LYS A 323 -11.18 35.74 3.06
CA LYS A 323 -11.24 35.62 4.51
C LYS A 323 -12.46 36.34 5.06
N LEU A 324 -12.84 37.48 4.46
CA LEU A 324 -13.99 38.23 4.95
C LEU A 324 -15.27 37.49 4.59
N LEU A 325 -15.30 36.95 3.37
CA LEU A 325 -16.46 36.18 2.97
C LEU A 325 -16.60 34.94 3.85
N PHE A 326 -15.50 34.32 4.23
CA PHE A 326 -15.56 33.14 5.07
C PHE A 326 -16.12 33.51 6.44
N GLY A 327 -15.72 34.68 6.94
CA GLY A 327 -16.18 35.17 8.23
C GLY A 327 -17.70 35.35 8.22
N PHE A 328 -18.22 35.98 7.17
CA PHE A 328 -19.66 36.15 7.00
C PHE A 328 -20.39 34.83 6.83
N PHE A 329 -19.82 33.90 6.09
CA PHE A 329 -20.44 32.60 5.91
C PHE A 329 -20.56 31.90 7.25
N ILE A 330 -19.49 31.92 8.07
CA ILE A 330 -19.53 31.19 9.34
C ILE A 330 -20.54 31.84 10.29
N CYS A 331 -20.54 33.17 10.36
CA CYS A 331 -21.46 33.86 11.26
C CYS A 331 -22.92 33.65 10.85
N ASN A 332 -23.16 33.63 9.54
CA ASN A 332 -24.48 33.32 9.01
C ASN A 332 -24.87 31.89 9.40
N PHE A 333 -23.92 30.96 9.38
CA PHE A 333 -24.29 29.60 9.75
C PHE A 333 -24.68 29.55 11.22
N LEU A 334 -24.02 30.35 12.08
CA LEU A 334 -24.43 30.41 13.47
C LEU A 334 -25.76 31.14 13.63
N LEU A 335 -26.02 32.20 12.86
CA LEU A 335 -27.34 32.82 12.89
C LEU A 335 -28.43 31.82 12.50
N LEU A 336 -28.23 31.06 11.42
CA LEU A 336 -29.19 30.02 11.08
C LEU A 336 -29.42 29.11 12.27
N GLY A 337 -28.35 28.72 12.97
CA GLY A 337 -28.48 27.89 14.15
C GLY A 337 -29.40 28.52 15.19
N VAL A 338 -29.18 29.80 15.51
CA VAL A 338 -30.03 30.53 16.43
C VAL A 338 -31.47 30.55 15.91
N LEU A 339 -31.68 30.83 14.63
CA LEU A 339 -33.04 30.94 14.11
C LEU A 339 -33.74 29.58 14.08
N GLY A 340 -32.97 28.51 14.21
CA GLY A 340 -33.57 27.18 14.23
C GLY A 340 -34.34 26.95 15.52
N GLN A 341 -34.09 27.76 16.55
CA GLN A 341 -34.71 27.48 17.84
C GLN A 341 -35.58 28.64 18.32
N VAL A 342 -35.72 29.68 17.51
CA VAL A 342 -36.72 30.70 17.79
C VAL A 342 -38.08 30.17 17.33
N HIS A 343 -39.15 30.82 17.80
CA HIS A 343 -40.48 30.46 17.35
C HIS A 343 -40.70 30.99 15.94
N ILE A 344 -41.56 30.29 15.20
CA ILE A 344 -41.96 30.73 13.89
C ILE A 344 -42.84 31.96 14.05
N GLU A 345 -42.19 33.12 14.16
CA GLU A 345 -42.84 34.38 14.40
C GLU A 345 -42.14 35.47 13.60
N PRO A 346 -42.80 36.61 13.28
CA PRO A 346 -42.10 37.79 12.79
C PRO A 346 -41.15 38.34 13.87
N PRO A 347 -39.99 38.92 13.48
CA PRO A 347 -39.54 38.95 12.10
C PRO A 347 -38.57 37.82 11.74
N PHE A 348 -38.61 36.74 12.51
CA PHE A 348 -37.60 35.72 12.30
C PHE A 348 -37.90 34.89 11.06
N ILE A 349 -39.13 34.96 10.56
CA ILE A 349 -39.46 34.14 9.41
C ILE A 349 -38.70 34.63 8.18
N VAL A 350 -38.76 35.92 7.92
CA VAL A 350 -38.06 36.52 6.78
C VAL A 350 -36.54 36.49 6.98
N LEU A 351 -36.08 36.75 8.20
CA LEU A 351 -34.65 36.70 8.46
C LEU A 351 -34.10 35.31 8.11
N GLY A 352 -34.88 34.26 8.42
CA GLY A 352 -34.43 32.90 8.18
C GLY A 352 -34.29 32.63 6.68
N GLN A 353 -35.13 33.30 5.89
CA GLN A 353 -35.11 33.15 4.45
C GLN A 353 -33.91 33.87 3.86
N ILE A 354 -33.64 35.07 4.35
CA ILE A 354 -32.46 35.79 3.93
C ILE A 354 -31.20 35.00 4.27
N CYS A 355 -31.06 34.54 5.51
CA CYS A 355 -29.92 33.73 5.88
C CYS A 355 -29.79 32.46 5.04
N THR A 356 -30.92 31.84 4.66
CA THR A 356 -30.83 30.65 3.83
C THR A 356 -30.33 31.00 2.43
N ILE A 357 -30.80 32.11 1.87
CA ILE A 357 -30.30 32.53 0.57
C ILE A 357 -28.80 32.82 0.67
N PHE A 358 -28.37 33.51 1.73
CA PHE A 358 -26.96 33.76 1.85
C PHE A 358 -26.17 32.46 1.92
N TYR A 359 -26.68 31.47 2.66
CA TYR A 359 -25.98 30.20 2.80
C TYR A 359 -25.70 29.62 1.42
N PHE A 360 -26.71 29.55 0.55
CA PHE A 360 -26.53 28.88 -0.72
C PHE A 360 -25.75 29.74 -1.72
N SER A 361 -25.86 31.07 -1.57
CA SER A 361 -25.24 31.96 -2.52
C SER A 361 -23.73 32.03 -2.30
N TYR A 362 -23.28 31.68 -1.09
CA TYR A 362 -21.85 31.50 -0.85
C TYR A 362 -21.28 30.50 -1.84
N PHE A 363 -21.88 29.31 -1.93
CA PHE A 363 -21.37 28.29 -2.83
C PHE A 363 -21.59 28.64 -4.29
N LEU A 364 -22.71 29.28 -4.62
CA LEU A 364 -23.11 29.29 -6.01
C LEU A 364 -22.70 30.56 -6.72
N ILE A 365 -22.47 31.63 -5.97
CA ILE A 365 -22.25 32.94 -6.58
C ILE A 365 -20.99 33.57 -6.00
N LEU A 366 -20.97 33.77 -4.68
CA LEU A 366 -19.96 34.61 -4.07
C LEU A 366 -18.58 33.97 -4.16
N LEU A 367 -18.47 32.70 -3.78
CA LEU A 367 -17.15 32.09 -3.81
C LEU A 367 -16.63 32.05 -5.24
N PRO A 368 -17.39 31.60 -6.25
CA PRO A 368 -16.92 31.69 -7.63
C PRO A 368 -16.53 33.09 -8.08
N MET A 369 -17.28 34.14 -7.69
CA MET A 369 -16.94 35.51 -8.08
C MET A 369 -15.65 35.95 -7.40
N VAL A 370 -15.62 35.80 -6.07
CA VAL A 370 -14.53 36.33 -5.28
C VAL A 370 -13.25 35.59 -5.65
N SER A 371 -13.34 34.29 -5.87
CA SER A 371 -12.13 33.54 -6.17
C SER A 371 -11.56 33.91 -7.53
N THR A 372 -12.43 34.17 -8.51
CA THR A 372 -12.05 34.68 -9.83
C THR A 372 -11.35 36.04 -9.73
N ILE A 373 -11.95 36.99 -9.02
CA ILE A 373 -11.40 38.32 -8.89
C ILE A 373 -10.07 38.27 -8.14
N GLU A 374 -9.96 37.44 -7.11
CA GLU A 374 -8.70 37.48 -6.40
C GLU A 374 -7.58 36.94 -7.27
N ASN A 375 -7.88 35.97 -8.14
CA ASN A 375 -6.91 35.46 -9.09
C ASN A 375 -6.34 36.63 -9.88
N ILE A 376 -7.22 37.50 -10.39
CA ILE A 376 -6.79 38.63 -11.21
C ILE A 376 -6.01 39.63 -10.37
N PHE A 377 -6.44 39.89 -9.13
CA PHE A 377 -5.71 40.81 -8.28
C PHE A 377 -4.32 40.27 -7.94
N PHE A 378 -4.16 38.96 -7.76
CA PHE A 378 -2.83 38.47 -7.44
C PHE A 378 -1.90 38.69 -8.62
N TYR A 379 -2.44 38.53 -9.82
CA TYR A 379 -1.60 38.57 -11.01
C TYR A 379 -1.25 40.00 -11.32
N ILE A 380 -2.25 40.89 -11.35
CA ILE A 380 -1.98 42.27 -11.72
C ILE A 380 -1.20 42.94 -10.60
N GLY A 381 -1.54 42.60 -9.35
CA GLY A 381 -0.95 43.23 -8.18
C GLY A 381 0.54 42.93 -8.04
N SER A 382 0.98 41.79 -8.58
CA SER A 382 2.37 41.42 -8.39
C SER A 382 3.21 41.64 -9.63
N LEU A 383 2.61 42.07 -10.76
CA LEU A 383 3.31 42.48 -11.96
C LEU A 383 4.30 43.62 -11.66
N GLY B 39 7.90 -31.85 -28.63
CA GLY B 39 9.16 -32.39 -27.99
C GLY B 39 10.30 -31.39 -28.00
N LYS B 40 10.35 -30.54 -29.05
CA LYS B 40 11.42 -29.57 -29.28
C LYS B 40 10.94 -28.35 -30.07
N SER B 41 10.32 -28.52 -31.24
CA SER B 41 9.90 -27.33 -31.99
C SER B 41 8.72 -26.64 -31.31
N THR B 42 8.82 -25.31 -31.13
CA THR B 42 7.70 -24.62 -30.50
C THR B 42 6.66 -24.15 -31.51
N TYR B 43 6.86 -24.40 -32.82
CA TYR B 43 5.87 -24.03 -33.81
C TYR B 43 4.92 -25.18 -34.04
N LYS B 44 5.25 -26.35 -33.53
CA LYS B 44 4.30 -27.43 -33.69
C LYS B 44 3.38 -27.42 -32.47
N ILE B 45 2.21 -26.80 -32.62
CA ILE B 45 1.29 -26.67 -31.52
C ILE B 45 0.93 -28.06 -30.96
N PRO B 46 0.92 -28.21 -29.62
CA PRO B 46 0.42 -29.42 -28.98
C PRO B 46 -1.00 -29.78 -29.44
N ASP B 47 -1.34 -31.05 -29.26
CA ASP B 47 -2.62 -31.54 -29.72
C ASP B 47 -3.75 -31.02 -28.85
N PHE B 48 -4.67 -30.26 -29.45
CA PHE B 48 -5.85 -29.77 -28.77
C PHE B 48 -7.12 -30.33 -29.40
N THR B 49 -6.98 -31.34 -30.27
CA THR B 49 -8.12 -31.89 -30.99
C THR B 49 -9.17 -32.49 -30.04
N PRO B 50 -8.79 -33.18 -28.93
CA PRO B 50 -9.76 -33.62 -27.94
C PRO B 50 -10.68 -32.53 -27.36
N TYR B 51 -10.33 -31.26 -27.52
CA TYR B 51 -11.09 -30.20 -26.89
C TYR B 51 -11.70 -29.21 -27.87
N LEU B 52 -11.09 -29.05 -29.06
CA LEU B 52 -11.52 -28.02 -29.98
C LEU B 52 -12.92 -28.29 -30.51
N LYS B 53 -13.76 -27.26 -30.51
CA LYS B 53 -15.02 -27.31 -31.24
C LYS B 53 -14.78 -26.92 -32.69
N LYS B 54 -15.44 -27.62 -33.63
CA LYS B 54 -15.40 -27.24 -35.04
C LYS B 54 -16.07 -25.87 -35.25
N ASP B 55 -17.19 -25.61 -34.59
CA ASP B 55 -17.93 -24.38 -34.86
C ASP B 55 -17.57 -23.25 -33.88
N ARG B 56 -16.32 -23.15 -33.47
CA ARG B 56 -15.92 -22.22 -32.42
C ARG B 56 -16.12 -20.76 -32.82
N ASN B 57 -16.20 -20.44 -34.11
CA ASN B 57 -16.19 -19.05 -34.52
C ASN B 57 -17.59 -18.53 -34.82
N THR B 58 -18.58 -19.40 -34.72
CA THR B 58 -19.95 -19.08 -35.09
C THR B 58 -20.64 -18.30 -33.97
N ASP B 59 -21.64 -17.49 -34.36
CA ASP B 59 -22.50 -16.80 -33.41
C ASP B 59 -23.30 -17.78 -32.57
N ALA B 60 -23.74 -18.90 -33.16
CA ALA B 60 -24.43 -19.91 -32.37
C ALA B 60 -23.57 -20.38 -31.21
N ASN B 61 -22.28 -20.57 -31.46
CA ASN B 61 -21.40 -21.09 -30.42
C ASN B 61 -21.30 -20.10 -29.26
N ARG B 62 -21.14 -18.82 -29.57
CA ARG B 62 -21.00 -17.83 -28.51
C ARG B 62 -22.32 -17.71 -27.77
N LEU B 63 -23.41 -17.67 -28.54
CA LEU B 63 -24.76 -17.45 -28.02
C LEU B 63 -25.08 -18.53 -27.01
N PHE B 64 -24.64 -19.75 -27.24
CA PHE B 64 -24.93 -20.78 -26.26
C PHE B 64 -24.29 -20.45 -24.91
N SER B 65 -23.02 -20.07 -24.91
CA SER B 65 -22.38 -19.82 -23.62
C SER B 65 -23.00 -18.58 -22.97
N TYR B 66 -23.47 -17.62 -23.76
CA TYR B 66 -24.13 -16.46 -23.17
C TYR B 66 -25.53 -16.80 -22.66
N PHE B 67 -26.14 -17.84 -23.23
CA PHE B 67 -27.40 -18.32 -22.71
C PHE B 67 -27.20 -18.89 -21.30
N MET B 68 -26.13 -19.66 -21.10
CA MET B 68 -25.80 -20.18 -19.78
C MET B 68 -25.50 -19.05 -18.80
N ILE B 69 -24.61 -18.12 -19.19
CA ILE B 69 -24.28 -16.99 -18.34
C ILE B 69 -25.53 -16.17 -18.03
N GLY B 70 -26.34 -15.92 -19.06
CA GLY B 70 -27.55 -15.14 -18.88
C GLY B 70 -28.57 -15.83 -17.99
N SER B 71 -28.73 -17.15 -18.12
CA SER B 71 -29.67 -17.85 -17.25
C SER B 71 -29.24 -17.75 -15.79
N PHE B 72 -27.92 -17.84 -15.62
CA PHE B 72 -27.37 -17.80 -14.29
C PHE B 72 -27.57 -16.42 -13.70
N GLY B 73 -27.41 -15.39 -14.54
CA GLY B 73 -27.66 -14.03 -14.10
C GLY B 73 -29.15 -13.84 -13.81
N MET B 74 -29.99 -14.56 -14.57
CA MET B 74 -31.42 -14.40 -14.42
C MET B 74 -31.88 -15.01 -13.10
N LEU B 75 -31.41 -16.22 -12.80
CA LEU B 75 -31.78 -16.82 -11.53
C LEU B 75 -31.16 -16.09 -10.35
N SER B 76 -29.95 -15.56 -10.52
CA SER B 76 -29.35 -14.78 -9.46
C SER B 76 -30.15 -13.49 -9.20
N ALA B 77 -30.65 -12.84 -10.27
CA ALA B 77 -31.50 -11.67 -10.14
C ALA B 77 -32.83 -12.03 -9.48
N ALA B 78 -33.46 -13.13 -9.89
CA ALA B 78 -34.74 -13.50 -9.32
C ALA B 78 -34.57 -13.93 -7.86
N GLY B 79 -33.49 -14.67 -7.58
CA GLY B 79 -33.17 -15.12 -6.22
C GLY B 79 -32.86 -13.94 -5.31
N ALA B 80 -32.10 -12.95 -5.81
CA ALA B 80 -31.77 -11.79 -5.00
C ALA B 80 -33.03 -10.98 -4.72
N LYS B 81 -33.89 -10.83 -5.73
CA LYS B 81 -35.12 -10.07 -5.54
C LYS B 81 -35.98 -10.73 -4.46
N ALA B 82 -36.15 -12.04 -4.54
CA ALA B 82 -36.94 -12.78 -3.56
C ALA B 82 -36.33 -12.63 -2.17
N THR B 83 -35.01 -12.75 -2.11
CA THR B 83 -34.30 -12.74 -0.84
C THR B 83 -34.49 -11.37 -0.20
N VAL B 84 -34.23 -10.31 -0.97
CA VAL B 84 -34.34 -8.95 -0.47
C VAL B 84 -35.77 -8.66 -0.01
N GLN B 85 -36.76 -9.01 -0.85
CA GLN B 85 -38.14 -8.71 -0.54
C GLN B 85 -38.56 -9.42 0.74
N ASP B 86 -38.26 -10.72 0.85
CA ASP B 86 -38.77 -11.46 2.00
C ASP B 86 -38.06 -10.99 3.25
N PHE B 87 -36.74 -10.82 3.14
CA PHE B 87 -35.96 -10.42 4.29
C PHE B 87 -36.33 -9.03 4.78
N LEU B 88 -36.43 -8.04 3.90
CA LEU B 88 -36.72 -6.69 4.35
C LEU B 88 -38.13 -6.54 4.89
N SER B 89 -39.01 -7.47 4.52
CA SER B 89 -40.39 -7.36 4.97
C SER B 89 -40.47 -7.47 6.49
N ASN B 90 -39.43 -7.99 7.14
CA ASN B 90 -39.40 -8.06 8.60
C ASN B 90 -39.63 -6.67 9.19
N MET B 91 -39.32 -5.63 8.43
CA MET B 91 -39.38 -4.30 8.99
C MET B 91 -40.76 -3.66 8.83
N SER B 92 -41.62 -4.29 8.02
CA SER B 92 -42.99 -3.84 7.92
C SER B 92 -43.73 -4.26 9.20
N ALA B 93 -44.86 -3.61 9.50
CA ALA B 93 -45.62 -3.91 10.72
C ALA B 93 -45.84 -5.40 10.91
N SER B 94 -45.47 -5.90 12.09
CA SER B 94 -45.66 -7.29 12.44
C SER B 94 -47.14 -7.54 12.72
N ALA B 95 -47.52 -8.83 12.77
CA ALA B 95 -48.90 -9.26 12.87
C ALA B 95 -49.57 -8.72 14.13
N ASP B 96 -48.82 -8.64 15.22
CA ASP B 96 -49.39 -8.14 16.46
C ASP B 96 -49.67 -6.64 16.39
N VAL B 97 -48.86 -5.90 15.61
CA VAL B 97 -49.08 -4.44 15.43
C VAL B 97 -50.29 -4.25 14.51
N LEU B 98 -50.43 -5.12 13.50
CA LEU B 98 -51.57 -5.03 12.56
C LEU B 98 -52.87 -5.38 13.30
N ALA B 99 -52.79 -6.22 14.33
CA ALA B 99 -53.98 -6.58 15.13
C ALA B 99 -54.43 -5.37 15.96
N MET B 100 -53.47 -4.53 16.37
CA MET B 100 -53.80 -3.32 17.18
C MET B 100 -54.07 -2.14 16.24
N ALA B 101 -55.22 -2.16 15.54
CA ALA B 101 -55.59 -1.06 14.63
C ALA B 101 -57.05 -0.67 14.87
N LYS B 102 -58.01 -1.45 14.34
CA LYS B 102 -59.45 -1.13 14.47
C LYS B 102 -59.84 -0.89 15.94
N VAL B 103 -60.39 0.30 16.25
CA VAL B 103 -60.87 0.57 17.65
C VAL B 103 -62.35 0.93 17.68
N GLU B 104 -63.10 0.37 18.62
CA GLU B 104 -64.51 0.67 18.83
C GLU B 104 -64.66 1.66 19.99
N VAL B 105 -65.49 2.69 19.75
CA VAL B 105 -65.77 3.72 20.75
C VAL B 105 -67.28 3.85 20.88
N LYS B 106 -67.77 3.93 22.12
CA LYS B 106 -69.15 4.24 22.40
C LYS B 106 -69.41 5.71 22.09
N LEU B 107 -70.69 6.11 22.05
CA LEU B 107 -71.05 7.49 21.75
C LEU B 107 -72.08 8.02 22.75
N GLY B 108 -72.67 7.11 23.54
CA GLY B 108 -73.68 7.48 24.54
C GLY B 108 -73.10 8.34 25.64
N ALA B 109 -71.82 8.10 25.97
CA ALA B 109 -71.13 8.76 27.07
C ALA B 109 -70.81 10.22 26.73
N ILE B 110 -70.64 10.50 25.44
CA ILE B 110 -70.13 11.77 24.96
C ILE B 110 -71.25 12.80 24.96
N PRO B 111 -71.15 13.88 25.78
CA PRO B 111 -72.18 14.92 25.81
C PRO B 111 -72.05 15.84 24.61
N LEU B 112 -73.11 16.64 24.37
CA LEU B 112 -73.10 17.64 23.31
C LEU B 112 -72.09 18.73 23.65
N GLY B 113 -71.36 19.20 22.63
CA GLY B 113 -70.41 20.30 22.79
C GLY B 113 -69.10 19.85 23.43
N LYS B 114 -68.70 18.61 23.13
CA LYS B 114 -67.49 18.04 23.70
C LYS B 114 -66.70 17.34 22.59
N ASN B 115 -65.37 17.29 22.78
CA ASN B 115 -64.45 16.62 21.86
C ASN B 115 -63.60 15.60 22.62
N VAL B 116 -63.69 14.34 22.19
CA VAL B 116 -62.99 13.23 22.83
C VAL B 116 -61.67 13.02 22.10
N ILE B 117 -60.74 12.28 22.74
CA ILE B 117 -59.46 11.95 22.18
C ILE B 117 -59.24 10.46 22.38
N ILE B 118 -59.36 9.69 21.31
CA ILE B 118 -59.28 8.24 21.38
C ILE B 118 -57.93 7.85 20.78
N LYS B 119 -57.13 7.06 21.50
CA LYS B 119 -55.91 6.57 20.86
C LYS B 119 -56.27 5.47 19.86
N TRP B 120 -55.75 5.61 18.65
CA TRP B 120 -56.04 4.70 17.57
C TRP B 120 -54.74 4.68 16.81
N ARG B 121 -54.02 3.55 16.91
CA ARG B 121 -52.73 3.38 16.25
C ARG B 121 -51.76 4.45 16.75
N GLY B 122 -51.77 4.70 18.07
CA GLY B 122 -50.85 5.66 18.69
C GLY B 122 -51.19 7.11 18.39
N LYS B 123 -51.79 7.37 17.22
CA LYS B 123 -52.29 8.70 16.89
C LYS B 123 -53.54 8.98 17.72
N PRO B 124 -53.73 10.24 18.19
CA PRO B 124 -55.02 10.67 18.75
C PRO B 124 -56.14 10.82 17.72
N ILE B 125 -57.37 10.43 18.10
CA ILE B 125 -58.58 10.66 17.31
C ILE B 125 -59.44 11.66 18.07
N PHE B 126 -59.71 12.80 17.44
CA PHE B 126 -60.67 13.74 17.99
C PHE B 126 -62.08 13.37 17.56
N ILE B 127 -62.94 13.08 18.55
CA ILE B 127 -64.35 12.86 18.29
C ILE B 127 -65.12 13.96 19.02
N ARG B 128 -65.74 14.83 18.21
CA ARG B 128 -66.58 15.90 18.73
C ARG B 128 -68.05 15.56 18.49
N HIS B 129 -68.84 15.69 19.56
CA HIS B 129 -70.30 15.64 19.48
C HIS B 129 -70.82 17.05 19.24
N ARG B 130 -70.87 17.42 17.97
CA ARG B 130 -71.17 18.78 17.54
C ARG B 130 -72.66 19.05 17.75
N THR B 131 -72.95 20.27 18.23
CA THR B 131 -74.31 20.77 18.35
C THR B 131 -74.80 21.23 16.99
N SER B 132 -76.12 21.48 16.91
CA SER B 132 -76.77 21.95 15.69
C SER B 132 -76.11 23.22 15.15
N GLU B 133 -75.88 24.19 16.05
CA GLU B 133 -75.39 25.51 15.66
C GLU B 133 -73.91 25.46 15.27
N GLU B 134 -73.19 24.46 15.79
CA GLU B 134 -71.79 24.23 15.43
C GLU B 134 -71.70 23.76 13.98
N ILE B 135 -72.59 22.83 13.60
CA ILE B 135 -72.68 22.28 12.25
C ILE B 135 -72.97 23.42 11.28
N GLU B 136 -73.88 24.32 11.68
CA GLU B 136 -74.30 25.48 10.91
C GLU B 136 -73.10 26.39 10.67
N GLU B 137 -72.32 26.64 11.73
CA GLU B 137 -71.14 27.50 11.69
C GLU B 137 -70.14 26.98 10.66
N ALA B 138 -70.00 25.65 10.62
CA ALA B 138 -69.08 24.97 9.73
C ALA B 138 -69.56 25.02 8.27
N ASN B 139 -70.87 25.00 8.06
CA ASN B 139 -71.41 24.90 6.72
C ASN B 139 -71.48 26.28 6.05
N GLU B 140 -70.91 27.31 6.69
CA GLU B 140 -71.03 28.69 6.21
C GLU B 140 -69.92 29.00 5.21
N VAL B 141 -68.67 28.81 5.63
CA VAL B 141 -67.47 29.16 4.88
C VAL B 141 -67.62 28.67 3.44
N ASN B 142 -67.47 29.60 2.49
CA ASN B 142 -67.45 29.24 1.07
C ASN B 142 -66.24 28.34 0.84
N VAL B 143 -66.52 27.17 0.24
CA VAL B 143 -65.51 26.16 -0.07
C VAL B 143 -64.35 26.80 -0.84
N ALA B 144 -64.67 27.78 -1.70
CA ALA B 144 -63.70 28.43 -2.57
C ALA B 144 -62.47 28.88 -1.79
N THR B 145 -62.69 29.56 -0.64
CA THR B 145 -61.60 30.13 0.13
C THR B 145 -61.18 29.15 1.24
N LEU B 146 -60.44 28.11 0.86
CA LEU B 146 -60.01 27.05 1.76
C LEU B 146 -58.77 26.39 1.16
N ARG B 147 -57.64 26.47 1.86
CA ARG B 147 -56.40 25.85 1.38
C ARG B 147 -56.73 24.47 0.80
N ASP B 148 -57.42 23.67 1.61
CA ASP B 148 -57.90 22.35 1.25
C ASP B 148 -59.43 22.44 1.10
N PRO B 149 -59.97 22.64 -0.13
CA PRO B 149 -61.41 22.90 -0.32
C PRO B 149 -62.26 21.64 -0.13
N GLN B 150 -63.03 21.64 0.96
CA GLN B 150 -63.93 20.56 1.33
C GLN B 150 -65.05 21.16 2.16
N THR B 151 -66.26 20.59 2.05
CA THR B 151 -67.38 20.93 2.93
C THR B 151 -67.53 19.81 3.96
N ASP B 152 -68.20 20.12 5.08
CA ASP B 152 -68.33 19.22 6.21
C ASP B 152 -68.94 17.88 5.76
N ASP B 153 -69.82 17.96 4.75
CA ASP B 153 -70.54 16.81 4.20
C ASP B 153 -69.57 15.79 3.61
N GLU B 154 -68.45 16.28 3.04
CA GLU B 154 -67.40 15.44 2.48
C GLU B 154 -66.61 14.76 3.60
N ARG B 155 -66.47 15.46 4.73
CA ARG B 155 -65.62 15.06 5.84
C ARG B 155 -66.35 14.03 6.71
N VAL B 156 -67.51 14.41 7.25
CA VAL B 156 -68.29 13.55 8.13
C VAL B 156 -69.28 12.74 7.30
N GLN B 157 -69.59 11.53 7.78
CA GLN B 157 -70.64 10.73 7.19
C GLN B 157 -71.90 10.89 8.04
N LYS B 158 -71.73 11.55 9.19
CA LYS B 158 -72.83 11.85 10.10
C LYS B 158 -72.54 13.22 10.72
N PRO B 159 -73.33 14.27 10.42
CA PRO B 159 -73.05 15.63 10.89
C PRO B 159 -72.84 15.81 12.39
N GLU B 160 -73.21 14.81 13.19
CA GLU B 160 -73.18 14.91 14.64
C GLU B 160 -71.92 14.26 15.18
N TRP B 161 -71.14 13.65 14.28
CA TRP B 161 -69.92 12.99 14.68
C TRP B 161 -68.72 13.40 13.81
N LEU B 162 -68.07 14.51 14.21
CA LEU B 162 -66.80 14.84 13.60
C LEU B 162 -65.74 13.89 14.16
N VAL B 163 -65.30 12.96 13.30
CA VAL B 163 -64.22 12.04 13.63
C VAL B 163 -63.03 12.41 12.76
N MET B 164 -61.91 12.79 13.41
CA MET B 164 -60.67 13.14 12.72
C MET B 164 -59.47 12.53 13.42
N ILE B 165 -58.40 12.34 12.63
CA ILE B 165 -57.07 12.05 13.17
C ILE B 165 -56.49 13.36 13.69
N GLY B 166 -56.38 13.44 15.01
CA GLY B 166 -56.06 14.67 15.73
C GLY B 166 -54.58 15.02 15.73
N VAL B 167 -53.91 14.73 14.60
CA VAL B 167 -52.55 15.20 14.36
C VAL B 167 -52.60 16.34 13.36
N CYS B 168 -51.94 17.46 13.70
CA CYS B 168 -51.90 18.65 12.85
C CYS B 168 -51.15 18.35 11.56
N THR B 169 -51.71 18.86 10.45
CA THR B 169 -51.27 18.50 9.11
C THR B 169 -49.98 19.24 8.74
N HIS B 170 -49.60 20.23 9.58
CA HIS B 170 -48.36 20.96 9.34
C HIS B 170 -47.16 20.06 9.60
N LEU B 171 -46.81 19.85 10.87
CA LEU B 171 -45.63 19.06 11.21
C LEU B 171 -46.00 17.80 11.98
N GLY B 172 -46.93 17.90 12.93
CA GLY B 172 -47.51 16.69 13.50
C GLY B 172 -47.70 16.76 15.01
N CYS B 173 -47.93 17.97 15.52
CA CYS B 173 -48.37 18.18 16.89
C CYS B 173 -49.87 17.86 17.00
N VAL B 174 -50.39 17.86 18.22
CA VAL B 174 -51.83 17.68 18.39
C VAL B 174 -52.46 19.04 18.71
N PRO B 175 -53.43 19.50 17.88
CA PRO B 175 -54.12 20.76 18.15
C PRO B 175 -54.91 20.69 19.45
N ILE B 176 -54.88 21.79 20.21
CA ILE B 176 -55.70 21.99 21.39
C ILE B 176 -57.06 22.37 20.87
N GLY B 177 -58.07 21.55 21.18
CA GLY B 177 -59.44 21.79 20.72
C GLY B 177 -60.11 22.95 21.44
N GLU B 178 -61.21 23.44 20.84
CA GLU B 178 -62.01 24.55 21.33
C GLU B 178 -61.25 25.88 21.20
N ALA B 179 -59.91 25.81 21.29
CA ALA B 179 -59.06 26.96 21.01
C ALA B 179 -58.99 27.18 19.49
N GLY B 180 -58.34 28.27 19.09
CA GLY B 180 -58.22 28.64 17.68
C GLY B 180 -58.64 30.08 17.46
N ASP B 181 -59.17 30.36 16.27
CA ASP B 181 -59.67 31.66 15.88
C ASP B 181 -60.86 31.39 14.99
N PHE B 182 -61.01 30.09 14.74
CA PHE B 182 -62.12 29.56 13.98
C PHE B 182 -62.79 28.55 14.89
N GLY B 183 -62.41 28.68 16.17
CA GLY B 183 -63.04 28.04 17.32
C GLY B 183 -63.27 26.54 17.13
N GLY B 184 -62.24 25.85 16.62
CA GLY B 184 -62.29 24.41 16.47
C GLY B 184 -61.11 23.78 17.20
N TRP B 185 -59.93 23.99 16.63
CA TRP B 185 -58.69 23.37 17.09
C TRP B 185 -57.59 24.37 16.76
N PHE B 186 -56.64 24.54 17.68
CA PHE B 186 -55.49 25.39 17.43
C PHE B 186 -54.25 24.58 17.76
N CYS B 187 -53.40 24.44 16.75
CA CYS B 187 -52.11 23.80 16.98
C CYS B 187 -51.20 24.83 17.65
N PRO B 188 -50.68 24.56 18.86
CA PRO B 188 -49.89 25.56 19.58
C PRO B 188 -48.48 25.70 19.01
N CYS B 189 -48.08 24.72 18.19
CA CYS B 189 -46.70 24.55 17.73
C CYS B 189 -46.31 25.68 16.77
N HIS B 190 -47.14 25.93 15.77
CA HIS B 190 -46.83 26.97 14.79
C HIS B 190 -48.05 27.85 14.55
N GLY B 191 -49.09 27.64 15.36
CA GLY B 191 -50.29 28.46 15.32
C GLY B 191 -51.08 28.27 14.03
N SER B 192 -51.58 27.04 13.83
CA SER B 192 -52.51 26.77 12.75
C SER B 192 -53.90 26.47 13.29
N HIS B 193 -54.91 27.09 12.70
CA HIS B 193 -56.26 27.08 13.25
C HIS B 193 -57.12 26.16 12.39
N TYR B 194 -57.75 25.19 13.03
CA TYR B 194 -58.69 24.32 12.36
C TYR B 194 -60.11 24.71 12.79
N ASP B 195 -61.10 24.32 11.98
CA ASP B 195 -62.49 24.73 12.10
C ASP B 195 -63.30 23.72 12.89
N ILE B 196 -64.63 23.86 12.85
CA ILE B 196 -65.54 22.93 13.51
C ILE B 196 -65.72 21.72 12.61
N SER B 197 -65.27 21.87 11.36
CA SER B 197 -65.20 20.75 10.44
C SER B 197 -63.79 20.19 10.55
N GLY B 198 -62.93 20.91 11.27
CA GLY B 198 -61.54 20.52 11.30
C GLY B 198 -60.83 20.83 9.98
N ARG B 199 -61.30 21.89 9.32
CA ARG B 199 -60.67 22.43 8.13
C ARG B 199 -59.67 23.51 8.53
N ILE B 200 -58.54 23.55 7.82
CA ILE B 200 -57.51 24.55 8.06
C ILE B 200 -57.99 25.90 7.54
N ARG B 201 -57.82 26.93 8.36
CA ARG B 201 -58.30 28.28 8.04
C ARG B 201 -57.13 29.26 8.05
N ARG B 202 -56.29 29.18 9.08
CA ARG B 202 -55.15 30.07 9.26
C ARG B 202 -53.96 29.27 9.79
N GLY B 203 -52.76 29.67 9.39
CA GLY B 203 -51.52 29.08 9.88
C GLY B 203 -50.86 28.15 8.87
N PRO B 204 -49.65 27.60 9.18
CA PRO B 204 -48.80 26.95 8.18
C PRO B 204 -49.34 25.64 7.59
N ALA B 205 -50.28 25.02 8.31
CA ALA B 205 -50.80 23.71 7.96
C ALA B 205 -51.40 23.72 6.56
N PRO B 206 -51.02 22.76 5.68
CA PRO B 206 -51.51 22.72 4.30
C PRO B 206 -52.89 22.09 4.10
N LEU B 207 -53.21 21.06 4.89
CA LEU B 207 -54.39 20.24 4.68
C LEU B 207 -55.31 20.32 5.89
N ASN B 208 -56.56 19.86 5.69
CA ASN B 208 -57.52 19.70 6.78
C ASN B 208 -57.19 18.41 7.52
N LEU B 209 -57.53 18.37 8.82
CA LEU B 209 -57.27 17.24 9.69
C LEU B 209 -57.86 15.96 9.08
N GLU B 210 -56.99 14.99 8.76
CA GLU B 210 -57.37 13.75 8.09
C GLU B 210 -58.51 13.02 8.80
N ILE B 211 -59.30 12.30 8.00
CA ILE B 211 -60.43 11.57 8.52
C ILE B 211 -60.05 10.10 8.48
N PRO B 212 -60.18 9.35 9.59
CA PRO B 212 -59.89 7.92 9.57
C PRO B 212 -61.00 7.19 8.81
N GLU B 213 -60.82 5.89 8.60
CA GLU B 213 -61.87 5.08 8.04
C GLU B 213 -62.74 4.61 9.20
N TYR B 214 -63.91 5.24 9.33
CA TYR B 214 -64.78 4.94 10.45
C TYR B 214 -66.17 4.62 9.94
N ASP B 215 -66.83 3.68 10.64
CA ASP B 215 -68.14 3.18 10.26
C ASP B 215 -68.99 3.10 11.51
N PHE B 216 -70.26 3.50 11.39
CA PHE B 216 -71.21 3.34 12.49
C PHE B 216 -71.86 1.95 12.40
N ALA B 217 -71.34 1.02 13.21
CA ALA B 217 -71.90 -0.32 13.35
C ALA B 217 -73.29 -0.23 13.96
N ASP B 218 -73.38 0.43 15.12
CA ASP B 218 -74.62 0.88 15.73
C ASP B 218 -74.65 2.41 15.61
N ALA B 219 -75.75 3.01 16.07
CA ALA B 219 -75.90 4.46 16.12
C ALA B 219 -75.27 5.02 17.39
N GLU B 220 -74.74 4.12 18.23
CA GLU B 220 -74.22 4.45 19.54
C GLU B 220 -72.75 4.01 19.64
N THR B 221 -72.27 3.29 18.63
CA THR B 221 -70.88 2.86 18.58
C THR B 221 -70.33 2.98 17.17
N LEU B 222 -69.14 3.59 17.05
CA LEU B 222 -68.40 3.57 15.81
C LEU B 222 -67.09 2.82 15.98
N VAL B 223 -66.70 2.13 14.91
CA VAL B 223 -65.42 1.45 14.78
C VAL B 223 -64.52 2.31 13.88
N ILE B 224 -63.22 2.33 14.17
CA ILE B 224 -62.32 3.19 13.42
C ILE B 224 -61.28 2.32 12.70
N ALA C 2 -9.35 27.22 -11.81
CA ALA C 2 -9.05 28.13 -13.00
C ALA C 2 -7.61 27.98 -13.50
N SER C 3 -7.43 28.11 -14.82
CA SER C 3 -6.15 27.89 -15.44
C SER C 3 -5.36 29.20 -15.42
N ILE C 4 -4.03 29.08 -15.36
CA ILE C 4 -3.20 30.28 -15.41
C ILE C 4 -3.47 31.04 -16.71
N THR C 5 -3.70 30.30 -17.80
CA THR C 5 -3.97 30.93 -19.08
C THR C 5 -5.15 31.90 -18.96
N SER C 6 -6.25 31.43 -18.37
CA SER C 6 -7.46 32.24 -18.20
C SER C 6 -7.15 33.53 -17.44
N VAL C 7 -6.39 33.39 -16.35
CA VAL C 7 -6.12 34.47 -15.43
C VAL C 7 -5.30 35.50 -16.17
N VAL C 8 -4.34 35.02 -16.95
CA VAL C 8 -3.43 35.91 -17.65
C VAL C 8 -4.17 36.63 -18.77
N LYS C 9 -5.04 35.92 -19.49
CA LYS C 9 -5.77 36.55 -20.57
C LYS C 9 -6.71 37.66 -20.07
N THR C 10 -7.47 37.34 -19.02
CA THR C 10 -8.41 38.29 -18.44
C THR C 10 -7.66 39.53 -17.96
N SER C 11 -6.54 39.30 -17.27
CA SER C 11 -5.73 40.40 -16.78
C SER C 11 -5.25 41.28 -17.93
N GLU C 12 -4.96 40.68 -19.09
CA GLU C 12 -4.47 41.46 -20.20
C GLU C 12 -5.60 42.29 -20.81
N LEU C 13 -6.83 41.77 -20.81
CA LEU C 13 -7.98 42.56 -21.25
C LEU C 13 -8.16 43.80 -20.37
N ILE C 14 -7.90 43.66 -19.07
CA ILE C 14 -8.13 44.75 -18.12
C ILE C 14 -7.02 45.77 -18.32
N LEU C 15 -5.79 45.28 -18.49
CA LEU C 15 -4.66 46.20 -18.59
C LEU C 15 -4.74 47.02 -19.87
N LYS C 16 -5.40 46.46 -20.91
CA LYS C 16 -5.60 47.14 -22.17
C LYS C 16 -6.55 48.33 -21.97
N SER C 17 -7.74 48.08 -21.40
CA SER C 17 -8.75 49.11 -21.20
C SER C 17 -8.20 50.19 -20.26
N PRO C 18 -8.10 51.47 -20.68
CA PRO C 18 -7.55 52.53 -19.83
C PRO C 18 -8.36 52.70 -18.56
N LEU C 19 -9.69 52.82 -18.71
CA LEU C 19 -10.64 52.96 -17.62
C LEU C 19 -10.45 51.82 -16.61
N LEU C 20 -10.49 50.58 -17.12
CA LEU C 20 -10.42 49.41 -16.27
C LEU C 20 -9.11 49.39 -15.51
N SER C 21 -7.99 49.61 -16.20
CA SER C 21 -6.70 49.58 -15.52
C SER C 21 -6.61 50.68 -14.46
N LYS C 22 -7.21 51.85 -14.76
CA LYS C 22 -7.17 52.99 -13.85
C LYS C 22 -7.78 52.63 -12.50
N ILE C 23 -8.81 51.76 -12.52
CA ILE C 23 -9.54 51.45 -11.30
C ILE C 23 -9.09 50.11 -10.70
N VAL C 24 -8.54 49.20 -11.53
CA VAL C 24 -8.21 47.86 -11.08
C VAL C 24 -6.77 47.80 -10.56
N VAL C 25 -5.85 48.47 -11.25
CA VAL C 25 -4.46 48.32 -10.87
C VAL C 25 -4.20 48.79 -9.44
N PRO C 26 -4.72 49.95 -9.00
CA PRO C 26 -4.51 50.38 -7.61
C PRO C 26 -5.13 49.42 -6.59
N LEU C 27 -6.32 48.88 -6.91
CA LEU C 27 -6.95 47.90 -6.05
C LEU C 27 -6.07 46.66 -5.93
N ALA C 28 -5.52 46.20 -7.06
CA ALA C 28 -4.77 44.96 -7.09
C ALA C 28 -3.50 45.12 -6.27
N LYS C 29 -2.91 46.31 -6.33
CA LYS C 29 -1.69 46.57 -5.58
C LYS C 29 -1.96 46.60 -4.08
N THR C 30 -3.10 47.14 -3.66
CA THR C 30 -3.37 47.13 -2.24
C THR C 30 -3.72 45.72 -1.79
N TYR C 31 -4.50 45.02 -2.62
CA TYR C 31 -4.84 43.64 -2.32
C TYR C 31 -3.55 42.88 -1.99
N VAL C 32 -2.55 43.03 -2.87
CA VAL C 32 -1.32 42.29 -2.72
C VAL C 32 -0.59 42.68 -1.44
N LYS C 33 -0.62 43.97 -1.08
CA LYS C 33 0.01 44.45 0.14
C LYS C 33 -0.69 43.86 1.38
N PHE C 34 -2.02 43.83 1.38
CA PHE C 34 -2.74 43.27 2.51
C PHE C 34 -2.69 41.75 2.53
N SER C 35 -2.47 41.13 1.38
CA SER C 35 -2.41 39.68 1.30
C SER C 35 -1.32 39.18 2.25
N GLY C 36 -0.17 39.84 2.22
CA GLY C 36 0.82 39.62 3.24
C GLY C 36 1.73 38.44 2.95
N TYR C 37 1.66 37.86 1.74
CA TYR C 37 2.59 36.77 1.43
C TYR C 37 4.04 37.25 1.36
N ARG C 38 4.25 38.54 1.07
CA ARG C 38 5.61 39.06 0.98
C ARG C 38 6.28 39.08 2.33
N GLN C 39 5.45 39.12 3.39
CA GLN C 39 5.97 39.16 4.74
C GLN C 39 6.47 37.79 5.20
N LEU C 40 6.27 36.74 4.39
CA LEU C 40 6.81 35.43 4.69
C LEU C 40 7.92 35.10 3.68
N GLY C 41 8.29 36.10 2.88
CA GLY C 41 9.39 35.97 1.94
C GLY C 41 9.02 35.14 0.73
N PHE C 42 7.73 35.10 0.41
CA PHE C 42 7.30 34.38 -0.77
C PHE C 42 7.25 35.33 -1.96
N LYS C 43 7.39 34.77 -3.15
CA LYS C 43 6.94 35.46 -4.34
C LYS C 43 5.54 34.97 -4.68
N MET C 44 4.75 35.77 -5.38
CA MET C 44 3.37 35.39 -5.68
C MET C 44 3.32 33.99 -6.28
N ASN C 45 4.21 33.69 -7.23
CA ASN C 45 4.16 32.45 -7.96
C ASN C 45 4.42 31.25 -7.06
N ASP C 46 5.09 31.44 -5.91
CA ASP C 46 5.32 30.33 -5.00
C ASP C 46 4.00 29.76 -4.46
N LEU C 47 2.90 30.53 -4.55
CA LEU C 47 1.67 30.12 -3.89
C LEU C 47 0.78 29.32 -4.83
N ILE C 48 1.13 29.23 -6.10
CA ILE C 48 0.25 28.55 -7.04
C ILE C 48 0.22 27.04 -6.75
N ILE C 49 -0.98 26.44 -6.78
CA ILE C 49 -1.17 25.03 -6.48
C ILE C 49 -0.29 24.20 -7.41
N GLU C 50 0.50 23.26 -6.88
CA GLU C 50 1.38 22.55 -7.80
C GLU C 50 1.02 21.09 -8.00
N GLU C 51 0.01 20.57 -7.28
CA GLU C 51 -0.30 19.15 -7.37
C GLU C 51 -1.24 18.90 -8.54
N THR C 52 -0.79 19.24 -9.75
CA THR C 52 -1.50 18.89 -10.97
C THR C 52 -0.45 18.45 -11.97
N PRO C 53 -0.78 17.57 -12.95
CA PRO C 53 0.20 17.19 -13.97
C PRO C 53 0.86 18.39 -14.65
N ASN C 54 0.06 19.40 -15.03
CA ASN C 54 0.56 20.53 -15.79
C ASN C 54 1.60 21.27 -14.95
N MET C 55 1.30 21.49 -13.67
CA MET C 55 2.18 22.27 -12.83
C MET C 55 3.43 21.49 -12.46
N GLN C 56 3.30 20.18 -12.29
CA GLN C 56 4.49 19.35 -12.11
C GLN C 56 5.43 19.47 -13.31
N LEU C 57 4.86 19.46 -14.52
CA LEU C 57 5.66 19.63 -15.71
C LEU C 57 6.32 21.02 -15.78
N ALA C 58 5.57 22.08 -15.47
CA ALA C 58 6.17 23.40 -15.47
C ALA C 58 7.30 23.50 -14.45
N LEU C 59 7.14 22.85 -13.27
CA LEU C 59 8.16 23.00 -12.25
C LEU C 59 9.43 22.27 -12.66
N ARG C 60 9.28 21.15 -13.37
CA ARG C 60 10.42 20.39 -13.88
C ARG C 60 11.21 21.18 -14.93
N ARG C 61 10.54 22.14 -15.58
CA ARG C 61 11.18 22.92 -16.63
C ARG C 61 11.81 24.19 -16.07
N LEU C 62 11.67 24.46 -14.77
CA LEU C 62 12.37 25.61 -14.22
C LEU C 62 13.87 25.43 -14.38
N PRO C 63 14.64 26.51 -14.67
CA PRO C 63 16.09 26.44 -14.60
C PRO C 63 16.55 26.02 -13.22
N PRO C 64 17.63 25.24 -13.08
CA PRO C 64 18.04 24.70 -11.77
C PRO C 64 18.16 25.76 -10.68
N THR C 65 18.70 26.93 -11.00
CA THR C 65 18.89 27.96 -10.00
C THR C 65 17.54 28.48 -9.49
N GLU C 66 16.59 28.76 -10.39
CA GLU C 66 15.26 29.17 -9.98
C GLU C 66 14.63 28.09 -9.12
N SER C 67 14.86 26.83 -9.50
CA SER C 67 14.30 25.72 -8.77
C SER C 67 14.88 25.67 -7.36
N TYR C 68 16.20 25.83 -7.22
CA TYR C 68 16.82 25.74 -5.91
C TYR C 68 16.36 26.90 -5.04
N ASP C 69 16.17 28.07 -5.64
CA ASP C 69 15.77 29.20 -4.82
C ASP C 69 14.33 29.07 -4.37
N ARG C 70 13.48 28.46 -5.21
CA ARG C 70 12.10 28.26 -4.80
C ARG C 70 12.07 27.30 -3.62
N VAL C 71 12.85 26.23 -3.68
CA VAL C 71 12.87 25.30 -2.57
C VAL C 71 13.25 26.04 -1.30
N TYR C 72 14.24 26.93 -1.38
CA TYR C 72 14.62 27.64 -0.17
C TYR C 72 13.52 28.57 0.34
N ARG C 73 12.84 29.30 -0.54
CA ARG C 73 11.76 30.15 -0.09
C ARG C 73 10.64 29.34 0.56
N LEU C 74 10.34 28.15 0.05
CA LEU C 74 9.27 27.35 0.65
C LEU C 74 9.69 26.87 2.03
N ILE C 75 10.95 26.46 2.17
CA ILE C 75 11.42 25.98 3.45
C ILE C 75 11.49 27.13 4.45
N ARG C 76 12.00 28.27 4.01
CA ARG C 76 12.07 29.39 4.91
C ARG C 76 10.66 29.85 5.35
N ALA C 77 9.69 29.86 4.43
CA ALA C 77 8.34 30.30 4.79
C ALA C 77 7.72 29.32 5.77
N THR C 78 7.96 28.03 5.55
CA THR C 78 7.48 27.00 6.44
C THR C 78 8.03 27.20 7.86
N GLN C 79 9.30 27.60 7.96
CA GLN C 79 9.90 27.86 9.27
C GLN C 79 9.26 29.08 9.91
N PHE C 80 8.94 30.14 9.14
CA PHE C 80 8.25 31.30 9.72
C PHE C 80 6.83 30.94 10.17
N SER C 81 6.15 30.11 9.37
CA SER C 81 4.82 29.64 9.72
C SER C 81 4.83 28.87 11.04
N LEU C 82 5.76 27.92 11.20
CA LEU C 82 5.65 27.09 12.38
C LEU C 82 6.07 27.86 13.63
N SER C 83 6.88 28.90 13.46
CA SER C 83 7.38 29.70 14.57
C SER C 83 6.43 30.86 14.88
N HIS C 84 5.44 31.10 14.00
CA HIS C 84 4.56 32.26 14.16
C HIS C 84 5.31 33.58 14.09
N LYS C 85 6.31 33.66 13.21
CA LYS C 85 7.08 34.88 13.01
C LYS C 85 6.83 35.40 11.61
N LEU C 86 7.17 36.67 11.37
CA LEU C 86 7.24 37.19 10.01
C LEU C 86 8.69 37.37 9.60
N ALA C 87 8.94 37.43 8.29
CA ALA C 87 10.24 37.81 7.75
C ALA C 87 10.59 39.23 8.21
N THR C 88 11.89 39.49 8.36
CA THR C 88 12.34 40.84 8.58
C THR C 88 13.52 41.09 7.67
N GLY C 89 13.81 42.37 7.41
CA GLY C 89 14.99 42.77 6.66
C GLY C 89 14.98 42.22 5.24
N ASN C 90 16.01 41.45 4.90
CA ASN C 90 16.19 41.02 3.53
C ASN C 90 15.30 39.82 3.21
N ASP C 91 14.66 39.25 4.22
CA ASP C 91 13.82 38.10 3.95
C ASP C 91 12.47 38.59 3.43
N ILE C 92 12.11 39.84 3.71
CA ILE C 92 10.87 40.35 3.15
C ILE C 92 11.01 40.48 1.64
N THR C 93 10.03 39.98 0.88
CA THR C 93 10.07 40.17 -0.57
C THR C 93 9.72 41.62 -0.89
N LYS C 94 10.65 42.31 -1.54
CA LYS C 94 10.39 43.66 -1.98
C LYS C 94 9.57 43.58 -3.27
N PRO C 95 8.71 44.57 -3.59
CA PRO C 95 7.88 44.50 -4.80
C PRO C 95 8.61 44.24 -6.10
N GLU C 96 9.87 44.67 -6.19
CA GLU C 96 10.72 44.53 -7.36
C GLU C 96 11.27 43.11 -7.47
N GLU C 97 11.23 42.37 -6.37
CA GLU C 97 11.71 41.00 -6.38
C GLU C 97 10.55 40.04 -6.64
N ASP C 98 9.32 40.56 -6.72
CA ASP C 98 8.20 39.65 -6.86
C ASP C 98 8.01 39.31 -8.34
N ASP C 99 8.94 38.51 -8.89
CA ASP C 99 8.93 38.26 -10.33
C ASP C 99 8.17 36.98 -10.65
N HIS C 100 7.50 37.01 -11.80
CA HIS C 100 6.70 35.92 -12.28
C HIS C 100 7.59 34.87 -12.94
N TYR C 101 8.44 34.21 -12.14
CA TYR C 101 9.43 33.30 -12.69
C TYR C 101 8.73 32.08 -13.30
N LEU C 102 7.53 31.73 -12.82
CA LEU C 102 6.95 30.45 -13.21
C LEU C 102 5.92 30.62 -14.31
N ILE C 103 5.32 31.81 -14.40
CA ILE C 103 4.21 32.04 -15.32
C ILE C 103 4.56 31.62 -16.74
N PRO C 104 5.72 31.98 -17.32
CA PRO C 104 6.06 31.56 -18.68
C PRO C 104 6.10 30.05 -18.90
N TYR C 105 6.60 29.32 -17.91
CA TYR C 105 6.65 27.87 -18.06
C TYR C 105 5.25 27.25 -18.04
N ILE C 106 4.39 27.72 -17.13
CA ILE C 106 3.08 27.11 -17.07
C ILE C 106 2.25 27.53 -18.29
N LEU C 107 2.46 28.75 -18.77
CA LEU C 107 1.70 29.17 -19.94
C LEU C 107 2.09 28.34 -21.15
N ASP C 108 3.35 27.89 -21.24
CA ASP C 108 3.73 27.03 -22.35
C ASP C 108 3.12 25.64 -22.21
N VAL C 109 3.20 25.08 -21.00
CA VAL C 109 2.67 23.77 -20.73
C VAL C 109 1.19 23.75 -21.07
N GLU C 110 0.46 24.79 -20.64
CA GLU C 110 -0.98 24.83 -20.84
C GLU C 110 -1.31 25.08 -22.31
N ALA C 111 -0.50 25.90 -22.99
CA ALA C 111 -0.73 26.16 -24.41
C ALA C 111 -0.77 24.83 -25.16
N GLU C 112 0.21 23.96 -24.88
CA GLU C 112 0.25 22.68 -25.58
C GLU C 112 -0.92 21.80 -25.16
N ALA C 113 -1.20 21.73 -23.85
CA ALA C 113 -2.30 20.91 -23.35
C ALA C 113 -3.63 21.34 -23.96
N PHE C 114 -3.84 22.66 -24.13
CA PHE C 114 -5.11 23.09 -24.67
C PHE C 114 -5.15 22.92 -26.18
N GLU C 115 -4.02 23.04 -26.87
CA GLU C 115 -3.99 22.78 -28.29
C GLU C 115 -4.25 21.30 -28.54
N LYS C 116 -3.69 20.46 -27.68
CA LYS C 116 -3.91 19.03 -27.81
C LYS C 116 -5.39 18.72 -27.69
N ASP C 117 -6.08 19.30 -26.70
CA ASP C 117 -7.52 19.11 -26.55
C ASP C 117 -8.27 19.61 -27.80
N ALA C 118 -7.88 20.75 -28.35
CA ALA C 118 -8.59 21.24 -29.53
C ALA C 118 -8.40 20.27 -30.68
N LEU C 119 -7.15 19.82 -30.89
CA LEU C 119 -6.84 19.05 -32.09
C LEU C 119 -7.37 17.63 -31.99
N ASP C 120 -7.67 17.17 -30.76
CA ASP C 120 -8.33 15.90 -30.52
C ASP C 120 -9.79 15.97 -30.99
N ASN C 121 -10.27 17.18 -31.28
CA ASN C 121 -11.66 17.40 -31.67
C ASN C 121 -11.71 18.01 -33.06
N LEU C 122 -10.66 17.79 -33.87
CA LEU C 122 -10.72 18.36 -35.20
C LEU C 122 -11.60 17.52 -36.12
N GLU C 123 -12.25 18.21 -37.06
CA GLU C 123 -13.14 17.61 -38.03
C GLU C 123 -12.66 18.03 -39.41
N VAL C 124 -12.18 17.05 -40.20
CA VAL C 124 -11.79 17.28 -41.57
C VAL C 124 -12.99 17.83 -42.31
N VAL C 125 -12.83 18.99 -42.91
CA VAL C 125 -13.92 19.63 -43.65
C VAL C 125 -13.87 19.27 -45.14
N PRO D 66 -43.85 34.99 61.22
CA PRO D 66 -44.49 34.85 59.90
C PRO D 66 -43.51 34.76 58.74
N ASP D 67 -44.07 34.66 57.52
CA ASP D 67 -43.27 34.48 56.33
C ASP D 67 -42.41 35.72 56.11
N PRO D 68 -41.06 35.59 56.08
CA PRO D 68 -40.19 36.74 55.87
C PRO D 68 -40.46 37.40 54.53
N ALA D 69 -40.92 36.60 53.55
CA ALA D 69 -41.09 37.09 52.19
C ALA D 69 -42.08 38.25 52.14
N ILE D 70 -43.14 38.17 52.97
CA ILE D 70 -44.21 39.15 52.99
C ILE D 70 -43.64 40.56 53.17
N ALA D 71 -42.82 40.73 54.20
CA ALA D 71 -42.22 42.01 54.53
C ALA D 71 -41.24 42.46 53.45
N LEU D 72 -40.41 41.53 52.97
CA LEU D 72 -39.36 41.87 52.01
C LEU D 72 -39.99 42.33 50.69
N HIS D 73 -41.07 41.65 50.30
CA HIS D 73 -41.78 41.93 49.06
C HIS D 73 -42.46 43.27 49.15
N GLU D 74 -42.99 43.60 50.33
CA GLU D 74 -43.74 44.83 50.48
C GLU D 74 -42.79 46.02 50.40
N ALA D 75 -41.63 45.85 51.04
CA ALA D 75 -40.56 46.83 51.10
C ALA D 75 -40.01 47.11 49.71
N ALA D 76 -39.84 46.05 48.92
CA ALA D 76 -39.30 46.16 47.57
C ALA D 76 -40.30 46.83 46.63
N ALA D 77 -41.60 46.67 46.91
CA ALA D 77 -42.62 47.22 46.05
C ALA D 77 -42.73 48.73 46.26
N GLU D 78 -42.62 49.15 47.54
CA GLU D 78 -42.79 50.54 47.91
C GLU D 78 -41.52 51.33 47.61
N GLY D 79 -40.39 50.61 47.54
CA GLY D 79 -39.07 51.20 47.43
C GLY D 79 -38.54 51.13 46.00
N PRO D 80 -37.61 50.19 45.69
CA PRO D 80 -36.94 50.13 44.39
C PRO D 80 -37.81 49.83 43.19
N CYS D 81 -39.02 49.30 43.44
CA CYS D 81 -39.88 48.86 42.37
C CYS D 81 -41.16 49.68 42.40
N HIS D 82 -41.03 50.98 42.72
CA HIS D 82 -42.22 51.80 42.92
C HIS D 82 -42.85 52.22 41.60
N ASP D 83 -42.00 52.42 40.59
CA ASP D 83 -42.48 52.83 39.27
C ASP D 83 -43.37 51.73 38.70
N PHE D 84 -42.90 50.49 38.87
CA PHE D 84 -43.60 49.32 38.36
C PHE D 84 -44.86 49.04 39.17
N LYS D 85 -44.80 49.32 40.47
CA LYS D 85 -45.95 49.17 41.35
C LYS D 85 -47.07 50.09 40.87
N HIS D 86 -46.70 51.35 40.56
CA HIS D 86 -47.66 52.34 40.12
C HIS D 86 -48.22 51.98 38.74
N HIS D 87 -47.38 51.44 37.85
CA HIS D 87 -47.83 50.99 36.53
C HIS D 87 -48.90 49.90 36.65
N PHE D 88 -48.63 48.91 37.50
CA PHE D 88 -49.55 47.80 37.74
C PHE D 88 -50.85 48.33 38.32
N ASP D 89 -50.74 49.22 39.31
CA ASP D 89 -51.91 49.82 39.95
C ASP D 89 -52.77 50.54 38.92
N GLU D 90 -52.15 51.41 38.12
CA GLU D 90 -52.88 52.15 37.12
C GLU D 90 -53.55 51.21 36.13
N CYS D 91 -52.83 50.16 35.70
CA CYS D 91 -53.40 49.15 34.81
C CYS D 91 -54.66 48.54 35.42
N VAL D 92 -54.58 48.10 36.68
CA VAL D 92 -55.71 47.46 37.36
C VAL D 92 -56.91 48.40 37.34
N GLU D 93 -56.71 49.67 37.71
CA GLU D 93 -57.75 50.68 37.73
C GLU D 93 -58.46 50.74 36.38
N ARG D 94 -57.69 50.81 35.28
CA ARG D 94 -58.22 50.90 33.93
C ARG D 94 -59.06 49.67 33.59
N VAL D 95 -58.55 48.49 33.94
CA VAL D 95 -59.16 47.26 33.48
C VAL D 95 -60.46 47.02 34.24
N THR D 96 -60.45 47.27 35.55
CA THR D 96 -61.63 47.11 36.40
C THR D 96 -62.74 48.05 35.93
N LYS D 97 -62.36 49.29 35.60
CA LYS D 97 -63.28 50.30 35.10
C LYS D 97 -63.87 49.87 33.76
N ALA D 98 -63.04 49.19 32.97
CA ALA D 98 -63.43 48.79 31.64
C ALA D 98 -64.39 47.59 31.72
N GLN D 99 -64.22 46.78 32.76
CA GLN D 99 -65.05 45.62 33.01
C GLN D 99 -66.41 46.07 33.55
N GLU D 100 -66.39 47.19 34.29
CA GLU D 100 -67.58 47.80 34.87
C GLU D 100 -68.53 48.30 33.78
N ALA D 101 -67.95 48.85 32.70
CA ALA D 101 -68.70 49.34 31.56
C ALA D 101 -69.40 48.19 30.84
N GLU D 102 -70.61 48.46 30.34
CA GLU D 102 -71.42 47.46 29.66
C GLU D 102 -70.92 47.27 28.23
N ASP D 103 -71.27 46.12 27.64
CA ASP D 103 -70.82 45.67 26.33
C ASP D 103 -69.30 45.49 26.34
N TYR D 104 -68.78 45.10 27.50
CA TYR D 104 -67.39 44.71 27.66
C TYR D 104 -67.22 43.26 27.19
N ASP D 105 -68.24 42.45 27.45
CA ASP D 105 -68.23 41.02 27.13
C ASP D 105 -68.24 40.83 25.62
N HIS D 106 -68.81 41.81 24.90
CA HIS D 106 -68.86 41.81 23.44
C HIS D 106 -67.83 42.79 22.88
N ALA D 107 -66.63 42.78 23.45
CA ALA D 107 -65.51 43.57 22.94
C ALA D 107 -64.52 42.65 22.24
N GLU D 108 -63.72 43.22 21.34
CA GLU D 108 -62.78 42.44 20.56
C GLU D 108 -61.55 42.18 21.43
N TYR D 109 -61.00 43.28 21.96
CA TYR D 109 -59.79 43.26 22.75
C TYR D 109 -60.11 43.54 24.23
N LYS D 110 -59.84 42.55 25.07
CA LYS D 110 -59.95 42.73 26.51
C LYS D 110 -58.54 42.81 27.09
N GLU D 111 -58.17 44.00 27.59
CA GLU D 111 -56.88 44.23 28.22
C GLU D 111 -56.79 43.51 29.56
N ASP D 112 -55.63 42.93 29.85
CA ASP D 112 -55.28 42.41 31.17
C ASP D 112 -54.08 43.18 31.69
N CYS D 113 -53.57 42.75 32.85
CA CYS D 113 -52.48 43.45 33.52
C CYS D 113 -51.32 42.51 33.78
N VAL D 114 -51.26 41.42 33.01
CA VAL D 114 -50.22 40.43 33.21
C VAL D 114 -48.85 41.05 32.92
N GLU D 115 -48.74 41.81 31.83
CA GLU D 115 -47.46 42.40 31.46
C GLU D 115 -46.89 43.23 32.62
N GLU D 116 -47.73 44.11 33.17
CA GLU D 116 -47.30 45.04 34.21
C GLU D 116 -46.95 44.28 35.49
N PHE D 117 -47.74 43.23 35.72
CA PHE D 117 -47.53 42.37 36.86
C PHE D 117 -46.17 41.67 36.73
N PHE D 118 -45.87 41.15 35.54
CA PHE D 118 -44.56 40.54 35.33
C PHE D 118 -43.45 41.56 35.54
N HIS D 119 -43.63 42.81 35.07
CA HIS D 119 -42.55 43.79 35.26
C HIS D 119 -42.30 44.05 36.74
N LEU D 120 -43.39 44.11 37.50
CA LEU D 120 -43.28 44.35 38.93
C LEU D 120 -42.64 43.15 39.63
N GLN D 121 -43.12 41.94 39.30
CA GLN D 121 -42.67 40.74 40.00
C GLN D 121 -41.19 40.49 39.69
N HIS D 122 -40.82 40.70 38.44
CA HIS D 122 -39.44 40.50 38.04
C HIS D 122 -38.55 41.43 38.84
N CYS D 123 -39.04 42.64 39.07
CA CYS D 123 -38.30 43.65 39.81
C CYS D 123 -38.23 43.26 41.28
N ILE D 124 -39.36 42.94 41.89
CA ILE D 124 -39.35 42.53 43.29
C ILE D 124 -38.38 41.36 43.50
N ASN D 125 -38.37 40.40 42.56
CA ASN D 125 -37.57 39.20 42.73
C ASN D 125 -36.08 39.53 42.71
N ASP D 126 -35.70 40.47 41.84
CA ASP D 126 -34.32 40.94 41.74
C ASP D 126 -33.84 41.58 43.04
N ASN D 127 -34.76 42.19 43.80
CA ASN D 127 -34.38 42.95 44.97
C ASN D 127 -34.58 42.19 46.26
N THR D 128 -34.90 40.90 46.16
CA THR D 128 -35.39 40.19 47.32
C THR D 128 -34.74 38.81 47.43
N ALA D 129 -34.52 38.17 46.28
CA ALA D 129 -34.11 36.79 46.22
C ALA D 129 -33.01 36.49 47.24
N ASP D 130 -31.92 37.26 47.19
CA ASP D 130 -30.77 37.03 48.04
C ASP D 130 -31.10 37.32 49.49
N LYS D 131 -31.93 38.34 49.73
CA LYS D 131 -32.24 38.74 51.10
C LYS D 131 -33.09 37.65 51.76
N LEU D 132 -34.02 37.07 50.99
CA LEU D 132 -34.92 36.08 51.53
C LEU D 132 -34.15 34.82 51.92
N PHE D 133 -33.30 34.34 51.01
CA PHE D 133 -32.58 33.11 51.29
C PHE D 133 -31.59 33.28 52.44
N ARG D 134 -31.23 34.54 52.73
CA ARG D 134 -30.28 34.84 53.80
C ARG D 134 -30.92 34.58 55.17
N VAL D 135 -32.25 34.68 55.25
CA VAL D 135 -32.97 34.54 56.52
C VAL D 135 -33.75 33.23 56.58
N LEU D 136 -33.31 32.21 55.83
CA LEU D 136 -33.89 30.87 55.96
C LEU D 136 -32.79 29.86 56.34
N VAL E 26 60.35 -6.96 20.52
CA VAL E 26 60.58 -5.77 21.45
C VAL E 26 61.38 -4.69 20.74
N SER E 27 60.72 -3.55 20.51
CA SER E 27 61.25 -2.43 19.76
C SER E 27 62.38 -1.74 20.53
N PRO E 28 63.37 -1.09 19.87
CA PRO E 28 64.40 -0.35 20.59
C PRO E 28 63.81 0.80 21.41
N LYS E 29 64.49 1.09 22.52
CA LYS E 29 64.12 2.11 23.49
C LYS E 29 64.09 3.51 22.86
N THR E 30 63.06 4.29 23.20
CA THR E 30 63.00 5.69 22.82
C THR E 30 63.87 6.52 23.76
N ARG E 31 64.95 7.09 23.20
CA ARG E 31 65.81 7.92 24.01
C ARG E 31 65.28 9.34 23.99
N THR E 32 65.42 10.04 25.13
CA THR E 32 64.89 11.38 25.32
C THR E 32 65.92 12.24 26.03
N SER E 33 66.19 13.42 25.47
CA SER E 33 67.03 14.41 26.12
C SER E 33 66.35 15.76 25.99
N ASN E 34 66.77 16.70 26.85
CA ASN E 34 66.37 18.09 26.80
C ASN E 34 67.60 18.94 26.49
N LEU E 35 67.36 20.15 25.97
CA LEU E 35 68.34 21.22 25.97
C LEU E 35 68.02 22.15 27.14
N LYS E 36 68.79 23.24 27.24
CA LYS E 36 68.67 24.20 28.32
C LYS E 36 67.41 25.04 28.16
N ASN E 37 67.09 25.41 26.92
CA ASN E 37 65.91 26.23 26.65
C ASN E 37 64.64 25.45 27.00
N GLY E 38 64.69 24.12 26.90
CA GLY E 38 63.55 23.30 27.28
C GLY E 38 63.05 22.48 26.11
N LEU E 39 63.84 22.48 25.03
CA LEU E 39 63.50 21.73 23.84
C LEU E 39 63.79 20.27 24.14
N THR E 40 62.79 19.41 23.91
CA THR E 40 62.94 17.97 24.06
C THR E 40 63.42 17.38 22.74
N ILE E 41 64.38 16.45 22.83
CA ILE E 41 64.81 15.65 21.70
C ILE E 41 64.45 14.21 21.98
N ALA E 42 63.72 13.57 21.06
CA ALA E 42 63.33 12.19 21.30
C ALA E 42 63.56 11.37 20.04
N SER E 43 64.18 10.21 20.20
CA SER E 43 64.65 9.50 19.04
C SER E 43 64.38 8.01 19.19
N GLU E 44 64.13 7.34 18.07
CA GLU E 44 64.07 5.88 18.10
C GLU E 44 64.77 5.33 16.85
N SER E 45 65.95 4.74 17.07
CA SER E 45 66.80 4.21 16.00
C SER E 45 66.31 2.83 15.56
N ASN E 46 66.48 2.58 14.25
CA ASN E 46 66.13 1.33 13.60
C ASN E 46 67.26 0.97 12.64
N PRO E 47 68.25 0.13 13.06
CA PRO E 47 69.41 -0.15 12.23
C PRO E 47 69.15 -1.05 11.02
N LEU E 48 67.86 -1.29 10.74
CA LEU E 48 67.40 -2.10 9.63
C LEU E 48 67.03 -1.24 8.43
N VAL E 49 66.79 0.06 8.65
CA VAL E 49 66.41 0.96 7.58
C VAL E 49 67.58 1.87 7.22
N GLN E 50 67.43 2.59 6.11
CA GLN E 50 68.49 3.41 5.56
C GLN E 50 68.02 4.86 5.46
N THR E 51 66.72 5.10 5.69
CA THR E 51 66.20 6.46 5.68
C THR E 51 65.94 6.92 7.10
N ALA E 52 65.71 8.22 7.30
CA ALA E 52 65.38 8.77 8.61
C ALA E 52 64.33 9.87 8.46
N THR E 53 63.38 9.93 9.41
CA THR E 53 62.46 11.04 9.50
C THR E 53 62.81 11.88 10.71
N VAL E 54 63.36 13.09 10.49
CA VAL E 54 63.51 14.04 11.59
C VAL E 54 62.45 15.13 11.41
N GLY E 55 61.91 15.59 12.53
CA GLY E 55 61.04 16.75 12.45
C GLY E 55 60.79 17.40 13.80
N VAL E 56 59.97 18.45 13.77
CA VAL E 56 59.65 19.20 14.96
C VAL E 56 58.15 19.10 15.18
N TRP E 57 57.77 18.52 16.31
CA TRP E 57 56.38 18.46 16.71
C TRP E 57 56.12 19.59 17.68
N ILE E 58 55.08 20.39 17.40
CA ILE E 58 54.81 21.54 18.26
C ILE E 58 53.44 21.37 18.91
N ASP E 59 53.41 21.65 20.21
CA ASP E 59 52.17 21.63 20.96
C ASP E 59 51.49 22.99 20.78
N ALA E 60 50.94 23.23 19.59
CA ALA E 60 50.32 24.49 19.24
C ALA E 60 49.61 24.26 17.92
N GLY E 61 48.49 24.92 17.69
CA GLY E 61 47.84 24.80 16.39
C GLY E 61 46.75 25.84 16.31
N SER E 62 45.69 25.60 15.52
CA SER E 62 44.66 26.59 15.29
C SER E 62 43.97 27.01 16.58
N ARG E 63 43.94 26.11 17.56
CA ARG E 63 43.19 26.37 18.77
C ARG E 63 43.81 27.53 19.55
N ASN E 64 45.02 27.89 19.18
CA ASN E 64 45.75 28.93 19.89
C ASN E 64 45.42 30.29 19.33
N GLU E 65 44.71 30.33 18.21
CA GLU E 65 44.28 31.60 17.65
C GLU E 65 43.01 32.06 18.35
N ASN E 66 42.75 33.37 18.27
CA ASN E 66 41.43 33.91 18.61
C ASN E 66 40.62 34.05 17.33
N ALA E 67 39.52 34.80 17.41
CA ALA E 67 38.59 34.80 16.28
C ALA E 67 39.11 35.71 15.16
N TYR E 68 39.95 36.68 15.55
CA TYR E 68 40.45 37.69 14.64
C TYR E 68 41.61 37.17 13.81
N ASN E 69 42.46 36.34 14.41
CA ASN E 69 43.59 35.81 13.67
C ASN E 69 43.38 34.32 13.36
N ASN E 70 42.13 33.88 13.27
CA ASN E 70 41.90 32.46 12.98
C ASN E 70 42.30 32.21 11.54
N GLY E 71 43.19 31.24 11.35
CA GLY E 71 43.73 30.97 10.03
C GLY E 71 45.22 31.27 9.94
N THR E 72 45.76 31.94 10.96
CA THR E 72 47.16 32.33 11.00
C THR E 72 48.09 31.13 10.94
N ALA E 73 47.80 30.12 11.76
CA ALA E 73 48.69 28.98 11.89
C ALA E 73 48.80 28.27 10.54
N HIS E 74 47.68 28.23 9.82
CA HIS E 74 47.69 27.54 8.54
C HIS E 74 48.37 28.40 7.48
N PHE E 75 48.18 29.73 7.62
CA PHE E 75 48.82 30.71 6.76
C PHE E 75 50.34 30.58 6.88
N PHE E 76 50.84 30.50 8.12
CA PHE E 76 52.26 30.38 8.36
C PHE E 76 52.85 29.14 7.68
N GLU E 77 52.15 28.01 7.75
CA GLU E 77 52.61 26.77 7.14
C GLU E 77 52.92 26.97 5.66
N HIS E 78 52.14 27.83 4.96
CA HIS E 78 52.39 28.17 3.56
C HIS E 78 53.67 28.98 3.42
N LEU E 79 53.87 29.93 4.35
CA LEU E 79 54.94 30.91 4.22
C LEU E 79 56.26 30.33 4.69
N ALA E 80 56.18 29.22 5.42
CA ALA E 80 57.37 28.60 5.94
C ALA E 80 58.23 28.13 4.77
N PHE E 81 57.58 27.85 3.63
CA PHE E 81 58.28 27.30 2.48
C PHE E 81 58.45 28.37 1.40
N LYS E 82 58.30 29.64 1.80
CA LYS E 82 58.29 30.74 0.85
C LYS E 82 59.59 31.54 0.93
N GLY E 83 60.60 31.05 1.66
CA GLY E 83 61.87 31.76 1.71
C GLY E 83 62.24 32.25 3.11
N THR E 84 63.53 32.12 3.43
CA THR E 84 64.07 32.53 4.71
C THR E 84 65.05 33.69 4.50
N ASP E 85 65.65 34.18 5.59
CA ASP E 85 66.58 35.30 5.54
C ASP E 85 67.82 34.96 4.69
N LYS E 86 68.24 33.68 4.69
CA LYS E 86 69.34 33.21 3.85
C LYS E 86 68.82 32.73 2.51
N ARG E 87 68.20 31.54 2.49
CA ARG E 87 67.79 30.93 1.24
C ARG E 87 66.48 31.57 0.78
N SER E 88 66.43 31.94 -0.50
CA SER E 88 65.21 32.44 -1.11
C SER E 88 64.28 31.26 -1.38
N GLN E 89 63.12 31.54 -1.98
CA GLN E 89 62.15 30.48 -2.25
C GLN E 89 62.81 29.41 -3.14
N HIS E 90 63.56 29.89 -4.13
CA HIS E 90 64.16 29.03 -5.15
C HIS E 90 65.33 28.24 -4.57
N GLN E 91 66.14 28.93 -3.75
CA GLN E 91 67.25 28.29 -3.07
C GLN E 91 66.72 27.19 -2.15
N LEU E 92 65.63 27.47 -1.42
CA LEU E 92 65.01 26.49 -0.54
C LEU E 92 64.66 25.23 -1.34
N GLU E 93 63.93 25.42 -2.45
CA GLU E 93 63.53 24.34 -3.36
C GLU E 93 64.76 23.50 -3.73
N LEU E 94 65.83 24.18 -4.17
CA LEU E 94 67.02 23.49 -4.64
C LEU E 94 67.69 22.71 -3.52
N ASP E 95 67.76 23.33 -2.32
CA ASP E 95 68.45 22.71 -1.21
C ASP E 95 67.82 21.37 -0.85
N ILE E 96 66.48 21.32 -0.87
CA ILE E 96 65.74 20.11 -0.55
C ILE E 96 65.87 19.10 -1.68
N GLU E 97 65.78 19.57 -2.93
CA GLU E 97 65.98 18.71 -4.09
C GLU E 97 67.34 18.01 -3.99
N ASN E 98 68.36 18.75 -3.54
CA ASN E 98 69.72 18.25 -3.50
C ASN E 98 69.91 17.27 -2.33
N MET E 99 69.11 17.44 -1.28
CA MET E 99 69.12 16.52 -0.17
C MET E 99 68.69 15.14 -0.66
N GLY E 100 67.62 15.09 -1.45
CA GLY E 100 67.17 13.84 -2.03
C GLY E 100 65.82 13.37 -1.48
N GLY E 101 65.53 13.74 -0.22
CA GLY E 101 64.25 13.39 0.39
C GLY E 101 63.24 14.51 0.18
N HIS E 102 62.27 14.61 1.10
CA HIS E 102 61.28 15.66 1.00
C HIS E 102 61.02 16.27 2.38
N LEU E 103 60.33 17.41 2.39
CA LEU E 103 59.85 18.02 3.60
C LEU E 103 58.33 17.97 3.59
N ASN E 104 57.70 17.94 4.76
CA ASN E 104 56.25 17.96 4.82
C ASN E 104 55.82 18.63 6.11
N ALA E 105 54.59 19.16 6.12
CA ALA E 105 54.10 19.90 7.27
C ALA E 105 52.60 19.70 7.38
N TYR E 106 52.05 19.71 8.60
CA TYR E 106 50.61 19.85 8.74
C TYR E 106 50.25 20.55 10.03
N THR E 107 49.19 21.35 9.93
CA THR E 107 48.64 22.09 11.05
C THR E 107 47.30 21.47 11.42
N SER E 108 47.14 21.07 12.67
CA SER E 108 45.81 20.68 13.15
C SER E 108 45.32 21.68 14.20
N ARG E 109 44.29 21.30 14.96
CA ARG E 109 43.72 22.20 15.94
C ARG E 109 44.68 22.36 17.11
N GLU E 110 45.37 21.27 17.49
CA GLU E 110 46.21 21.35 18.68
C GLU E 110 47.68 21.04 18.40
N SER E 111 48.03 20.75 17.15
CA SER E 111 49.36 20.25 16.89
C SER E 111 49.85 20.78 15.55
N THR E 112 51.11 21.20 15.49
CA THR E 112 51.74 21.50 14.21
C THR E 112 52.96 20.60 14.05
N VAL E 113 53.16 20.05 12.85
CA VAL E 113 54.32 19.20 12.60
C VAL E 113 55.10 19.72 11.39
N TYR E 114 56.43 19.67 11.45
CA TYR E 114 57.27 19.99 10.31
C TYR E 114 58.34 18.91 10.24
N TYR E 115 58.30 18.05 9.23
CA TYR E 115 59.31 17.00 9.23
C TYR E 115 60.01 16.90 7.90
N ALA E 116 61.08 16.10 7.87
CA ALA E 116 61.94 15.96 6.72
C ALA E 116 62.37 14.51 6.64
N LYS E 117 61.98 13.83 5.56
CA LYS E 117 62.42 12.47 5.35
C LYS E 117 63.64 12.52 4.44
N SER E 118 64.72 11.83 4.83
CA SER E 118 65.93 11.89 4.03
C SER E 118 66.66 10.55 4.08
N PHE E 119 67.90 10.57 3.59
CA PHE E 119 68.83 9.46 3.73
C PHE E 119 69.52 9.58 5.08
N LYS E 120 70.17 8.51 5.52
CA LYS E 120 70.82 8.45 6.82
C LYS E 120 71.77 9.64 7.02
N ASP E 121 72.51 10.00 5.98
CA ASP E 121 73.66 10.87 6.17
C ASP E 121 73.34 12.29 5.73
N ASP E 122 72.06 12.49 5.35
CA ASP E 122 71.52 13.78 4.95
C ASP E 122 70.69 14.37 6.09
N VAL E 123 70.87 13.83 7.29
CA VAL E 123 70.05 14.23 8.43
C VAL E 123 70.51 15.61 8.88
N PRO E 124 71.83 15.91 8.97
CA PRO E 124 72.27 17.24 9.36
C PRO E 124 71.80 18.36 8.43
N LYS E 125 71.56 18.05 7.16
CA LYS E 125 71.10 19.05 6.21
C LYS E 125 69.65 19.39 6.54
N SER E 126 68.87 18.33 6.76
CA SER E 126 67.44 18.44 6.97
C SER E 126 67.13 19.14 8.29
N VAL E 127 67.91 18.86 9.34
CA VAL E 127 67.71 19.53 10.62
C VAL E 127 67.97 21.03 10.45
N GLU E 128 68.99 21.35 9.65
CA GLU E 128 69.40 22.73 9.43
C GLU E 128 68.33 23.45 8.62
N ILE E 129 67.75 22.78 7.63
CA ILE E 129 66.72 23.44 6.85
C ILE E 129 65.48 23.68 7.73
N LEU E 130 65.11 22.69 8.55
CA LEU E 130 63.92 22.85 9.38
C LEU E 130 64.11 23.99 10.36
N ALA E 131 65.31 24.08 10.95
CA ALA E 131 65.60 25.10 11.93
C ALA E 131 65.50 26.49 11.30
N ASP E 132 65.83 26.56 10.01
CA ASP E 132 65.86 27.81 9.29
C ASP E 132 64.45 28.30 8.97
N ILE E 133 63.58 27.39 8.51
CA ILE E 133 62.25 27.78 8.06
C ILE E 133 61.39 28.13 9.28
N LEU E 134 61.73 27.61 10.46
CA LEU E 134 60.95 27.85 11.67
C LEU E 134 61.38 29.13 12.37
N GLN E 135 62.69 29.40 12.37
CA GLN E 135 63.20 30.50 13.18
C GLN E 135 63.40 31.75 12.33
N HIS E 136 63.71 31.59 11.04
CA HIS E 136 64.31 32.68 10.30
C HIS E 136 63.55 32.92 9.00
N SER E 137 62.22 32.85 9.03
CA SER E 137 61.45 32.91 7.81
C SER E 137 61.22 34.38 7.45
N LYS E 138 61.16 34.69 6.15
CA LYS E 138 61.09 36.10 5.76
C LYS E 138 59.73 36.69 6.08
N LEU E 139 58.65 36.02 5.64
CA LEU E 139 57.28 36.50 5.72
C LEU E 139 57.25 37.89 5.09
N ALA E 140 57.62 37.91 3.82
CA ALA E 140 57.70 39.11 3.01
C ALA E 140 56.30 39.48 2.51
N GLU E 141 55.93 40.76 2.64
CA GLU E 141 54.61 41.25 2.26
C GLU E 141 54.21 40.76 0.87
N SER E 142 55.17 40.65 -0.05
CA SER E 142 54.88 40.19 -1.40
C SER E 142 54.40 38.74 -1.40
N ALA E 143 54.91 37.92 -0.49
CA ALA E 143 54.59 36.50 -0.44
C ALA E 143 53.29 36.28 0.34
N ILE E 144 53.06 37.10 1.37
CA ILE E 144 51.79 37.15 2.09
C ILE E 144 50.68 37.40 1.07
N ASP E 145 50.91 38.34 0.15
CA ASP E 145 49.90 38.79 -0.77
C ASP E 145 49.62 37.72 -1.83
N ARG E 146 50.67 37.03 -2.25
CA ARG E 146 50.58 35.95 -3.21
C ARG E 146 49.81 34.74 -2.65
N GLU E 147 50.06 34.36 -1.38
CA GLU E 147 49.47 33.15 -0.80
C GLU E 147 48.01 33.41 -0.44
N ARG E 148 47.71 34.69 -0.23
CA ARG E 148 46.39 35.13 0.16
C ARG E 148 45.35 34.72 -0.89
N GLU E 149 45.80 34.49 -2.13
CA GLU E 149 44.90 34.06 -3.20
C GLU E 149 44.84 32.54 -3.24
N VAL E 150 45.98 31.89 -3.01
CA VAL E 150 46.12 30.45 -3.02
C VAL E 150 45.23 29.84 -1.93
N ILE E 151 45.26 30.47 -0.75
CA ILE E 151 44.51 30.03 0.39
C ILE E 151 43.03 30.33 0.15
N THR E 152 42.74 31.44 -0.53
CA THR E 152 41.35 31.77 -0.85
C THR E 152 40.74 30.70 -1.75
N ARG E 153 41.53 30.18 -2.69
CA ARG E 153 41.11 29.09 -3.57
C ARG E 153 40.94 27.77 -2.84
N GLU E 154 41.60 27.60 -1.69
CA GLU E 154 41.53 26.37 -0.92
C GLU E 154 40.16 26.27 -0.24
N LEU E 155 39.58 27.42 0.10
CA LEU E 155 38.23 27.51 0.64
C LEU E 155 37.20 26.87 -0.30
N GLU E 156 37.41 26.95 -1.63
CA GLU E 156 36.42 26.41 -2.55
C GLU E 156 36.80 25.07 -3.16
N GLU E 157 37.64 24.28 -2.47
CA GLU E 157 38.12 23.02 -3.04
C GLU E 157 38.21 21.91 -1.98
N VAL E 158 38.15 22.32 -0.69
CA VAL E 158 37.91 21.39 0.43
C VAL E 158 36.52 20.79 0.27
N ASN E 159 35.62 21.58 -0.34
CA ASN E 159 34.23 21.29 -0.63
C ASN E 159 34.04 19.90 -1.22
N LYS E 160 35.12 19.39 -1.85
CA LYS E 160 35.11 18.12 -2.54
C LYS E 160 35.48 16.98 -1.59
N GLN E 161 36.30 17.27 -0.58
CA GLN E 161 36.76 16.27 0.38
C GLN E 161 35.69 16.05 1.44
N TYR E 162 34.75 15.15 1.16
CA TYR E 162 33.51 15.11 1.93
C TYR E 162 33.77 14.69 3.36
N GLU E 163 34.69 13.74 3.58
CA GLU E 163 34.99 13.40 4.96
C GLU E 163 35.45 14.62 5.74
N GLU E 164 36.29 15.45 5.12
CA GLU E 164 36.79 16.61 5.84
C GLU E 164 35.69 17.64 6.06
N VAL E 165 34.82 17.81 5.07
CA VAL E 165 33.68 18.71 5.22
C VAL E 165 32.84 18.28 6.41
N VAL E 166 32.55 16.99 6.47
CA VAL E 166 31.74 16.45 7.54
C VAL E 166 32.45 16.70 8.87
N PHE E 167 33.74 16.35 8.99
CA PHE E 167 34.35 16.54 10.30
C PHE E 167 34.55 18.00 10.68
N ASP E 168 34.72 18.89 9.70
CA ASP E 168 34.85 20.27 10.11
C ASP E 168 33.52 20.82 10.59
N HIS E 169 32.40 20.40 9.98
CA HIS E 169 31.13 20.86 10.52
C HIS E 169 30.87 20.20 11.87
N LEU E 170 31.35 18.98 12.03
CA LEU E 170 31.15 18.29 13.30
C LEU E 170 31.86 19.02 14.44
N HIS E 171 33.08 19.49 14.25
CA HIS E 171 33.72 20.27 15.31
C HIS E 171 33.03 21.61 15.52
N ALA E 172 32.56 22.21 14.42
CA ALA E 172 31.96 23.53 14.51
C ALA E 172 30.71 23.50 15.39
N THR E 173 29.92 22.43 15.25
CA THR E 173 28.66 22.38 15.97
C THR E 173 28.87 21.78 17.37
N ALA E 174 29.69 20.74 17.49
CA ALA E 174 29.94 20.17 18.82
C ALA E 174 30.54 21.20 19.75
N PHE E 175 31.47 22.03 19.24
CA PHE E 175 32.09 23.00 20.13
C PHE E 175 31.69 24.39 19.67
N MET E 176 30.38 24.61 19.62
CA MET E 176 29.81 25.80 19.05
C MET E 176 30.39 27.03 19.75
N ASN E 177 30.88 28.01 18.97
CA ASN E 177 31.49 29.26 19.41
C ASN E 177 32.60 29.06 20.43
N GLN E 178 33.35 27.96 20.30
CA GLN E 178 34.50 27.78 21.14
C GLN E 178 35.72 27.59 20.25
N PRO E 179 36.96 27.83 20.73
CA PRO E 179 38.16 27.62 19.91
C PRO E 179 38.30 26.28 19.18
N LEU E 180 37.93 25.16 19.80
CA LEU E 180 37.98 23.89 19.09
C LEU E 180 36.98 23.85 17.95
N GLY E 181 35.98 24.74 17.96
CA GLY E 181 34.97 24.70 16.92
C GLY E 181 35.42 25.38 15.63
N ARG E 182 36.48 26.17 15.70
CA ARG E 182 36.95 26.92 14.55
C ARG E 182 37.67 26.00 13.57
N THR E 183 37.65 26.41 12.30
CA THR E 183 38.34 25.67 11.27
C THR E 183 39.82 26.02 11.34
N ILE E 184 40.62 25.25 10.62
CA ILE E 184 42.05 25.48 10.50
C ILE E 184 42.33 26.59 9.47
N LEU E 185 41.60 26.57 8.34
CA LEU E 185 41.75 27.55 7.28
C LEU E 185 41.36 28.94 7.77
N GLY E 186 40.33 29.00 8.61
CA GLY E 186 39.85 30.30 9.06
C GLY E 186 38.86 30.89 8.06
N PRO E 187 38.15 31.95 8.45
CA PRO E 187 37.19 32.61 7.55
C PRO E 187 37.89 33.38 6.43
N ARG E 188 37.20 33.56 5.30
CA ARG E 188 37.67 34.32 4.14
C ARG E 188 38.12 35.72 4.54
N GLU E 189 37.42 36.34 5.50
CA GLU E 189 37.66 37.70 5.95
C GLU E 189 39.06 37.83 6.55
N ASN E 190 39.50 36.80 7.27
CA ASN E 190 40.76 36.83 7.98
C ASN E 190 41.89 36.63 6.98
N ILE E 191 41.63 35.78 5.99
CA ILE E 191 42.63 35.47 5.00
C ILE E 191 43.04 36.77 4.29
N GLN E 192 42.08 37.67 4.10
CA GLN E 192 42.33 38.94 3.42
C GLN E 192 43.03 39.95 4.33
N THR E 193 43.06 39.71 5.65
CA THR E 193 43.58 40.70 6.58
C THR E 193 44.73 40.19 7.43
N ILE E 194 45.28 39.00 7.13
CA ILE E 194 46.39 38.50 7.92
C ILE E 194 47.65 39.25 7.47
N THR E 195 48.36 39.87 8.43
CA THR E 195 49.58 40.63 8.14
C THR E 195 50.81 39.86 8.62
N ASN E 196 51.98 40.25 8.13
CA ASN E 196 53.25 39.64 8.54
C ASN E 196 53.46 39.87 10.04
N THR E 197 52.88 40.94 10.59
CA THR E 197 53.00 41.28 11.99
C THR E 197 52.31 40.22 12.84
N GLU E 198 51.08 39.89 12.46
CA GLU E 198 50.33 38.93 13.25
C GLU E 198 50.86 37.52 13.04
N LEU E 199 51.41 37.24 11.86
CA LEU E 199 52.08 35.98 11.62
C LEU E 199 53.28 35.83 12.55
N ARG E 200 54.06 36.91 12.67
CA ARG E 200 55.28 36.90 13.47
C ARG E 200 54.90 36.74 14.94
N LYS E 201 53.83 37.42 15.32
CA LYS E 201 53.37 37.41 16.69
C LYS E 201 52.92 35.99 17.06
N PHE E 202 52.32 35.29 16.11
CA PHE E 202 51.77 33.99 16.41
C PHE E 202 52.92 33.01 16.69
N ILE E 203 53.92 33.03 15.81
CA ILE E 203 54.99 32.06 15.90
C ILE E 203 55.98 32.43 17.02
N THR E 204 55.87 33.66 17.54
CA THR E 204 56.75 34.11 18.60
C THR E 204 56.13 33.72 19.94
N GLU E 205 54.81 33.79 20.02
CA GLU E 205 54.09 33.41 21.21
C GLU E 205 54.03 31.88 21.37
N ASN E 206 53.98 31.15 20.26
CA ASN E 206 53.55 29.75 20.34
C ASN E 206 54.68 28.77 20.08
N TYR E 207 55.60 29.11 19.15
CA TYR E 207 56.64 28.18 18.74
C TYR E 207 57.83 28.34 19.68
N THR E 208 57.60 27.96 20.94
CA THR E 208 58.62 28.12 21.96
C THR E 208 59.19 26.77 22.30
N ALA E 209 60.37 26.80 22.89
CA ALA E 209 61.19 25.61 23.04
C ALA E 209 60.50 24.61 23.97
N ASP E 210 59.76 25.12 24.95
CA ASP E 210 59.13 24.23 25.90
C ASP E 210 57.87 23.61 25.30
N ARG E 211 57.53 24.03 24.07
CA ARG E 211 56.35 23.46 23.41
C ARG E 211 56.74 22.58 22.22
N MET E 212 58.05 22.36 22.05
CA MET E 212 58.54 21.77 20.82
C MET E 212 59.30 20.50 21.13
N VAL E 213 59.20 19.56 20.21
CA VAL E 213 59.94 18.32 20.36
C VAL E 213 60.63 18.04 19.04
N LEU E 214 61.95 17.83 19.10
CA LEU E 214 62.68 17.40 17.92
C LEU E 214 62.70 15.88 17.92
N VAL E 215 62.17 15.29 16.86
CA VAL E 215 61.98 13.85 16.87
C VAL E 215 62.82 13.27 15.74
N GLY E 216 63.49 12.15 16.01
CA GLY E 216 64.14 11.41 14.93
C GLY E 216 63.76 9.93 14.99
N ALA E 217 63.37 9.37 13.84
CA ALA E 217 63.13 7.94 13.75
C ALA E 217 63.82 7.37 12.53
N GLY E 218 64.30 6.13 12.66
CA GLY E 218 64.94 5.41 11.58
C GLY E 218 66.45 5.38 11.80
N ALA E 219 67.19 5.74 10.77
CA ALA E 219 68.64 5.70 10.88
C ALA E 219 69.16 7.01 11.44
N VAL E 220 68.90 7.26 12.72
CA VAL E 220 69.35 8.46 13.41
C VAL E 220 70.08 8.00 14.65
N ASP E 221 71.19 8.67 14.97
CA ASP E 221 71.80 8.48 16.27
C ASP E 221 71.27 9.57 17.19
N HIS E 222 70.87 9.18 18.40
CA HIS E 222 70.34 10.13 19.37
C HIS E 222 71.36 11.20 19.69
N ASP E 223 72.62 10.80 19.89
CA ASP E 223 73.64 11.72 20.38
C ASP E 223 73.99 12.72 19.29
N ALA E 224 73.87 12.28 18.03
CA ALA E 224 74.13 13.11 16.86
C ALA E 224 73.03 14.17 16.72
N LEU E 225 71.79 13.75 17.01
CA LEU E 225 70.62 14.58 16.89
C LEU E 225 70.61 15.65 17.98
N VAL E 226 71.10 15.29 19.18
CA VAL E 226 71.16 16.23 20.30
C VAL E 226 72.17 17.34 20.01
N GLU E 227 73.25 16.96 19.31
CA GLU E 227 74.28 17.91 18.92
C GLU E 227 73.74 18.88 17.87
N LEU E 228 72.97 18.36 16.92
CA LEU E 228 72.38 19.16 15.86
C LEU E 228 71.32 20.09 16.43
N ALA E 229 70.70 19.70 17.55
CA ALA E 229 69.68 20.52 18.20
C ALA E 229 70.35 21.68 18.94
N GLU E 230 71.53 21.41 19.49
CA GLU E 230 72.32 22.38 20.23
C GLU E 230 72.92 23.38 19.25
N LYS E 231 73.00 22.99 17.98
CA LYS E 231 73.62 23.81 16.95
C LYS E 231 72.59 24.73 16.31
N TYR E 232 71.34 24.26 16.23
CA TYR E 232 70.40 24.96 15.38
C TYR E 232 69.22 25.51 16.18
N PHE E 233 68.84 24.80 17.24
CA PHE E 233 67.65 25.22 17.95
C PHE E 233 68.02 25.74 19.33
N SER E 234 69.23 26.22 19.52
CA SER E 234 69.58 26.62 20.88
C SER E 234 69.09 28.03 21.20
N HIS E 235 69.05 28.90 20.20
CA HIS E 235 68.51 30.23 20.36
C HIS E 235 67.01 30.23 20.07
N LEU E 236 66.25 29.30 20.66
CA LEU E 236 64.79 29.35 20.59
C LEU E 236 64.29 30.06 21.83
N PRO E 237 63.26 30.93 21.73
CA PRO E 237 62.67 31.56 22.91
C PRO E 237 62.07 30.50 23.83
N SER E 238 62.19 30.74 25.13
CA SER E 238 61.42 29.98 26.10
C SER E 238 60.19 30.80 26.49
N SER E 239 59.05 30.13 26.72
CA SER E 239 57.87 30.83 27.20
C SER E 239 58.07 31.27 28.65
N GLN E 240 57.32 32.30 29.05
CA GLN E 240 57.42 32.92 30.36
C GLN E 240 57.02 31.94 31.45
N SER E 241 55.91 31.22 31.20
CA SER E 241 55.34 30.24 32.12
C SER E 241 55.36 28.86 31.46
N PRO E 242 56.47 28.10 31.59
CA PRO E 242 56.56 26.75 31.02
C PRO E 242 55.66 25.76 31.76
N VAL E 243 54.52 25.48 31.13
CA VAL E 243 53.64 24.39 31.53
C VAL E 243 54.18 23.09 30.95
N PRO E 244 53.80 21.89 31.49
CA PRO E 244 54.23 20.62 30.92
C PRO E 244 53.65 20.41 29.52
N LEU E 245 54.29 19.56 28.71
CA LEU E 245 53.78 19.25 27.39
C LEU E 245 52.42 18.58 27.49
N GLY E 246 51.51 19.00 26.60
CA GLY E 246 50.17 18.45 26.48
C GLY E 246 49.19 19.02 27.50
N THR E 247 49.47 20.24 27.96
CA THR E 247 48.62 20.96 28.89
C THR E 247 47.62 21.77 28.08
N PRO E 248 46.32 21.76 28.46
CA PRO E 248 45.28 22.52 27.75
C PRO E 248 45.60 24.00 27.45
N ILE E 260 37.03 25.96 29.13
CA ILE E 260 36.77 24.48 29.29
C ILE E 260 35.67 24.08 28.31
N PRO E 261 35.95 23.16 27.36
CA PRO E 261 35.01 22.85 26.28
C PRO E 261 33.64 22.39 26.78
N ASN E 262 32.59 22.97 26.21
CA ASN E 262 31.25 22.68 26.63
C ASN E 262 30.53 22.17 25.40
N PHE E 263 30.44 20.84 25.25
CA PHE E 263 29.85 20.18 24.10
C PHE E 263 28.42 20.64 23.87
N VAL E 264 28.00 20.83 22.61
CA VAL E 264 26.62 21.22 22.33
C VAL E 264 25.98 20.12 21.51
N GLY E 265 24.96 19.44 22.06
CA GLY E 265 24.18 18.52 21.26
C GLY E 265 23.44 19.29 20.17
N SER E 266 23.63 18.92 18.92
CA SER E 266 23.20 19.79 17.84
C SER E 266 23.36 19.07 16.51
N GLU E 267 22.84 19.67 15.44
CA GLU E 267 22.95 19.01 14.15
C GLU E 267 23.19 20.06 13.06
N VAL E 268 23.97 19.67 12.06
CA VAL E 268 24.11 20.41 10.82
C VAL E 268 23.63 19.48 9.71
N ARG E 269 22.71 19.95 8.87
CA ARG E 269 22.32 19.18 7.70
C ARG E 269 22.71 19.97 6.47
N LEU E 270 23.45 19.32 5.57
CA LEU E 270 23.87 19.94 4.33
C LEU E 270 23.31 19.06 3.23
N ARG E 271 22.02 19.22 3.00
CA ARG E 271 21.40 18.31 2.06
C ARG E 271 21.84 18.68 0.65
N ASP E 272 22.17 17.68 -0.14
CA ASP E 272 22.51 17.88 -1.53
C ASP E 272 21.97 16.69 -2.32
N ASP E 273 20.81 16.87 -2.95
CA ASP E 273 20.15 15.76 -3.62
C ASP E 273 20.95 15.26 -4.81
N THR E 274 21.86 16.08 -5.31
CA THR E 274 22.60 15.75 -6.52
C THR E 274 23.77 14.82 -6.20
N MET E 275 24.23 14.78 -4.94
CA MET E 275 25.24 13.80 -4.54
C MET E 275 24.60 12.41 -4.48
N PRO E 276 25.30 11.36 -4.96
CA PRO E 276 24.83 9.98 -4.79
C PRO E 276 25.07 9.33 -3.43
N VAL E 277 26.10 9.76 -2.71
CA VAL E 277 26.45 9.14 -1.44
C VAL E 277 26.14 10.10 -0.30
N ALA E 278 25.49 9.60 0.75
CA ALA E 278 25.26 10.39 1.95
C ALA E 278 26.43 10.16 2.90
N HIS E 279 26.95 11.23 3.51
CA HIS E 279 27.99 11.10 4.52
C HIS E 279 27.39 11.59 5.83
N ILE E 280 27.51 10.78 6.88
CA ILE E 280 26.90 11.13 8.15
C ILE E 280 27.93 10.87 9.25
N ALA E 281 28.12 11.84 10.14
CA ALA E 281 28.90 11.60 11.33
C ALA E 281 28.01 11.82 12.55
N ILE E 282 28.18 10.99 13.57
CA ILE E 282 27.48 11.14 14.85
C ILE E 282 28.53 10.99 15.92
N ALA E 283 28.51 11.87 16.91
CA ALA E 283 29.55 11.83 17.91
C ALA E 283 28.95 12.27 19.24
N VAL E 284 29.52 11.78 20.33
CA VAL E 284 29.25 12.33 21.65
C VAL E 284 30.56 12.92 22.14
N GLU E 285 30.50 13.68 23.22
CA GLU E 285 31.73 14.12 23.85
C GLU E 285 32.53 12.90 24.31
N GLY E 286 33.79 12.83 23.89
CA GLY E 286 34.64 11.69 24.19
C GLY E 286 35.65 12.06 25.28
N VAL E 287 36.88 11.55 25.16
CA VAL E 287 37.83 11.55 26.25
C VAL E 287 39.10 12.28 25.82
N SER E 288 39.78 12.91 26.76
CA SER E 288 41.05 13.57 26.46
C SER E 288 42.18 12.54 26.49
N TRP E 289 43.37 12.95 26.06
CA TRP E 289 44.51 12.06 25.99
C TRP E 289 44.81 11.47 27.36
N THR E 290 44.58 12.26 28.41
CA THR E 290 45.04 11.81 29.70
C THR E 290 43.89 11.33 30.55
N SER E 291 42.70 11.23 29.95
CA SER E 291 41.60 10.64 30.69
C SER E 291 41.96 9.27 31.26
N GLU E 292 41.35 8.94 32.39
CA GLU E 292 41.44 7.59 32.92
C GLU E 292 40.62 6.61 32.07
N ASP E 293 39.75 7.13 31.21
CA ASP E 293 38.93 6.27 30.39
C ASP E 293 39.44 6.18 28.96
N TYR E 294 40.67 6.67 28.71
CA TYR E 294 41.23 6.71 27.38
C TYR E 294 41.22 5.33 26.74
N TYR E 295 41.70 4.30 27.46
CA TYR E 295 41.74 2.97 26.88
C TYR E 295 40.36 2.34 26.83
N THR E 296 39.53 2.66 27.83
CA THR E 296 38.20 2.10 27.85
C THR E 296 37.44 2.57 26.62
N ALA E 297 37.61 3.85 26.26
CA ALA E 297 36.94 4.40 25.09
C ALA E 297 37.47 3.76 23.81
N LEU E 298 38.77 3.39 23.75
CA LEU E 298 39.31 2.72 22.56
C LEU E 298 38.77 1.31 22.45
N VAL E 299 38.70 0.59 23.56
CA VAL E 299 38.09 -0.74 23.50
C VAL E 299 36.63 -0.62 23.04
N ALA E 300 35.88 0.35 23.55
CA ALA E 300 34.49 0.45 23.13
C ALA E 300 34.43 0.70 21.62
N GLN E 301 35.30 1.59 21.15
CA GLN E 301 35.33 1.90 19.74
C GLN E 301 35.64 0.65 18.91
N ALA E 302 36.51 -0.22 19.41
CA ALA E 302 36.92 -1.42 18.69
C ALA E 302 35.80 -2.45 18.61
N ILE E 303 34.91 -2.47 19.61
CA ILE E 303 33.75 -3.35 19.59
C ILE E 303 32.84 -3.00 18.40
N ILE E 304 32.68 -1.72 18.05
CA ILE E 304 31.87 -1.41 16.88
C ILE E 304 32.73 -1.59 15.63
N GLY E 305 33.90 -0.95 15.62
CA GLY E 305 34.88 -1.18 14.57
C GLY E 305 34.57 -0.48 13.25
N ASN E 306 35.26 -0.90 12.21
CA ASN E 306 35.10 -0.31 10.90
C ASN E 306 34.53 -1.33 9.93
N TYR E 307 34.06 -0.83 8.79
CA TYR E 307 33.52 -1.69 7.77
C TYR E 307 33.69 -1.00 6.44
N ASP E 308 34.00 -1.76 5.38
CA ASP E 308 34.11 -1.20 4.04
C ASP E 308 33.72 -2.27 3.04
N ARG E 309 32.68 -2.01 2.23
CA ARG E 309 32.18 -3.05 1.35
C ARG E 309 33.23 -3.44 0.30
N ALA E 310 34.19 -2.56 0.07
CA ALA E 310 35.19 -2.82 -0.96
C ALA E 310 36.26 -3.78 -0.48
N VAL E 311 36.39 -3.95 0.83
CA VAL E 311 37.42 -4.85 1.34
C VAL E 311 36.77 -6.22 1.46
N GLY E 312 37.49 -7.26 1.00
CA GLY E 312 36.93 -8.60 0.92
C GLY E 312 36.57 -9.19 2.29
N THR E 313 37.40 -8.91 3.30
CA THR E 313 37.24 -9.56 4.59
C THR E 313 36.05 -8.97 5.37
N SER E 314 35.54 -7.81 4.96
CA SER E 314 34.68 -7.04 5.84
C SER E 314 33.32 -7.72 6.06
N ARG E 315 32.89 -8.53 5.12
CA ARG E 315 31.64 -9.25 5.32
C ARG E 315 31.78 -10.33 6.38
N HIS E 316 33.00 -10.64 6.84
CA HIS E 316 33.15 -11.74 7.77
C HIS E 316 33.50 -11.26 9.18
N GLN E 317 33.60 -9.94 9.38
CA GLN E 317 34.05 -9.39 10.64
C GLN E 317 33.08 -9.74 11.77
N GLY E 318 33.62 -9.84 12.99
CA GLY E 318 32.89 -10.28 14.16
C GLY E 318 31.91 -9.24 14.73
N SER E 319 32.19 -7.96 14.49
CA SER E 319 31.37 -6.83 14.94
C SER E 319 29.92 -7.03 14.54
N ARG E 320 28.99 -6.89 15.51
CA ARG E 320 27.58 -7.03 15.22
C ARG E 320 27.09 -6.02 14.18
N LEU E 321 27.52 -4.76 14.33
CA LEU E 321 27.08 -3.71 13.43
C LEU E 321 27.55 -4.03 12.02
N SER E 322 28.78 -4.53 11.91
CA SER E 322 29.32 -4.95 10.62
C SER E 322 28.40 -5.97 9.98
N ASN E 323 27.98 -6.98 10.75
CA ASN E 323 27.11 -8.03 10.23
C ASN E 323 25.79 -7.45 9.76
N ILE E 324 25.17 -6.57 10.55
CA ILE E 324 23.86 -6.02 10.18
C ILE E 324 23.99 -5.24 8.89
N VAL E 325 25.02 -4.40 8.82
CA VAL E 325 25.21 -3.49 7.71
C VAL E 325 25.52 -4.26 6.43
N SER E 326 26.39 -5.28 6.53
CA SER E 326 26.75 -6.01 5.33
C SER E 326 25.59 -6.86 4.83
N GLU E 327 24.88 -7.55 5.74
CA GLU E 327 23.76 -8.41 5.31
C GLU E 327 22.64 -7.62 4.63
N ASN E 328 22.45 -6.38 5.07
CA ASN E 328 21.31 -5.62 4.63
C ASN E 328 21.69 -4.57 3.61
N ASN E 329 22.98 -4.53 3.22
CA ASN E 329 23.47 -3.50 2.31
C ASN E 329 23.12 -2.09 2.79
N LEU E 330 23.37 -1.80 4.05
CA LEU E 330 22.94 -0.50 4.51
C LEU E 330 23.95 0.58 4.19
N ALA E 331 25.22 0.22 3.97
CA ALA E 331 26.22 1.26 3.86
C ALA E 331 27.35 0.81 2.95
N ASN E 332 28.10 1.77 2.42
CA ASN E 332 29.33 1.46 1.72
C ASN E 332 30.42 1.31 2.76
N SER E 333 30.35 2.08 3.85
CA SER E 333 31.40 2.03 4.83
C SER E 333 30.95 2.66 6.15
N PHE E 334 31.63 2.27 7.22
CA PHE E 334 31.56 3.03 8.44
C PHE E 334 32.91 2.94 9.14
N GLN E 335 33.24 3.98 9.88
CA GLN E 335 34.53 4.08 10.56
C GLN E 335 34.25 4.64 11.95
N SER E 336 34.53 3.86 12.99
CA SER E 336 34.38 4.35 14.34
C SER E 336 35.57 5.23 14.65
N PHE E 337 35.38 6.28 15.43
CA PHE E 337 36.55 7.05 15.79
C PHE E 337 36.47 7.42 17.26
N SER E 338 37.64 7.65 17.85
CA SER E 338 37.69 8.22 19.18
C SER E 338 38.79 9.27 19.19
N THR E 339 38.46 10.49 18.82
CA THR E 339 39.40 11.60 18.69
C THR E 339 39.59 12.25 20.06
N SER E 340 40.85 12.48 20.46
CA SER E 340 41.15 13.10 21.74
C SER E 340 41.80 14.46 21.54
N TYR E 341 41.53 15.37 22.47
CA TYR E 341 42.27 16.61 22.58
C TYR E 341 42.79 16.70 23.99
N SER E 342 43.33 17.87 24.34
CA SER E 342 44.01 18.00 25.62
C SER E 342 42.97 17.99 26.74
N ASP E 343 41.78 18.50 26.48
CA ASP E 343 40.80 18.64 27.55
C ASP E 343 39.42 18.07 27.20
N THR E 344 39.28 17.44 26.04
CA THR E 344 37.99 16.91 25.60
C THR E 344 38.26 15.90 24.50
N GLY E 345 37.21 15.43 23.82
CA GLY E 345 37.33 14.52 22.69
C GLY E 345 36.00 14.39 21.96
N LEU E 346 36.00 13.74 20.80
CA LEU E 346 34.74 13.33 20.22
C LEU E 346 34.81 11.84 19.96
N TRP E 347 33.76 11.10 20.32
CA TRP E 347 33.77 9.66 20.09
C TRP E 347 32.54 9.40 19.25
N GLY E 348 32.66 8.69 18.13
CA GLY E 348 31.49 8.54 17.30
C GLY E 348 31.75 7.64 16.12
N ILE E 349 31.01 7.87 15.05
CA ILE E 349 31.11 6.98 13.91
C ILE E 349 30.87 7.84 12.68
N TYR E 350 31.55 7.49 11.59
CA TYR E 350 31.35 8.15 10.31
C TYR E 350 30.84 7.12 9.31
N LEU E 351 29.70 7.39 8.66
CA LEU E 351 29.01 6.42 7.82
C LEU E 351 28.93 6.96 6.40
N THR E 352 29.06 6.09 5.40
CA THR E 352 28.74 6.51 4.05
C THR E 352 27.80 5.48 3.43
N SER E 353 26.84 5.98 2.67
CA SER E 353 25.79 5.12 2.18
C SER E 353 25.20 5.69 0.89
N GLU E 354 24.86 4.78 -0.05
CA GLU E 354 24.10 5.11 -1.24
C GLU E 354 22.66 4.65 -1.07
N ASN E 355 22.38 3.97 0.04
CA ASN E 355 21.07 3.38 0.22
C ASN E 355 20.18 4.45 0.81
N THR E 356 19.61 5.31 -0.04
CA THR E 356 19.08 6.52 0.55
C THR E 356 17.70 6.32 1.15
N THR E 357 17.06 5.18 0.89
CA THR E 357 15.80 4.94 1.54
C THR E 357 15.98 4.12 2.82
N GLN E 358 17.21 3.76 3.16
CA GLN E 358 17.33 3.02 4.41
C GLN E 358 18.33 3.68 5.34
N ILE E 359 18.54 4.98 5.17
CA ILE E 359 19.41 5.72 6.08
C ILE E 359 18.87 5.59 7.50
N ASP E 360 17.54 5.62 7.62
CA ASP E 360 16.88 5.46 8.91
C ASP E 360 17.32 4.15 9.57
N ASP E 361 17.34 3.04 8.80
CA ASP E 361 17.76 1.75 9.34
C ASP E 361 19.22 1.79 9.74
N LEU E 362 20.05 2.37 8.87
CA LEU E 362 21.46 2.44 9.14
C LEU E 362 21.70 3.16 10.46
N VAL E 363 21.05 4.31 10.65
CA VAL E 363 21.29 5.06 11.87
C VAL E 363 20.67 4.32 13.05
N HIS E 364 19.46 3.82 12.86
CA HIS E 364 18.81 3.04 13.90
C HIS E 364 19.71 1.93 14.39
N PHE E 365 20.22 1.08 13.48
CA PHE E 365 21.00 -0.07 13.91
C PHE E 365 22.33 0.32 14.52
N THR E 366 22.95 1.38 14.01
CA THR E 366 24.16 1.87 14.62
C THR E 366 23.88 2.27 16.07
N LEU E 367 22.85 3.08 16.30
CA LEU E 367 22.72 3.55 17.67
C LEU E 367 22.27 2.43 18.61
N LYS E 368 21.57 1.42 18.07
CA LYS E 368 21.19 0.29 18.91
C LYS E 368 22.40 -0.56 19.27
N GLU E 369 23.45 -0.61 18.43
CA GLU E 369 24.70 -1.25 18.79
C GLU E 369 25.45 -0.46 19.86
N TRP E 370 25.43 0.87 19.78
CA TRP E 370 25.96 1.65 20.90
C TRP E 370 25.19 1.37 22.18
N ASN E 371 23.84 1.24 22.11
CA ASN E 371 23.08 0.98 23.33
C ASN E 371 23.64 -0.24 24.04
N ARG E 372 24.03 -1.26 23.27
CA ARG E 372 24.49 -2.52 23.83
C ARG E 372 25.81 -2.41 24.58
N LEU E 373 26.56 -1.33 24.37
CA LEU E 373 27.78 -1.12 25.13
C LEU E 373 27.41 -0.86 26.58
N SER E 374 26.19 -0.33 26.79
CA SER E 374 25.68 -0.03 28.12
C SER E 374 24.93 -1.23 28.69
N THR E 375 24.22 -1.98 27.85
CA THR E 375 23.27 -2.91 28.42
C THR E 375 23.75 -4.35 28.37
N SER E 376 24.55 -4.71 27.37
CA SER E 376 24.69 -6.12 27.00
C SER E 376 26.13 -6.61 26.94
N VAL E 377 27.12 -5.73 26.87
CA VAL E 377 28.44 -6.26 26.59
C VAL E 377 28.96 -7.05 27.77
N SER E 378 29.67 -8.12 27.43
CA SER E 378 30.21 -9.02 28.41
C SER E 378 31.69 -9.21 28.08
N ASN E 379 32.30 -10.16 28.79
CA ASN E 379 33.66 -10.54 28.51
C ASN E 379 33.86 -11.02 27.07
N LEU E 380 32.80 -11.49 26.42
CA LEU E 380 32.94 -11.97 25.06
C LEU E 380 33.43 -10.88 24.12
N GLN E 381 32.76 -9.71 24.13
CA GLN E 381 33.09 -8.67 23.17
C GLN E 381 34.33 -7.93 23.66
N VAL E 382 34.40 -7.66 24.96
CA VAL E 382 35.52 -6.92 25.53
C VAL E 382 36.83 -7.63 25.28
N GLU E 383 36.90 -8.96 25.50
CA GLU E 383 38.18 -9.62 25.34
C GLU E 383 38.57 -9.70 23.87
N ARG E 384 37.58 -9.80 23.00
CA ARG E 384 37.87 -9.87 21.59
C ARG E 384 38.46 -8.54 21.10
N ALA E 385 37.91 -7.42 21.59
CA ALA E 385 38.36 -6.09 21.20
C ALA E 385 39.74 -5.80 21.77
N LYS E 386 39.99 -6.29 22.99
CA LYS E 386 41.30 -6.09 23.58
C LYS E 386 42.37 -6.81 22.75
N SER E 387 42.08 -8.06 22.33
CA SER E 387 43.02 -8.83 21.51
C SER E 387 43.39 -8.06 20.25
N GLN E 388 42.37 -7.59 19.55
CA GLN E 388 42.50 -6.80 18.33
C GLN E 388 43.32 -5.51 18.52
N LEU E 389 43.28 -4.90 19.71
CA LEU E 389 43.88 -3.58 19.94
C LEU E 389 45.33 -3.71 20.38
N LYS E 390 45.59 -4.76 21.17
CA LYS E 390 46.92 -5.06 21.65
C LYS E 390 47.88 -5.16 20.47
N ALA E 391 47.42 -5.72 19.34
CA ALA E 391 48.22 -5.75 18.13
C ALA E 391 48.09 -4.43 17.37
N GLY E 392 46.87 -3.90 17.27
CA GLY E 392 46.58 -2.75 16.42
C GLY E 392 47.43 -1.52 16.74
N LEU E 393 47.66 -1.29 18.04
CA LEU E 393 48.42 -0.13 18.50
C LEU E 393 49.91 -0.25 18.17
N LEU E 394 50.37 -1.49 17.92
CA LEU E 394 51.74 -1.75 17.53
C LEU E 394 51.87 -1.80 16.01
N LEU E 395 50.83 -2.32 15.32
CA LEU E 395 50.83 -2.56 13.87
C LEU E 395 50.93 -1.23 13.14
N SER E 396 50.23 -0.22 13.67
CA SER E 396 50.16 1.10 13.08
C SER E 396 51.54 1.68 12.80
N LEU E 397 52.53 1.31 13.63
CA LEU E 397 53.86 1.88 13.52
C LEU E 397 54.70 1.01 12.57
N ASP E 398 54.56 1.22 11.26
CA ASP E 398 55.20 0.31 10.31
C ASP E 398 56.22 1.00 9.38
N GLY E 399 56.49 2.30 9.60
CA GLY E 399 57.51 3.02 8.86
C GLY E 399 58.07 4.17 9.69
N THR E 400 59.17 4.80 9.24
CA THR E 400 59.86 5.79 10.06
C THR E 400 58.97 7.00 10.31
N THR E 401 58.12 7.33 9.32
CA THR E 401 57.26 8.49 9.46
C THR E 401 56.18 8.21 10.50
N TYR E 402 55.68 6.96 10.53
CA TYR E 402 54.68 6.57 11.50
C TYR E 402 55.29 6.51 12.90
N VAL E 403 56.54 6.05 12.99
CA VAL E 403 57.20 5.99 14.28
C VAL E 403 57.45 7.40 14.78
N ALA E 404 57.88 8.30 13.89
CA ALA E 404 58.16 9.66 14.32
C ALA E 404 56.86 10.33 14.72
N GLU E 405 55.79 10.01 14.01
CA GLU E 405 54.51 10.64 14.31
C GLU E 405 54.03 10.14 15.66
N ASP E 406 54.37 8.90 15.99
CA ASP E 406 53.96 8.34 17.27
C ASP E 406 54.78 8.94 18.40
N ILE E 407 56.09 9.08 18.20
CA ILE E 407 56.88 9.69 19.25
C ILE E 407 56.43 11.12 19.45
N GLY E 408 56.23 11.84 18.34
CA GLY E 408 55.89 13.26 18.41
C GLY E 408 54.54 13.50 19.06
N ARG E 409 53.55 12.67 18.69
CA ARG E 409 52.21 12.80 19.23
C ARG E 409 52.26 12.53 20.73
N GLN E 410 52.81 11.39 21.12
CA GLN E 410 52.86 11.05 22.54
C GLN E 410 53.65 12.06 23.36
N LEU E 411 54.72 12.64 22.83
CA LEU E 411 55.52 13.56 23.63
C LEU E 411 54.79 14.89 23.80
N THR E 412 53.98 15.28 22.80
CA THR E 412 53.29 16.56 22.87
C THR E 412 51.91 16.47 23.52
N THR E 413 51.44 15.25 23.85
CA THR E 413 50.12 15.08 24.43
C THR E 413 50.23 14.53 25.85
N LEU E 414 51.25 13.72 26.10
CA LEU E 414 51.35 13.03 27.38
C LEU E 414 52.63 13.40 28.11
N GLY E 415 53.57 14.01 27.38
CA GLY E 415 54.83 14.43 27.97
C GLY E 415 55.88 13.33 28.00
N ARG E 416 55.51 12.13 27.53
CA ARG E 416 56.41 10.98 27.51
C ARG E 416 55.92 9.99 26.46
N ARG E 417 56.83 9.13 26.01
CA ARG E 417 56.46 8.03 25.13
C ARG E 417 56.06 6.88 26.03
N VAL E 418 54.87 6.33 25.80
CA VAL E 418 54.43 5.21 26.60
C VAL E 418 54.91 3.93 25.93
N THR E 419 55.67 3.13 26.69
CA THR E 419 56.27 1.88 26.24
C THR E 419 55.18 0.87 25.92
N PRO E 420 55.36 -0.08 24.98
CA PRO E 420 54.33 -1.08 24.69
C PRO E 420 53.92 -1.96 25.87
N ALA E 421 54.83 -2.14 26.85
CA ALA E 421 54.52 -2.91 28.04
C ALA E 421 53.49 -2.19 28.91
N GLU E 422 53.61 -0.86 29.00
CA GLU E 422 52.66 -0.05 29.76
C GLU E 422 51.32 -0.04 29.03
N VAL E 423 51.37 0.03 27.71
CA VAL E 423 50.15 0.05 26.92
C VAL E 423 49.44 -1.30 27.04
N GLU E 424 50.23 -2.38 27.14
CA GLU E 424 49.64 -3.70 27.21
C GLU E 424 48.96 -3.87 28.57
N ALA E 425 49.54 -3.27 29.61
CA ALA E 425 48.99 -3.31 30.96
C ALA E 425 47.71 -2.49 31.08
N LYS E 426 47.69 -1.30 30.47
CA LYS E 426 46.51 -0.42 30.52
C LYS E 426 45.35 -1.06 29.76
N LEU E 427 45.62 -1.73 28.63
CA LEU E 427 44.59 -2.47 27.92
C LEU E 427 44.08 -3.64 28.73
N GLU E 428 45.00 -4.34 29.40
CA GLU E 428 44.61 -5.53 30.16
C GLU E 428 43.73 -5.16 31.33
N ALA E 429 43.88 -3.93 31.81
CA ALA E 429 43.10 -3.48 32.94
C ALA E 429 41.65 -3.17 32.55
N VAL E 430 41.33 -3.06 31.25
CA VAL E 430 39.98 -2.71 30.85
C VAL E 430 39.09 -3.95 30.98
N THR E 431 38.05 -3.88 31.83
CA THR E 431 37.16 -5.01 32.00
C THR E 431 35.81 -4.73 31.34
N GLU E 432 34.93 -5.73 31.33
CA GLU E 432 33.59 -5.52 30.82
C GLU E 432 32.84 -4.52 31.70
N HIS E 433 33.15 -4.52 33.00
CA HIS E 433 32.47 -3.60 33.89
C HIS E 433 32.88 -2.17 33.55
N ASP E 434 34.17 -1.98 33.23
CA ASP E 434 34.67 -0.67 32.85
C ASP E 434 33.97 -0.14 31.59
N VAL E 435 33.82 -1.01 30.58
CA VAL E 435 33.19 -0.56 29.35
C VAL E 435 31.74 -0.20 29.63
N ARG E 436 31.01 -1.07 30.37
CA ARG E 436 29.62 -0.76 30.67
C ARG E 436 29.53 0.56 31.45
N ALA E 437 30.39 0.73 32.45
CA ALA E 437 30.30 1.93 33.26
C ALA E 437 30.58 3.17 32.42
N TRP E 438 31.56 3.07 31.51
CA TRP E 438 31.94 4.18 30.66
C TRP E 438 30.78 4.52 29.72
N ALA E 439 30.18 3.50 29.08
CA ALA E 439 29.15 3.76 28.09
C ALA E 439 27.91 4.35 28.77
N GLN E 440 27.66 3.94 30.02
CA GLN E 440 26.49 4.41 30.73
C GLN E 440 26.62 5.88 31.13
N LYS E 441 27.84 6.38 31.26
CA LYS E 441 27.99 7.80 31.58
C LYS E 441 28.30 8.65 30.35
N THR E 442 28.69 8.02 29.24
CA THR E 442 29.20 8.77 28.10
C THR E 442 28.25 8.68 26.92
N LEU E 443 27.62 7.52 26.75
CA LEU E 443 26.82 7.32 25.55
C LEU E 443 25.35 7.28 25.89
N TYR E 444 25.02 6.56 26.97
CA TYR E 444 23.64 6.19 27.19
C TYR E 444 22.80 7.43 27.42
N ASP E 445 21.77 7.67 26.58
CA ASP E 445 20.85 8.79 26.76
C ASP E 445 21.58 10.13 26.76
N LYS E 446 22.58 10.30 25.90
CA LYS E 446 23.35 11.53 25.89
C LYS E 446 23.08 12.30 24.61
N ASP E 447 23.42 13.58 24.59
CA ASP E 447 23.21 14.41 23.41
C ASP E 447 24.26 14.05 22.38
N ILE E 448 23.90 14.14 21.11
CA ILE E 448 24.87 13.81 20.08
C ILE E 448 25.11 15.06 19.25
N ALA E 449 26.23 15.10 18.57
CA ALA E 449 26.42 16.06 17.50
C ALA E 449 26.27 15.26 16.22
N LEU E 450 25.53 15.80 15.27
CA LEU E 450 25.16 15.02 14.10
C LEU E 450 25.39 15.89 12.87
N VAL E 451 26.13 15.37 11.89
CA VAL E 451 26.29 16.07 10.64
C VAL E 451 25.87 15.16 9.51
N GLY E 452 25.04 15.69 8.60
CA GLY E 452 24.61 14.91 7.45
C GLY E 452 24.92 15.70 6.19
N LEU E 453 25.49 15.02 5.19
CA LEU E 453 25.82 15.69 3.95
C LEU E 453 25.38 14.81 2.79
N GLY E 454 24.69 15.40 1.81
CA GLY E 454 24.32 14.66 0.62
C GLY E 454 22.84 14.35 0.60
N PRO E 455 22.41 13.23 -0.01
CA PRO E 455 20.99 12.91 -0.08
C PRO E 455 20.45 12.37 1.24
N ILE E 456 20.17 13.26 2.19
CA ILE E 456 19.90 12.85 3.57
C ILE E 456 18.44 13.10 3.93
N GLU E 457 17.58 13.22 2.92
CA GLU E 457 16.16 13.37 3.16
C GLU E 457 15.66 12.33 4.17
N GLY E 458 16.16 11.09 4.08
CA GLY E 458 15.74 10.01 4.95
C GLY E 458 16.40 10.04 6.32
N LEU E 459 17.25 11.02 6.59
CA LEU E 459 17.80 11.08 7.93
C LEU E 459 16.75 11.75 8.80
N TYR E 460 16.26 11.12 9.87
CA TYR E 460 15.17 11.73 10.63
C TYR E 460 15.68 12.96 11.39
N ASP E 461 14.76 13.72 11.97
CA ASP E 461 15.05 14.89 12.76
C ASP E 461 15.84 14.54 14.02
N TYR E 462 16.37 15.57 14.70
CA TYR E 462 17.25 15.38 15.84
C TYR E 462 16.62 14.46 16.89
N ASN E 463 15.37 14.71 17.29
CA ASN E 463 14.73 13.95 18.36
C ASN E 463 14.73 12.45 18.07
N ARG E 464 14.34 12.05 16.87
CA ARG E 464 14.26 10.63 16.58
C ARG E 464 15.65 10.00 16.56
N ILE E 465 16.68 10.75 16.18
CA ILE E 465 18.01 10.19 16.27
C ILE E 465 18.40 10.08 17.74
N ARG E 466 18.25 11.17 18.47
CA ARG E 466 18.62 11.16 19.87
C ARG E 466 17.80 10.16 20.70
N ASN E 467 16.57 9.84 20.30
CA ASN E 467 15.83 8.83 21.04
C ASN E 467 16.43 7.43 20.90
N ASP E 468 17.19 7.19 19.84
CA ASP E 468 17.90 5.93 19.76
C ASP E 468 19.10 5.81 20.69
N MET E 469 19.42 6.86 21.47
CA MET E 469 20.52 6.76 22.39
C MET E 469 20.13 6.04 23.68
N SER E 470 18.89 5.56 23.77
CA SER E 470 18.55 4.73 24.92
C SER E 470 17.62 3.62 24.46
N MET E 471 17.39 2.61 25.28
CA MET E 471 16.45 1.57 24.92
C MET E 471 15.34 1.59 25.95
N MET E 472 14.10 1.67 25.52
CA MET E 472 12.97 1.61 26.45
C MET E 472 12.85 0.28 27.17
N ARG E 473 13.36 -0.81 26.57
CA ARG E 473 13.28 -2.15 27.11
C ARG E 473 14.25 -2.34 28.29
N TRP E 474 15.18 -1.40 28.46
CA TRP E 474 16.19 -1.51 29.51
C TRP E 474 15.88 -0.49 30.60
N PHE F 15 68.11 -9.62 4.00
CA PHE F 15 67.27 -10.81 3.70
C PHE F 15 68.13 -12.02 3.34
N SER F 16 68.34 -12.91 4.31
CA SER F 16 69.00 -14.17 4.03
C SER F 16 68.11 -15.11 3.21
N THR F 17 68.46 -15.20 1.92
CA THR F 17 67.88 -16.12 0.96
C THR F 17 68.27 -17.55 1.34
N ALA F 18 67.25 -18.43 1.43
CA ALA F 18 67.45 -19.88 1.54
C ALA F 18 66.36 -20.65 0.79
N GLU F 19 66.35 -21.96 1.01
CA GLU F 19 65.42 -22.88 0.39
C GLU F 19 64.90 -23.84 1.44
N ALA F 20 63.58 -24.02 1.47
CA ALA F 20 62.96 -24.92 2.41
C ALA F 20 61.92 -25.75 1.65
N ALA F 21 62.20 -27.05 1.56
CA ALA F 21 61.37 -28.01 0.84
C ALA F 21 60.99 -27.48 -0.55
N GLY F 22 61.97 -26.93 -1.26
CA GLY F 22 61.78 -26.60 -2.66
C GLY F 22 61.23 -25.19 -2.86
N VAL F 23 60.94 -24.52 -1.74
CA VAL F 23 60.38 -23.18 -1.76
C VAL F 23 61.49 -22.24 -1.33
N LYS F 24 61.67 -21.17 -2.09
CA LYS F 24 62.60 -20.09 -1.78
C LYS F 24 62.05 -19.17 -0.69
N VAL F 25 62.82 -19.05 0.40
CA VAL F 25 62.41 -18.31 1.58
C VAL F 25 63.46 -17.24 1.87
N ALA F 26 63.05 -15.97 1.98
CA ALA F 26 63.94 -14.89 2.38
C ALA F 26 63.39 -14.18 3.61
N ALA F 27 64.23 -14.09 4.64
CA ALA F 27 63.82 -13.47 5.89
C ALA F 27 64.94 -12.60 6.43
N GLN F 28 64.54 -11.54 7.14
CA GLN F 28 65.41 -10.58 7.77
C GLN F 28 64.87 -10.38 9.17
N ASP F 29 65.64 -10.79 10.19
CA ASP F 29 65.23 -10.55 11.57
C ASP F 29 65.44 -9.09 11.95
N GLY F 30 64.61 -8.61 12.87
CA GLY F 30 64.61 -7.21 13.27
C GLY F 30 64.28 -7.07 14.75
N GLN F 31 64.10 -5.82 15.19
CA GLN F 31 63.80 -5.56 16.59
C GLN F 31 62.50 -4.79 16.64
N SER F 32 61.40 -5.49 16.40
CA SER F 32 60.08 -4.89 16.38
C SER F 32 59.10 -5.97 16.81
N PRO F 33 57.94 -5.61 17.39
CA PRO F 33 56.91 -6.60 17.67
C PRO F 33 56.08 -7.02 16.46
N ILE F 34 56.37 -6.45 15.28
CA ILE F 34 55.52 -6.61 14.11
C ILE F 34 56.24 -7.37 12.99
N SER F 35 55.68 -8.49 12.56
CA SER F 35 56.23 -9.24 11.45
C SER F 35 55.34 -9.12 10.23
N ASP F 36 55.96 -9.06 9.05
CA ASP F 36 55.22 -9.11 7.80
C ASP F 36 55.64 -10.36 7.06
N LEU F 37 54.70 -11.26 6.77
CA LEU F 37 54.99 -12.41 5.94
C LEU F 37 54.25 -12.24 4.61
N SER F 38 54.99 -12.33 3.50
CA SER F 38 54.42 -12.19 2.17
C SER F 38 54.71 -13.42 1.32
N VAL F 39 53.68 -13.97 0.71
CA VAL F 39 53.89 -14.96 -0.35
C VAL F 39 53.88 -14.21 -1.67
N VAL F 40 55.00 -14.28 -2.40
CA VAL F 40 55.05 -13.64 -3.71
C VAL F 40 54.91 -14.74 -4.76
N LEU F 41 53.91 -14.59 -5.64
CA LEU F 41 53.62 -15.62 -6.63
C LEU F 41 53.99 -15.09 -8.00
N ARG F 42 54.63 -15.94 -8.81
CA ARG F 42 54.89 -15.59 -10.20
C ARG F 42 53.58 -15.75 -10.95
N GLY F 43 52.70 -14.78 -10.82
CA GLY F 43 51.36 -14.98 -11.33
C GLY F 43 50.76 -13.66 -11.74
N GLY F 44 51.63 -12.67 -11.97
CA GLY F 44 51.11 -11.36 -12.36
C GLY F 44 50.43 -11.39 -13.72
N SER F 45 50.02 -10.24 -14.20
CA SER F 45 49.17 -10.18 -15.38
C SER F 45 49.93 -10.54 -16.66
N ARG F 46 51.26 -10.48 -16.66
CA ARG F 46 52.00 -10.80 -17.87
C ARG F 46 51.94 -12.32 -18.10
N TYR F 47 51.51 -13.06 -17.08
CA TYR F 47 51.42 -14.51 -17.19
C TYR F 47 49.97 -14.93 -17.38
N ALA F 48 49.05 -13.97 -17.29
CA ALA F 48 47.62 -14.27 -17.26
C ALA F 48 47.19 -15.03 -18.51
N THR F 49 46.64 -16.23 -18.29
CA THR F 49 46.07 -17.06 -19.35
C THR F 49 44.93 -16.32 -20.07
N VAL F 50 43.92 -15.85 -19.32
CA VAL F 50 42.84 -15.04 -19.84
C VAL F 50 42.91 -13.65 -19.17
N PRO F 51 42.44 -12.57 -19.83
CA PRO F 51 42.50 -11.23 -19.24
C PRO F 51 41.77 -11.12 -17.90
N GLY F 52 42.53 -10.71 -16.88
CA GLY F 52 41.95 -10.37 -15.59
C GLY F 52 42.12 -11.50 -14.59
N VAL F 53 42.69 -12.62 -15.04
CA VAL F 53 42.66 -13.80 -14.18
C VAL F 53 43.60 -13.64 -12.97
N SER F 54 44.66 -12.86 -13.11
CA SER F 54 45.61 -12.73 -12.02
C SER F 54 44.99 -11.84 -10.94
N HIS F 55 44.21 -10.83 -11.34
CA HIS F 55 43.44 -10.02 -10.40
C HIS F 55 42.41 -10.86 -9.64
N ILE F 56 41.68 -11.73 -10.36
CA ILE F 56 40.70 -12.62 -9.75
C ILE F 56 41.39 -13.61 -8.81
N LEU F 57 42.52 -14.18 -9.20
CA LEU F 57 43.20 -15.12 -8.31
C LEU F 57 43.65 -14.43 -7.03
N GLU F 58 44.10 -13.18 -7.14
CA GLU F 58 44.51 -12.39 -5.99
C GLU F 58 43.33 -12.20 -5.05
N LYS F 59 42.17 -11.84 -5.62
CA LYS F 59 40.96 -11.67 -4.83
C LYS F 59 40.38 -12.98 -4.31
N PHE F 60 40.80 -14.12 -4.86
CA PHE F 60 40.35 -15.42 -4.37
C PHE F 60 41.24 -15.94 -3.24
N ALA F 61 42.24 -15.15 -2.81
CA ALA F 61 43.06 -15.65 -1.72
C ALA F 61 42.30 -15.46 -0.41
N PHE F 62 42.46 -16.42 0.51
CA PHE F 62 41.79 -16.40 1.79
C PHE F 62 40.27 -16.46 1.65
N GLN F 63 39.81 -17.12 0.59
CA GLN F 63 38.43 -17.58 0.50
C GLN F 63 38.36 -18.93 1.19
N ASN F 64 37.33 -19.73 0.91
CA ASN F 64 37.16 -20.97 1.65
C ASN F 64 38.26 -21.95 1.26
N THR F 65 38.97 -22.44 2.26
CA THR F 65 39.83 -23.58 2.01
C THR F 65 39.15 -24.80 2.61
N VAL F 66 39.71 -25.97 2.36
CA VAL F 66 39.14 -27.19 2.90
C VAL F 66 39.34 -27.25 4.42
N PRO F 67 40.53 -26.94 4.97
CA PRO F 67 40.70 -26.91 6.43
C PRO F 67 40.03 -25.75 7.17
N LYS F 68 39.83 -24.61 6.50
CA LYS F 68 39.40 -23.42 7.23
C LYS F 68 38.60 -22.52 6.30
N SER F 69 37.40 -22.12 6.73
CA SER F 69 36.54 -21.28 5.90
C SER F 69 37.05 -19.85 5.91
N ALA F 70 36.67 -19.06 4.89
CA ALA F 70 36.98 -17.65 4.86
C ALA F 70 36.50 -16.96 6.14
N LEU F 71 35.30 -17.35 6.59
CA LEU F 71 34.72 -16.74 7.77
C LEU F 71 35.58 -17.10 8.98
N ARG F 72 35.92 -18.37 9.13
CA ARG F 72 36.70 -18.71 10.30
C ARG F 72 38.07 -18.03 10.27
N PHE F 73 38.67 -17.90 9.08
CA PHE F 73 39.95 -17.23 8.96
C PHE F 73 39.86 -15.78 9.44
N VAL F 74 38.88 -15.03 8.94
CA VAL F 74 38.74 -13.64 9.31
C VAL F 74 38.47 -13.51 10.80
N ARG F 75 37.66 -14.39 11.39
CA ARG F 75 37.38 -14.24 12.81
C ARG F 75 38.63 -14.53 13.65
N GLU F 76 39.49 -15.41 13.16
CA GLU F 76 40.67 -15.75 13.96
C GLU F 76 41.75 -14.72 13.73
N LEU F 77 41.83 -14.17 12.52
CA LEU F 77 42.75 -13.10 12.23
C LEU F 77 42.48 -11.87 13.11
N GLU F 78 41.20 -11.63 13.44
CA GLU F 78 40.82 -10.53 14.32
C GLU F 78 41.24 -10.82 15.76
N LEU F 79 41.31 -12.10 16.15
CA LEU F 79 41.77 -12.46 17.49
C LEU F 79 43.28 -12.27 17.64
N PHE F 80 44.01 -12.29 16.53
CA PHE F 80 45.44 -12.05 16.55
C PHE F 80 45.73 -10.58 16.27
N GLY F 81 44.68 -9.86 15.88
CA GLY F 81 44.80 -8.50 15.41
C GLY F 81 45.69 -8.38 14.16
N GLY F 82 45.84 -9.47 13.39
CA GLY F 82 46.57 -9.39 12.14
C GLY F 82 45.81 -8.61 11.05
N LYS F 83 46.53 -8.26 10.00
CA LYS F 83 45.91 -7.65 8.82
C LYS F 83 46.34 -8.43 7.60
N LEU F 84 45.56 -8.30 6.54
CA LEU F 84 45.78 -8.95 5.26
C LEU F 84 45.87 -7.89 4.18
N TYR F 85 46.86 -8.00 3.31
CA TYR F 85 46.96 -7.08 2.19
C TYR F 85 47.28 -7.92 0.96
N THR F 86 46.58 -7.67 -0.13
CA THR F 86 46.87 -8.40 -1.35
C THR F 86 46.93 -7.40 -2.50
N HIS F 87 47.83 -7.62 -3.46
CA HIS F 87 47.74 -6.85 -4.69
C HIS F 87 48.32 -7.66 -5.84
N THR F 88 47.99 -7.24 -7.06
CA THR F 88 48.47 -7.85 -8.29
C THR F 88 49.33 -6.81 -9.01
N THR F 89 50.45 -7.26 -9.58
CA THR F 89 51.24 -6.41 -10.46
C THR F 89 51.28 -7.05 -11.85
N ARG F 90 52.17 -6.57 -12.70
CA ARG F 90 52.31 -7.18 -14.01
C ARG F 90 53.15 -8.43 -13.87
N GLU F 91 53.92 -8.50 -12.78
CA GLU F 91 54.86 -9.57 -12.59
C GLU F 91 54.42 -10.53 -11.49
N HIS F 92 53.81 -10.02 -10.41
CA HIS F 92 53.52 -10.88 -9.27
C HIS F 92 52.11 -10.71 -8.76
N ILE F 93 51.66 -11.69 -7.97
CA ILE F 93 50.58 -11.51 -7.02
C ILE F 93 51.26 -11.55 -5.66
N VAL F 94 50.91 -10.57 -4.82
CA VAL F 94 51.52 -10.49 -3.50
C VAL F 94 50.42 -10.61 -2.46
N LEU F 95 50.63 -11.49 -1.49
CA LEU F 95 49.69 -11.72 -0.41
C LEU F 95 50.47 -11.48 0.86
N ARG F 96 50.11 -10.45 1.60
CA ARG F 96 50.93 -10.08 2.73
C ARG F 96 50.09 -10.14 4.00
N THR F 97 50.66 -10.70 5.06
CA THR F 97 50.01 -10.59 6.36
C THR F 97 50.90 -9.84 7.33
N GLN F 98 50.29 -9.01 8.16
CA GLN F 98 51.03 -8.28 9.18
C GLN F 98 50.51 -8.74 10.54
N PHE F 99 51.39 -9.15 11.45
CA PHE F 99 50.92 -9.74 12.71
C PHE F 99 51.99 -9.51 13.76
N LEU F 100 51.73 -9.99 14.98
CA LEU F 100 52.74 -9.95 16.03
C LEU F 100 53.69 -11.13 15.84
N LYS F 101 54.97 -10.92 16.18
CA LYS F 101 56.06 -11.82 15.82
C LYS F 101 55.69 -13.24 16.22
N GLN F 102 55.17 -13.38 17.44
CA GLN F 102 54.95 -14.69 18.05
C GLN F 102 53.95 -15.54 17.28
N ASP F 103 53.06 -14.91 16.50
CA ASP F 103 51.98 -15.65 15.84
C ASP F 103 52.39 -16.19 14.47
N LEU F 104 53.71 -16.28 14.22
CA LEU F 104 54.23 -16.71 12.92
C LEU F 104 53.68 -18.06 12.47
N PRO F 105 53.68 -19.14 13.29
CA PRO F 105 53.21 -20.45 12.83
C PRO F 105 51.81 -20.47 12.23
N TYR F 106 50.88 -19.72 12.83
CA TYR F 106 49.53 -19.58 12.33
C TYR F 106 49.54 -19.04 10.88
N PHE F 107 50.31 -17.98 10.63
CA PHE F 107 50.31 -17.34 9.33
C PHE F 107 50.96 -18.21 8.26
N VAL F 108 51.97 -18.96 8.64
CA VAL F 108 52.61 -19.85 7.68
C VAL F 108 51.58 -20.90 7.26
N ASP F 109 50.88 -21.46 8.24
CA ASP F 109 49.90 -22.51 7.99
C ASP F 109 48.73 -21.99 7.17
N ALA F 110 48.37 -20.71 7.33
CA ALA F 110 47.26 -20.13 6.61
C ALA F 110 47.60 -20.01 5.13
N PHE F 111 48.84 -19.58 4.85
CA PHE F 111 49.34 -19.50 3.49
C PHE F 111 49.39 -20.89 2.87
N ALA F 112 49.83 -21.87 3.64
CA ALA F 112 49.85 -23.24 3.13
C ALA F 112 48.45 -23.69 2.74
N ASN F 113 47.42 -23.36 3.55
CA ASN F 113 46.06 -23.77 3.24
C ASN F 113 45.56 -23.13 1.96
N VAL F 114 45.96 -21.87 1.73
CA VAL F 114 45.47 -21.14 0.57
C VAL F 114 46.07 -21.73 -0.70
N LEU F 115 47.33 -22.18 -0.64
CA LEU F 115 48.07 -22.61 -1.83
C LEU F 115 47.71 -24.05 -2.17
N LYS F 116 47.42 -24.86 -1.13
CA LYS F 116 47.18 -26.27 -1.29
C LYS F 116 45.70 -26.62 -1.44
N GLU F 117 44.80 -25.87 -0.77
CA GLU F 117 43.48 -26.39 -0.46
C GLU F 117 42.33 -25.39 -0.71
N THR F 118 42.53 -24.39 -1.56
CA THR F 118 41.46 -23.45 -1.85
C THR F 118 40.38 -24.15 -2.68
N LYS F 119 39.15 -24.18 -2.15
CA LYS F 119 37.97 -24.68 -2.85
C LYS F 119 37.51 -23.53 -3.73
N PHE F 120 37.74 -23.60 -5.04
CA PHE F 120 37.33 -22.44 -5.81
C PHE F 120 35.87 -22.64 -6.18
N GLN F 121 34.96 -22.07 -5.40
CA GLN F 121 33.53 -22.36 -5.57
C GLN F 121 32.90 -21.27 -6.40
N GLN F 122 31.95 -21.66 -7.24
CA GLN F 122 31.34 -20.71 -8.16
C GLN F 122 30.63 -19.58 -7.41
N PHE F 123 29.98 -19.88 -6.28
CA PHE F 123 29.28 -18.82 -5.57
C PHE F 123 30.27 -17.77 -5.05
N GLU F 124 31.49 -18.18 -4.63
CA GLU F 124 32.48 -17.22 -4.14
C GLU F 124 32.86 -16.28 -5.28
N LEU F 125 33.03 -16.85 -6.49
CA LEU F 125 33.35 -16.02 -7.62
C LEU F 125 32.22 -15.02 -7.90
N THR F 126 30.97 -15.47 -7.94
CA THR F 126 29.87 -14.58 -8.30
C THR F 126 29.57 -13.55 -7.22
N GLU F 127 29.59 -13.98 -5.95
CA GLU F 127 29.04 -13.14 -4.90
C GLU F 127 30.13 -12.38 -4.17
N ARG F 128 31.33 -12.94 -4.10
CA ARG F 128 32.34 -12.37 -3.22
C ARG F 128 33.47 -11.77 -4.04
N VAL F 129 34.12 -12.62 -4.85
CA VAL F 129 35.38 -12.29 -5.47
C VAL F 129 35.17 -11.27 -6.60
N ALA F 130 34.32 -11.60 -7.56
CA ALA F 130 34.20 -10.71 -8.71
C ALA F 130 33.68 -9.32 -8.33
N PRO F 131 32.65 -9.16 -7.46
CA PRO F 131 32.19 -7.83 -7.06
C PRO F 131 33.24 -6.95 -6.37
N VAL F 132 34.09 -7.59 -5.58
CA VAL F 132 35.19 -6.91 -4.90
C VAL F 132 36.23 -6.50 -5.92
N ALA F 133 36.57 -7.39 -6.86
CA ALA F 133 37.51 -7.05 -7.93
C ALA F 133 36.97 -5.86 -8.72
N GLU F 134 35.64 -5.76 -8.87
CA GLU F 134 35.09 -4.67 -9.68
C GLU F 134 35.15 -3.33 -8.94
N LEU F 135 34.93 -3.35 -7.63
CA LEU F 135 35.07 -2.13 -6.84
C LEU F 135 36.54 -1.70 -6.74
N ASP F 136 37.47 -2.68 -6.72
CA ASP F 136 38.89 -2.40 -6.68
C ASP F 136 39.27 -1.58 -7.90
N LEU F 137 38.81 -2.03 -9.08
CA LEU F 137 39.15 -1.36 -10.31
C LEU F 137 38.52 0.03 -10.37
N LEU F 138 37.24 0.14 -9.98
CA LEU F 138 36.57 1.43 -10.04
C LEU F 138 37.24 2.45 -9.14
N LYS F 139 37.78 2.01 -8.01
CA LYS F 139 38.47 2.92 -7.11
C LYS F 139 39.74 3.44 -7.75
N ARG F 140 40.46 2.55 -8.45
CA ARG F 140 41.70 2.94 -9.07
C ARG F 140 41.45 3.92 -10.23
N GLU F 141 40.37 3.68 -10.97
CA GLU F 141 40.10 4.44 -12.18
C GLU F 141 39.54 5.81 -11.84
N SER F 142 39.20 6.04 -10.56
CA SER F 142 38.75 7.36 -10.15
C SER F 142 39.84 8.39 -10.46
N ASP F 143 41.10 7.95 -10.39
CA ASP F 143 42.26 8.71 -10.79
C ASP F 143 42.49 8.54 -12.29
N PRO F 144 42.32 9.59 -13.13
CA PRO F 144 42.54 9.46 -14.57
C PRO F 144 43.99 9.16 -14.94
N ALA F 145 44.93 9.44 -14.04
CA ALA F 145 46.33 9.19 -14.32
C ALA F 145 46.63 7.68 -14.30
N PHE F 146 45.88 6.94 -13.46
CA PHE F 146 46.02 5.50 -13.36
C PHE F 146 45.61 4.89 -14.70
N THR F 147 44.41 5.29 -15.15
CA THR F 147 43.85 4.91 -16.44
C THR F 147 44.85 5.18 -17.56
N ALA F 148 45.44 6.40 -17.60
CA ALA F 148 46.35 6.77 -18.67
C ALA F 148 47.59 5.89 -18.67
N LEU F 149 48.12 5.56 -17.49
CA LEU F 149 49.34 4.79 -17.51
C LEU F 149 49.06 3.32 -17.85
N GLU F 150 47.87 2.83 -17.47
CA GLU F 150 47.44 1.49 -17.84
C GLU F 150 47.24 1.41 -19.36
N ALA F 151 46.55 2.41 -19.93
CA ALA F 151 46.33 2.47 -21.36
C ALA F 151 47.66 2.46 -22.11
N ALA F 152 48.66 3.15 -21.54
CA ALA F 152 49.94 3.30 -22.23
C ALA F 152 50.66 1.96 -22.29
N HIS F 153 50.56 1.16 -21.24
CA HIS F 153 51.19 -0.14 -21.30
C HIS F 153 50.50 -1.03 -22.32
N GLU F 154 49.21 -0.78 -22.56
CA GLU F 154 48.43 -1.66 -23.42
C GLU F 154 48.84 -1.43 -24.87
N VAL F 155 49.02 -0.14 -25.23
CA VAL F 155 49.51 0.28 -26.53
C VAL F 155 50.95 -0.16 -26.76
N ALA F 156 51.77 -0.10 -25.72
CA ALA F 156 53.20 -0.28 -25.92
C ALA F 156 53.53 -1.76 -26.08
N PHE F 157 52.78 -2.64 -25.41
CA PHE F 157 53.21 -4.02 -25.37
C PHE F 157 52.19 -4.97 -25.99
N ARG F 158 50.93 -4.52 -26.09
CA ARG F 158 49.81 -5.29 -26.64
C ARG F 158 49.43 -6.49 -25.77
N THR F 159 50.30 -7.49 -25.67
CA THR F 159 50.03 -8.64 -24.82
C THR F 159 51.13 -8.72 -23.77
N GLY F 160 51.09 -9.73 -22.91
CA GLY F 160 52.11 -9.89 -21.88
C GLY F 160 52.05 -8.72 -20.90
N LEU F 161 53.03 -7.83 -21.01
CA LEU F 161 53.02 -6.60 -20.24
C LEU F 161 51.87 -5.71 -20.68
N GLY F 162 51.30 -5.99 -21.84
CA GLY F 162 50.21 -5.17 -22.32
C GLY F 162 48.86 -5.66 -21.83
N ASN F 163 48.80 -6.87 -21.23
CA ASN F 163 47.54 -7.35 -20.66
C ASN F 163 47.10 -6.40 -19.55
N SER F 164 45.79 -6.24 -19.38
CA SER F 164 45.32 -5.43 -18.25
C SER F 164 45.64 -6.16 -16.96
N VAL F 165 45.96 -5.38 -15.92
CA VAL F 165 46.31 -5.95 -14.63
C VAL F 165 45.02 -6.40 -13.97
N TYR F 166 43.94 -5.67 -14.25
CA TYR F 166 42.74 -5.77 -13.46
C TYR F 166 41.67 -6.41 -14.33
N ALA F 167 40.75 -7.09 -13.65
CA ALA F 167 39.60 -7.70 -14.30
C ALA F 167 38.62 -6.62 -14.75
N GLN F 168 38.22 -6.71 -16.02
CA GLN F 168 37.25 -5.77 -16.56
C GLN F 168 35.97 -6.49 -16.98
N GLY F 169 34.90 -5.71 -17.12
CA GLY F 169 33.55 -6.23 -17.27
C GLY F 169 33.31 -6.79 -18.66
N TYR F 170 34.04 -6.24 -19.64
CA TYR F 170 33.83 -6.60 -21.04
C TYR F 170 34.33 -8.02 -21.30
N SER F 171 35.34 -8.48 -20.55
CA SER F 171 35.89 -9.82 -20.71
C SER F 171 35.81 -10.57 -19.39
N PRO F 172 34.78 -11.42 -19.21
CA PRO F 172 34.53 -12.08 -17.92
C PRO F 172 35.44 -13.28 -17.68
N VAL F 173 35.93 -13.39 -16.44
CA VAL F 173 36.75 -14.52 -16.03
C VAL F 173 35.81 -15.56 -15.44
N THR F 174 35.99 -16.82 -15.84
CA THR F 174 35.15 -17.90 -15.37
C THR F 174 35.86 -18.69 -14.29
N LEU F 175 35.11 -19.56 -13.63
CA LEU F 175 35.67 -20.31 -12.53
C LEU F 175 36.68 -21.32 -13.07
N GLU F 176 36.51 -21.72 -14.34
CA GLU F 176 37.45 -22.69 -14.89
C GLU F 176 38.76 -22.02 -15.24
N ASP F 177 38.67 -20.78 -15.77
CA ASP F 177 39.82 -19.92 -15.99
C ASP F 177 40.62 -19.74 -14.71
N VAL F 178 39.96 -19.37 -13.61
CA VAL F 178 40.70 -19.12 -12.39
C VAL F 178 41.29 -20.42 -11.86
N LYS F 179 40.55 -21.53 -11.98
CA LYS F 179 41.00 -22.79 -11.42
C LYS F 179 42.24 -23.29 -12.16
N GLU F 180 42.27 -23.10 -13.49
CA GLU F 180 43.39 -23.53 -14.32
C GLU F 180 44.64 -22.72 -14.00
N PHE F 181 44.47 -21.39 -13.96
CA PHE F 181 45.58 -20.52 -13.64
C PHE F 181 46.14 -20.86 -12.27
N ALA F 182 45.26 -21.09 -11.30
CA ALA F 182 45.75 -21.38 -9.97
C ALA F 182 46.50 -22.71 -9.92
N ARG F 183 46.16 -23.64 -10.83
CA ARG F 183 46.81 -24.95 -10.86
C ARG F 183 48.26 -24.76 -11.29
N GLN F 184 48.49 -23.81 -12.21
CA GLN F 184 49.82 -23.43 -12.65
C GLN F 184 50.57 -22.64 -11.57
N VAL F 185 49.94 -21.59 -11.05
CA VAL F 185 50.62 -20.64 -10.17
C VAL F 185 50.86 -21.25 -8.79
N TYR F 186 49.88 -21.96 -8.23
CA TYR F 186 50.06 -22.36 -6.85
C TYR F 186 50.94 -23.61 -6.78
N ALA F 187 52.25 -23.45 -6.99
CA ALA F 187 53.18 -24.55 -7.17
C ALA F 187 54.53 -24.13 -6.59
N LYS F 188 55.35 -25.08 -6.13
CA LYS F 188 56.63 -24.72 -5.51
C LYS F 188 57.49 -23.83 -6.41
N GLN F 189 57.30 -23.95 -7.72
CA GLN F 189 58.17 -23.29 -8.67
C GLN F 189 57.79 -21.83 -8.84
N ASN F 190 56.62 -21.45 -8.32
CA ASN F 190 56.15 -20.11 -8.60
C ASN F 190 55.93 -19.32 -7.32
N VAL F 191 56.49 -19.82 -6.21
CA VAL F 191 56.15 -19.28 -4.91
C VAL F 191 57.45 -18.92 -4.22
N ALA F 192 57.49 -17.69 -3.70
CA ALA F 192 58.57 -17.22 -2.84
C ALA F 192 57.96 -16.64 -1.57
N VAL F 193 58.54 -17.01 -0.42
CA VAL F 193 58.09 -16.50 0.86
C VAL F 193 59.10 -15.46 1.35
N VAL F 194 58.60 -14.28 1.74
CA VAL F 194 59.42 -13.17 2.20
C VAL F 194 58.93 -12.72 3.57
N GLY F 195 59.80 -12.86 4.59
CA GLY F 195 59.51 -12.51 5.97
C GLY F 195 60.33 -11.32 6.47
N ASN F 196 59.66 -10.17 6.65
CA ASN F 196 60.21 -8.99 7.30
C ASN F 196 60.00 -9.05 8.81
N ASN F 197 61.12 -8.97 9.56
CA ASN F 197 61.17 -9.08 11.02
C ASN F 197 60.73 -10.48 11.44
N VAL F 198 61.27 -11.47 10.73
CA VAL F 198 60.98 -12.86 11.01
C VAL F 198 62.34 -13.53 11.21
N VAL F 199 62.49 -14.33 12.26
CA VAL F 199 63.75 -15.02 12.48
C VAL F 199 63.96 -16.02 11.35
N PRO F 200 65.03 -15.89 10.52
CA PRO F 200 65.15 -16.72 9.32
C PRO F 200 65.21 -18.23 9.54
N ALA F 201 65.73 -18.68 10.67
CA ALA F 201 65.82 -20.11 10.89
C ALA F 201 64.46 -20.71 11.22
N ASP F 202 63.62 -19.91 11.88
CA ASP F 202 62.31 -20.32 12.34
C ASP F 202 61.36 -20.40 11.16
N LEU F 203 61.51 -19.46 10.22
CA LEU F 203 60.67 -19.44 9.04
C LEU F 203 60.95 -20.65 8.18
N GLN F 204 62.25 -20.98 7.99
CA GLN F 204 62.63 -22.08 7.12
C GLN F 204 62.07 -23.40 7.66
N GLN F 205 62.06 -23.55 8.98
CA GLN F 205 61.55 -24.75 9.62
C GLN F 205 60.03 -24.87 9.40
N LEU F 206 59.33 -23.73 9.40
CA LEU F 206 57.88 -23.78 9.34
C LEU F 206 57.44 -23.94 7.90
N VAL F 207 58.11 -23.25 6.97
CA VAL F 207 57.76 -23.35 5.57
C VAL F 207 58.09 -24.75 5.08
N GLY F 208 59.10 -25.36 5.71
CA GLY F 208 59.56 -26.67 5.31
C GLY F 208 58.56 -27.76 5.67
N THR F 209 57.71 -27.48 6.66
CA THR F 209 56.78 -28.49 7.11
C THR F 209 55.40 -28.23 6.48
N ALA F 210 55.12 -26.96 6.21
CA ALA F 210 53.79 -26.55 5.78
C ALA F 210 53.66 -26.61 4.26
N PHE F 211 54.74 -26.30 3.54
CA PHE F 211 54.67 -26.28 2.10
C PHE F 211 55.36 -27.49 1.50
N ALA F 212 55.40 -28.62 2.23
CA ALA F 212 56.08 -29.81 1.76
C ALA F 212 55.26 -30.55 0.70
N ASP F 213 53.93 -30.50 0.84
CA ASP F 213 53.01 -31.25 0.01
C ASP F 213 52.43 -30.39 -1.11
N LEU F 214 53.00 -29.19 -1.28
CA LEU F 214 52.61 -28.33 -2.38
C LEU F 214 53.14 -28.95 -3.66
N GLN F 215 52.37 -28.90 -4.76
CA GLN F 215 52.87 -29.44 -6.02
C GLN F 215 54.21 -28.80 -6.33
N GLU F 216 55.02 -29.50 -7.12
CA GLU F 216 56.22 -28.86 -7.64
C GLU F 216 55.87 -27.96 -8.82
N GLY F 217 55.07 -28.46 -9.76
CA GLY F 217 54.60 -27.68 -10.90
C GLY F 217 55.75 -27.30 -11.82
N SER F 218 55.53 -26.30 -12.66
CA SER F 218 56.57 -25.76 -13.52
C SER F 218 56.51 -24.23 -13.49
N LYS F 219 57.61 -23.59 -13.89
CA LYS F 219 57.64 -22.15 -14.03
C LYS F 219 56.59 -21.70 -15.05
N VAL F 220 55.74 -20.80 -14.58
CA VAL F 220 54.80 -20.08 -15.42
C VAL F 220 55.59 -19.19 -16.37
N THR F 221 55.13 -19.11 -17.62
CA THR F 221 55.85 -18.33 -18.62
C THR F 221 54.86 -17.43 -19.35
N GLN F 222 55.42 -16.36 -19.92
CA GLN F 222 54.69 -15.41 -20.73
C GLN F 222 54.44 -16.12 -22.06
N ALA F 223 53.18 -16.25 -22.45
CA ALA F 223 52.88 -16.73 -23.78
C ALA F 223 53.29 -15.66 -24.79
N GLY F 224 54.42 -15.93 -25.47
CA GLY F 224 54.94 -15.05 -26.50
C GLY F 224 56.00 -14.11 -25.96
N THR F 225 56.91 -13.68 -26.84
CA THR F 225 57.97 -12.78 -26.43
C THR F 225 57.48 -11.35 -26.42
N THR F 226 58.14 -10.52 -25.62
CA THR F 226 57.79 -9.12 -25.47
C THR F 226 58.11 -8.36 -26.75
N THR F 227 57.07 -7.78 -27.35
CA THR F 227 57.21 -6.96 -28.54
C THR F 227 56.81 -5.52 -28.21
N LEU F 228 57.56 -4.55 -28.73
CA LEU F 228 57.32 -3.14 -28.47
C LEU F 228 56.63 -2.53 -29.67
N HIS F 229 55.74 -1.59 -29.40
CA HIS F 229 54.93 -0.94 -30.42
C HIS F 229 54.72 0.50 -29.95
N GLY F 230 54.49 1.41 -30.90
CA GLY F 230 54.11 2.77 -30.57
C GLY F 230 52.62 2.96 -30.84
N GLY F 231 52.10 4.17 -30.63
CA GLY F 231 50.69 4.35 -30.91
C GLY F 231 50.01 5.40 -30.04
N GLU F 232 48.67 5.33 -30.01
CA GLU F 232 47.83 6.22 -29.23
C GLU F 232 46.65 5.44 -28.65
N ALA F 233 46.25 5.83 -27.45
CA ALA F 233 45.03 5.35 -26.85
C ALA F 233 44.23 6.56 -26.40
N ARG F 234 42.91 6.51 -26.63
CA ARG F 234 42.05 7.66 -26.39
C ARG F 234 40.82 7.25 -25.58
N VAL F 235 41.05 7.06 -24.29
CA VAL F 235 40.02 6.62 -23.37
C VAL F 235 39.13 7.80 -23.01
N ARG F 236 37.96 7.90 -23.63
CA ARG F 236 37.04 8.99 -23.37
C ARG F 236 36.27 8.73 -22.07
N THR F 237 36.57 9.54 -21.04
CA THR F 237 35.84 9.53 -19.78
C THR F 237 35.22 10.90 -19.56
N SER F 238 34.40 11.05 -18.52
CA SER F 238 33.88 12.34 -18.10
C SER F 238 34.41 12.72 -16.71
N THR F 239 35.30 11.88 -16.18
CA THR F 239 35.73 11.95 -14.79
C THR F 239 37.23 12.24 -14.70
N GLY F 240 37.62 13.42 -15.20
CA GLY F 240 38.97 13.93 -15.07
C GLY F 240 39.77 13.72 -16.34
N ASN F 241 40.92 14.42 -16.44
CA ASN F 241 41.72 14.46 -17.64
C ASN F 241 43.16 14.08 -17.31
N ALA F 242 43.78 13.28 -18.18
CA ALA F 242 45.18 12.94 -17.97
C ALA F 242 45.80 12.59 -19.31
N LEU F 243 47.14 12.55 -19.32
CA LEU F 243 47.90 12.23 -20.52
C LEU F 243 49.20 11.55 -20.13
N THR F 244 49.43 10.35 -20.67
CA THR F 244 50.71 9.70 -20.50
C THR F 244 51.51 9.76 -21.79
N ILE F 245 52.79 10.10 -21.69
CA ILE F 245 53.68 10.04 -22.82
C ILE F 245 54.68 8.94 -22.53
N ALA F 246 54.52 7.78 -23.14
CA ALA F 246 55.41 6.70 -22.73
C ALA F 246 56.42 6.43 -23.85
N LEU F 247 57.60 5.92 -23.49
CA LEU F 247 58.57 5.51 -24.49
C LEU F 247 59.03 4.10 -24.13
N PRO F 248 58.59 3.07 -24.89
CA PRO F 248 59.03 1.70 -24.62
C PRO F 248 60.54 1.56 -24.76
N ILE F 249 61.16 0.80 -23.84
CA ILE F 249 62.61 0.62 -23.83
C ILE F 249 62.85 -0.85 -24.11
N ALA F 250 63.69 -1.15 -25.10
CA ALA F 250 64.00 -2.53 -25.45
C ALA F 250 65.09 -3.10 -24.54
N GLU F 251 66.04 -2.24 -24.13
CA GLU F 251 67.11 -2.63 -23.23
C GLU F 251 66.96 -1.86 -21.92
N PRO F 252 66.31 -2.46 -20.90
CA PRO F 252 66.20 -1.82 -19.58
C PRO F 252 67.60 -1.62 -19.00
N LYS F 253 67.90 -0.37 -18.61
CA LYS F 253 69.17 0.02 -18.03
C LYS F 253 68.88 0.84 -16.77
N PRO F 254 69.72 0.74 -15.70
CA PRO F 254 69.44 1.44 -14.44
C PRO F 254 69.48 2.96 -14.51
N VAL F 255 70.07 3.48 -15.59
CA VAL F 255 70.17 4.92 -15.77
C VAL F 255 68.78 5.55 -15.89
N TYR F 256 67.76 4.78 -16.29
CA TYR F 256 66.43 5.38 -16.49
C TYR F 256 65.77 5.75 -15.15
N HIS F 257 66.17 5.07 -14.07
CA HIS F 257 65.77 5.46 -12.71
C HIS F 257 66.29 6.85 -12.40
N ALA F 258 67.59 7.08 -12.63
CA ALA F 258 68.17 8.39 -12.39
C ALA F 258 67.46 9.43 -13.27
N LEU F 259 67.21 9.07 -14.52
CA LEU F 259 66.56 10.04 -15.38
C LEU F 259 65.13 10.35 -14.91
N ALA F 260 64.39 9.34 -14.45
CA ALA F 260 63.03 9.55 -13.98
C ALA F 260 63.01 10.49 -12.78
N SER F 261 63.99 10.29 -11.88
CA SER F 261 64.04 11.08 -10.65
C SER F 261 64.52 12.49 -10.95
N PHE F 262 65.50 12.63 -11.85
CA PHE F 262 65.94 13.93 -12.33
C PHE F 262 64.76 14.73 -12.91
N LEU F 263 64.12 14.21 -13.95
CA LEU F 263 63.01 14.92 -14.57
C LEU F 263 61.95 15.22 -13.53
N GLY F 264 61.76 14.28 -12.61
CA GLY F 264 60.95 14.47 -11.43
C GLY F 264 59.49 14.72 -11.77
N GLY F 265 58.95 15.81 -11.22
CA GLY F 265 57.57 16.20 -11.45
C GLY F 265 56.83 16.59 -10.17
N PRO F 266 56.79 15.71 -9.14
CA PRO F 266 56.18 16.07 -7.85
C PRO F 266 57.10 16.99 -7.06
N ALA F 267 56.49 17.76 -6.15
CA ALA F 267 57.20 18.72 -5.32
C ALA F 267 57.78 18.04 -4.08
N SER F 268 58.90 18.55 -3.61
CA SER F 268 59.59 17.93 -2.48
C SER F 268 59.30 18.70 -1.20
N MET F 269 58.30 19.57 -1.25
CA MET F 269 58.07 20.63 -0.29
C MET F 269 56.60 21.02 -0.38
N PRO F 270 55.89 21.29 0.74
CA PRO F 270 54.48 21.69 0.67
C PRO F 270 54.31 23.04 -0.03
N TRP F 271 53.17 23.20 -0.73
CA TRP F 271 52.76 24.46 -1.34
C TRP F 271 53.79 24.96 -2.35
N SER F 272 54.53 24.05 -2.98
CA SER F 272 55.56 24.47 -3.90
C SER F 272 55.34 23.82 -5.25
N VAL F 273 56.10 24.30 -6.25
CA VAL F 273 56.11 23.65 -7.54
C VAL F 273 57.25 22.63 -7.60
N GLY F 274 58.45 23.02 -7.16
CA GLY F 274 59.60 22.14 -7.25
C GLY F 274 60.63 22.63 -8.27
N ALA F 275 61.84 22.05 -8.21
CA ALA F 275 62.97 22.55 -8.95
C ALA F 275 63.32 21.61 -10.10
N SER F 276 62.52 20.54 -10.22
CA SER F 276 62.70 19.54 -11.27
C SER F 276 62.18 20.12 -12.58
N PRO F 277 62.82 19.81 -13.74
CA PRO F 277 62.34 20.29 -15.04
C PRO F 277 60.84 20.10 -15.31
N LEU F 278 60.31 18.92 -14.98
CA LEU F 278 58.90 18.63 -15.24
C LEU F 278 57.98 19.37 -14.29
N ALA F 279 58.48 19.65 -13.08
CA ALA F 279 57.73 20.40 -12.09
C ALA F 279 57.57 21.84 -12.56
N GLN F 280 58.64 22.37 -13.17
CA GLN F 280 58.73 23.74 -13.64
C GLN F 280 57.90 23.93 -14.92
N ALA F 281 57.45 22.82 -15.50
CA ALA F 281 56.68 22.84 -16.73
C ALA F 281 55.21 23.10 -16.40
N THR F 282 54.87 23.04 -15.12
CA THR F 282 53.48 23.15 -14.70
C THR F 282 53.18 24.54 -14.17
N VAL F 283 54.14 25.48 -14.25
CA VAL F 283 53.95 26.77 -13.60
C VAL F 283 52.89 27.56 -14.35
N GLY F 284 51.89 28.02 -13.59
CA GLY F 284 50.79 28.80 -14.15
C GLY F 284 49.58 27.92 -14.41
N THR F 285 49.72 26.63 -14.10
CA THR F 285 48.66 25.66 -14.32
C THR F 285 48.40 24.88 -13.03
N HIS F 286 47.13 24.45 -12.87
CA HIS F 286 46.75 23.51 -11.83
C HIS F 286 46.89 22.08 -12.35
N THR F 287 48.12 21.70 -12.69
CA THR F 287 48.38 20.38 -13.22
C THR F 287 49.53 19.77 -12.43
N SER F 288 49.55 18.44 -12.39
CA SER F 288 50.66 17.72 -11.82
C SER F 288 51.23 16.78 -12.86
N VAL F 289 52.49 16.36 -12.64
CA VAL F 289 53.27 15.59 -13.59
C VAL F 289 54.12 14.64 -12.79
N LYS F 290 54.51 13.51 -13.39
CA LYS F 290 55.36 12.55 -12.72
C LYS F 290 56.02 11.68 -13.77
N ALA F 291 57.36 11.68 -13.79
CA ALA F 291 58.06 10.74 -14.64
C ALA F 291 58.27 9.42 -13.90
N THR F 292 58.03 8.30 -14.59
CA THR F 292 58.29 7.02 -13.95
C THR F 292 58.98 6.08 -14.92
N TYR F 293 59.81 5.22 -14.36
CA TYR F 293 60.42 4.20 -15.18
C TYR F 293 60.04 2.84 -14.61
N HIS F 294 59.61 1.95 -15.50
CA HIS F 294 59.20 0.60 -15.10
C HIS F 294 60.12 -0.41 -15.78
N ASN F 295 60.91 -1.08 -14.97
CA ASN F 295 61.73 -2.16 -15.45
C ASN F 295 60.91 -3.44 -15.37
N TYR F 296 60.88 -4.23 -16.44
CA TYR F 296 60.14 -5.48 -16.41
C TYR F 296 61.05 -6.62 -16.83
N GLY F 297 62.36 -6.35 -16.81
CA GLY F 297 63.38 -7.36 -16.99
C GLY F 297 63.85 -7.38 -18.44
N ASP F 298 62.90 -7.58 -19.34
CA ASP F 298 63.21 -7.81 -20.74
C ASP F 298 62.74 -6.63 -21.56
N ALA F 299 61.97 -5.73 -20.95
CA ALA F 299 61.63 -4.48 -21.59
C ALA F 299 61.33 -3.48 -20.49
N GLY F 300 61.18 -2.22 -20.86
CA GLY F 300 60.91 -1.22 -19.86
C GLY F 300 59.97 -0.18 -20.41
N LEU F 301 59.49 0.68 -19.51
CA LEU F 301 58.65 1.73 -20.00
C LEU F 301 59.00 3.04 -19.29
N PHE F 302 59.28 4.06 -20.08
CA PHE F 302 59.54 5.34 -19.45
C PHE F 302 58.32 6.20 -19.69
N ALA F 303 57.68 6.67 -18.63
CA ALA F 303 56.42 7.35 -18.83
C ALA F 303 56.45 8.70 -18.14
N ILE F 304 55.68 9.64 -18.67
CA ILE F 304 55.48 10.95 -18.06
C ILE F 304 53.98 11.16 -18.06
N THR F 305 53.39 11.23 -16.87
CA THR F 305 51.95 11.35 -16.79
C THR F 305 51.59 12.72 -16.26
N ILE F 306 50.57 13.33 -16.85
CA ILE F 306 50.15 14.68 -16.53
C ILE F 306 48.66 14.63 -16.27
N LYS F 307 48.21 15.01 -15.08
CA LYS F 307 46.78 15.14 -14.90
C LYS F 307 46.46 16.58 -14.57
N GLY F 308 45.19 16.93 -14.66
CA GLY F 308 44.73 18.29 -14.47
C GLY F 308 43.25 18.36 -14.81
N ASP F 309 42.62 19.50 -14.53
CA ASP F 309 41.20 19.67 -14.81
C ASP F 309 40.99 20.34 -16.16
N SER F 310 42.04 21.02 -16.66
CA SER F 310 41.92 21.70 -17.93
C SER F 310 42.67 20.90 -18.99
N PRO F 311 41.99 20.47 -20.08
CA PRO F 311 42.66 19.82 -21.20
C PRO F 311 43.63 20.79 -21.90
N ALA F 312 43.30 22.09 -21.90
CA ALA F 312 44.16 23.10 -22.50
C ALA F 312 45.50 23.19 -21.76
N GLU F 313 45.44 23.10 -20.43
CA GLU F 313 46.63 23.21 -19.61
C GLU F 313 47.46 21.94 -19.75
N ILE F 314 46.78 20.79 -19.84
CA ILE F 314 47.48 19.52 -19.97
C ILE F 314 48.29 19.54 -21.27
N SER F 315 47.67 20.04 -22.34
CA SER F 315 48.28 20.15 -23.67
C SER F 315 49.51 21.04 -23.62
N GLN F 316 49.37 22.17 -22.93
CA GLN F 316 50.42 23.14 -22.70
C GLN F 316 51.59 22.51 -21.96
N VAL F 317 51.31 21.73 -20.90
CA VAL F 317 52.37 21.10 -20.13
C VAL F 317 53.06 20.01 -20.97
N ALA F 318 52.26 19.32 -21.79
CA ALA F 318 52.74 18.16 -22.53
C ALA F 318 53.84 18.59 -23.51
N HIS F 319 53.65 19.77 -24.11
CA HIS F 319 54.65 20.32 -25.01
C HIS F 319 55.93 20.62 -24.25
N LYS F 320 55.79 21.26 -23.08
CA LYS F 320 56.94 21.62 -22.26
C LYS F 320 57.65 20.36 -21.76
N ALA F 321 56.87 19.32 -21.46
CA ALA F 321 57.40 18.06 -20.97
C ALA F 321 58.30 17.39 -22.01
N VAL F 322 57.87 17.40 -23.29
CA VAL F 322 58.69 16.73 -24.30
C VAL F 322 59.93 17.57 -24.56
N GLN F 323 59.78 18.90 -24.47
CA GLN F 323 60.91 19.81 -24.61
C GLN F 323 61.94 19.55 -23.53
N ALA F 324 61.49 19.42 -22.26
CA ALA F 324 62.34 19.12 -21.12
C ALA F 324 63.21 17.90 -21.38
N LEU F 325 62.60 16.85 -21.95
CA LEU F 325 63.31 15.61 -22.21
C LEU F 325 64.38 15.84 -23.28
N LYS F 326 64.07 16.65 -24.31
CA LYS F 326 64.98 16.98 -25.40
C LYS F 326 66.15 17.81 -24.87
N ASP F 327 65.81 18.83 -24.07
CA ASP F 327 66.79 19.66 -23.39
C ASP F 327 67.73 18.85 -22.51
N THR F 328 67.21 17.80 -21.88
CA THR F 328 68.05 16.95 -21.05
C THR F 328 69.03 16.19 -21.95
N GLY F 329 68.56 15.79 -23.13
CA GLY F 329 69.37 15.04 -24.09
C GLY F 329 70.54 15.88 -24.60
N ALA F 330 70.38 17.20 -24.52
CA ALA F 330 71.41 18.17 -24.89
C ALA F 330 72.52 18.18 -23.85
N GLU F 331 72.21 18.70 -22.65
CA GLU F 331 73.22 18.84 -21.61
C GLU F 331 72.59 18.81 -20.23
N VAL F 332 73.25 18.08 -19.32
CA VAL F 332 72.95 18.07 -17.90
C VAL F 332 74.14 18.71 -17.18
N THR F 333 73.87 19.48 -16.13
CA THR F 333 74.94 20.04 -15.30
C THR F 333 75.38 18.99 -14.28
N GLU F 334 76.55 19.23 -13.65
CA GLU F 334 77.07 18.34 -12.63
C GLU F 334 76.18 18.37 -11.38
N GLU F 335 75.68 19.57 -11.06
CA GLU F 335 74.76 19.77 -9.96
C GLU F 335 73.52 18.89 -10.15
N GLN F 336 73.00 18.89 -11.39
CA GLN F 336 71.76 18.23 -11.71
C GLN F 336 71.98 16.73 -11.70
N ALA F 337 73.18 16.31 -12.07
CA ALA F 337 73.47 14.89 -12.06
C ALA F 337 73.58 14.38 -10.63
N ALA F 338 74.03 15.25 -9.72
CA ALA F 338 74.17 14.85 -8.33
C ALA F 338 72.81 14.83 -7.66
N ARG F 339 71.98 15.81 -8.01
CA ARG F 339 70.59 15.87 -7.58
C ARG F 339 69.85 14.62 -8.04
N ALA F 340 70.27 14.03 -9.17
CA ALA F 340 69.57 12.85 -9.68
C ALA F 340 70.00 11.64 -8.85
N TYR F 341 71.27 11.60 -8.47
CA TYR F 341 71.79 10.50 -7.70
C TYR F 341 71.13 10.49 -6.33
N ALA F 342 70.96 11.69 -5.76
CA ALA F 342 70.40 11.83 -4.43
C ALA F 342 68.94 11.41 -4.46
N LYS F 343 68.16 11.97 -5.40
CA LYS F 343 66.74 11.65 -5.51
C LYS F 343 66.54 10.17 -5.82
N SER F 344 67.48 9.57 -6.54
CA SER F 344 67.30 8.17 -6.94
C SER F 344 67.68 7.21 -5.82
N LYS F 345 68.77 7.49 -5.08
CA LYS F 345 69.14 6.68 -3.92
C LYS F 345 68.00 6.67 -2.92
N PHE F 346 67.40 7.84 -2.70
CA PHE F 346 66.33 7.99 -1.75
C PHE F 346 65.12 7.19 -2.21
N ALA F 347 64.79 7.27 -3.50
CA ALA F 347 63.63 6.53 -4.00
C ALA F 347 63.85 5.03 -3.78
N ALA F 348 65.08 4.57 -4.00
CA ALA F 348 65.37 3.15 -3.85
C ALA F 348 65.21 2.75 -2.39
N ALA F 349 65.60 3.64 -1.47
CA ALA F 349 65.62 3.32 -0.05
C ALA F 349 64.19 3.14 0.45
N GLU F 350 63.34 4.11 0.11
CA GLU F 350 61.96 4.10 0.57
C GLU F 350 61.16 2.97 -0.08
N ALA F 351 61.57 2.51 -1.28
CA ALA F 351 60.92 1.39 -1.92
C ALA F 351 61.27 0.08 -1.21
N PHE F 352 62.50 -0.03 -0.74
CA PHE F 352 62.91 -1.23 -0.02
C PHE F 352 62.35 -1.23 1.40
N GLU F 353 61.82 -0.08 1.85
CA GLU F 353 61.21 0.02 3.17
C GLU F 353 59.73 -0.34 3.12
N ASN F 354 59.00 0.29 2.19
CA ASN F 354 57.57 0.05 1.99
C ASN F 354 57.31 -1.45 1.80
N PRO F 355 56.51 -2.11 2.67
CA PRO F 355 56.35 -3.56 2.62
C PRO F 355 55.81 -4.10 1.30
N ASP F 356 54.91 -3.34 0.67
CA ASP F 356 54.33 -3.76 -0.61
C ASP F 356 55.42 -3.95 -1.65
N SER F 357 56.24 -2.91 -1.85
CA SER F 357 57.29 -2.92 -2.86
C SER F 357 58.47 -3.79 -2.44
N SER F 358 58.78 -3.78 -1.14
CA SER F 358 59.88 -4.56 -0.59
C SER F 358 59.72 -6.02 -0.99
N ALA F 359 58.53 -6.58 -0.72
CA ALA F 359 58.23 -7.98 -0.95
C ALA F 359 58.48 -8.35 -2.41
N SER F 360 58.06 -7.47 -3.32
CA SER F 360 58.18 -7.77 -4.73
C SER F 360 59.62 -7.67 -5.20
N VAL F 361 60.42 -6.83 -4.54
CA VAL F 361 61.82 -6.66 -4.90
C VAL F 361 62.58 -7.95 -4.62
N ILE F 362 62.45 -8.49 -3.41
CA ILE F 362 63.11 -9.74 -3.05
C ILE F 362 62.43 -10.90 -3.77
N GLY F 363 61.12 -10.76 -4.00
CA GLY F 363 60.37 -11.73 -4.77
C GLY F 363 60.97 -11.89 -6.16
N MET F 364 61.37 -10.77 -6.77
CA MET F 364 61.99 -10.81 -8.09
C MET F 364 63.35 -11.51 -8.03
N GLU F 365 64.11 -11.23 -6.95
CA GLU F 365 65.42 -11.80 -6.77
C GLU F 365 65.29 -13.31 -6.61
N LEU F 366 64.30 -13.74 -5.83
CA LEU F 366 64.08 -15.15 -5.58
C LEU F 366 63.46 -15.86 -6.80
N LEU F 367 62.48 -15.24 -7.46
CA LEU F 367 61.74 -15.97 -8.48
C LEU F 367 62.47 -15.95 -9.80
N SER F 368 63.03 -14.80 -10.17
CA SER F 368 63.94 -14.75 -11.29
C SER F 368 65.35 -15.04 -10.79
N GLY F 369 66.31 -14.19 -11.10
CA GLY F 369 67.58 -14.30 -10.39
C GLY F 369 68.25 -12.96 -10.36
N VAL F 370 67.47 -11.91 -10.65
CA VAL F 370 67.91 -10.53 -10.67
C VAL F 370 68.22 -10.11 -9.23
N SER F 371 69.51 -10.11 -8.87
CA SER F 371 69.94 -9.67 -7.55
C SER F 371 69.50 -8.23 -7.32
N ARG F 372 68.97 -7.97 -6.12
CA ARG F 372 68.48 -6.65 -5.78
C ARG F 372 69.64 -5.65 -5.74
N ILE F 373 69.37 -4.44 -6.23
CA ILE F 373 70.32 -3.35 -6.05
C ILE F 373 69.97 -2.65 -4.74
N ALA F 374 70.82 -2.85 -3.73
CA ALA F 374 70.69 -2.21 -2.43
C ALA F 374 70.76 -0.70 -2.62
N PRO F 375 69.93 0.10 -1.90
CA PRO F 375 69.97 1.56 -2.02
C PRO F 375 71.35 2.19 -1.85
N GLU F 376 72.20 1.53 -1.07
CA GLU F 376 73.56 1.99 -0.80
C GLU F 376 74.50 1.71 -1.97
N ASN F 377 74.00 1.07 -3.02
CA ASN F 377 74.83 0.61 -4.13
C ASN F 377 74.31 1.16 -5.45
N VAL F 378 73.31 2.04 -5.35
CA VAL F 378 72.72 2.70 -6.49
C VAL F 378 73.80 3.53 -7.17
N GLN F 379 73.96 3.32 -8.48
CA GLN F 379 75.06 3.87 -9.24
C GLN F 379 74.89 5.38 -9.43
N LYS F 380 76.02 6.12 -9.37
CA LYS F 380 75.99 7.54 -9.70
C LYS F 380 76.28 7.68 -11.20
N PHE F 381 75.32 8.28 -11.93
CA PHE F 381 75.45 8.51 -13.36
C PHE F 381 75.98 9.92 -13.61
N THR F 382 77.03 10.02 -14.44
CA THR F 382 77.65 11.28 -14.85
C THR F 382 76.68 12.07 -15.73
N PRO F 383 76.89 13.39 -15.96
CA PRO F 383 76.01 14.14 -16.87
C PRO F 383 76.01 13.58 -18.30
N ALA F 384 77.11 12.93 -18.69
CA ALA F 384 77.23 12.33 -20.01
C ALA F 384 76.24 11.17 -20.16
N GLU F 385 76.17 10.30 -19.14
CA GLU F 385 75.37 9.09 -19.15
C GLU F 385 73.89 9.43 -19.10
N LEU F 386 73.54 10.54 -18.43
CA LEU F 386 72.16 10.93 -18.24
C LEU F 386 71.62 11.53 -19.54
N SER F 387 72.45 12.37 -20.16
CA SER F 387 72.07 13.09 -21.36
C SER F 387 71.91 12.10 -22.50
N GLU F 388 72.74 11.06 -22.48
CA GLU F 388 72.73 10.01 -23.49
C GLU F 388 71.43 9.21 -23.41
N ALA F 389 71.00 8.94 -22.17
CA ALA F 389 69.78 8.18 -21.91
C ALA F 389 68.57 8.99 -22.35
N ALA F 390 68.62 10.32 -22.15
CA ALA F 390 67.48 11.15 -22.49
C ALA F 390 67.39 11.33 -24.00
N ALA F 391 68.55 11.22 -24.65
CA ALA F 391 68.67 11.45 -26.08
C ALA F 391 68.01 10.31 -26.83
N GLN F 392 68.26 9.08 -26.34
CA GLN F 392 67.66 7.89 -26.92
C GLN F 392 66.14 7.95 -26.82
N LEU F 393 65.63 8.57 -25.74
CA LEU F 393 64.20 8.60 -25.49
C LEU F 393 63.53 9.65 -26.37
N SER F 394 64.21 10.78 -26.54
CA SER F 394 63.68 11.85 -27.37
C SER F 394 63.65 11.40 -28.84
N ALA F 395 64.52 10.43 -29.17
CA ALA F 395 64.68 9.95 -30.53
C ALA F 395 64.17 8.52 -30.61
N SER F 396 62.98 8.30 -30.05
CA SER F 396 62.36 6.98 -30.07
C SER F 396 61.51 6.83 -31.32
N ALA F 397 61.54 5.62 -31.89
CA ALA F 397 60.79 5.31 -33.10
C ALA F 397 59.34 4.97 -32.78
N LYS F 398 59.06 4.74 -31.48
CA LYS F 398 57.78 4.14 -31.09
C LYS F 398 57.20 4.89 -29.89
N PRO F 399 56.96 6.22 -29.96
CA PRO F 399 56.30 6.93 -28.87
C PRO F 399 54.84 6.54 -28.69
N VAL F 400 54.47 6.35 -27.43
CA VAL F 400 53.12 6.03 -27.05
C VAL F 400 52.54 7.27 -26.37
N VAL F 401 51.28 7.56 -26.68
CA VAL F 401 50.52 8.61 -26.01
C VAL F 401 49.13 8.09 -25.64
N ALA F 402 48.80 8.10 -24.34
CA ALA F 402 47.46 7.74 -23.91
C ALA F 402 46.78 8.96 -23.33
N ALA F 403 45.65 9.33 -23.92
CA ALA F 403 44.88 10.47 -23.46
C ALA F 403 43.61 9.96 -22.79
N VAL F 404 43.22 10.58 -21.68
CA VAL F 404 42.06 10.18 -20.91
C VAL F 404 41.24 11.43 -20.59
N GLY F 405 39.93 11.36 -20.82
CA GLY F 405 39.04 12.47 -20.51
C GLY F 405 38.49 13.12 -21.76
N GLN F 406 38.62 14.45 -21.89
CA GLN F 406 38.12 15.10 -23.08
C GLN F 406 39.18 14.92 -24.16
N VAL F 407 39.11 13.78 -24.83
CA VAL F 407 40.21 13.33 -25.65
C VAL F 407 40.33 14.17 -26.92
N HIS F 408 39.23 14.83 -27.31
CA HIS F 408 39.25 15.69 -28.48
C HIS F 408 40.12 16.92 -28.26
N ALA F 409 40.41 17.22 -26.99
CA ALA F 409 41.11 18.44 -26.61
C ALA F 409 42.50 18.11 -26.08
N LEU F 410 42.86 16.83 -26.08
CA LEU F 410 44.17 16.49 -25.60
C LEU F 410 45.10 16.28 -26.79
N PRO F 411 46.44 16.34 -26.62
CA PRO F 411 47.38 16.20 -27.74
C PRO F 411 47.43 14.81 -28.35
N PHE F 412 48.04 14.71 -29.53
CA PHE F 412 48.25 13.47 -30.22
C PHE F 412 49.75 13.23 -30.29
N ALA F 413 50.16 11.99 -30.61
CA ALA F 413 51.58 11.62 -30.64
C ALA F 413 52.37 12.45 -31.64
N ASP F 414 51.77 12.66 -32.82
CA ASP F 414 52.41 13.35 -33.93
C ASP F 414 52.51 14.85 -33.66
N GLU F 415 51.70 15.35 -32.72
CA GLU F 415 51.80 16.75 -32.31
C GLU F 415 52.97 16.95 -31.35
N LEU F 416 53.46 15.86 -30.73
CA LEU F 416 54.44 15.97 -29.65
C LEU F 416 55.85 15.61 -30.15
N MET G 85 -43.86 34.87 21.15
CA MET G 85 -44.88 34.50 22.16
C MET G 85 -44.97 35.61 23.20
N THR G 86 -46.15 35.69 23.81
CA THR G 86 -46.40 36.55 24.95
C THR G 86 -45.61 36.05 26.15
N ALA G 87 -45.27 36.96 27.07
CA ALA G 87 -44.55 36.58 28.29
C ALA G 87 -45.40 35.65 29.14
N ALA G 88 -46.72 35.89 29.13
CA ALA G 88 -47.68 35.04 29.81
C ALA G 88 -47.60 33.62 29.27
N GLU G 89 -47.48 33.44 27.95
CA GLU G 89 -47.44 32.10 27.39
C GLU G 89 -46.17 31.39 27.84
N HIS G 90 -45.10 32.16 28.10
CA HIS G 90 -43.84 31.58 28.54
C HIS G 90 -43.86 31.30 30.03
N GLY G 91 -44.58 32.14 30.79
CA GLY G 91 -44.36 32.12 32.22
C GLY G 91 -43.28 33.11 32.61
N LEU G 92 -43.46 33.69 33.80
CA LEU G 92 -42.45 34.54 34.39
C LEU G 92 -41.21 33.71 34.70
N HIS G 93 -40.01 34.27 34.45
CA HIS G 93 -38.82 33.50 34.73
C HIS G 93 -38.48 33.65 36.21
N PRO G 94 -38.19 32.53 36.91
CA PRO G 94 -37.87 32.58 38.33
C PRO G 94 -36.54 33.27 38.59
N ALA G 95 -36.47 33.94 39.73
CA ALA G 95 -35.24 34.53 40.26
C ALA G 95 -34.18 33.45 40.43
N GLU G 96 -32.91 33.85 40.41
CA GLU G 96 -31.85 32.90 40.78
C GLU G 96 -31.59 33.01 42.28
N TYR G 97 -32.04 32.00 43.02
CA TYR G 97 -31.87 32.02 44.45
C TYR G 97 -30.51 31.45 44.79
N PRO G 98 -29.84 31.94 45.84
CA PRO G 98 -28.59 31.30 46.28
C PRO G 98 -28.75 29.99 47.06
N TRP G 99 -28.95 28.89 46.32
CA TRP G 99 -29.05 27.57 46.94
C TRP G 99 -27.72 27.16 47.53
N PRO G 100 -27.70 26.41 48.66
CA PRO G 100 -26.45 25.88 49.21
C PRO G 100 -25.66 25.06 48.21
N GLN G 101 -26.35 24.36 47.30
CA GLN G 101 -25.67 23.45 46.37
C GLN G 101 -25.17 24.22 45.16
N ASN G 102 -25.49 25.50 45.00
CA ASN G 102 -24.89 26.28 43.94
C ASN G 102 -23.44 26.54 44.29
N GLY G 103 -22.55 26.31 43.36
CA GLY G 103 -21.17 26.40 43.78
C GLY G 103 -20.49 25.10 43.43
N MET G 104 -19.44 25.23 42.62
CA MET G 104 -18.68 24.10 42.13
C MET G 104 -18.30 23.18 43.29
N LEU G 105 -18.06 23.73 44.49
CA LEU G 105 -17.55 22.87 45.54
C LEU G 105 -18.58 22.59 46.63
N SER G 106 -19.87 22.83 46.37
CA SER G 106 -20.85 22.83 47.43
C SER G 106 -21.73 21.59 47.38
N THR G 107 -21.97 20.94 48.52
CA THR G 107 -22.94 19.88 48.53
C THR G 107 -24.32 20.46 48.83
N PHE G 108 -25.36 19.60 48.83
CA PHE G 108 -26.65 19.91 49.42
C PHE G 108 -26.47 20.10 50.91
N ASP G 109 -27.36 20.88 51.51
CA ASP G 109 -27.48 20.90 52.95
C ASP G 109 -28.39 19.74 53.36
N HIS G 110 -27.84 18.73 54.05
CA HIS G 110 -28.60 17.52 54.25
C HIS G 110 -29.70 17.71 55.28
N ALA G 111 -29.56 18.72 56.15
CA ALA G 111 -30.60 19.06 57.11
C ALA G 111 -31.81 19.63 56.38
N SER G 112 -31.55 20.43 55.35
CA SER G 112 -32.63 20.92 54.52
C SER G 112 -33.27 19.79 53.73
N LEU G 113 -32.46 18.83 53.22
CA LEU G 113 -33.01 17.67 52.54
C LEU G 113 -33.99 16.92 53.43
N ARG G 114 -33.60 16.63 54.69
CA ARG G 114 -34.42 15.92 55.66
C ARG G 114 -35.75 16.65 55.88
N ARG G 115 -35.69 17.97 56.09
CA ARG G 115 -36.89 18.77 56.29
C ARG G 115 -37.76 18.75 55.04
N GLY G 116 -37.13 18.74 53.86
CA GLY G 116 -37.87 18.74 52.61
C GLY G 116 -38.57 17.41 52.40
N TYR G 117 -37.98 16.33 52.89
CA TYR G 117 -38.67 15.06 52.82
C TYR G 117 -39.94 15.14 53.65
N GLN G 118 -39.86 15.79 54.80
CA GLN G 118 -41.01 15.86 55.68
C GLN G 118 -42.12 16.72 55.06
N VAL G 119 -41.77 17.73 54.28
CA VAL G 119 -42.78 18.47 53.53
C VAL G 119 -43.38 17.58 52.44
N TYR G 120 -42.53 16.83 51.73
CA TYR G 120 -43.06 15.95 50.71
C TYR G 120 -44.10 15.01 51.32
N LYS G 121 -43.69 14.36 52.40
CA LYS G 121 -44.49 13.34 53.06
C LYS G 121 -45.81 13.89 53.57
N GLU G 122 -45.84 15.13 54.08
CA GLU G 122 -47.02 15.64 54.76
C GLU G 122 -47.86 16.59 53.91
N VAL G 123 -47.36 16.98 52.75
CA VAL G 123 -48.13 17.89 51.91
C VAL G 123 -48.28 17.30 50.52
N CYS G 124 -47.15 17.13 49.83
CA CYS G 124 -47.17 16.83 48.40
C CYS G 124 -47.64 15.41 48.18
N ALA G 125 -47.35 14.51 49.10
CA ALA G 125 -47.55 13.09 48.82
C ALA G 125 -49.04 12.78 48.71
N ALA G 126 -49.89 13.72 49.12
CA ALA G 126 -51.33 13.54 48.95
C ALA G 126 -51.68 13.41 47.46
N CYS G 127 -50.95 14.12 46.61
CA CYS G 127 -51.34 14.16 45.21
C CYS G 127 -50.22 13.70 44.29
N HIS G 128 -48.98 13.67 44.79
CA HIS G 128 -47.86 13.48 43.88
C HIS G 128 -47.11 12.24 44.31
N SER G 129 -46.71 11.43 43.33
CA SER G 129 -45.88 10.29 43.64
C SER G 129 -44.39 10.67 43.55
N LEU G 130 -43.54 9.79 44.08
CA LEU G 130 -42.10 9.89 44.02
C LEU G 130 -41.56 8.51 43.69
N ASP G 131 -41.90 8.00 42.51
CA ASP G 131 -41.85 6.57 42.25
C ASP G 131 -40.44 6.07 41.99
N ARG G 132 -39.50 6.98 41.74
CA ARG G 132 -38.17 6.54 41.38
C ARG G 132 -37.28 6.43 42.63
N ILE G 133 -37.86 6.74 43.79
CA ILE G 133 -37.07 6.77 45.00
C ILE G 133 -37.45 5.56 45.85
N ALA G 134 -36.46 4.80 46.29
CA ALA G 134 -36.72 3.65 47.16
C ALA G 134 -36.39 4.07 48.58
N TRP G 135 -36.88 3.34 49.58
CA TRP G 135 -36.55 3.66 50.96
C TRP G 135 -35.04 3.64 51.19
N ARG G 136 -34.33 2.73 50.54
CA ARG G 136 -32.89 2.62 50.72
C ARG G 136 -32.16 3.90 50.29
N ASN G 137 -32.78 4.68 49.40
CA ASN G 137 -32.17 5.90 48.88
C ASN G 137 -32.03 6.97 49.96
N LEU G 138 -32.93 6.98 50.94
CA LEU G 138 -32.91 7.95 52.01
C LEU G 138 -31.78 7.67 52.99
N VAL G 139 -31.29 6.43 53.02
CA VAL G 139 -30.41 6.04 54.10
C VAL G 139 -29.04 6.65 53.91
N GLY G 140 -28.52 7.35 54.93
CA GLY G 140 -27.24 8.02 54.82
C GLY G 140 -27.31 9.27 53.94
N VAL G 141 -28.51 9.76 53.66
CA VAL G 141 -28.68 11.04 52.99
C VAL G 141 -29.51 11.92 53.93
N THR G 142 -30.68 11.40 54.31
CA THR G 142 -31.61 12.15 55.13
C THR G 142 -31.92 11.39 56.42
N HIS G 143 -31.79 10.06 56.44
CA HIS G 143 -32.28 9.23 57.55
C HIS G 143 -31.30 8.09 57.84
N THR G 144 -31.39 7.50 59.04
CA THR G 144 -30.55 6.34 59.32
C THR G 144 -31.23 5.10 58.76
N THR G 145 -30.52 3.96 58.74
CA THR G 145 -31.11 2.71 58.25
C THR G 145 -32.40 2.39 59.01
N ASP G 146 -32.40 2.68 60.31
CA ASP G 146 -33.52 2.26 61.15
C ASP G 146 -34.75 3.11 60.90
N GLU G 147 -34.54 4.41 60.73
CA GLU G 147 -35.66 5.29 60.47
C GLU G 147 -36.31 4.92 59.14
N ALA G 148 -35.48 4.58 58.15
CA ALA G 148 -36.02 4.31 56.83
C ALA G 148 -36.72 2.96 56.83
N LYS G 149 -36.22 2.00 57.62
CA LYS G 149 -36.87 0.70 57.71
C LYS G 149 -38.22 0.87 58.39
N ALA G 150 -38.26 1.78 59.37
CA ALA G 150 -39.51 2.04 60.05
C ALA G 150 -40.55 2.61 59.09
N PHE G 151 -40.14 3.54 58.23
CA PHE G 151 -41.06 4.08 57.24
C PHE G 151 -41.56 2.98 56.30
N ALA G 152 -40.66 2.09 55.87
CA ALA G 152 -41.02 1.03 54.95
C ALA G 152 -42.01 0.07 55.59
N GLU G 153 -41.71 -0.38 56.83
CA GLU G 153 -42.47 -1.40 57.55
C GLU G 153 -43.87 -0.93 57.92
N GLU G 154 -44.16 0.38 57.86
CA GLU G 154 -45.51 0.86 58.14
C GLU G 154 -46.44 0.65 56.96
N LEU G 155 -45.89 0.31 55.78
CA LEU G 155 -46.75 0.16 54.62
C LEU G 155 -46.92 -1.29 54.28
N GLU G 156 -47.89 -1.59 53.39
CA GLU G 156 -48.12 -2.93 52.91
C GLU G 156 -47.89 -2.97 51.41
N TYR G 157 -47.13 -3.98 50.98
CA TYR G 157 -46.86 -4.14 49.57
C TYR G 157 -47.34 -5.52 49.15
N ASP G 158 -47.61 -5.66 47.84
CA ASP G 158 -47.96 -6.93 47.26
C ASP G 158 -46.84 -7.94 47.41
N ASP G 159 -47.18 -9.07 48.02
CA ASP G 159 -46.28 -10.21 48.12
C ASP G 159 -46.51 -11.13 46.91
N GLU G 160 -45.66 -12.15 46.76
CA GLU G 160 -45.92 -13.27 45.86
C GLU G 160 -47.11 -14.05 46.38
N PRO G 161 -47.95 -14.67 45.52
CA PRO G 161 -49.14 -15.38 45.99
C PRO G 161 -48.78 -16.49 46.97
N ASP G 162 -49.72 -16.83 47.86
CA ASP G 162 -49.54 -17.92 48.80
C ASP G 162 -49.67 -19.26 48.09
N ASP G 163 -49.79 -20.34 48.87
CA ASP G 163 -49.66 -21.69 48.34
C ASP G 163 -50.90 -22.13 47.57
N GLU G 164 -52.03 -21.51 47.87
CA GLU G 164 -53.27 -21.74 47.12
C GLU G 164 -53.37 -20.74 45.97
N GLY G 165 -52.30 -19.95 45.79
CA GLY G 165 -52.22 -18.94 44.76
C GLY G 165 -53.12 -17.72 45.00
N ASN G 166 -53.48 -17.48 46.27
CA ASN G 166 -54.27 -16.31 46.63
C ASN G 166 -53.34 -15.10 46.83
N PRO G 167 -53.78 -13.86 46.50
CA PRO G 167 -52.99 -12.66 46.79
C PRO G 167 -52.71 -12.44 48.28
N ARG G 168 -51.53 -11.87 48.55
CA ARG G 168 -51.06 -11.59 49.91
C ARG G 168 -50.36 -10.24 49.94
N LYS G 169 -50.37 -9.59 51.12
CA LYS G 169 -49.58 -8.39 51.36
C LYS G 169 -48.44 -8.71 52.31
N ARG G 170 -47.36 -7.93 52.21
CA ARG G 170 -46.27 -8.00 53.18
C ARG G 170 -45.96 -6.58 53.66
N PRO G 171 -45.26 -6.42 54.81
CA PRO G 171 -44.71 -5.12 55.18
C PRO G 171 -43.56 -4.73 54.26
N GLY G 172 -43.38 -3.42 54.06
CA GLY G 172 -42.35 -2.90 53.19
C GLY G 172 -40.94 -3.16 53.70
N LYS G 173 -39.99 -3.15 52.77
CA LYS G 173 -38.58 -3.39 53.00
C LYS G 173 -37.83 -2.19 52.43
N LEU G 174 -36.52 -2.06 52.72
CA LEU G 174 -35.76 -0.94 52.19
C LEU G 174 -35.69 -0.94 50.66
N ALA G 175 -35.81 -2.12 50.03
CA ALA G 175 -35.74 -2.18 48.59
C ALA G 175 -37.01 -1.66 47.92
N ASP G 176 -38.08 -1.44 48.68
CA ASP G 176 -39.34 -1.06 48.09
C ASP G 176 -39.30 0.41 47.67
N TYR G 177 -40.07 0.75 46.63
CA TYR G 177 -40.18 2.14 46.21
C TYR G 177 -41.25 2.85 47.01
N ILE G 178 -41.09 4.16 47.20
CA ILE G 178 -42.09 4.93 47.91
C ILE G 178 -43.39 4.86 47.12
N PRO G 179 -44.50 4.40 47.73
CA PRO G 179 -45.75 4.20 47.00
C PRO G 179 -46.52 5.50 46.77
N GLY G 180 -47.19 5.60 45.62
CA GLY G 180 -47.89 6.81 45.21
C GLY G 180 -49.30 6.88 45.77
N PRO G 181 -49.94 8.07 45.76
CA PRO G 181 -51.30 8.19 46.27
C PRO G 181 -52.43 7.59 45.43
N TYR G 182 -52.21 7.37 44.13
CA TYR G 182 -53.27 6.93 43.25
C TYR G 182 -52.89 5.65 42.50
N PRO G 183 -53.86 4.76 42.19
CA PRO G 183 -53.56 3.54 41.43
C PRO G 183 -53.24 3.72 39.94
N ASN G 184 -53.76 4.79 39.33
CA ASN G 184 -53.55 5.03 37.90
C ASN G 184 -53.81 6.50 37.59
N GLU G 185 -53.57 6.91 36.32
CA GLU G 185 -53.78 8.27 35.86
C GLU G 185 -55.23 8.70 36.02
N GLN G 186 -56.16 7.76 35.81
CA GLN G 186 -57.57 8.10 35.73
C GLN G 186 -58.04 8.50 37.12
N ALA G 187 -57.60 7.72 38.10
CA ALA G 187 -57.86 8.03 39.49
C ALA G 187 -57.18 9.33 39.92
N ALA G 188 -56.00 9.59 39.38
CA ALA G 188 -55.28 10.80 39.77
C ALA G 188 -56.03 12.02 39.26
N ARG G 189 -56.44 11.96 37.99
CA ARG G 189 -57.14 13.06 37.33
C ARG G 189 -58.50 13.29 37.97
N ALA G 190 -59.16 12.22 38.42
CA ALA G 190 -60.49 12.32 38.99
C ALA G 190 -60.45 13.10 40.31
N ALA G 191 -59.33 12.98 41.03
CA ALA G 191 -59.17 13.60 42.32
C ALA G 191 -58.68 15.05 42.17
N ASN G 192 -58.33 15.45 40.95
CA ASN G 192 -57.70 16.74 40.76
C ASN G 192 -58.36 17.48 39.63
N GLN G 193 -59.69 17.37 39.52
CA GLN G 193 -60.50 18.13 38.57
C GLN G 193 -59.87 18.06 37.19
N GLY G 194 -59.41 16.86 36.83
CA GLY G 194 -59.01 16.61 35.46
C GLY G 194 -57.50 16.72 35.25
N ALA G 195 -56.82 17.46 36.14
CA ALA G 195 -55.40 17.67 35.99
C ALA G 195 -54.61 16.47 36.54
N LEU G 196 -53.47 16.18 35.94
CA LEU G 196 -52.72 15.05 36.44
C LEU G 196 -51.49 15.55 37.16
N PRO G 197 -51.38 15.37 38.49
CA PRO G 197 -50.19 15.82 39.20
C PRO G 197 -49.02 14.97 38.76
N PRO G 198 -47.93 15.53 38.21
CA PRO G 198 -46.80 14.72 37.74
C PRO G 198 -46.07 14.07 38.91
N ASP G 199 -45.34 13.02 38.58
CA ASP G 199 -44.44 12.40 39.53
C ASP G 199 -43.32 13.38 39.83
N LEU G 200 -42.81 13.43 41.05
CA LEU G 200 -41.89 14.51 41.36
C LEU G 200 -40.42 14.06 41.34
N SER G 201 -40.17 12.80 41.00
CA SER G 201 -38.81 12.29 41.07
C SER G 201 -37.88 13.02 40.11
N LEU G 202 -38.38 13.51 38.97
CA LEU G 202 -37.48 14.09 37.99
C LEU G 202 -37.80 15.56 37.75
N ILE G 203 -38.80 16.07 38.48
CA ILE G 203 -39.37 17.36 38.16
C ILE G 203 -38.33 18.47 38.22
N ALA G 204 -37.31 18.36 39.07
CA ALA G 204 -36.30 19.40 39.13
C ALA G 204 -35.43 19.40 37.88
N LYS G 205 -35.39 18.28 37.14
CA LYS G 205 -34.58 18.26 35.93
C LYS G 205 -35.46 18.42 34.70
N ALA G 206 -36.77 18.26 34.90
CA ALA G 206 -37.72 18.22 33.80
C ALA G 206 -38.32 19.61 33.61
N ARG G 207 -37.89 20.60 34.38
CA ARG G 207 -38.43 21.94 34.16
C ARG G 207 -37.24 22.89 34.06
N HIS G 208 -37.29 23.82 33.09
CA HIS G 208 -36.36 24.94 33.08
C HIS G 208 -36.43 25.65 34.43
N GLY G 209 -35.28 25.86 35.07
CA GLY G 209 -35.34 26.57 36.32
C GLY G 209 -34.92 25.67 37.46
N GLY G 210 -35.29 24.39 37.41
CA GLY G 210 -34.91 23.48 38.48
C GLY G 210 -35.50 23.90 39.84
N ALA G 211 -34.66 23.84 40.89
CA ALA G 211 -35.05 24.30 42.21
C ALA G 211 -35.67 25.70 42.18
N ASP G 212 -35.15 26.62 41.34
CA ASP G 212 -35.67 27.97 41.42
C ASP G 212 -37.11 28.00 40.91
N TYR G 213 -37.43 27.14 39.95
CA TYR G 213 -38.78 27.11 39.42
C TYR G 213 -39.70 26.53 40.48
N ILE G 214 -39.24 25.48 41.16
CA ILE G 214 -40.11 24.87 42.15
C ILE G 214 -40.36 25.86 43.28
N PHE G 215 -39.31 26.54 43.71
CA PHE G 215 -39.48 27.49 44.79
C PHE G 215 -40.38 28.65 44.35
N ALA G 216 -40.12 29.18 43.16
CA ALA G 216 -40.90 30.30 42.65
C ALA G 216 -42.37 29.93 42.52
N LEU G 217 -42.66 28.75 41.95
CA LEU G 217 -44.02 28.31 41.73
C LEU G 217 -44.76 28.18 43.07
N LEU G 218 -44.15 27.55 44.07
CA LEU G 218 -44.87 27.20 45.27
C LEU G 218 -45.17 28.46 46.08
N THR G 219 -44.31 29.48 45.93
CA THR G 219 -44.40 30.69 46.71
C THR G 219 -44.96 31.83 45.87
N GLY G 220 -45.37 31.56 44.63
CA GLY G 220 -45.73 32.67 43.76
C GLY G 220 -47.21 32.71 43.41
N TYR G 221 -48.09 32.19 44.28
CA TYR G 221 -49.51 32.36 44.06
C TYR G 221 -49.92 33.70 44.64
N PRO G 222 -50.33 34.66 43.80
CA PRO G 222 -50.81 35.95 44.29
C PRO G 222 -52.16 35.72 44.96
N ASP G 223 -52.52 36.61 45.90
CA ASP G 223 -53.82 36.56 46.54
C ASP G 223 -54.92 36.71 45.49
N GLU G 224 -54.73 37.64 44.55
CA GLU G 224 -55.70 37.86 43.50
C GLU G 224 -55.00 37.82 42.15
N PRO G 225 -55.54 37.11 41.14
CA PRO G 225 -55.05 37.19 39.77
C PRO G 225 -55.10 38.62 39.25
N PRO G 226 -54.05 39.05 38.51
CA PRO G 226 -54.02 40.33 37.82
C PRO G 226 -55.34 40.57 37.09
N ALA G 227 -55.87 41.79 37.25
CA ALA G 227 -57.12 42.22 36.67
C ALA G 227 -57.11 41.94 35.17
N GLY G 228 -58.10 41.16 34.72
CA GLY G 228 -58.29 40.92 33.31
C GLY G 228 -58.06 39.46 32.91
N VAL G 229 -57.38 38.71 33.79
CA VAL G 229 -57.09 37.29 33.56
C VAL G 229 -58.37 36.50 33.76
N VAL G 230 -58.70 35.67 32.76
CA VAL G 230 -59.84 34.78 32.89
C VAL G 230 -59.30 33.38 33.12
N LEU G 231 -59.52 32.86 34.33
CA LEU G 231 -59.07 31.52 34.62
C LEU G 231 -60.11 30.51 34.16
N ALA G 232 -59.64 29.45 33.52
CA ALA G 232 -60.47 28.29 33.22
C ALA G 232 -60.99 27.64 34.51
N PRO G 233 -62.09 26.85 34.47
CA PRO G 233 -62.59 26.22 35.69
C PRO G 233 -61.59 25.22 36.26
N GLY G 234 -61.36 25.32 37.58
CA GLY G 234 -60.44 24.45 38.29
C GLY G 234 -58.99 24.95 38.23
N MET G 235 -58.78 26.15 37.68
CA MET G 235 -57.45 26.74 37.55
C MET G 235 -57.23 27.84 38.57
N ASN G 236 -55.96 28.03 38.90
CA ASN G 236 -55.48 28.99 39.87
C ASN G 236 -54.44 29.83 39.15
N TYR G 237 -54.34 31.10 39.51
CA TYR G 237 -53.39 31.92 38.78
C TYR G 237 -52.02 31.74 39.40
N ASN G 238 -51.00 31.49 38.59
CA ASN G 238 -49.64 31.48 39.07
C ASN G 238 -48.78 31.97 37.93
N PRO G 239 -48.10 33.12 38.04
CA PRO G 239 -47.37 33.66 36.89
C PRO G 239 -46.20 32.82 36.40
N TYR G 240 -45.64 31.96 37.27
CA TYR G 240 -44.48 31.18 36.87
C TYR G 240 -44.90 30.04 35.96
N PHE G 241 -46.17 29.68 36.02
CA PHE G 241 -46.60 28.55 35.23
C PHE G 241 -46.96 29.03 33.83
N PRO G 242 -46.47 28.42 32.74
CA PRO G 242 -46.75 28.93 31.41
C PRO G 242 -48.24 28.98 31.09
N GLY G 243 -48.72 30.14 30.63
CA GLY G 243 -50.14 30.35 30.45
C GLY G 243 -50.83 30.97 31.66
N GLY G 244 -50.31 30.73 32.87
CA GLY G 244 -50.76 31.42 34.07
C GLY G 244 -51.77 30.64 34.89
N GLY G 245 -52.48 29.69 34.26
CA GLY G 245 -53.53 28.97 34.95
C GLY G 245 -53.06 27.56 35.27
N ILE G 246 -52.84 27.29 36.55
CA ILE G 246 -52.34 25.98 36.94
C ILE G 246 -53.42 25.24 37.69
N GLY G 247 -53.51 23.94 37.49
CA GLY G 247 -54.53 23.18 38.18
C GLY G 247 -54.19 22.87 39.63
N MET G 248 -53.01 23.29 40.12
CA MET G 248 -52.63 23.01 41.50
C MET G 248 -52.89 24.28 42.28
N ALA G 249 -53.61 24.21 43.40
CA ALA G 249 -53.85 25.40 44.21
C ALA G 249 -52.64 25.63 45.10
N ARG G 250 -52.59 26.78 45.75
CA ARG G 250 -51.60 26.96 46.80
C ARG G 250 -51.79 25.95 47.93
N THR G 251 -50.68 25.38 48.41
CA THR G 251 -50.72 24.31 49.40
C THR G 251 -49.85 24.62 50.60
N LEU G 252 -48.86 25.51 50.44
CA LEU G 252 -47.97 25.78 51.56
C LEU G 252 -48.44 27.03 52.26
N PHE G 253 -48.81 26.87 53.53
CA PHE G 253 -49.17 27.99 54.37
C PHE G 253 -48.42 27.86 55.68
N ASP G 254 -48.15 28.99 56.33
CA ASP G 254 -47.32 28.99 57.52
C ASP G 254 -47.91 28.01 58.52
N GLY G 255 -47.08 27.01 58.84
CA GLY G 255 -47.33 26.04 59.89
C GLY G 255 -48.21 24.86 59.46
N VAL G 256 -48.14 24.43 58.20
CA VAL G 256 -48.88 23.25 57.77
C VAL G 256 -48.08 22.01 58.19
N VAL G 257 -46.80 22.22 58.41
CA VAL G 257 -45.88 21.18 58.84
C VAL G 257 -45.29 21.64 60.15
N GLU G 258 -44.96 20.69 61.04
CA GLU G 258 -44.22 21.03 62.24
C GLU G 258 -42.87 20.34 62.16
N TYR G 259 -41.81 21.10 61.86
CA TYR G 259 -40.55 20.44 61.58
C TYR G 259 -40.03 19.80 62.86
N GLU G 260 -39.33 18.67 62.71
CA GLU G 260 -38.90 17.90 63.87
C GLU G 260 -37.61 18.46 64.48
N ASP G 261 -37.01 19.47 63.81
CA ASP G 261 -35.74 20.05 64.22
C ASP G 261 -35.95 21.46 64.77
N GLY G 262 -37.22 21.87 64.85
CA GLY G 262 -37.64 23.11 65.50
C GLY G 262 -37.63 24.34 64.59
N THR G 263 -37.22 24.16 63.33
CA THR G 263 -37.18 25.22 62.33
C THR G 263 -38.58 25.80 62.14
N PRO G 264 -38.76 27.14 62.13
CA PRO G 264 -40.07 27.75 61.85
C PRO G 264 -40.56 27.40 60.46
N ALA G 265 -41.72 26.76 60.38
CA ALA G 265 -42.19 26.28 59.10
C ALA G 265 -43.00 27.38 58.41
N THR G 266 -42.31 28.39 57.88
CA THR G 266 -42.99 29.38 57.07
C THR G 266 -43.14 28.86 55.64
N THR G 267 -44.09 29.45 54.91
CA THR G 267 -44.22 29.18 53.49
C THR G 267 -42.86 29.14 52.80
N SER G 268 -42.07 30.20 52.98
CA SER G 268 -40.78 30.29 52.32
C SER G 268 -39.86 29.17 52.73
N GLN G 269 -39.83 28.86 54.02
CA GLN G 269 -38.90 27.85 54.51
C GLN G 269 -39.28 26.49 53.94
N MET G 270 -40.58 26.20 53.92
CA MET G 270 -41.01 24.88 53.45
C MET G 270 -40.75 24.75 51.95
N ALA G 271 -40.92 25.86 51.23
CA ALA G 271 -40.72 25.81 49.79
C ALA G 271 -39.25 25.59 49.49
N LYS G 272 -38.39 26.22 50.28
CA LYS G 272 -36.97 26.06 50.07
C LYS G 272 -36.56 24.63 50.36
N ASP G 273 -37.09 24.05 51.44
CA ASP G 273 -36.67 22.72 51.85
C ASP G 273 -37.13 21.69 50.83
N VAL G 274 -38.40 21.83 50.41
CA VAL G 274 -38.94 20.82 49.52
C VAL G 274 -38.30 20.97 48.14
N ALA G 275 -37.99 22.19 47.70
CA ALA G 275 -37.27 22.37 46.45
C ALA G 275 -35.89 21.71 46.50
N ALA G 276 -35.20 21.85 47.65
CA ALA G 276 -33.92 21.19 47.82
C ALA G 276 -34.09 19.67 47.76
N PHE G 277 -35.08 19.14 48.48
CA PHE G 277 -35.26 17.71 48.53
C PHE G 277 -35.56 17.17 47.13
N LEU G 278 -36.42 17.85 46.37
CA LEU G 278 -36.76 17.38 45.04
C LEU G 278 -35.56 17.46 44.08
N THR G 279 -34.71 18.47 44.26
CA THR G 279 -33.50 18.57 43.48
C THR G 279 -32.62 17.37 43.78
N TRP G 280 -32.48 17.02 45.06
CA TRP G 280 -31.78 15.80 45.40
C TRP G 280 -32.43 14.59 44.74
N ALA G 281 -33.77 14.50 44.75
CA ALA G 281 -34.43 13.32 44.20
C ALA G 281 -34.15 13.20 42.70
N ALA G 282 -33.95 14.35 42.03
CA ALA G 282 -33.73 14.26 40.60
C ALA G 282 -32.28 13.89 40.31
N GLU G 283 -31.36 14.28 41.18
CA GLU G 283 -29.95 14.07 40.88
C GLU G 283 -29.22 13.66 42.14
N PRO G 284 -29.44 12.43 42.63
CA PRO G 284 -28.87 12.02 43.90
C PRO G 284 -27.35 11.81 43.92
N GLU G 285 -26.74 11.77 42.73
CA GLU G 285 -25.30 11.65 42.60
C GLU G 285 -24.59 12.99 42.75
N HIS G 286 -25.36 14.09 42.81
CA HIS G 286 -24.89 15.46 42.85
C HIS G 286 -23.62 15.67 43.70
N ASP G 287 -23.66 15.27 44.97
CA ASP G 287 -22.55 15.51 45.88
C ASP G 287 -21.31 14.73 45.45
N GLU G 288 -21.45 13.45 45.13
CA GLU G 288 -20.29 12.67 44.72
C GLU G 288 -19.71 13.16 43.40
N ARG G 289 -20.60 13.50 42.47
CA ARG G 289 -20.22 13.95 41.15
C ARG G 289 -19.34 15.18 41.27
N LYS G 290 -19.71 16.12 42.13
CA LYS G 290 -18.97 17.35 42.13
C LYS G 290 -17.63 17.16 42.82
N LYS G 291 -17.56 16.27 43.81
CA LYS G 291 -16.28 16.02 44.40
C LYS G 291 -15.35 15.27 43.43
N LEU G 292 -15.85 14.28 42.67
CA LEU G 292 -15.00 13.63 41.69
C LEU G 292 -14.56 14.61 40.63
N GLY G 293 -15.42 15.57 40.29
CA GLY G 293 -15.07 16.59 39.32
C GLY G 293 -13.94 17.50 39.82
N LEU G 294 -13.90 17.75 41.13
CA LEU G 294 -12.80 18.53 41.70
C LEU G 294 -11.50 17.76 41.49
N LYS G 295 -11.50 16.47 41.79
CA LYS G 295 -10.31 15.69 41.57
C LYS G 295 -9.91 15.70 40.10
N ALA G 296 -10.88 15.53 39.18
CA ALA G 296 -10.63 15.55 37.74
C ALA G 296 -10.04 16.89 37.33
N ILE G 297 -10.64 18.00 37.78
CA ILE G 297 -10.16 19.31 37.37
C ILE G 297 -8.69 19.44 37.76
N ILE G 298 -8.33 19.05 38.98
CA ILE G 298 -6.98 19.23 39.47
C ILE G 298 -6.01 18.38 38.64
N VAL G 299 -6.30 17.09 38.50
CA VAL G 299 -5.40 16.22 37.76
C VAL G 299 -5.29 16.66 36.30
N ILE G 300 -6.41 16.97 35.67
CA ILE G 300 -6.42 17.30 34.26
C ILE G 300 -5.68 18.61 34.04
N SER G 301 -5.86 19.59 34.93
CA SER G 301 -5.11 20.83 34.84
C SER G 301 -3.60 20.61 34.94
N ALA G 302 -3.17 19.85 35.95
CA ALA G 302 -1.74 19.53 36.07
C ALA G 302 -1.24 18.87 34.78
N MET G 303 -1.99 17.90 34.25
CA MET G 303 -1.58 17.22 33.04
C MET G 303 -1.54 18.20 31.86
N LEU G 304 -2.41 19.22 31.87
CA LEU G 304 -2.39 20.18 30.78
C LEU G 304 -1.10 21.00 30.85
N GLY G 305 -0.76 21.47 32.05
CA GLY G 305 0.47 22.21 32.24
C GLY G 305 1.68 21.38 31.84
N LEU G 306 1.74 20.13 32.28
CA LEU G 306 2.89 19.31 31.96
C LEU G 306 2.93 18.99 30.47
N SER G 307 1.77 18.78 29.85
CA SER G 307 1.76 18.52 28.42
C SER G 307 2.30 19.72 27.65
N VAL G 308 2.12 20.94 28.17
CA VAL G 308 2.63 22.10 27.46
C VAL G 308 4.15 22.15 27.56
N TYR G 309 4.68 21.94 28.77
CA TYR G 309 6.11 21.82 28.94
C TYR G 309 6.70 20.75 28.03
N ILE G 310 6.10 19.56 28.00
CA ILE G 310 6.69 18.49 27.23
C ILE G 310 6.63 18.80 25.74
N LYS G 311 5.53 19.38 25.28
CA LYS G 311 5.44 19.68 23.87
C LYS G 311 6.53 20.69 23.51
N LYS G 312 6.68 21.73 24.33
CA LYS G 312 7.68 22.75 24.02
C LYS G 312 9.09 22.18 24.05
N PHE G 313 9.34 21.30 25.01
CA PHE G 313 10.61 20.64 25.11
C PHE G 313 10.90 19.86 23.84
N LYS G 314 9.97 19.00 23.44
CA LYS G 314 10.23 18.17 22.29
C LYS G 314 10.28 19.00 21.01
N TRP G 315 9.51 20.10 20.93
CA TRP G 315 9.50 20.84 19.68
C TRP G 315 10.66 21.83 19.57
N SER G 316 11.50 21.99 20.60
CA SER G 316 12.42 23.13 20.54
C SER G 316 13.42 22.99 19.40
N PRO G 317 13.91 21.79 19.03
CA PRO G 317 14.82 21.70 17.90
C PRO G 317 14.19 22.18 16.60
N ILE G 318 12.88 21.96 16.44
CA ILE G 318 12.21 22.40 15.24
C ILE G 318 11.99 23.90 15.30
N LYS G 319 11.53 24.41 16.44
CA LYS G 319 11.28 25.85 16.50
C LYS G 319 12.59 26.63 16.34
N ASN G 320 13.69 26.10 16.88
CA ASN G 320 14.93 26.86 16.93
C ASN G 320 15.77 26.74 15.67
N ARG G 321 15.33 25.94 14.70
CA ARG G 321 16.09 25.66 13.48
C ARG G 321 16.47 26.94 12.74
N LYS G 322 17.71 26.99 12.22
CA LYS G 322 18.19 28.13 11.45
C LYS G 322 18.82 27.63 10.16
N PHE G 323 18.82 28.49 9.13
CA PHE G 323 19.28 28.11 7.81
C PHE G 323 20.33 29.09 7.31
N ILE G 324 21.26 28.58 6.51
CA ILE G 324 22.10 29.44 5.72
C ILE G 324 21.92 28.97 4.29
N TYR G 325 21.52 29.87 3.39
CA TYR G 325 21.34 29.45 2.02
C TYR G 325 22.47 30.00 1.17
N ASN G 326 23.18 29.15 0.44
CA ASN G 326 24.15 29.64 -0.52
C ASN G 326 23.69 29.16 -1.87
N PRO G 327 23.11 30.03 -2.72
CA PRO G 327 22.51 29.58 -3.98
C PRO G 327 23.57 28.87 -4.81
N PRO G 328 23.30 27.62 -5.25
CA PRO G 328 24.25 26.85 -6.05
C PRO G 328 24.65 27.53 -7.36
N TYR H 7 1.25 12.26 -5.26
CA TYR H 7 1.84 13.64 -4.93
C TYR H 7 2.65 13.66 -3.63
N MET H 8 2.70 12.56 -2.91
CA MET H 8 3.67 12.52 -1.84
C MET H 8 4.36 11.17 -1.94
N GLY H 9 5.68 11.14 -1.73
CA GLY H 9 6.36 9.86 -1.78
C GLY H 9 6.55 9.35 -0.36
N TRP H 10 7.80 9.02 -0.03
CA TRP H 10 8.12 8.55 1.31
C TRP H 10 9.53 8.99 1.64
N TRP H 11 10.00 8.75 2.86
CA TRP H 11 11.34 9.19 3.23
C TRP H 11 12.39 8.71 2.24
N GLY H 12 13.26 9.61 1.81
CA GLY H 12 14.22 9.28 0.77
C GLY H 12 13.76 9.71 -0.63
N HIS H 13 12.45 9.76 -0.87
CA HIS H 13 11.94 10.12 -2.18
C HIS H 13 10.60 10.80 -1.97
N MET H 14 10.61 11.87 -1.18
CA MET H 14 9.37 12.50 -0.77
C MET H 14 8.69 13.20 -1.95
N GLY H 15 9.44 13.58 -2.98
CA GLY H 15 8.86 14.27 -4.13
C GLY H 15 9.23 15.75 -4.17
N SER H 16 10.17 16.16 -3.31
CA SER H 16 10.72 17.50 -3.31
C SER H 16 11.49 17.70 -4.61
N PRO H 17 11.50 18.91 -5.20
CA PRO H 17 12.49 19.23 -6.22
C PRO H 17 13.85 19.03 -5.57
N PRO H 18 14.94 18.80 -6.33
CA PRO H 18 16.27 18.63 -5.75
C PRO H 18 16.62 19.81 -4.84
N GLN H 19 17.16 19.49 -3.67
CA GLN H 19 17.56 20.52 -2.74
C GLN H 19 19.07 20.63 -2.79
N LYS H 20 19.57 21.86 -2.86
CA LYS H 20 21.00 22.08 -2.80
C LYS H 20 21.24 23.48 -2.26
N GLY H 21 22.27 23.64 -1.43
CA GLY H 21 22.73 24.95 -1.03
C GLY H 21 22.12 25.44 0.28
N ILE H 22 21.26 24.65 0.92
CA ILE H 22 20.70 25.05 2.21
C ILE H 22 21.42 24.29 3.32
N ALA H 23 21.99 25.01 4.29
CA ALA H 23 22.48 24.35 5.48
C ALA H 23 21.48 24.62 6.60
N GLY H 24 21.04 23.56 7.30
CA GLY H 24 20.12 23.73 8.43
C GLY H 24 20.84 23.40 9.74
N TYR H 25 20.53 24.14 10.79
CA TYR H 25 21.19 23.96 12.07
C TYR H 25 20.14 23.88 13.17
N THR H 26 20.40 23.10 14.21
CA THR H 26 19.55 23.17 15.38
C THR H 26 20.25 22.57 16.58
N ILE H 27 19.65 22.74 17.76
CA ILE H 27 20.29 22.27 18.97
C ILE H 27 19.35 21.29 19.67
N SER H 28 19.94 20.49 20.54
CA SER H 28 19.26 19.43 21.25
C SER H 28 18.17 20.01 22.15
N PRO H 29 17.03 19.32 22.37
CA PRO H 29 16.05 19.79 23.35
C PRO H 29 16.65 19.91 24.74
N PHE H 30 17.64 19.07 25.07
CA PHE H 30 18.27 19.19 26.39
C PHE H 30 19.24 20.37 26.48
N ALA H 31 19.66 20.91 25.33
CA ALA H 31 20.58 22.03 25.36
C ALA H 31 19.82 23.35 25.37
N ALA H 32 18.52 23.31 25.09
CA ALA H 32 17.77 24.53 24.84
C ALA H 32 16.88 24.86 26.03
N ARG H 33 16.55 26.14 26.18
CA ARG H 33 15.53 26.54 27.12
C ARG H 33 14.20 26.51 26.39
N PRO H 34 13.27 25.57 26.70
CA PRO H 34 12.02 25.46 25.94
C PRO H 34 11.19 26.74 26.03
N PHE H 35 11.27 27.45 27.16
CA PHE H 35 10.47 28.65 27.31
C PHE H 35 11.28 29.92 27.12
N ALA H 36 12.40 29.85 26.41
CA ALA H 36 13.11 31.07 26.03
C ALA H 36 12.18 32.02 25.29
N GLY H 37 12.18 33.28 25.75
CA GLY H 37 11.47 34.38 25.09
C GLY H 37 9.96 34.28 25.20
N VAL H 38 9.47 33.52 26.20
CA VAL H 38 8.06 33.21 26.31
C VAL H 38 7.25 34.46 26.64
N VAL H 39 7.81 35.33 27.48
CA VAL H 39 7.09 36.48 27.97
C VAL H 39 6.92 37.48 26.82
N HIS H 40 7.99 37.70 26.08
CA HIS H 40 7.92 38.55 24.91
C HIS H 40 6.92 38.00 23.90
N ALA H 41 6.96 36.67 23.66
CA ALA H 41 6.04 36.06 22.72
C ALA H 41 4.59 36.23 23.19
N ALA H 42 4.36 35.91 24.46
CA ALA H 42 3.02 35.91 25.03
C ALA H 42 2.40 37.30 24.91
N ILE H 43 3.22 38.35 25.00
CA ILE H 43 2.68 39.70 25.00
C ILE H 43 2.75 40.29 23.60
N PHE H 44 3.96 40.41 23.05
CA PHE H 44 4.15 41.17 21.83
C PHE H 44 3.78 40.37 20.59
N ASN H 45 4.19 39.10 20.57
CA ASN H 45 3.87 38.29 19.41
C ASN H 45 2.36 38.09 19.35
N THR H 46 1.72 37.79 20.49
CA THR H 46 0.28 37.57 20.44
C THR H 46 -0.46 38.85 20.07
N PHE H 47 0.02 40.00 20.53
CA PHE H 47 -0.63 41.25 20.17
C PHE H 47 -0.55 41.47 18.66
N ARG H 48 0.64 41.29 18.08
CA ARG H 48 0.80 41.45 16.65
C ARG H 48 -0.13 40.48 15.92
N ARG H 49 -0.09 39.19 16.30
CA ARG H 49 -0.89 38.25 15.53
C ARG H 49 -2.39 38.58 15.62
N THR H 50 -2.83 39.07 16.78
CA THR H 50 -4.24 39.32 17.02
C THR H 50 -4.67 40.61 16.32
N LYS H 51 -3.87 41.66 16.48
CA LYS H 51 -4.14 42.90 15.77
C LYS H 51 -4.35 42.66 14.28
N ASN H 52 -3.53 41.82 13.65
CA ASN H 52 -3.58 41.64 12.21
C ASN H 52 -4.81 40.83 11.76
N GLN H 53 -5.44 40.09 12.67
CA GLN H 53 -6.59 39.32 12.27
C GLN H 53 -7.88 39.92 12.83
N ALA H 54 -7.81 41.01 13.60
CA ALA H 54 -8.96 41.42 14.40
C ALA H 54 -10.16 41.81 13.54
N LEU H 55 -9.96 42.57 12.45
CA LEU H 55 -11.05 43.04 11.60
C LEU H 55 -11.88 41.90 10.99
N PHE H 56 -11.22 40.79 10.65
CA PHE H 56 -11.88 39.68 9.99
C PHE H 56 -12.80 38.93 10.94
N VAL H 57 -12.62 39.17 12.24
CA VAL H 57 -13.54 38.59 13.20
C VAL H 57 -14.57 39.65 13.57
N ILE H 58 -14.09 40.85 13.86
CA ILE H 58 -14.94 41.90 14.39
C ILE H 58 -16.04 42.25 13.40
N LEU H 59 -15.71 42.47 12.13
CA LEU H 59 -16.73 42.94 11.19
C LEU H 59 -17.89 41.96 11.07
N PRO H 60 -17.71 40.67 10.72
CA PRO H 60 -18.87 39.79 10.60
C PRO H 60 -19.56 39.52 11.93
N VAL H 61 -18.81 39.39 13.02
CA VAL H 61 -19.46 39.12 14.28
C VAL H 61 -20.36 40.30 14.66
N SER H 62 -19.83 41.52 14.54
CA SER H 62 -20.58 42.68 14.95
C SER H 62 -21.81 42.87 14.05
N PHE H 63 -21.68 42.53 12.78
CA PHE H 63 -22.81 42.73 11.92
C PHE H 63 -23.93 41.76 12.27
N PHE H 64 -23.57 40.47 12.41
CA PHE H 64 -24.59 39.46 12.66
C PHE H 64 -25.16 39.60 14.07
N TYR H 65 -24.38 40.14 15.00
CA TYR H 65 -24.93 40.37 16.33
C TYR H 65 -25.91 41.53 16.29
N TYR H 66 -25.62 42.53 15.48
CA TYR H 66 -26.53 43.66 15.38
C TYR H 66 -27.86 43.23 14.73
N VAL H 67 -27.79 42.48 13.64
CA VAL H 67 -28.96 41.93 12.98
C VAL H 67 -29.82 41.13 13.96
N TRP H 68 -29.19 40.27 14.76
CA TRP H 68 -29.91 39.42 15.68
C TRP H 68 -30.61 40.26 16.75
N THR H 69 -29.87 41.20 17.30
CA THR H 69 -30.35 42.13 18.31
C THR H 69 -31.58 42.89 17.82
N GLN H 70 -31.56 43.35 16.58
CA GLN H 70 -32.67 44.10 16.04
C GLN H 70 -33.89 43.19 15.90
N ALA H 71 -33.66 41.97 15.40
CA ALA H 71 -34.72 41.02 15.13
C ALA H 71 -35.35 40.57 16.45
N SER H 72 -34.52 40.24 17.44
CA SER H 72 -35.02 39.76 18.71
C SER H 72 -35.74 40.87 19.48
N GLU H 73 -35.28 42.12 19.36
CA GLU H 73 -35.97 43.19 20.05
C GLU H 73 -37.32 43.47 19.40
N LYS H 74 -37.38 43.38 18.08
CA LYS H 74 -38.64 43.66 17.42
C LYS H 74 -39.62 42.55 17.75
N ASN H 75 -39.12 41.31 17.78
CA ASN H 75 -39.98 40.19 18.03
C ASN H 75 -40.56 40.33 19.43
N GLU H 76 -39.72 40.77 20.38
CA GLU H 76 -40.17 40.93 21.75
C GLU H 76 -41.28 41.98 21.81
N TRP H 77 -41.10 43.05 21.04
CA TRP H 77 -41.99 44.19 21.09
C TRP H 77 -43.32 43.86 20.43
N LEU H 78 -43.28 42.99 19.42
CA LEU H 78 -44.48 42.67 18.68
C LEU H 78 -45.44 41.88 19.55
N TYR H 79 -44.91 41.19 20.57
CA TYR H 79 -45.73 40.34 21.41
C TYR H 79 -46.03 41.00 22.75
N THR H 80 -45.86 42.32 22.81
CA THR H 80 -46.40 43.11 23.90
C THR H 80 -47.74 43.69 23.48
N LYS H 81 -48.39 44.38 24.42
CA LYS H 81 -49.67 45.02 24.20
C LYS H 81 -49.50 46.16 23.20
N ALA H 82 -48.41 46.92 23.37
CA ALA H 82 -48.04 48.04 22.52
C ALA H 82 -47.87 47.61 21.06
N GLY H 83 -47.47 46.36 20.85
CA GLY H 83 -47.12 45.89 19.53
C GLY H 83 -48.24 45.11 18.85
N ARG H 84 -49.46 45.21 19.41
CA ARG H 84 -50.62 44.44 19.00
C ARG H 84 -50.92 44.67 17.53
N HIS H 85 -50.89 45.95 17.15
CA HIS H 85 -51.37 46.39 15.86
C HIS H 85 -50.38 46.01 14.78
N GLU H 86 -49.10 46.22 15.10
CA GLU H 86 -48.00 45.91 14.20
C GLU H 86 -47.91 44.40 14.05
N LEU H 87 -48.30 43.66 15.10
CA LEU H 87 -48.26 42.21 15.02
C LEU H 87 -49.38 41.72 14.11
N ALA H 88 -50.51 42.42 14.14
CA ALA H 88 -51.70 42.01 13.42
C ALA H 88 -51.44 42.11 11.92
N LYS H 89 -50.68 43.16 11.54
CA LYS H 89 -50.32 43.44 10.17
C LYS H 89 -49.26 42.44 9.70
N ALA H 90 -48.31 42.14 10.60
CA ALA H 90 -47.20 41.24 10.32
C ALA H 90 -47.71 39.83 10.03
N LEU H 91 -48.79 39.43 10.71
CA LEU H 91 -49.47 38.18 10.38
C LEU H 91 -50.61 38.50 9.40
N ALA I 4 22.39 14.14 42.18
CA ALA I 4 21.73 14.32 40.82
C ALA I 4 22.15 13.21 39.86
N THR I 5 23.47 13.03 39.76
CA THR I 5 23.98 11.83 39.11
C THR I 5 23.44 10.58 39.79
N THR I 6 23.50 10.56 41.12
CA THR I 6 23.09 9.38 41.85
C THR I 6 21.61 9.12 41.58
N PHE I 7 20.82 10.18 41.74
CA PHE I 7 19.39 10.06 41.51
C PHE I 7 19.11 9.59 40.08
N TYR I 8 19.78 10.19 39.10
CA TYR I 8 19.59 9.81 37.71
C TYR I 8 19.91 8.32 37.52
N ASN I 9 21.06 7.91 38.06
CA ASN I 9 21.56 6.56 37.87
C ASN I 9 20.65 5.49 38.47
N VAL I 10 20.03 5.80 39.61
CA VAL I 10 19.19 4.84 40.29
C VAL I 10 17.79 4.85 39.69
N PHE I 11 17.19 6.02 39.50
CA PHE I 11 15.76 5.98 39.23
C PHE I 11 15.40 6.29 37.79
N VAL I 12 16.35 6.79 36.99
CA VAL I 12 15.93 7.35 35.72
C VAL I 12 16.61 6.61 34.56
N LYS I 13 17.91 6.33 34.69
CA LYS I 13 18.71 5.77 33.62
C LYS I 13 18.07 4.51 33.01
N ARG I 14 17.74 3.52 33.82
CA ARG I 14 17.12 2.33 33.27
C ARG I 14 15.63 2.59 33.20
N ASN I 15 15.01 2.31 32.04
CA ASN I 15 13.60 2.59 31.86
C ASN I 15 12.78 1.67 32.76
N SER I 16 13.26 0.45 32.97
CA SER I 16 12.59 -0.43 33.92
C SER I 16 12.48 0.25 35.28
N ALA I 17 13.54 0.94 35.72
CA ALA I 17 13.55 1.58 37.02
C ALA I 17 12.68 2.84 37.00
N PHE I 18 12.71 3.55 35.88
CA PHE I 18 11.94 4.77 35.69
C PHE I 18 10.45 4.45 35.72
N VAL I 19 10.04 3.37 35.03
CA VAL I 19 8.64 3.00 34.99
C VAL I 19 8.21 2.51 36.37
N ALA I 20 9.05 1.70 37.03
CA ALA I 20 8.79 1.28 38.41
C ALA I 20 8.59 2.46 39.35
N THR I 21 9.44 3.49 39.23
CA THR I 21 9.36 4.66 40.09
C THR I 21 8.08 5.44 39.83
N ILE I 22 7.71 5.58 38.55
CA ILE I 22 6.54 6.32 38.15
C ILE I 22 5.29 5.63 38.70
N LEU I 23 5.21 4.29 38.55
CA LEU I 23 4.06 3.53 39.01
C LEU I 23 3.94 3.58 40.53
N ALA I 24 5.06 3.47 41.24
CA ALA I 24 5.01 3.51 42.69
C ALA I 24 4.57 4.91 43.17
N SER I 25 5.04 5.96 42.48
CA SER I 25 4.63 7.31 42.77
C SER I 25 3.14 7.50 42.48
N ALA I 26 2.65 6.87 41.41
CA ALA I 26 1.24 7.00 41.06
C ALA I 26 0.38 6.36 42.14
N PHE I 27 0.85 5.22 42.69
CA PHE I 27 0.18 4.54 43.79
C PHE I 27 0.12 5.46 45.01
N VAL I 28 1.25 6.05 45.38
CA VAL I 28 1.32 6.94 46.52
C VAL I 28 0.43 8.16 46.29
N PHE I 29 0.56 8.79 45.13
CA PHE I 29 -0.23 9.97 44.81
C PHE I 29 -1.72 9.66 44.95
N ASP I 30 -2.17 8.58 44.30
CA ASP I 30 -3.55 8.14 44.31
C ASP I 30 -4.10 8.03 45.74
N MET I 31 -3.34 7.41 46.66
CA MET I 31 -3.79 7.22 48.03
C MET I 31 -3.80 8.51 48.83
N THR I 32 -2.79 9.35 48.63
CA THR I 32 -2.66 10.56 49.42
C THR I 32 -3.63 11.62 48.91
N PHE I 33 -3.78 11.71 47.59
CA PHE I 33 -4.68 12.68 46.99
C PHE I 33 -6.12 12.42 47.41
N GLU I 34 -6.51 11.14 47.46
CA GLU I 34 -7.81 10.69 47.93
C GLU I 34 -8.06 11.26 49.33
N THR I 35 -7.13 11.01 50.23
CA THR I 35 -7.28 11.42 51.62
C THR I 35 -7.35 12.95 51.71
N ALA I 36 -6.49 13.63 50.96
CA ALA I 36 -6.41 15.08 51.03
C ALA I 36 -7.71 15.73 50.53
N ILE I 37 -8.25 15.22 49.41
CA ILE I 37 -9.46 15.82 48.87
C ILE I 37 -10.61 15.55 49.81
N ASP I 38 -10.71 14.32 50.32
CA ASP I 38 -11.73 13.98 51.29
C ASP I 38 -11.76 14.99 52.44
N ASN I 39 -10.60 15.28 53.05
CA ASN I 39 -10.57 16.26 54.14
C ASN I 39 -10.96 17.65 53.66
N PHE I 40 -10.48 18.06 52.50
CA PHE I 40 -10.75 19.40 52.04
C PHE I 40 -12.24 19.58 51.76
N TRP I 41 -12.84 18.54 51.17
CA TRP I 41 -14.24 18.58 50.77
C TRP I 41 -15.13 18.68 52.00
N ASP I 42 -14.73 17.97 53.07
CA ASP I 42 -15.47 17.95 54.32
C ASP I 42 -15.38 19.28 55.05
N ARG I 43 -14.27 20.01 54.90
CA ARG I 43 -14.08 21.31 55.53
C ARG I 43 -14.86 22.41 54.81
N ILE I 44 -14.86 22.41 53.47
CA ILE I 44 -15.61 23.44 52.78
C ILE I 44 -17.12 23.21 52.86
N ASN I 45 -17.54 21.99 53.16
CA ASN I 45 -18.95 21.66 53.21
C ASN I 45 -19.25 21.22 54.62
N ALA I 46 -18.84 22.03 55.60
CA ALA I 46 -18.91 21.61 57.00
C ALA I 46 -20.31 21.88 57.53
N GLY I 47 -20.84 20.91 58.27
CA GLY I 47 -22.18 21.02 58.82
C GLY I 47 -23.27 20.72 57.80
N LYS I 48 -22.90 20.43 56.56
CA LYS I 48 -23.93 20.26 55.55
C LYS I 48 -24.18 18.78 55.27
N GLN I 49 -23.17 17.94 55.49
CA GLN I 49 -23.23 16.59 54.95
C GLN I 49 -23.94 15.69 55.96
N TRP I 50 -24.40 14.51 55.52
CA TRP I 50 -25.05 13.55 56.42
C TRP I 50 -24.18 13.25 57.63
N LYS I 51 -22.89 12.98 57.43
CA LYS I 51 -21.96 12.68 58.51
C LYS I 51 -21.96 13.79 59.58
N ASP I 52 -22.37 15.01 59.22
CA ASP I 52 -22.39 16.12 60.16
C ASP I 52 -23.68 16.20 60.98
N ILE I 53 -24.75 15.53 60.52
CA ILE I 53 -26.03 15.64 61.20
C ILE I 53 -26.40 14.27 61.76
N ARG I 54 -25.67 13.24 61.34
CA ARG I 54 -25.95 11.86 61.67
C ARG I 54 -26.10 11.68 63.18
N HIS I 55 -25.38 12.47 63.98
CA HIS I 55 -25.30 12.23 65.43
C HIS I 55 -26.65 12.50 66.11
N LYS I 56 -27.49 13.32 65.48
CA LYS I 56 -28.83 13.61 65.98
C LYS I 56 -29.76 12.40 65.94
N TYR I 57 -29.39 11.32 65.23
CA TYR I 57 -30.34 10.26 64.91
C TYR I 57 -29.80 8.85 65.23
N TYR J 8 56.29 -19.08 20.52
CA TYR J 8 55.46 -19.09 19.25
C TYR J 8 54.07 -19.68 19.49
N VAL J 9 53.07 -19.04 18.86
CA VAL J 9 51.68 -19.41 18.99
C VAL J 9 51.25 -20.05 17.68
N LYS J 10 50.74 -21.30 17.75
CA LYS J 10 50.34 -22.01 16.55
C LYS J 10 48.86 -21.80 16.26
N LYS J 11 48.06 -21.63 17.33
CA LYS J 11 46.61 -21.56 17.20
C LYS J 11 46.06 -20.49 18.12
N PRO J 12 44.99 -19.75 17.71
CA PRO J 12 44.34 -18.80 18.63
C PRO J 12 43.61 -19.59 19.71
N SER J 13 43.42 -18.98 20.88
CA SER J 13 42.95 -19.73 22.02
C SER J 13 41.53 -19.29 22.37
N TYR J 14 40.54 -20.16 22.09
CA TYR J 14 39.16 -19.78 22.32
C TYR J 14 38.30 -21.03 22.45
N LYS J 15 37.12 -20.84 23.03
CA LYS J 15 36.06 -21.85 22.99
C LYS J 15 34.75 -21.19 22.55
N ILE J 16 33.80 -22.03 22.18
CA ILE J 16 32.44 -21.58 21.90
C ILE J 16 31.60 -21.79 23.16
N VAL J 17 30.99 -20.72 23.65
CA VAL J 17 30.10 -20.81 24.78
C VAL J 17 28.76 -21.39 24.33
N PRO J 18 28.05 -22.17 25.17
CA PRO J 18 26.72 -22.64 24.82
C PRO J 18 25.76 -21.50 24.49
N HIS J 19 24.96 -21.70 23.45
CA HIS J 19 24.06 -20.65 23.02
C HIS J 19 22.80 -21.26 22.43
N PHE J 20 21.74 -20.47 22.44
CA PHE J 20 20.44 -20.95 21.99
C PHE J 20 19.63 -19.75 21.55
N LEU J 21 19.16 -19.80 20.30
CA LEU J 21 18.37 -18.74 19.68
C LEU J 21 19.08 -17.40 19.80
N GLY J 22 20.42 -17.45 19.77
CA GLY J 22 21.25 -16.27 19.79
C GLY J 22 21.40 -15.66 21.18
N PHE J 23 21.09 -16.44 22.21
CA PHE J 23 21.34 -16.00 23.57
C PHE J 23 22.42 -16.86 24.15
N ASN J 24 23.26 -16.26 25.01
CA ASN J 24 24.24 -17.04 25.72
C ASN J 24 24.18 -16.58 27.17
N ILE J 25 24.84 -17.33 28.05
CA ILE J 25 24.72 -17.07 29.47
C ILE J 25 25.36 -15.74 29.85
N PRO J 26 26.58 -15.37 29.39
CA PRO J 26 27.12 -14.04 29.70
C PRO J 26 26.13 -12.91 29.44
N THR J 27 25.47 -12.93 28.27
CA THR J 27 24.56 -11.84 27.92
C THR J 27 23.32 -11.85 28.80
N VAL J 28 22.67 -13.00 28.91
CA VAL J 28 21.44 -13.13 29.68
C VAL J 28 21.66 -12.71 31.12
N SER J 29 22.81 -13.08 31.67
CA SER J 29 23.10 -12.72 33.05
C SER J 29 23.10 -11.21 33.27
N LYS J 30 23.49 -10.44 32.24
CA LYS J 30 23.49 -8.99 32.34
C LYS J 30 22.05 -8.46 32.40
N TRP J 31 21.11 -9.25 31.90
CA TRP J 31 19.73 -8.76 31.84
C TRP J 31 18.89 -9.27 33.00
N ILE J 32 19.42 -10.19 33.80
CA ILE J 32 18.68 -10.78 34.92
C ILE J 32 18.14 -9.66 35.82
N PRO J 33 18.98 -8.73 36.32
CA PRO J 33 18.46 -7.63 37.13
C PRO J 33 17.38 -6.79 36.46
N ILE J 34 17.47 -6.60 35.14
CA ILE J 34 16.48 -5.80 34.43
C ILE J 34 15.13 -6.51 34.44
N PHE J 35 15.13 -7.84 34.25
CA PHE J 35 13.90 -8.60 34.41
C PHE J 35 13.33 -8.42 35.80
N GLY J 36 14.19 -8.46 36.81
CA GLY J 36 13.79 -8.15 38.18
C GLY J 36 13.01 -6.84 38.31
N ILE J 37 13.60 -5.73 37.84
CA ILE J 37 12.93 -4.44 37.97
C ILE J 37 11.64 -4.41 37.16
N TRP J 38 11.65 -4.97 35.95
CA TRP J 38 10.42 -5.01 35.18
C TRP J 38 9.35 -5.82 35.92
N GLY J 39 9.78 -6.81 36.70
CA GLY J 39 8.85 -7.66 37.43
C GLY J 39 8.21 -6.88 38.56
N ALA J 40 9.05 -6.11 39.27
CA ALA J 40 8.60 -5.14 40.25
C ALA J 40 7.62 -4.14 39.62
N ALA J 41 7.98 -3.56 38.45
CA ALA J 41 7.12 -2.60 37.79
C ALA J 41 5.77 -3.24 37.48
N ALA J 42 5.80 -4.50 37.05
CA ALA J 42 4.58 -5.19 36.69
C ALA J 42 3.76 -5.49 37.95
N GLY J 43 4.47 -5.87 39.03
CA GLY J 43 3.87 -6.14 40.32
C GLY J 43 3.19 -4.90 40.90
N ILE J 44 3.93 -3.80 40.98
CA ILE J 44 3.39 -2.55 41.48
C ILE J 44 2.18 -2.16 40.63
N GLY J 45 2.34 -2.24 39.31
CA GLY J 45 1.28 -1.82 38.40
C GLY J 45 0.02 -2.66 38.59
N ALA J 46 0.20 -3.98 38.69
CA ALA J 46 -0.92 -4.91 38.78
C ALA J 46 -1.68 -4.63 40.06
N LEU J 47 -0.92 -4.55 41.15
CA LEU J 47 -1.49 -4.35 42.47
C LEU J 47 -2.25 -3.03 42.52
N PHE J 48 -1.67 -2.00 41.92
CA PHE J 48 -2.28 -0.69 41.83
C PHE J 48 -3.60 -0.76 41.06
N LEU J 49 -3.65 -1.56 39.99
CA LEU J 49 -4.86 -1.66 39.17
C LEU J 49 -5.99 -2.33 39.94
N ILE J 50 -5.65 -3.20 40.90
CA ILE J 50 -6.70 -3.92 41.58
C ILE J 50 -6.81 -3.46 43.03
N GLU J 51 -6.27 -2.28 43.30
CA GLU J 51 -6.31 -1.72 44.64
C GLU J 51 -7.76 -1.53 45.09
N GLY J 52 -8.64 -1.24 44.14
CA GLY J 52 -10.03 -1.02 44.45
C GLY J 52 -10.79 -2.30 44.76
N VAL J 53 -10.35 -3.42 44.18
CA VAL J 53 -10.96 -4.71 44.49
C VAL J 53 -10.93 -4.98 45.99
N PRO J 54 -12.10 -5.23 46.62
CA PRO J 54 -12.17 -5.42 48.07
C PRO J 54 -11.31 -6.54 48.65
N ARG J 55 -11.13 -7.61 47.88
CA ARG J 55 -10.34 -8.74 48.32
C ARG J 55 -8.86 -8.36 48.38
N THR J 56 -8.39 -7.55 47.41
CA THR J 56 -7.04 -7.02 47.44
C THR J 56 -6.78 -6.26 48.74
N ARG J 57 -7.77 -5.50 49.19
CA ARG J 57 -7.60 -4.68 50.38
C ARG J 57 -7.59 -5.59 51.61
N GLN J 58 -8.58 -6.47 51.66
CA GLN J 58 -8.79 -7.39 52.76
C GLN J 58 -7.58 -8.30 52.96
N ASP J 59 -7.05 -8.87 51.86
CA ASP J 59 -6.03 -9.91 51.93
C ASP J 59 -4.59 -9.38 51.82
N ILE J 60 -4.39 -8.25 51.12
CA ILE J 60 -3.03 -7.78 50.89
C ILE J 60 -2.83 -6.45 51.61
N LEU J 61 -3.56 -5.43 51.17
CA LEU J 61 -3.15 -4.06 51.44
C LEU J 61 -3.34 -3.70 52.92
N SER J 62 -4.36 -4.27 53.57
CA SER J 62 -4.67 -3.88 54.94
C SER J 62 -3.69 -4.53 55.93
N LYS J 63 -2.91 -5.51 55.44
CA LYS J 63 -2.00 -6.28 56.26
C LYS J 63 -0.62 -5.63 56.32
N ILE J 64 -0.35 -4.69 55.40
CA ILE J 64 0.90 -3.95 55.39
C ILE J 64 0.99 -3.15 56.68
N PRO J 65 2.12 -3.24 57.43
CA PRO J 65 2.27 -2.55 58.72
C PRO J 65 2.29 -1.03 58.56
N ILE J 66 1.64 -0.34 59.51
CA ILE J 66 1.55 1.12 59.60
C ILE J 66 0.54 1.63 58.58
N ILE J 67 0.90 1.47 57.30
CA ILE J 67 0.24 1.98 56.12
C ILE J 67 -1.14 1.32 55.96
N GLY J 68 -1.26 0.09 56.47
CA GLY J 68 -2.35 -0.81 56.15
C GLY J 68 -3.71 -0.35 56.68
N GLU J 69 -3.69 0.66 57.56
CA GLU J 69 -4.92 1.13 58.15
C GLU J 69 -5.67 2.03 57.18
N HIS J 70 -4.96 2.44 56.12
CA HIS J 70 -5.56 3.22 55.06
C HIS J 70 -6.74 2.48 54.42
N TRP J 71 -6.68 1.15 54.46
CA TRP J 71 -7.64 0.33 53.73
C TRP J 71 -8.63 -0.35 54.67
N ILE J 72 -8.55 -0.05 55.97
CA ILE J 72 -9.51 -0.57 56.92
C ILE J 72 -10.54 0.52 57.17
N ARG J 73 -11.61 0.49 56.40
CA ARG J 73 -12.66 1.49 56.50
C ARG J 73 -14.02 0.81 56.58
N GLU J 74 -14.77 1.15 57.63
CA GLU J 74 -16.11 0.62 57.86
C GLU J 74 -17.15 1.71 57.64
N ILE J 75 -18.19 1.36 56.88
CA ILE J 75 -19.41 2.15 56.82
C ILE J 75 -20.16 1.90 58.13
N PRO J 76 -20.56 2.96 58.87
CA PRO J 76 -21.41 2.81 60.06
C PRO J 76 -22.72 2.12 59.68
N ALA J 77 -23.20 1.22 60.56
CA ALA J 77 -24.40 0.44 60.33
C ALA J 77 -25.63 1.33 60.10
N SER J 78 -25.55 2.57 60.60
CA SER J 78 -26.64 3.54 60.48
C SER J 78 -26.74 4.09 59.06
N ASP J 79 -25.68 3.93 58.27
CA ASP J 79 -25.56 4.62 57.00
C ASP J 79 -25.61 3.62 55.86
N ASN J 80 -25.89 2.36 56.20
CA ASN J 80 -25.76 1.28 55.23
C ASN J 80 -27.12 0.66 54.97
N PRO J 81 -27.72 0.84 53.77
CA PRO J 81 -29.05 0.29 53.49
C PRO J 81 -29.00 -1.23 53.40
N PHE J 82 -27.84 -1.76 53.00
CA PHE J 82 -27.67 -3.18 52.82
C PHE J 82 -27.02 -3.76 54.09
N MET K 1 -2.16 4.34 -16.76
CA MET K 1 -2.49 3.29 -15.68
C MET K 1 -3.99 3.13 -15.41
N ALA K 2 -4.43 1.87 -15.31
CA ALA K 2 -5.80 1.51 -14.98
C ALA K 2 -6.23 2.11 -13.64
N LEU K 3 -7.48 2.60 -13.60
CA LEU K 3 -8.00 3.24 -12.40
C LEU K 3 -7.93 2.31 -11.18
N ARG K 4 -8.18 1.02 -11.39
CA ARG K 4 -8.17 0.08 -10.29
C ARG K 4 -6.78 0.00 -9.64
N LYS K 5 -5.74 0.45 -10.34
CA LYS K 5 -4.40 0.35 -9.80
C LYS K 5 -3.96 1.72 -9.28
N LYS K 6 -4.50 2.78 -9.87
CA LYS K 6 -4.03 4.13 -9.67
C LYS K 6 -4.62 4.68 -8.37
N ASN K 7 -5.94 4.48 -8.20
CA ASN K 7 -6.63 5.02 -7.05
C ASN K 7 -6.32 4.14 -5.82
N SER K 8 -5.89 4.76 -4.72
CA SER K 8 -5.42 3.96 -3.60
C SER K 8 -6.54 3.12 -2.98
N LEU K 9 -7.76 3.67 -2.87
CA LEU K 9 -8.81 2.85 -2.29
C LEU K 9 -9.12 1.64 -3.18
N LEU K 10 -9.40 1.89 -4.47
CA LEU K 10 -9.69 0.82 -5.42
C LEU K 10 -8.55 -0.19 -5.44
N ASN K 11 -7.32 0.32 -5.32
CA ASN K 11 -6.18 -0.58 -5.40
C ASN K 11 -6.13 -1.56 -4.24
N MET K 12 -6.59 -1.15 -3.06
CA MET K 12 -6.65 -2.09 -1.95
C MET K 12 -7.65 -3.23 -2.24
N ALA K 13 -8.83 -2.89 -2.74
CA ALA K 13 -9.78 -3.92 -3.14
C ALA K 13 -9.16 -4.81 -4.22
N ASN K 14 -8.62 -4.16 -5.26
CA ASN K 14 -8.00 -4.81 -6.40
C ASN K 14 -6.98 -5.84 -5.93
N SER K 15 -6.13 -5.47 -4.96
CA SER K 15 -5.07 -6.34 -4.50
C SER K 15 -5.60 -7.58 -3.78
N TYR K 16 -6.87 -7.57 -3.34
CA TYR K 16 -7.40 -8.70 -2.58
C TYR K 16 -8.36 -9.51 -3.43
N VAL K 17 -9.07 -8.88 -4.37
CA VAL K 17 -10.17 -9.64 -4.92
C VAL K 17 -10.07 -9.71 -6.42
N LEU K 18 -9.18 -8.93 -7.03
CA LEU K 18 -9.16 -9.01 -8.49
C LEU K 18 -7.78 -9.43 -8.99
N ASP K 19 -6.80 -8.54 -8.89
CA ASP K 19 -5.47 -8.87 -9.37
C ASP K 19 -4.70 -9.76 -8.41
N SER K 20 -5.27 -10.09 -7.25
CA SER K 20 -4.51 -10.84 -6.26
C SER K 20 -3.90 -12.09 -6.92
N PRO K 21 -2.57 -12.29 -6.96
CA PRO K 21 -2.01 -13.49 -7.60
C PRO K 21 -2.12 -14.76 -6.75
N GLN K 22 -2.83 -15.77 -7.27
CA GLN K 22 -3.10 -16.98 -6.50
C GLN K 22 -2.40 -18.15 -7.16
N PRO K 23 -2.10 -19.23 -6.42
CA PRO K 23 -1.59 -20.45 -7.04
C PRO K 23 -2.63 -20.94 -8.03
N SER K 24 -2.19 -21.62 -9.08
CA SER K 24 -3.15 -22.03 -10.08
C SER K 24 -3.80 -23.37 -9.69
N ASN K 25 -3.35 -24.01 -8.61
CA ASN K 25 -3.82 -25.35 -8.29
C ASN K 25 -4.52 -25.43 -6.93
N LEU K 26 -5.20 -24.39 -6.43
CA LEU K 26 -5.93 -24.56 -5.18
C LEU K 26 -7.07 -25.54 -5.40
N ASN K 27 -7.28 -26.49 -4.47
CA ASN K 27 -8.38 -27.46 -4.59
C ASN K 27 -9.59 -26.92 -3.84
N TYR K 28 -10.67 -27.71 -3.72
CA TYR K 28 -11.91 -27.22 -3.10
C TYR K 28 -11.77 -26.95 -1.60
N PHE K 29 -10.75 -27.49 -0.95
CA PHE K 29 -10.57 -27.14 0.44
C PHE K 29 -10.09 -25.70 0.64
N TRP K 30 -9.71 -25.00 -0.43
CA TRP K 30 -9.38 -23.59 -0.30
C TRP K 30 -10.65 -22.77 -0.39
N ASN K 31 -11.82 -23.40 -0.43
CA ASN K 31 -13.02 -22.59 -0.58
C ASN K 31 -13.68 -22.28 0.75
N PHE K 32 -13.17 -22.82 1.85
CA PHE K 32 -13.81 -22.55 3.13
C PHE K 32 -13.59 -21.13 3.61
N GLY K 33 -12.49 -20.50 3.20
CA GLY K 33 -12.26 -19.12 3.60
C GLY K 33 -13.41 -18.24 3.09
N SER K 34 -13.83 -18.40 1.83
CA SER K 34 -14.93 -17.58 1.35
C SER K 34 -16.23 -18.06 1.96
N LEU K 35 -16.41 -19.36 2.25
CA LEU K 35 -17.61 -19.74 2.98
C LEU K 35 -17.65 -19.10 4.37
N LEU K 36 -16.50 -19.04 5.06
CA LEU K 36 -16.51 -18.37 6.35
C LEU K 36 -16.89 -16.91 6.22
N ALA K 37 -16.45 -16.24 5.15
CA ALA K 37 -16.81 -14.85 4.90
C ALA K 37 -18.31 -14.74 4.66
N LEU K 38 -18.87 -15.69 3.91
CA LEU K 38 -20.31 -15.76 3.72
C LEU K 38 -21.09 -15.96 5.04
N CYS K 39 -20.67 -16.91 5.90
CA CYS K 39 -21.31 -17.10 7.18
C CYS K 39 -21.25 -15.79 7.98
N LEU K 40 -20.10 -15.14 7.95
CA LEU K 40 -19.96 -13.92 8.72
C LEU K 40 -20.93 -12.86 8.20
N VAL K 41 -21.05 -12.72 6.89
CA VAL K 41 -22.01 -11.78 6.33
C VAL K 41 -23.45 -12.17 6.67
N ILE K 42 -23.83 -13.44 6.54
CA ILE K 42 -25.18 -13.85 6.91
C ILE K 42 -25.46 -13.52 8.38
N GLN K 43 -24.52 -13.86 9.28
CA GLN K 43 -24.68 -13.62 10.69
C GLN K 43 -24.78 -12.12 10.96
N LEU K 44 -24.02 -11.29 10.24
CA LEU K 44 -24.21 -9.86 10.49
C LEU K 44 -25.60 -9.41 10.06
N ALA K 45 -26.05 -9.81 8.86
CA ALA K 45 -27.34 -9.34 8.39
C ALA K 45 -28.46 -9.91 9.25
N THR K 46 -28.42 -11.21 9.55
CA THR K 46 -29.52 -11.73 10.34
C THR K 46 -29.43 -11.22 11.77
N GLY K 47 -28.21 -11.11 12.30
CA GLY K 47 -28.07 -10.71 13.70
C GLY K 47 -28.53 -9.28 13.94
N ILE K 48 -28.17 -8.38 13.03
CA ILE K 48 -28.60 -7.01 13.19
C ILE K 48 -30.12 -6.92 13.07
N THR K 49 -30.69 -7.72 12.16
CA THR K 49 -32.13 -7.79 12.04
C THR K 49 -32.79 -8.31 13.30
N LEU K 50 -32.26 -9.39 13.88
CA LEU K 50 -32.87 -9.89 15.10
C LEU K 50 -32.81 -8.82 16.19
N ALA K 51 -31.69 -8.12 16.28
CA ALA K 51 -31.54 -7.06 17.26
C ALA K 51 -32.64 -5.99 17.10
N MET K 52 -33.23 -5.82 15.91
CA MET K 52 -34.30 -4.85 15.80
C MET K 52 -35.60 -5.30 16.47
N HIS K 53 -35.70 -6.56 16.89
CA HIS K 53 -36.96 -7.11 17.37
C HIS K 53 -36.73 -7.85 18.67
N TYR K 54 -35.48 -7.94 19.14
CA TYR K 54 -35.21 -8.73 20.33
C TYR K 54 -35.19 -7.81 21.55
N THR K 55 -35.58 -8.29 22.73
CA THR K 55 -35.48 -7.44 23.90
C THR K 55 -34.56 -8.13 24.89
N SER K 56 -33.56 -7.42 25.42
CA SER K 56 -32.52 -8.10 26.17
C SER K 56 -32.90 -8.29 27.63
N HIS K 57 -33.98 -7.65 28.09
CA HIS K 57 -34.41 -7.75 29.47
C HIS K 57 -34.90 -9.15 29.78
N ALA K 58 -34.48 -9.75 30.91
CA ALA K 58 -34.77 -11.15 31.19
C ALA K 58 -36.27 -11.44 31.29
N SER K 59 -37.07 -10.42 31.57
CA SER K 59 -38.48 -10.67 31.68
C SER K 59 -39.12 -10.81 30.31
N LEU K 60 -38.40 -10.38 29.27
CA LEU K 60 -39.01 -10.24 27.95
C LEU K 60 -38.23 -10.99 26.87
N ALA K 61 -37.02 -11.48 27.18
CA ALA K 61 -36.10 -11.98 26.18
C ALA K 61 -36.68 -13.17 25.43
N PHE K 62 -37.02 -14.22 26.20
CA PHE K 62 -37.56 -15.44 25.64
C PHE K 62 -38.82 -15.13 24.86
N ASP K 63 -39.68 -14.28 25.41
CA ASP K 63 -40.88 -13.96 24.65
C ASP K 63 -40.57 -13.12 23.41
N SER K 64 -39.48 -12.35 23.39
CA SER K 64 -39.22 -11.55 22.22
C SER K 64 -38.76 -12.49 21.11
N VAL K 65 -38.11 -13.58 21.49
CA VAL K 65 -37.75 -14.56 20.49
C VAL K 65 -38.99 -15.28 19.96
N GLU K 66 -39.98 -15.57 20.81
CA GLU K 66 -41.25 -16.11 20.32
C GLU K 66 -41.99 -15.12 19.42
N HIS K 67 -41.88 -13.83 19.72
CA HIS K 67 -42.53 -12.81 18.91
C HIS K 67 -41.90 -12.77 17.52
N ILE K 68 -40.58 -12.92 17.47
CA ILE K 68 -39.83 -13.03 16.23
C ILE K 68 -40.34 -14.23 15.43
N MET K 69 -40.43 -15.42 16.03
CA MET K 69 -40.91 -16.60 15.34
C MET K 69 -42.36 -16.43 14.86
N ARG K 70 -43.22 -15.78 15.66
CA ARG K 70 -44.65 -15.84 15.40
C ARG K 70 -45.20 -14.62 14.65
N ASP K 71 -44.71 -13.39 14.93
CA ASP K 71 -45.39 -12.19 14.47
C ASP K 71 -44.59 -11.39 13.45
N VAL K 72 -43.26 -11.43 13.55
CA VAL K 72 -42.45 -10.65 12.64
C VAL K 72 -42.47 -11.33 11.28
N ASN K 73 -42.75 -10.58 10.20
CA ASN K 73 -42.73 -11.15 8.87
C ASN K 73 -41.38 -11.79 8.57
N PHE K 74 -41.39 -13.09 8.23
CA PHE K 74 -40.17 -13.83 7.99
C PHE K 74 -39.26 -13.89 9.20
N GLY K 75 -39.82 -13.57 10.36
CA GLY K 75 -39.02 -13.72 11.56
C GLY K 75 -38.52 -15.15 11.75
N TRP K 76 -39.34 -16.16 11.42
CA TRP K 76 -38.95 -17.54 11.63
C TRP K 76 -37.69 -17.80 10.78
N PHE K 77 -37.66 -17.21 9.58
CA PHE K 77 -36.57 -17.47 8.67
C PHE K 77 -35.30 -16.85 9.23
N ILE K 78 -35.41 -15.59 9.65
CA ILE K 78 -34.27 -14.85 10.12
C ILE K 78 -33.74 -15.54 11.37
N ARG K 79 -34.63 -16.00 12.23
CA ARG K 79 -34.17 -16.66 13.44
C ARG K 79 -33.48 -17.99 13.08
N TYR K 80 -34.13 -18.83 12.27
CA TYR K 80 -33.52 -20.12 11.99
C TYR K 80 -32.25 -19.97 11.16
N ALA K 81 -32.22 -18.99 10.25
CA ALA K 81 -31.02 -18.70 9.48
C ALA K 81 -29.88 -18.38 10.44
N HIS K 82 -30.15 -17.51 11.43
CA HIS K 82 -29.12 -17.12 12.35
C HIS K 82 -28.64 -18.30 13.19
N ALA K 83 -29.57 -19.13 13.66
CA ALA K 83 -29.26 -20.24 14.55
C ALA K 83 -28.48 -21.32 13.80
N ASN K 84 -28.87 -21.62 12.56
CA ASN K 84 -28.26 -22.71 11.82
C ASN K 84 -26.91 -22.28 11.24
N THR K 85 -26.85 -21.02 10.80
CA THR K 85 -25.58 -20.51 10.30
C THR K 85 -24.54 -20.50 11.42
N ALA K 86 -24.95 -20.31 12.68
CA ALA K 86 -23.96 -20.50 13.74
C ALA K 86 -23.32 -21.88 13.67
N SER K 87 -24.09 -22.95 13.39
CA SER K 87 -23.51 -24.29 13.26
C SER K 87 -22.66 -24.40 11.99
N PHE K 88 -23.16 -23.85 10.88
CA PHE K 88 -22.41 -23.94 9.64
C PHE K 88 -21.08 -23.21 9.75
N PHE K 89 -21.07 -22.10 10.49
CA PHE K 89 -19.86 -21.34 10.74
C PHE K 89 -18.83 -22.27 11.37
N PHE K 90 -19.24 -23.12 12.31
CA PHE K 90 -18.25 -24.00 12.92
C PHE K 90 -17.88 -25.17 12.03
N ILE K 91 -18.80 -25.63 11.19
CA ILE K 91 -18.38 -26.68 10.27
C ILE K 91 -17.32 -26.09 9.34
N CYS K 92 -17.57 -24.87 8.83
CA CYS K 92 -16.61 -24.29 7.91
C CYS K 92 -15.29 -23.99 8.61
N ILE K 93 -15.32 -23.61 9.88
CA ILE K 93 -14.09 -23.23 10.56
C ILE K 93 -13.26 -24.46 10.92
N TYR K 94 -13.92 -25.57 11.26
CA TYR K 94 -13.18 -26.79 11.48
C TYR K 94 -12.55 -27.30 10.17
N ALA K 95 -13.28 -27.18 9.06
CA ALA K 95 -12.79 -27.59 7.75
C ALA K 95 -11.58 -26.74 7.38
N HIS K 96 -11.70 -25.42 7.55
CA HIS K 96 -10.65 -24.48 7.26
C HIS K 96 -9.43 -24.75 8.12
N MET K 97 -9.62 -24.99 9.43
CA MET K 97 -8.48 -25.34 10.28
C MET K 97 -7.90 -26.70 9.89
N GLY K 98 -8.76 -27.66 9.53
CA GLY K 98 -8.25 -28.96 9.14
C GLY K 98 -7.40 -28.83 7.88
N ARG K 99 -7.89 -28.09 6.89
CA ARG K 99 -7.12 -27.82 5.69
C ARG K 99 -5.76 -27.25 6.10
N ASN K 100 -5.77 -26.25 6.97
CA ASN K 100 -4.52 -25.60 7.35
C ASN K 100 -3.55 -26.58 8.00
N ILE K 101 -4.05 -27.52 8.82
CA ILE K 101 -3.15 -28.42 9.52
C ILE K 101 -2.62 -29.47 8.54
N TYR K 102 -3.47 -29.99 7.66
CA TYR K 102 -3.04 -31.02 6.73
C TYR K 102 -2.02 -30.47 5.72
N TYR K 103 -2.22 -29.24 5.26
CA TYR K 103 -1.37 -28.74 4.19
C TYR K 103 -0.24 -27.89 4.76
N GLY K 104 -0.05 -27.89 6.07
CA GLY K 104 1.09 -27.20 6.65
C GLY K 104 0.96 -25.69 6.51
N SER K 105 -0.27 -25.15 6.51
CA SER K 105 -0.42 -23.71 6.33
C SER K 105 0.13 -22.95 7.53
N TYR K 106 0.43 -23.65 8.61
CA TYR K 106 0.93 -22.94 9.78
C TYR K 106 2.43 -22.75 9.69
N LYS K 107 3.13 -23.39 8.74
CA LYS K 107 4.59 -23.27 8.71
C LYS K 107 5.02 -21.90 8.19
N THR K 108 6.25 -21.52 8.53
CA THR K 108 6.87 -20.36 7.94
C THR K 108 6.68 -20.41 6.43
N PRO K 109 6.38 -19.30 5.72
CA PRO K 109 6.30 -17.97 6.34
C PRO K 109 4.88 -17.57 6.73
N ARG K 110 4.05 -18.52 7.18
CA ARG K 110 2.68 -18.17 7.44
C ARG K 110 2.33 -18.38 8.92
N VAL K 111 3.31 -18.28 9.82
CA VAL K 111 3.05 -18.34 11.25
C VAL K 111 2.12 -17.22 11.69
N LEU K 112 2.28 -16.01 11.16
CA LEU K 112 1.45 -14.92 11.70
C LEU K 112 -0.04 -15.08 11.33
N PRO K 113 -0.45 -15.31 10.06
CA PRO K 113 -1.87 -15.54 9.78
C PRO K 113 -2.43 -16.72 10.56
N TRP K 114 -1.60 -17.73 10.82
CA TRP K 114 -2.10 -18.85 11.58
C TRP K 114 -2.34 -18.47 13.04
N SER K 115 -1.41 -17.72 13.64
CA SER K 115 -1.54 -17.32 15.03
C SER K 115 -2.71 -16.38 15.23
N ILE K 116 -2.93 -15.46 14.28
CA ILE K 116 -4.10 -14.61 14.38
C ILE K 116 -5.33 -15.49 14.20
N GLY K 117 -5.24 -16.51 13.34
CA GLY K 117 -6.34 -17.43 13.14
C GLY K 117 -6.76 -18.09 14.46
N VAL K 118 -5.79 -18.50 15.27
CA VAL K 118 -6.16 -19.12 16.55
C VAL K 118 -6.99 -18.16 17.39
N ILE K 119 -6.68 -16.87 17.33
CA ILE K 119 -7.48 -15.93 18.10
C ILE K 119 -8.87 -15.76 17.48
N ILE K 120 -8.96 -15.73 16.15
CA ILE K 120 -10.28 -15.67 15.52
C ILE K 120 -11.14 -16.82 16.03
N PHE K 121 -10.54 -18.01 16.17
CA PHE K 121 -11.29 -19.18 16.61
C PHE K 121 -11.81 -18.98 18.03
N LEU K 122 -10.97 -18.42 18.93
CA LEU K 122 -11.43 -18.12 20.28
C LEU K 122 -12.52 -17.05 20.28
N LEU K 123 -12.39 -16.03 19.43
CA LEU K 123 -13.45 -15.05 19.38
C LEU K 123 -14.76 -15.67 18.90
N LEU K 124 -14.69 -16.63 17.97
CA LEU K 124 -15.92 -17.24 17.48
C LEU K 124 -16.60 -18.00 18.61
N ILE K 125 -15.80 -18.72 19.42
CA ILE K 125 -16.36 -19.48 20.54
C ILE K 125 -17.07 -18.54 21.50
N ILE K 126 -16.42 -17.43 21.86
CA ILE K 126 -17.06 -16.50 22.81
C ILE K 126 -18.31 -15.88 22.17
N THR K 127 -18.20 -15.46 20.91
CA THR K 127 -19.37 -14.90 20.26
C THR K 127 -20.54 -15.87 20.35
N ALA K 128 -20.30 -17.13 19.98
CA ALA K 128 -21.40 -18.07 19.84
C ALA K 128 -21.94 -18.43 21.22
N PHE K 129 -21.07 -18.50 22.22
CA PHE K 129 -21.51 -18.82 23.56
C PHE K 129 -22.48 -17.76 24.07
N MET K 130 -22.11 -16.48 23.92
CA MET K 130 -22.93 -15.39 24.39
C MET K 130 -24.24 -15.33 23.62
N GLY K 131 -24.20 -15.62 22.31
CA GLY K 131 -25.43 -15.49 21.54
C GLY K 131 -26.40 -16.56 22.00
N TYR K 132 -25.89 -17.73 22.39
CA TYR K 132 -26.78 -18.79 22.78
C TYR K 132 -27.53 -18.46 24.07
N VAL K 133 -26.88 -17.73 24.97
CA VAL K 133 -27.51 -17.33 26.21
C VAL K 133 -28.69 -16.41 25.95
N LEU K 134 -28.70 -15.70 24.82
CA LEU K 134 -29.66 -14.63 24.64
C LEU K 134 -31.09 -15.13 24.57
N VAL K 135 -31.29 -16.39 24.19
CA VAL K 135 -32.61 -16.94 24.06
C VAL K 135 -33.27 -16.99 25.43
N PHE K 136 -32.45 -17.28 26.46
CA PHE K 136 -32.91 -17.37 27.83
C PHE K 136 -33.92 -18.51 27.99
N GLY K 137 -33.70 -19.61 27.27
CA GLY K 137 -34.34 -20.88 27.58
C GLY K 137 -33.56 -21.64 28.66
N GLN K 138 -33.96 -22.88 28.95
CA GLN K 138 -33.30 -23.62 30.01
C GLN K 138 -31.82 -23.86 29.68
N MET K 139 -31.49 -24.24 28.43
CA MET K 139 -30.09 -24.50 28.12
C MET K 139 -29.29 -23.20 28.16
N SER K 140 -29.86 -22.12 27.64
CA SER K 140 -29.24 -20.81 27.78
C SER K 140 -28.80 -20.56 29.21
N LEU K 141 -29.72 -20.65 30.17
CA LEU K 141 -29.41 -20.27 31.54
C LEU K 141 -28.39 -21.22 32.18
N TRP K 142 -28.67 -22.51 32.08
CA TRP K 142 -27.87 -23.50 32.77
C TRP K 142 -26.51 -23.64 32.12
N GLY K 143 -26.46 -23.45 30.80
CA GLY K 143 -25.17 -23.41 30.12
C GLY K 143 -24.34 -22.22 30.59
N ALA K 144 -24.97 -21.04 30.68
CA ALA K 144 -24.25 -19.87 31.16
C ALA K 144 -23.76 -20.13 32.58
N THR K 145 -24.58 -20.77 33.42
CA THR K 145 -24.21 -20.96 34.81
C THR K 145 -22.95 -21.82 34.92
N VAL K 146 -22.92 -22.94 34.19
CA VAL K 146 -21.84 -23.87 34.41
C VAL K 146 -20.57 -23.37 33.74
N ILE K 147 -20.69 -22.72 32.60
CA ILE K 147 -19.51 -22.27 31.90
C ILE K 147 -18.91 -21.08 32.64
N CYS K 148 -19.75 -20.16 33.14
CA CYS K 148 -19.23 -19.01 33.85
C CYS K 148 -18.67 -19.42 35.22
N ASN K 149 -19.14 -20.53 35.79
CA ASN K 149 -18.58 -20.97 37.06
C ASN K 149 -17.18 -21.56 36.92
N LEU K 150 -16.73 -21.84 35.69
CA LEU K 150 -15.38 -22.37 35.51
C LEU K 150 -14.35 -21.32 35.87
N VAL K 151 -14.73 -20.06 35.72
CA VAL K 151 -13.92 -18.91 36.08
C VAL K 151 -13.67 -18.89 37.59
N SER K 152 -14.57 -19.47 38.39
CA SER K 152 -14.37 -19.54 39.84
C SER K 152 -13.09 -20.29 40.19
N ALA K 153 -12.48 -20.96 39.20
CA ALA K 153 -11.37 -21.84 39.50
C ALA K 153 -10.08 -21.04 39.51
N ILE K 154 -10.11 -19.88 38.82
CA ILE K 154 -9.00 -18.93 38.89
C ILE K 154 -8.72 -18.70 40.38
N PRO K 155 -7.48 -18.90 40.84
CA PRO K 155 -7.20 -18.88 42.27
C PRO K 155 -7.33 -17.46 42.83
N TRP K 156 -7.77 -17.39 44.09
CA TRP K 156 -7.84 -16.16 44.85
C TRP K 156 -9.00 -15.27 44.40
N LEU K 157 -8.99 -14.84 43.13
CA LEU K 157 -9.93 -13.83 42.67
C LEU K 157 -11.09 -14.44 41.88
N GLY K 158 -11.09 -15.76 41.69
CA GLY K 158 -12.01 -16.41 40.77
C GLY K 158 -13.49 -16.13 41.06
N GLU K 159 -13.92 -16.27 42.33
CA GLU K 159 -15.31 -16.04 42.72
C GLU K 159 -15.71 -14.60 42.47
N ASP K 160 -14.84 -13.66 42.84
CA ASP K 160 -15.04 -12.24 42.62
C ASP K 160 -15.18 -11.96 41.13
N ILE K 161 -14.41 -12.65 40.30
CA ILE K 161 -14.49 -12.38 38.88
C ILE K 161 -15.84 -12.87 38.36
N VAL K 162 -16.32 -14.01 38.88
CA VAL K 162 -17.58 -14.54 38.39
C VAL K 162 -18.72 -13.58 38.72
N HIS K 163 -18.74 -13.08 39.96
CA HIS K 163 -19.78 -12.15 40.34
C HIS K 163 -19.69 -10.87 39.53
N PHE K 164 -18.47 -10.50 39.17
CA PHE K 164 -18.28 -9.33 38.34
C PHE K 164 -18.83 -9.57 36.94
N LEU K 165 -18.56 -10.74 36.35
CA LEU K 165 -19.06 -11.07 35.02
C LEU K 165 -20.59 -11.11 35.00
N TRP K 166 -21.19 -11.74 36.01
CA TRP K 166 -22.63 -11.87 36.10
C TRP K 166 -23.33 -10.55 36.35
N GLY K 167 -22.63 -9.63 37.04
CA GLY K 167 -23.20 -8.42 37.57
C GLY K 167 -24.22 -8.70 38.67
N GLY K 168 -23.95 -9.72 39.48
CA GLY K 168 -24.86 -10.15 40.52
C GLY K 168 -24.39 -11.49 41.07
N PHE K 169 -25.29 -12.25 41.70
CA PHE K 169 -24.84 -13.44 42.39
C PHE K 169 -25.25 -14.70 41.67
N SER K 170 -25.90 -14.52 40.53
CA SER K 170 -26.25 -15.65 39.69
C SER K 170 -26.49 -15.09 38.32
N VAL K 171 -26.68 -15.97 37.34
CA VAL K 171 -27.01 -15.51 36.00
C VAL K 171 -28.43 -14.95 36.04
N GLY K 172 -28.58 -13.71 35.60
CA GLY K 172 -29.89 -13.09 35.61
C GLY K 172 -29.98 -11.99 34.58
N ASN K 173 -30.84 -11.01 34.84
CA ASN K 173 -31.03 -9.90 33.92
C ASN K 173 -29.72 -9.16 33.63
N PRO K 174 -28.87 -8.80 34.61
CA PRO K 174 -27.65 -8.06 34.30
C PRO K 174 -26.76 -8.84 33.35
N THR K 175 -26.75 -10.16 33.50
CA THR K 175 -25.88 -10.99 32.70
C THR K 175 -26.41 -11.05 31.27
N LEU K 176 -27.73 -11.17 31.15
CA LEU K 176 -28.33 -11.24 29.84
C LEU K 176 -28.13 -9.93 29.10
N GLN K 177 -28.30 -8.78 29.75
CA GLN K 177 -28.15 -7.52 29.05
C GLN K 177 -26.70 -7.26 28.66
N ARG K 178 -25.76 -7.68 29.49
CA ARG K 178 -24.39 -7.51 29.07
C ARG K 178 -24.02 -8.48 27.94
N PHE K 179 -24.59 -9.69 27.94
CA PHE K 179 -24.25 -10.62 26.87
C PHE K 179 -24.84 -10.10 25.57
N PHE K 180 -26.00 -9.46 25.63
CA PHE K 180 -26.52 -8.92 24.40
C PHE K 180 -25.53 -7.91 23.81
N ALA K 181 -25.05 -6.98 24.65
CA ALA K 181 -24.20 -5.91 24.15
C ALA K 181 -22.90 -6.49 23.60
N LEU K 182 -22.31 -7.45 24.32
CA LEU K 182 -21.07 -8.03 23.86
C LEU K 182 -21.27 -8.92 22.64
N HIS K 183 -22.37 -9.66 22.59
CA HIS K 183 -22.67 -10.47 21.42
C HIS K 183 -22.80 -9.59 20.19
N TYR K 184 -23.32 -8.38 20.35
CA TYR K 184 -23.44 -7.50 19.20
C TYR K 184 -22.03 -7.07 18.77
N LEU K 185 -21.17 -6.81 19.73
CA LEU K 185 -19.86 -6.25 19.42
C LEU K 185 -18.91 -7.29 18.84
N MET K 186 -18.84 -8.49 19.44
CA MET K 186 -17.82 -9.47 19.17
C MET K 186 -17.67 -9.81 17.69
N PRO K 187 -18.75 -10.00 16.92
CA PRO K 187 -18.64 -10.20 15.48
C PRO K 187 -17.89 -9.09 14.74
N PHE K 188 -17.96 -7.84 15.22
CA PHE K 188 -17.19 -6.78 14.56
C PHE K 188 -15.71 -6.93 14.88
N VAL K 189 -15.39 -7.32 16.12
CA VAL K 189 -14.01 -7.55 16.47
C VAL K 189 -13.48 -8.72 15.63
N LEU K 190 -14.29 -9.76 15.51
CA LEU K 190 -13.94 -10.94 14.75
C LEU K 190 -13.68 -10.56 13.30
N ALA K 191 -14.53 -9.71 12.70
CA ALA K 191 -14.29 -9.33 11.31
C ALA K 191 -12.97 -8.56 11.16
N VAL K 192 -12.61 -7.75 12.15
CA VAL K 192 -11.33 -7.08 12.08
C VAL K 192 -10.20 -8.12 12.11
N PHE K 193 -10.26 -9.10 13.01
CA PHE K 193 -9.17 -10.05 13.04
C PHE K 193 -9.14 -10.92 11.79
N ALA K 194 -10.31 -11.18 11.18
CA ALA K 194 -10.35 -11.95 9.95
C ALA K 194 -9.63 -11.15 8.88
N LEU K 195 -9.88 -9.84 8.86
CA LEU K 195 -9.14 -9.02 7.93
C LEU K 195 -7.64 -9.02 8.22
N LEU K 196 -7.26 -8.90 9.50
CA LEU K 196 -5.85 -8.90 9.85
C LEU K 196 -5.16 -10.19 9.41
N HIS K 197 -5.79 -11.36 9.60
CA HIS K 197 -5.09 -12.55 9.18
C HIS K 197 -4.91 -12.59 7.67
N LEU K 198 -5.85 -12.04 6.90
CA LEU K 198 -5.66 -11.98 5.44
C LEU K 198 -4.55 -11.02 5.03
N ILE K 199 -4.50 -9.85 5.65
CA ILE K 199 -3.44 -8.93 5.33
C ILE K 199 -2.11 -9.59 5.68
N ALA K 200 -2.04 -10.27 6.83
CA ALA K 200 -0.79 -10.92 7.18
C ALA K 200 -0.45 -11.98 6.14
N LEU K 201 -1.47 -12.70 5.63
CA LEU K 201 -1.22 -13.75 4.66
C LEU K 201 -0.68 -13.18 3.36
N HIS K 202 -1.02 -11.93 3.04
CA HIS K 202 -0.79 -11.45 1.69
C HIS K 202 0.69 -11.26 1.43
N THR K 203 1.51 -11.28 2.47
CA THR K 203 2.94 -11.17 2.25
C THR K 203 3.54 -12.43 1.63
N ALA K 204 3.02 -13.62 1.96
CA ALA K 204 3.54 -14.85 1.36
C ALA K 204 2.61 -15.32 0.23
N GLY K 205 1.36 -14.86 0.26
CA GLY K 205 0.30 -15.47 -0.52
C GLY K 205 -0.18 -16.79 0.06
N SER K 206 -1.31 -17.27 -0.49
CA SER K 206 -1.85 -18.58 -0.19
C SER K 206 -0.80 -19.65 -0.41
N SER K 207 -0.81 -20.68 0.45
CA SER K 207 -0.08 -21.89 0.15
C SER K 207 -0.90 -22.68 -0.86
N ASN K 208 -0.47 -23.88 -1.21
CA ASN K 208 -1.20 -24.66 -2.21
C ASN K 208 -1.08 -26.12 -1.83
N PRO K 209 -1.88 -27.04 -2.41
CA PRO K 209 -1.82 -28.43 -1.98
C PRO K 209 -0.50 -29.15 -2.20
N LEU K 210 0.38 -28.67 -3.08
CA LEU K 210 1.64 -29.41 -3.25
C LEU K 210 2.69 -28.96 -2.23
N GLY K 211 2.48 -27.78 -1.65
CA GLY K 211 3.37 -27.30 -0.62
C GLY K 211 4.61 -26.62 -1.18
N ILE K 212 4.68 -26.47 -2.51
CA ILE K 212 5.78 -25.76 -3.14
C ILE K 212 5.37 -24.31 -3.39
N THR K 213 6.33 -23.52 -3.85
CA THR K 213 6.11 -22.16 -4.25
C THR K 213 5.15 -22.09 -5.42
N SER K 214 4.32 -21.04 -5.44
CA SER K 214 3.51 -20.81 -6.60
C SER K 214 4.01 -19.59 -7.36
N ASN K 215 5.11 -18.99 -6.88
CA ASN K 215 5.65 -17.80 -7.53
C ASN K 215 5.96 -18.07 -9.00
N VAL K 216 6.11 -19.35 -9.37
CA VAL K 216 6.40 -19.71 -10.75
C VAL K 216 5.16 -19.65 -11.65
N ASP K 217 3.93 -19.68 -11.09
CA ASP K 217 2.72 -19.91 -11.89
C ASP K 217 1.46 -19.37 -11.20
N LYS K 218 1.16 -18.09 -11.43
CA LYS K 218 0.10 -17.46 -10.68
C LYS K 218 -1.12 -17.24 -11.57
N LEU K 219 -2.30 -17.24 -10.95
CA LEU K 219 -3.55 -16.95 -11.61
C LEU K 219 -4.21 -15.78 -10.86
N SER K 220 -4.83 -14.84 -11.58
CA SER K 220 -5.63 -13.82 -10.92
C SER K 220 -6.75 -14.43 -10.10
N MET K 221 -7.03 -13.83 -8.95
CA MET K 221 -8.14 -14.26 -8.12
C MET K 221 -9.44 -14.22 -8.91
N HIS K 222 -9.64 -13.15 -9.71
CA HIS K 222 -10.81 -13.07 -10.56
C HIS K 222 -10.33 -13.14 -11.99
N PRO K 223 -11.00 -13.88 -12.91
CA PRO K 223 -12.23 -14.61 -12.62
C PRO K 223 -12.15 -16.03 -12.09
N TYR K 224 -10.96 -16.58 -11.89
CA TYR K 224 -10.85 -18.00 -11.65
C TYR K 224 -11.41 -18.44 -10.30
N TYR K 225 -10.97 -17.78 -9.23
CA TYR K 225 -11.43 -18.24 -7.94
C TYR K 225 -12.78 -17.62 -7.59
N SER K 226 -13.13 -16.46 -8.18
CA SER K 226 -14.48 -15.95 -8.06
C SER K 226 -15.51 -16.98 -8.49
N PHE K 227 -15.33 -17.54 -9.68
CA PHE K 227 -16.31 -18.46 -10.21
C PHE K 227 -16.19 -19.82 -9.54
N LYS K 228 -14.99 -20.21 -9.09
CA LYS K 228 -14.88 -21.45 -8.35
C LYS K 228 -15.54 -21.34 -6.97
N ASP K 229 -15.49 -20.16 -6.35
CA ASP K 229 -16.14 -19.91 -5.06
C ASP K 229 -17.66 -19.99 -5.20
N LEU K 230 -18.22 -19.61 -6.36
CA LEU K 230 -19.67 -19.70 -6.53
C LEU K 230 -20.17 -21.14 -6.40
N ILE K 231 -19.41 -22.12 -6.90
CA ILE K 231 -19.88 -23.49 -6.78
C ILE K 231 -20.10 -23.84 -5.30
N THR K 232 -19.15 -23.50 -4.44
CA THR K 232 -19.32 -23.92 -3.06
C THR K 232 -20.33 -23.01 -2.36
N VAL K 233 -20.46 -21.77 -2.80
CA VAL K 233 -21.52 -20.94 -2.25
C VAL K 233 -22.87 -21.61 -2.51
N PHE K 234 -23.13 -22.07 -3.75
CA PHE K 234 -24.41 -22.73 -4.01
C PHE K 234 -24.53 -24.08 -3.31
N ALA K 235 -23.43 -24.83 -3.15
CA ALA K 235 -23.50 -26.04 -2.36
C ALA K 235 -23.87 -25.75 -0.90
N PHE K 236 -23.24 -24.71 -0.35
CA PHE K 236 -23.53 -24.28 1.01
C PHE K 236 -25.00 -23.87 1.14
N LEU K 237 -25.51 -23.06 0.20
CA LEU K 237 -26.89 -22.58 0.22
C LEU K 237 -27.89 -23.72 0.12
N LEU K 238 -27.55 -24.77 -0.60
CA LEU K 238 -28.40 -25.94 -0.62
C LEU K 238 -28.45 -26.60 0.75
N MET K 239 -27.30 -26.74 1.42
CA MET K 239 -27.28 -27.35 2.74
C MET K 239 -28.04 -26.44 3.72
N PHE K 240 -27.82 -25.12 3.58
CA PHE K 240 -28.49 -24.15 4.43
C PHE K 240 -29.99 -24.31 4.27
N THR K 241 -30.46 -24.38 3.03
CA THR K 241 -31.86 -24.52 2.70
C THR K 241 -32.46 -25.78 3.32
N LEU K 242 -31.76 -26.90 3.22
CA LEU K 242 -32.32 -28.12 3.79
C LEU K 242 -32.51 -28.01 5.29
N PHE K 243 -31.62 -27.32 6.00
CA PHE K 243 -31.81 -27.16 7.42
C PHE K 243 -32.86 -26.09 7.71
N VAL K 244 -32.69 -24.92 7.13
CA VAL K 244 -33.51 -23.79 7.54
C VAL K 244 -34.98 -24.03 7.15
N PHE K 245 -35.24 -24.62 5.98
CA PHE K 245 -36.63 -24.76 5.57
C PHE K 245 -37.28 -26.09 5.94
N PHE K 246 -36.48 -27.17 6.05
CA PHE K 246 -37.06 -28.50 6.16
C PHE K 246 -36.77 -29.14 7.52
N SER K 247 -35.72 -28.68 8.19
CA SER K 247 -35.41 -29.30 9.47
C SER K 247 -34.83 -28.26 10.41
N PRO K 248 -35.52 -27.12 10.67
CA PRO K 248 -34.86 -25.99 11.33
C PRO K 248 -34.34 -26.24 12.73
N ASP K 249 -34.79 -27.31 13.39
CA ASP K 249 -34.42 -27.52 14.78
C ASP K 249 -33.53 -28.74 14.99
N LYS K 250 -33.05 -29.37 13.92
CA LYS K 250 -32.28 -30.59 14.03
C LYS K 250 -30.98 -30.39 14.83
N LEU K 251 -30.39 -29.20 14.76
CA LEU K 251 -29.09 -29.00 15.38
C LEU K 251 -29.23 -28.44 16.78
N GLY K 252 -30.47 -28.27 17.25
CA GLY K 252 -30.68 -27.64 18.54
C GLY K 252 -31.13 -28.62 19.63
N HIS K 253 -31.33 -28.05 20.81
CA HIS K 253 -31.76 -28.76 22.00
C HIS K 253 -33.19 -28.35 22.33
N PRO K 254 -34.13 -29.30 22.42
CA PRO K 254 -35.51 -28.99 22.79
C PRO K 254 -35.67 -28.21 24.08
N ASP K 255 -34.75 -28.43 25.03
CA ASP K 255 -34.83 -27.75 26.31
C ASP K 255 -34.72 -26.23 26.15
N ASN K 256 -34.18 -25.76 25.04
CA ASN K 256 -34.08 -24.32 24.88
C ASN K 256 -35.41 -23.71 24.44
N TYR K 257 -36.44 -24.54 24.30
CA TYR K 257 -37.78 -24.00 24.13
C TYR K 257 -38.56 -24.02 25.43
N ILE K 258 -37.88 -24.28 26.53
CA ILE K 258 -38.52 -24.11 27.82
C ILE K 258 -37.96 -22.83 28.44
N PRO K 259 -38.74 -21.83 28.93
CA PRO K 259 -38.14 -20.64 29.51
C PRO K 259 -37.24 -20.94 30.71
N ALA K 260 -36.10 -20.22 30.79
CA ALA K 260 -35.13 -20.37 31.87
C ALA K 260 -35.85 -20.45 33.22
N ASN K 261 -35.47 -21.42 34.05
CA ASN K 261 -36.04 -21.59 35.37
C ASN K 261 -34.89 -21.87 36.33
N PRO K 262 -34.46 -20.91 37.15
CA PRO K 262 -33.32 -21.16 38.04
C PRO K 262 -33.50 -22.29 39.04
N MET K 263 -34.75 -22.68 39.28
CA MET K 263 -35.06 -23.72 40.23
C MET K 263 -34.86 -25.09 39.60
N VAL K 264 -35.60 -25.40 38.55
CA VAL K 264 -35.48 -26.68 37.87
C VAL K 264 -34.18 -26.78 37.06
N THR K 265 -33.41 -27.82 37.34
CA THR K 265 -32.20 -28.11 36.58
C THR K 265 -32.55 -29.11 35.48
N PRO K 266 -32.13 -28.87 34.22
CA PRO K 266 -32.37 -29.82 33.14
C PRO K 266 -31.63 -31.13 33.40
N ALA K 267 -32.17 -32.20 32.82
CA ALA K 267 -31.62 -33.54 32.93
C ALA K 267 -30.12 -33.54 32.60
N SER K 268 -29.75 -32.98 31.44
CA SER K 268 -28.35 -32.90 31.05
C SER K 268 -27.98 -31.56 30.43
N ILE K 269 -26.98 -30.93 31.03
CA ILE K 269 -26.48 -29.65 30.55
C ILE K 269 -25.28 -29.94 29.66
N VAL K 270 -25.46 -29.80 28.35
CA VAL K 270 -24.37 -29.99 27.40
C VAL K 270 -24.19 -28.73 26.58
N PRO K 271 -22.97 -28.43 26.11
CA PRO K 271 -22.79 -27.29 25.21
C PRO K 271 -23.35 -27.60 23.82
N GLU K 272 -23.41 -26.56 23.00
CA GLU K 272 -23.67 -26.72 21.59
C GLU K 272 -22.63 -27.67 20.99
N TRP K 273 -23.03 -28.41 19.95
CA TRP K 273 -22.23 -29.52 19.49
C TRP K 273 -20.80 -29.09 19.21
N TYR K 274 -20.61 -27.87 18.71
CA TYR K 274 -19.29 -27.47 18.25
C TYR K 274 -18.31 -27.24 19.40
N LEU K 275 -18.83 -27.11 20.62
CA LEU K 275 -17.95 -26.97 21.77
C LEU K 275 -17.71 -28.32 22.44
N LEU K 276 -18.33 -29.38 21.94
CA LEU K 276 -18.31 -30.64 22.70
C LEU K 276 -16.92 -31.20 22.88
N PRO K 277 -15.98 -31.17 21.89
CA PRO K 277 -14.67 -31.78 22.14
C PRO K 277 -13.94 -31.12 23.30
N PHE K 278 -14.08 -29.80 23.43
CA PHE K 278 -13.39 -29.07 24.48
C PHE K 278 -13.99 -29.43 25.83
N TYR K 279 -15.29 -29.68 25.85
CA TYR K 279 -15.94 -30.11 27.06
C TYR K 279 -15.47 -31.50 27.47
N ALA K 280 -15.26 -32.39 26.51
CA ALA K 280 -14.76 -33.71 26.86
C ALA K 280 -13.36 -33.63 27.46
N ILE K 281 -12.53 -32.74 26.94
CA ILE K 281 -11.17 -32.57 27.44
C ILE K 281 -11.24 -32.05 28.87
N LEU K 282 -12.16 -31.12 29.13
CA LEU K 282 -12.29 -30.60 30.48
C LEU K 282 -12.69 -31.70 31.48
N ARG K 283 -13.69 -32.51 31.12
CA ARG K 283 -14.14 -33.59 32.00
C ARG K 283 -13.01 -34.58 32.30
N ALA K 284 -12.06 -34.72 31.37
CA ALA K 284 -11.03 -35.73 31.52
C ALA K 284 -10.14 -35.46 32.73
N ILE K 285 -9.92 -34.19 33.05
CA ILE K 285 -9.04 -33.86 34.16
C ILE K 285 -9.91 -33.79 35.41
N PRO K 286 -9.60 -34.53 36.51
CA PRO K 286 -10.44 -34.49 37.70
C PRO K 286 -10.52 -33.15 38.43
N ASP K 287 -9.38 -32.45 38.51
CA ASP K 287 -9.29 -31.12 39.12
C ASP K 287 -10.07 -30.09 38.30
N LYS K 288 -10.76 -29.17 38.98
CA LYS K 288 -11.48 -28.06 38.38
C LYS K 288 -10.52 -27.15 37.61
N LEU K 289 -9.48 -26.66 38.28
CA LEU K 289 -8.57 -25.73 37.63
C LEU K 289 -7.79 -26.45 36.53
N GLY K 290 -7.36 -27.69 36.83
CA GLY K 290 -6.71 -28.55 35.87
C GLY K 290 -7.53 -28.66 34.59
N GLY K 291 -8.83 -28.93 34.76
CA GLY K 291 -9.72 -29.09 33.63
C GLY K 291 -9.84 -27.82 32.79
N VAL K 292 -9.84 -26.67 33.45
CA VAL K 292 -10.01 -25.43 32.71
C VAL K 292 -8.74 -25.15 31.92
N ILE K 293 -7.59 -25.38 32.58
CA ILE K 293 -6.31 -25.17 31.92
C ILE K 293 -6.21 -26.08 30.70
N ALA K 294 -6.54 -27.37 30.86
CA ALA K 294 -6.50 -28.33 29.78
C ALA K 294 -7.39 -27.88 28.61
N MET K 295 -8.58 -27.37 28.94
CA MET K 295 -9.52 -26.99 27.92
C MET K 295 -8.96 -25.83 27.11
N VAL K 296 -8.34 -24.86 27.80
CA VAL K 296 -7.80 -23.70 27.12
C VAL K 296 -6.55 -24.09 26.34
N ALA K 297 -5.69 -24.88 26.97
CA ALA K 297 -4.49 -25.41 26.36
C ALA K 297 -4.80 -26.15 25.07
N ALA K 298 -5.97 -26.83 25.01
CA ALA K 298 -6.33 -27.59 23.82
C ALA K 298 -6.48 -26.66 22.61
N ILE K 299 -6.78 -25.39 22.88
CA ILE K 299 -6.86 -24.46 21.78
C ILE K 299 -5.53 -23.75 21.62
N LEU K 300 -4.89 -23.37 22.73
CA LEU K 300 -3.66 -22.60 22.57
C LEU K 300 -2.52 -23.46 22.04
N ILE K 301 -2.61 -24.79 22.19
CA ILE K 301 -1.54 -25.66 21.70
C ILE K 301 -1.41 -25.60 20.18
N LEU K 302 -2.45 -25.16 19.47
CA LEU K 302 -2.36 -24.91 18.04
C LEU K 302 -1.23 -23.94 17.72
N LEU K 303 -0.91 -23.03 18.65
CA LEU K 303 0.15 -22.06 18.46
C LEU K 303 1.53 -22.72 18.38
N ILE K 304 1.68 -23.98 18.79
CA ILE K 304 3.05 -24.52 18.75
C ILE K 304 3.26 -25.40 17.53
N LEU K 305 2.24 -25.58 16.70
CA LEU K 305 2.44 -26.40 15.51
C LEU K 305 3.64 -25.94 14.68
N PRO K 306 3.90 -24.63 14.49
CA PRO K 306 5.07 -24.20 13.73
C PRO K 306 6.38 -24.74 14.29
N ILE K 307 6.44 -25.03 15.59
CA ILE K 307 7.65 -25.52 16.24
C ILE K 307 7.75 -27.05 16.20
N VAL K 308 6.65 -27.73 16.49
CA VAL K 308 6.73 -29.16 16.74
C VAL K 308 6.76 -29.94 15.44
N ASP K 309 6.25 -29.35 14.36
CA ASP K 309 6.39 -29.95 13.04
C ASP K 309 7.83 -29.75 12.55
N ARG K 310 8.62 -30.81 12.50
CA ARG K 310 10.04 -30.67 12.22
C ARG K 310 10.33 -30.94 10.74
N SER K 311 9.29 -31.00 9.92
CA SER K 311 9.46 -31.51 8.56
C SER K 311 10.21 -30.48 7.72
N ILE K 312 10.99 -30.98 6.75
CA ILE K 312 11.64 -30.09 5.79
C ILE K 312 10.69 -29.81 4.63
N ILE K 313 9.50 -30.42 4.66
CA ILE K 313 8.55 -30.30 3.56
C ILE K 313 7.25 -29.76 4.11
N ARG K 314 6.56 -28.92 3.36
CA ARG K 314 5.34 -28.32 3.85
C ARG K 314 4.18 -29.22 3.45
N GLY K 315 3.38 -29.66 4.42
CA GLY K 315 2.09 -30.29 4.13
C GLY K 315 2.17 -31.81 4.00
N ASN K 316 1.02 -32.48 3.92
CA ASN K 316 0.97 -33.93 4.04
C ASN K 316 0.76 -34.63 2.71
N ALA K 317 0.54 -33.91 1.62
CA ALA K 317 0.26 -34.59 0.35
C ALA K 317 1.21 -35.75 0.06
N PHE K 318 2.50 -35.62 0.41
CA PHE K 318 3.46 -36.63 0.01
C PHE K 318 4.02 -37.34 1.23
N LYS K 319 3.29 -37.33 2.34
CA LYS K 319 3.85 -37.92 3.55
C LYS K 319 2.88 -38.98 4.06
N PRO K 320 2.95 -40.23 3.57
CA PRO K 320 2.00 -41.24 3.99
C PRO K 320 1.85 -41.47 5.50
N ILE K 321 2.94 -41.42 6.28
CA ILE K 321 2.77 -41.65 7.71
C ILE K 321 2.09 -40.45 8.37
N SER K 322 2.53 -39.23 8.06
CA SER K 322 1.86 -38.04 8.55
C SER K 322 0.37 -38.05 8.19
N LYS K 323 0.00 -38.56 7.00
CA LYS K 323 -1.39 -38.62 6.59
C LYS K 323 -2.18 -39.57 7.50
N LEU K 324 -1.56 -40.66 7.92
CA LEU K 324 -2.26 -41.63 8.77
C LEU K 324 -2.43 -41.03 10.17
N LEU K 325 -1.38 -40.38 10.65
CA LEU K 325 -1.49 -39.75 11.95
C LEU K 325 -2.54 -38.65 11.93
N PHE K 326 -2.64 -37.91 10.82
CA PHE K 326 -3.63 -36.85 10.73
C PHE K 326 -5.03 -37.45 10.76
N GLY K 327 -5.20 -38.60 10.10
CA GLY K 327 -6.49 -39.28 10.06
C GLY K 327 -6.92 -39.68 11.47
N PHE K 328 -6.01 -40.27 12.25
CA PHE K 328 -6.27 -40.63 13.63
C PHE K 328 -6.55 -39.42 14.51
N PHE K 329 -5.79 -38.33 14.32
CA PHE K 329 -6.01 -37.14 15.09
C PHE K 329 -7.41 -36.60 14.84
N ILE K 330 -7.85 -36.55 13.58
CA ILE K 330 -9.15 -35.99 13.28
C ILE K 330 -10.27 -36.86 13.84
N CYS K 331 -10.14 -38.18 13.69
CA CYS K 331 -11.17 -39.08 14.19
C CYS K 331 -11.27 -39.05 15.71
N ASN K 332 -10.11 -38.92 16.36
CA ASN K 332 -10.07 -38.75 17.80
C ASN K 332 -10.76 -37.44 18.20
N PHE K 333 -10.59 -36.39 17.40
CA PHE K 333 -11.25 -35.15 17.77
C PHE K 333 -12.76 -35.31 17.67
N LEU K 334 -13.24 -36.09 16.68
CA LEU K 334 -14.67 -36.36 16.60
C LEU K 334 -15.13 -37.28 17.73
N LEU K 335 -14.33 -38.28 18.13
CA LEU K 335 -14.68 -39.09 19.28
C LEU K 335 -14.81 -38.22 20.54
N LEU K 336 -13.83 -37.32 20.78
CA LEU K 336 -13.95 -36.41 21.90
C LEU K 336 -15.30 -35.68 21.83
N GLY K 337 -15.67 -35.21 20.64
CA GLY K 337 -16.95 -34.54 20.46
C GLY K 337 -18.11 -35.41 20.94
N VAL K 338 -18.16 -36.66 20.49
CA VAL K 338 -19.19 -37.60 20.93
C VAL K 338 -19.14 -37.79 22.44
N LEU K 339 -17.95 -37.96 23.02
CA LEU K 339 -17.85 -38.20 24.46
C LEU K 339 -18.24 -36.96 25.28
N GLY K 340 -18.29 -35.81 24.62
CA GLY K 340 -18.67 -34.59 25.31
C GLY K 340 -20.16 -34.60 25.65
N GLN K 341 -20.94 -35.49 25.00
CA GLN K 341 -22.37 -35.43 25.20
C GLN K 341 -22.92 -36.74 25.76
N VAL K 342 -22.06 -37.70 26.05
CA VAL K 342 -22.50 -38.87 26.80
C VAL K 342 -22.58 -38.50 28.28
N HIS K 343 -23.25 -39.35 29.06
CA HIS K 343 -23.28 -39.14 30.50
C HIS K 343 -21.94 -39.54 31.10
N ILE K 344 -21.60 -38.90 32.22
CA ILE K 344 -20.42 -39.26 32.96
C ILE K 344 -20.65 -40.61 33.62
N GLU K 345 -20.41 -41.66 32.83
CA GLU K 345 -20.66 -43.03 33.24
C GLU K 345 -19.54 -43.91 32.72
N PRO K 346 -19.27 -45.09 33.34
CA PRO K 346 -18.42 -46.11 32.70
C PRO K 346 -19.05 -46.63 31.41
N PRO K 347 -18.25 -46.99 30.39
CA PRO K 347 -16.80 -46.80 30.41
C PRO K 347 -16.34 -45.53 29.72
N PHE K 348 -17.24 -44.55 29.61
CA PHE K 348 -16.89 -43.39 28.84
C PHE K 348 -15.92 -42.48 29.60
N ILE K 349 -15.82 -42.67 30.91
CA ILE K 349 -14.96 -41.80 31.69
C ILE K 349 -13.50 -42.02 31.30
N VAL K 350 -13.07 -43.29 31.31
CA VAL K 350 -11.72 -43.66 30.97
C VAL K 350 -11.43 -43.41 29.48
N LEU K 351 -12.40 -43.72 28.62
CA LEU K 351 -12.21 -43.49 27.20
C LEU K 351 -11.93 -42.02 26.94
N GLY K 352 -12.61 -41.12 27.67
CA GLY K 352 -12.45 -39.70 27.49
C GLY K 352 -11.03 -39.24 27.86
N GLN K 353 -10.46 -39.94 28.83
CA GLN K 353 -9.12 -39.65 29.30
C GLN K 353 -8.08 -40.12 28.29
N ILE K 354 -8.29 -41.31 27.74
CA ILE K 354 -7.41 -41.79 26.70
C ILE K 354 -7.46 -40.88 25.48
N CYS K 355 -8.65 -40.53 25.01
CA CYS K 355 -8.76 -39.60 23.89
C CYS K 355 -8.12 -38.24 24.18
N THR K 356 -8.20 -37.78 25.43
CA THR K 356 -7.58 -36.50 25.73
C THR K 356 -6.06 -36.61 25.68
N ILE K 357 -5.51 -37.72 26.20
CA ILE K 357 -4.07 -37.92 26.10
C ILE K 357 -3.66 -37.99 24.64
N PHE K 358 -4.42 -38.72 23.83
CA PHE K 358 -4.05 -38.78 22.42
C PHE K 358 -4.07 -37.38 21.79
N TYR K 359 -5.08 -36.57 22.14
CA TYR K 359 -5.17 -35.24 21.55
C TYR K 359 -3.88 -34.47 21.81
N PHE K 360 -3.39 -34.46 23.05
CA PHE K 360 -2.23 -33.63 23.37
C PHE K 360 -0.93 -34.27 22.86
N SER K 361 -0.91 -35.60 22.79
CA SER K 361 0.31 -36.30 22.43
C SER K 361 0.59 -36.16 20.93
N TYR K 362 -0.46 -35.89 20.14
CA TYR K 362 -0.27 -35.53 18.75
C TYR K 362 0.70 -34.36 18.65
N PHE K 363 0.42 -33.27 19.36
CA PHE K 363 1.27 -32.08 19.28
C PHE K 363 2.64 -32.31 19.92
N LEU K 364 2.68 -33.07 21.02
CA LEU K 364 3.87 -33.00 21.86
C LEU K 364 4.85 -34.12 21.55
N ILE K 365 4.37 -35.22 20.98
CA ILE K 365 5.21 -36.39 20.83
C ILE K 365 5.14 -36.90 19.40
N LEU K 366 3.94 -37.22 18.93
CA LEU K 366 3.80 -37.97 17.69
C LEU K 366 4.20 -37.12 16.48
N LEU K 367 3.71 -35.89 16.40
CA LEU K 367 4.05 -35.10 15.23
C LEU K 367 5.56 -34.82 15.20
N PRO K 368 6.20 -34.39 16.30
CA PRO K 368 7.66 -34.27 16.29
C PRO K 368 8.40 -35.55 15.93
N MET K 369 7.94 -36.73 16.39
CA MET K 369 8.62 -37.97 16.06
C MET K 369 8.45 -38.29 14.58
N VAL K 370 7.19 -38.27 14.12
CA VAL K 370 6.86 -38.71 12.78
C VAL K 370 7.51 -37.77 11.77
N SER K 371 7.49 -36.47 12.08
CA SER K 371 8.04 -35.53 11.12
C SER K 371 9.56 -35.67 11.01
N THR K 372 10.24 -35.96 12.12
CA THR K 372 11.68 -36.27 12.13
C THR K 372 12.01 -37.49 11.30
N ILE K 373 11.29 -38.60 11.52
CA ILE K 373 11.54 -39.83 10.81
C ILE K 373 11.23 -39.66 9.33
N GLU K 374 10.17 -38.93 8.98
CA GLU K 374 9.91 -38.85 7.55
C GLU K 374 10.99 -38.05 6.84
N ASN K 375 11.58 -37.06 7.54
CA ASN K 375 12.71 -36.32 6.98
C ASN K 375 13.79 -37.30 6.56
N ILE K 376 14.12 -38.24 7.47
CA ILE K 376 15.17 -39.20 7.21
C ILE K 376 14.78 -40.16 6.09
N PHE K 377 13.51 -40.59 6.07
CA PHE K 377 13.07 -41.48 5.01
C PHE K 377 13.11 -40.79 3.65
N PHE K 378 12.79 -39.50 3.58
CA PHE K 378 12.83 -38.87 2.27
C PHE K 378 14.25 -38.83 1.75
N TYR K 379 15.21 -38.63 2.67
CA TYR K 379 16.57 -38.44 2.26
C TYR K 379 17.18 -39.78 1.88
N ILE K 380 17.03 -40.78 2.74
CA ILE K 380 17.64 -42.07 2.47
C ILE K 380 16.91 -42.72 1.28
N GLY K 381 15.59 -42.55 1.24
CA GLY K 381 14.75 -43.20 0.24
C GLY K 381 15.04 -42.70 -1.16
N SER K 382 15.52 -41.47 -1.28
CA SER K 382 15.70 -40.91 -2.61
C SER K 382 17.17 -40.88 -3.05
N LEU K 383 18.10 -41.28 -2.14
CA LEU K 383 19.50 -41.48 -2.48
C LEU K 383 19.62 -42.56 -3.56
N GLY L 39 25.47 33.94 6.42
CA GLY L 39 25.19 34.55 5.07
C GLY L 39 25.81 33.76 3.91
N LYS L 40 26.96 33.13 4.18
CA LYS L 40 27.73 32.38 3.18
C LYS L 40 28.52 31.22 3.79
N SER L 41 29.36 31.45 4.80
CA SER L 41 30.12 30.32 5.34
C SER L 41 29.22 29.38 6.13
N THR L 42 29.29 28.07 5.85
CA THR L 42 28.46 27.15 6.61
C THR L 42 29.14 26.66 7.88
N TYR L 43 30.38 27.08 8.16
CA TYR L 43 31.05 26.69 9.38
C TYR L 43 30.80 27.72 10.47
N LYS L 44 30.24 28.87 10.10
CA LYS L 44 29.92 29.80 11.14
C LYS L 44 28.50 29.50 11.60
N ILE L 45 28.38 28.76 12.70
CA ILE L 45 27.08 28.36 13.21
C ILE L 45 26.24 29.59 13.51
N PRO L 46 24.96 29.58 13.12
CA PRO L 46 24.03 30.64 13.51
C PRO L 46 23.98 30.83 15.03
N ASP L 47 23.52 32.02 15.44
CA ASP L 47 23.50 32.36 16.84
C ASP L 47 22.39 31.57 17.56
N PHE L 48 22.80 30.75 18.54
CA PHE L 48 21.86 30.02 19.37
C PHE L 48 21.99 30.46 20.83
N THR L 49 22.70 31.56 21.09
CA THR L 49 22.94 31.99 22.46
C THR L 49 21.65 32.32 23.20
N PRO L 50 20.62 32.94 22.57
CA PRO L 50 19.31 33.11 23.20
C PRO L 50 18.65 31.86 23.76
N TYR L 51 19.12 30.67 23.34
CA TYR L 51 18.44 29.44 23.72
C TYR L 51 19.31 28.48 24.50
N LEU L 52 20.63 28.56 24.32
CA LEU L 52 21.52 27.56 24.92
C LEU L 52 21.54 27.69 26.43
N LYS L 53 21.44 26.56 27.13
CA LYS L 53 21.72 26.53 28.55
C LYS L 53 23.20 26.31 28.78
N LYS L 54 23.79 27.01 29.76
CA LYS L 54 25.18 26.77 30.14
C LYS L 54 25.36 25.35 30.70
N ASP L 55 24.44 24.92 31.58
CA ASP L 55 24.55 23.61 32.18
C ASP L 55 23.67 22.67 31.36
N ARG L 56 24.16 22.25 30.20
CA ARG L 56 23.33 21.45 29.31
C ARG L 56 23.79 20.00 29.35
N ASN L 57 25.02 19.78 29.80
CA ASN L 57 25.60 18.45 29.78
C ASN L 57 25.52 17.79 31.16
N THR L 58 25.01 18.53 32.14
CA THR L 58 24.96 18.06 33.52
C THR L 58 23.80 17.09 33.73
N ASP L 59 23.97 16.20 34.72
CA ASP L 59 22.92 15.30 35.15
C ASP L 59 21.73 16.07 35.73
N ALA L 60 21.98 17.18 36.43
CA ALA L 60 20.88 18.00 36.92
C ALA L 60 19.98 18.45 35.77
N ASN L 61 20.59 18.84 34.66
CA ASN L 61 19.82 19.35 33.55
C ASN L 61 18.90 18.28 32.99
N ARG L 62 19.44 17.06 32.81
CA ARG L 62 18.63 16.00 32.23
C ARG L 62 17.53 15.61 33.19
N LEU L 63 17.93 15.49 34.47
CA LEU L 63 17.06 15.03 35.54
C LEU L 63 15.84 15.93 35.62
N PHE L 64 16.02 17.23 35.43
CA PHE L 64 14.86 18.08 35.48
C PHE L 64 13.82 17.71 34.42
N SER L 65 14.27 17.54 33.19
CA SER L 65 13.32 17.23 32.13
C SER L 65 12.69 15.85 32.37
N TYR L 66 13.43 14.91 32.97
CA TYR L 66 12.85 13.61 33.27
C TYR L 66 11.90 13.68 34.45
N PHE L 67 12.09 14.67 35.33
CA PHE L 67 11.14 14.89 36.40
C PHE L 67 9.79 15.32 35.82
N MET L 68 9.81 16.22 34.83
CA MET L 68 8.59 16.64 34.15
C MET L 68 7.95 15.47 33.42
N ILE L 69 8.73 14.72 32.63
CA ILE L 69 8.21 13.57 31.91
C ILE L 69 7.65 12.55 32.89
N GLY L 70 8.38 12.30 33.98
CA GLY L 70 7.96 11.34 34.97
C GLY L 70 6.68 11.77 35.69
N SER L 71 6.57 13.06 36.03
CA SER L 71 5.36 13.53 36.70
C SER L 71 4.16 13.34 35.79
N PHE L 72 4.38 13.59 34.51
CA PHE L 72 3.32 13.51 33.55
C PHE L 72 2.90 12.05 33.40
N GLY L 73 3.89 11.16 33.42
CA GLY L 73 3.58 9.74 33.35
C GLY L 73 2.89 9.30 34.63
N MET L 74 3.23 9.95 35.75
CA MET L 74 2.67 9.57 37.03
C MET L 74 1.20 9.97 37.09
N LEU L 75 0.88 11.20 36.68
CA LEU L 75 -0.52 11.60 36.67
C LEU L 75 -1.32 10.85 35.61
N SER L 76 -0.70 10.52 34.49
CA SER L 76 -1.39 9.73 33.49
C SER L 76 -1.69 8.32 34.03
N ALA L 77 -0.74 7.72 34.79
CA ALA L 77 -0.96 6.42 35.41
C ALA L 77 -2.05 6.51 36.48
N ALA L 78 -2.02 7.55 37.32
CA ALA L 78 -3.01 7.66 38.39
C ALA L 78 -4.39 7.96 37.79
N GLY L 79 -4.43 8.81 36.75
CA GLY L 79 -5.66 9.16 36.05
C GLY L 79 -6.25 7.94 35.34
N ALA L 80 -5.41 7.15 34.68
CA ALA L 80 -5.87 5.94 33.99
C ALA L 80 -6.42 4.94 35.00
N LYS L 81 -5.71 4.78 36.13
CA LYS L 81 -6.15 3.83 37.12
C LYS L 81 -7.53 4.23 37.64
N ALA L 82 -7.70 5.51 37.99
CA ALA L 82 -8.98 6.01 38.49
C ALA L 82 -10.08 5.81 37.44
N THR L 83 -9.74 6.11 36.19
CA THR L 83 -10.72 6.08 35.12
C THR L 83 -11.18 4.64 34.94
N VAL L 84 -10.22 3.73 34.82
CA VAL L 84 -10.51 2.32 34.60
C VAL L 84 -11.34 1.76 35.77
N GLN L 85 -10.91 2.03 37.00
CA GLN L 85 -11.58 1.49 38.17
C GLN L 85 -13.01 2.01 38.25
N ASP L 86 -13.21 3.32 38.07
CA ASP L 86 -14.55 3.85 38.25
C ASP L 86 -15.44 3.35 37.13
N PHE L 87 -14.92 3.41 35.91
CA PHE L 87 -15.70 3.02 34.76
C PHE L 87 -16.07 1.54 34.79
N LEU L 88 -15.11 0.64 35.06
CA LEU L 88 -15.44 -0.78 35.02
C LEU L 88 -16.36 -1.19 36.17
N SER L 89 -16.41 -0.38 37.22
CA SER L 89 -17.24 -0.75 38.36
C SER L 89 -18.72 -0.80 37.95
N ASN L 90 -19.08 -0.19 36.81
CA ASN L 90 -20.45 -0.26 36.31
C ASN L 90 -20.88 -1.73 36.18
N MET L 91 -19.92 -2.63 36.04
CA MET L 91 -20.27 -4.00 35.75
C MET L 91 -20.47 -4.80 37.02
N SER L 92 -20.08 -4.24 38.16
CA SER L 92 -20.33 -4.91 39.43
C SER L 92 -21.80 -4.71 39.77
N ALA L 93 -22.36 -5.53 40.67
CA ALA L 93 -23.78 -5.49 41.00
C ALA L 93 -24.25 -4.07 41.30
N SER L 94 -25.32 -3.66 40.60
CA SER L 94 -25.92 -2.35 40.78
C SER L 94 -26.67 -2.31 42.10
N ALA L 95 -27.04 -1.10 42.56
CA ALA L 95 -27.63 -0.87 43.87
C ALA L 95 -28.93 -1.64 44.06
N ASP L 96 -29.71 -1.77 42.99
CA ASP L 96 -30.96 -2.49 43.08
C ASP L 96 -30.73 -4.00 43.21
N VAL L 97 -29.69 -4.55 42.60
CA VAL L 97 -29.26 -5.91 42.86
C VAL L 97 -28.47 -5.88 44.18
N ALA M 2 13.30 -28.17 11.06
CA ALA M 2 14.63 -28.95 11.07
C ALA M 2 15.52 -28.60 9.89
N SER M 3 16.84 -28.59 10.13
CA SER M 3 17.78 -28.13 9.13
C SER M 3 18.17 -29.30 8.24
N ILE M 4 18.50 -29.01 6.98
CA ILE M 4 18.99 -30.06 6.10
C ILE M 4 20.24 -30.70 6.70
N THR M 5 21.08 -29.89 7.35
CA THR M 5 22.28 -30.40 7.99
C THR M 5 21.94 -31.54 8.94
N SER M 6 20.97 -31.31 9.84
CA SER M 6 20.53 -32.30 10.82
C SER M 6 20.13 -33.60 10.14
N VAL M 7 19.33 -33.47 9.07
CA VAL M 7 18.71 -34.59 8.40
C VAL M 7 19.83 -35.42 7.78
N VAL M 8 20.78 -34.72 7.18
CA VAL M 8 21.84 -35.39 6.46
C VAL M 8 22.78 -36.07 7.45
N LYS M 9 23.08 -35.43 8.57
CA LYS M 9 23.97 -36.04 9.55
C LYS M 9 23.36 -37.31 10.15
N THR M 10 22.10 -37.23 10.56
CA THR M 10 21.42 -38.37 11.16
C THR M 10 21.36 -39.52 10.17
N SER M 11 21.02 -39.21 8.92
CA SER M 11 20.97 -40.22 7.87
C SER M 11 22.33 -40.89 7.70
N GLU M 12 23.41 -40.13 7.86
CA GLU M 12 24.72 -40.72 7.68
C GLU M 12 25.07 -41.63 8.85
N LEU M 13 24.61 -41.30 10.07
CA LEU M 13 24.79 -42.21 11.19
C LEU M 13 24.10 -43.55 10.95
N ILE M 14 22.93 -43.51 10.31
CA ILE M 14 22.15 -44.70 10.07
C ILE M 14 22.82 -45.52 8.98
N LEU M 15 23.31 -44.83 7.94
CA LEU M 15 23.89 -45.54 6.82
C LEU M 15 25.20 -46.21 7.21
N LYS M 16 25.86 -45.68 8.25
CA LYS M 16 27.09 -46.25 8.78
C LYS M 16 26.79 -47.58 9.45
N SER M 17 25.86 -47.59 10.42
CA SER M 17 25.51 -48.77 11.18
C SER M 17 24.95 -49.85 10.25
N PRO M 18 25.58 -51.05 10.14
CA PRO M 18 25.10 -52.10 9.24
C PRO M 18 23.68 -52.53 9.58
N LEU M 19 23.45 -52.83 10.87
CA LEU M 19 22.15 -53.22 11.38
C LEU M 19 21.08 -52.19 11.00
N LEU M 20 21.37 -50.93 11.34
CA LEU M 20 20.42 -49.85 11.14
C LEU M 20 20.09 -49.71 9.66
N SER M 21 21.12 -49.69 8.80
CA SER M 21 20.88 -49.53 7.37
C SER M 21 20.07 -50.70 6.84
N LYS M 22 20.33 -51.91 7.36
CA LYS M 22 19.66 -53.12 6.89
C LYS M 22 18.15 -53.01 7.10
N ILE M 23 17.73 -52.30 8.15
CA ILE M 23 16.31 -52.23 8.48
C ILE M 23 15.69 -50.91 8.02
N VAL M 24 16.50 -49.85 7.87
CA VAL M 24 15.96 -48.53 7.55
C VAL M 24 15.92 -48.31 6.04
N VAL M 25 16.95 -48.74 5.32
CA VAL M 25 17.00 -48.42 3.91
C VAL M 25 15.81 -49.01 3.15
N PRO M 26 15.40 -50.28 3.36
CA PRO M 26 14.22 -50.80 2.67
C PRO M 26 12.94 -50.06 3.03
N LEU M 27 12.79 -49.69 4.30
CA LEU M 27 11.65 -48.90 4.72
C LEU M 27 11.61 -47.56 3.98
N ALA M 28 12.78 -46.91 3.90
CA ALA M 28 12.85 -45.57 3.33
C ALA M 28 12.50 -45.63 1.84
N LYS M 29 12.93 -46.71 1.18
CA LYS M 29 12.65 -46.85 -0.23
C LYS M 29 11.16 -47.07 -0.48
N THR M 30 10.50 -47.82 0.39
CA THR M 30 9.07 -48.06 0.24
C THR M 30 8.32 -46.76 0.53
N TYR M 31 8.75 -46.08 1.59
CA TYR M 31 8.15 -44.81 1.94
C TYR M 31 8.15 -43.91 0.71
N VAL M 32 9.31 -43.82 0.05
CA VAL M 32 9.44 -42.92 -1.08
C VAL M 32 8.53 -43.33 -2.23
N LYS M 33 8.37 -44.64 -2.46
CA LYS M 33 7.49 -45.15 -3.50
C LYS M 33 6.03 -44.80 -3.18
N PHE M 34 5.61 -44.98 -1.93
CA PHE M 34 4.25 -44.65 -1.56
C PHE M 34 4.01 -43.15 -1.46
N SER M 35 5.08 -42.38 -1.23
CA SER M 35 4.94 -40.94 -1.11
C SER M 35 4.30 -40.39 -2.37
N GLY M 36 4.79 -40.86 -3.51
CA GLY M 36 4.10 -40.60 -4.76
C GLY M 36 4.49 -39.26 -5.38
N TYR M 37 5.52 -38.58 -4.86
CA TYR M 37 5.95 -37.35 -5.51
C TYR M 37 6.53 -37.60 -6.91
N ARG M 38 7.06 -38.80 -7.14
CA ARG M 38 7.64 -39.10 -8.44
C ARG M 38 6.57 -39.17 -9.51
N GLN M 39 5.33 -39.44 -9.08
CA GLN M 39 4.22 -39.55 -10.02
C GLN M 39 3.75 -38.17 -10.49
N LEU M 40 4.29 -37.09 -9.93
CA LEU M 40 4.01 -35.75 -10.42
C LEU M 40 5.25 -35.17 -11.09
N GLY M 41 6.26 -36.02 -11.27
CA GLY M 41 7.48 -35.65 -11.98
C GLY M 41 8.37 -34.74 -11.14
N PHE M 42 8.26 -34.84 -9.82
CA PHE M 42 9.14 -34.06 -8.96
C PHE M 42 10.37 -34.89 -8.64
N LYS M 43 11.46 -34.20 -8.31
CA LYS M 43 12.53 -34.83 -7.57
C LYS M 43 12.35 -34.50 -6.11
N MET M 44 12.88 -35.34 -5.21
CA MET M 44 12.68 -35.13 -3.78
C MET M 44 13.02 -33.70 -3.39
N ASN M 45 14.15 -33.18 -3.88
CA ASN M 45 14.64 -31.88 -3.45
C ASN M 45 13.69 -30.75 -3.88
N ASP M 46 12.86 -30.97 -4.90
CA ASP M 46 11.88 -29.95 -5.29
C ASP M 46 10.89 -29.66 -4.17
N LEU M 47 10.76 -30.55 -3.19
CA LEU M 47 9.70 -30.41 -2.21
C LEU M 47 10.17 -29.65 -0.97
N ILE M 48 11.47 -29.38 -0.88
CA ILE M 48 11.97 -28.74 0.33
C ILE M 48 11.47 -27.30 0.42
N ILE M 49 11.04 -26.89 1.62
CA ILE M 49 10.47 -25.55 1.84
C ILE M 49 11.50 -24.52 1.41
N GLU M 50 11.10 -23.52 0.61
CA GLU M 50 12.11 -22.60 0.12
C GLU M 50 11.99 -21.20 0.71
N GLU M 51 10.93 -20.91 1.48
CA GLU M 51 10.69 -19.54 1.92
C GLU M 51 11.46 -19.27 3.20
N THR M 52 12.79 -19.35 3.10
CA THR M 52 13.70 -19.19 4.23
C THR M 52 14.89 -18.44 3.66
N PRO M 53 15.56 -17.54 4.40
CA PRO M 53 16.75 -16.89 3.88
C PRO M 53 17.80 -17.86 3.34
N ASN M 54 18.06 -18.93 4.08
CA ASN M 54 19.08 -19.88 3.71
C ASN M 54 18.72 -20.55 2.40
N MET M 55 17.46 -20.95 2.24
CA MET M 55 17.06 -21.67 1.04
C MET M 55 16.99 -20.75 -0.17
N GLN M 56 16.59 -19.49 0.04
CA GLN M 56 16.65 -18.53 -1.04
C GLN M 56 18.09 -18.36 -1.52
N LEU M 57 19.05 -18.33 -0.59
CA LEU M 57 20.45 -18.23 -0.98
C LEU M 57 20.92 -19.48 -1.73
N ALA M 58 20.58 -20.67 -1.23
CA ALA M 58 20.97 -21.88 -1.94
C ALA M 58 20.36 -21.92 -3.35
N LEU M 59 19.12 -21.43 -3.51
CA LEU M 59 18.49 -21.55 -4.81
C LEU M 59 19.16 -20.62 -5.82
N ARG M 60 19.61 -19.45 -5.33
CA ARG M 60 20.32 -18.48 -6.15
C ARG M 60 21.68 -19.01 -6.62
N ARG M 61 22.23 -19.99 -5.89
CA ARG M 61 23.53 -20.55 -6.21
C ARG M 61 23.40 -21.75 -7.14
N LEU M 62 22.18 -22.19 -7.46
CA LEU M 62 22.05 -23.28 -8.42
C LEU M 62 22.65 -22.84 -9.76
N PRO M 63 23.33 -23.76 -10.49
CA PRO M 63 23.71 -23.48 -11.87
C PRO M 63 22.48 -23.17 -12.71
N PRO M 64 22.56 -22.26 -13.70
CA PRO M 64 21.39 -21.83 -14.46
C PRO M 64 20.56 -22.98 -15.02
N THR M 65 21.22 -24.02 -15.54
CA THR M 65 20.54 -25.15 -16.13
C THR M 65 19.67 -25.88 -15.10
N GLU M 66 20.25 -26.18 -13.93
CA GLU M 66 19.51 -26.82 -12.86
C GLU M 66 18.35 -25.93 -12.45
N SER M 67 18.59 -24.62 -12.43
CA SER M 67 17.57 -23.70 -12.00
C SER M 67 16.40 -23.70 -13.00
N TYR M 68 16.70 -23.68 -14.31
CA TYR M 68 15.65 -23.65 -15.31
C TYR M 68 14.88 -24.95 -15.28
N ASP M 69 15.55 -26.07 -15.03
CA ASP M 69 14.83 -27.32 -15.04
C ASP M 69 13.93 -27.44 -13.81
N ARG M 70 14.36 -26.89 -12.68
CA ARG M 70 13.53 -26.94 -11.50
C ARG M 70 12.26 -26.13 -11.75
N VAL M 71 12.41 -24.96 -12.36
CA VAL M 71 11.23 -24.16 -12.64
C VAL M 71 10.27 -24.97 -13.50
N TYR M 72 10.78 -25.69 -14.49
CA TYR M 72 9.88 -26.46 -15.32
C TYR M 72 9.18 -27.58 -14.55
N ARG M 73 9.92 -28.32 -13.71
CA ARG M 73 9.28 -29.35 -12.92
C ARG M 73 8.20 -28.78 -12.00
N LEU M 74 8.41 -27.60 -11.43
CA LEU M 74 7.40 -27.02 -10.54
C LEU M 74 6.16 -26.64 -11.33
N ILE M 75 6.36 -26.09 -12.52
CA ILE M 75 5.22 -25.67 -13.33
C ILE M 75 4.48 -26.91 -13.84
N ARG M 76 5.22 -27.90 -14.29
CA ARG M 76 4.56 -29.10 -14.77
C ARG M 76 3.78 -29.79 -13.63
N ALA M 77 4.34 -29.85 -12.42
CA ALA M 77 3.65 -30.52 -11.32
C ALA M 77 2.39 -29.74 -10.95
N THR M 78 2.48 -28.41 -10.97
CA THR M 78 1.34 -27.57 -10.71
C THR M 78 0.22 -27.83 -11.71
N GLN M 79 0.57 -28.05 -12.99
CA GLN M 79 -0.42 -28.35 -14.01
C GLN M 79 -1.05 -29.72 -13.74
N PHE M 80 -0.27 -30.73 -13.31
CA PHE M 80 -0.86 -32.03 -12.97
C PHE M 80 -1.79 -31.93 -11.76
N SER M 81 -1.38 -31.16 -10.76
CA SER M 81 -2.18 -30.93 -9.57
C SER M 81 -3.52 -30.29 -9.95
N LEU M 82 -3.51 -29.24 -10.76
CA LEU M 82 -4.78 -28.55 -10.96
C LEU M 82 -5.71 -29.37 -11.85
N SER M 83 -5.16 -30.27 -12.67
CA SER M 83 -5.93 -31.09 -13.58
C SER M 83 -6.33 -32.40 -12.91
N HIS M 84 -5.79 -32.70 -11.73
CA HIS M 84 -6.05 -33.97 -11.08
C HIS M 84 -5.56 -35.17 -11.92
N LYS M 85 -4.41 -35.01 -12.58
CA LYS M 85 -3.82 -36.08 -13.36
C LYS M 85 -2.49 -36.47 -12.72
N LEU M 86 -1.98 -37.64 -13.09
CA LEU M 86 -0.60 -38.00 -12.76
C LEU M 86 0.27 -37.93 -14.01
N ALA M 87 1.58 -37.81 -13.81
CA ALA M 87 2.55 -37.92 -14.89
C ALA M 87 2.45 -39.31 -15.52
N THR M 88 2.75 -39.39 -16.82
CA THR M 88 2.89 -40.69 -17.45
C THR M 88 4.17 -40.65 -18.27
N GLY M 89 4.69 -41.84 -18.60
CA GLY M 89 5.82 -41.97 -19.50
C GLY M 89 7.07 -41.29 -18.96
N ASN M 90 7.60 -40.34 -19.73
CA ASN M 90 8.88 -39.74 -19.39
C ASN M 90 8.72 -38.67 -18.32
N ASP M 91 7.47 -38.30 -18.01
CA ASP M 91 7.28 -37.27 -17.01
C ASP M 91 7.41 -37.90 -15.63
N ILE M 92 7.22 -39.21 -15.51
CA ILE M 92 7.43 -39.83 -14.21
C ILE M 92 8.92 -39.78 -13.88
N THR M 93 9.25 -39.36 -12.65
CA THR M 93 10.64 -39.38 -12.23
C THR M 93 11.06 -40.82 -11.95
N LYS M 94 12.06 -41.28 -12.70
CA LYS M 94 12.59 -42.61 -12.45
C LYS M 94 13.54 -42.52 -11.27
N PRO M 95 13.72 -43.58 -10.45
CA PRO M 95 14.59 -43.52 -9.27
C PRO M 95 16.01 -43.02 -9.51
N GLU M 96 16.53 -43.25 -10.72
CA GLU M 96 17.88 -42.86 -11.13
C GLU M 96 17.95 -41.38 -11.46
N GLU M 97 16.79 -40.76 -11.70
CA GLU M 97 16.75 -39.34 -12.00
C GLU M 97 16.51 -38.55 -10.73
N ASP M 98 16.27 -39.23 -9.59
CA ASP M 98 15.91 -38.48 -8.39
C ASP M 98 17.19 -38.02 -7.70
N ASP M 99 17.88 -37.04 -8.28
CA ASP M 99 19.19 -36.64 -7.79
C ASP M 99 19.05 -35.46 -6.82
N HIS M 100 19.93 -35.46 -5.82
CA HIS M 100 19.96 -34.45 -4.78
C HIS M 100 20.72 -33.23 -5.29
N TYR M 101 20.14 -32.54 -6.28
CA TYR M 101 20.83 -31.44 -6.93
C TYR M 101 20.99 -30.28 -5.95
N LEU M 102 20.13 -30.16 -4.95
CA LEU M 102 20.12 -28.95 -4.14
C LEU M 102 20.87 -29.15 -2.83
N ILE M 103 20.95 -30.41 -2.36
CA ILE M 103 21.50 -30.70 -1.04
C ILE M 103 22.88 -30.08 -0.86
N PRO M 104 23.85 -30.20 -1.81
CA PRO M 104 25.16 -29.60 -1.64
C PRO M 104 25.16 -28.08 -1.45
N TYR M 105 24.27 -27.39 -2.16
CA TYR M 105 24.21 -25.95 -2.01
C TYR M 105 23.66 -25.55 -0.65
N ILE M 106 22.62 -26.22 -0.18
CA ILE M 106 22.06 -25.82 1.10
C ILE M 106 23.00 -26.22 2.22
N LEU M 107 23.70 -27.35 2.07
CA LEU M 107 24.63 -27.74 3.12
C LEU M 107 25.77 -26.73 3.22
N ASP M 108 26.17 -26.10 2.12
CA ASP M 108 27.20 -25.08 2.22
C ASP M 108 26.67 -23.81 2.88
N VAL M 109 25.47 -23.39 2.47
CA VAL M 109 24.86 -22.21 3.02
C VAL M 109 24.72 -22.38 4.53
N GLU M 110 24.25 -23.55 4.95
CA GLU M 110 23.99 -23.79 6.37
C GLU M 110 25.30 -23.91 7.13
N ALA M 111 26.32 -24.51 6.50
CA ALA M 111 27.62 -24.63 7.15
C ALA M 111 28.10 -23.26 7.58
N GLU M 112 28.01 -22.28 6.67
CA GLU M 112 28.46 -20.95 6.99
C GLU M 112 27.58 -20.32 8.06
N ALA M 113 26.26 -20.43 7.91
CA ALA M 113 25.33 -19.86 8.86
C ALA M 113 25.56 -20.41 10.26
N PHE M 114 25.85 -21.70 10.36
CA PHE M 114 26.02 -22.28 11.69
C PHE M 114 27.39 -21.96 12.26
N GLU M 115 28.41 -21.84 11.40
CA GLU M 115 29.71 -21.44 11.88
C GLU M 115 29.64 -20.00 12.36
N LYS M 116 28.90 -19.17 11.64
CA LYS M 116 28.77 -17.79 12.04
C LYS M 116 28.14 -17.71 13.43
N ASP M 117 27.07 -18.48 13.68
CA ASP M 117 26.46 -18.52 15.00
C ASP M 117 27.45 -19.01 16.06
N ALA M 118 28.27 -20.01 15.76
CA ALA M 118 29.21 -20.47 16.76
C ALA M 118 30.23 -19.38 17.06
N LEU M 119 30.73 -18.72 16.01
CA LEU M 119 31.84 -17.80 16.19
C LEU M 119 31.37 -16.49 16.82
N ASP M 120 30.07 -16.21 16.74
CA ASP M 120 29.44 -15.09 17.41
C ASP M 120 29.43 -15.31 18.93
N ASN M 121 29.73 -16.55 19.35
CA ASN M 121 29.70 -16.93 20.75
C ASN M 121 31.08 -17.39 21.19
N LEU M 122 32.12 -16.92 20.50
CA LEU M 122 33.44 -17.38 20.92
C LEU M 122 33.94 -16.61 22.15
N GLU M 123 34.71 -17.31 22.97
CA GLU M 123 35.27 -16.77 24.20
C GLU M 123 36.78 -16.94 24.15
N VAL M 124 37.48 -15.80 24.08
CA VAL M 124 38.93 -15.78 24.14
C VAL M 124 39.34 -16.42 25.45
N VAL M 125 40.24 -17.39 25.36
CA VAL M 125 40.71 -18.09 26.54
C VAL M 125 42.08 -17.54 26.95
N PRO N 66 -64.87 -48.52 18.70
CA PRO N 66 -63.81 -48.64 19.71
C PRO N 66 -62.41 -48.36 19.19
N ASP N 67 -61.47 -48.17 20.12
CA ASP N 67 -60.14 -47.69 19.79
C ASP N 67 -59.44 -48.75 18.93
N PRO N 68 -59.06 -48.41 17.68
CA PRO N 68 -58.41 -49.39 16.79
C PRO N 68 -57.14 -49.95 17.40
N ALA N 69 -56.53 -49.18 18.31
CA ALA N 69 -55.22 -49.51 18.83
C ALA N 69 -55.30 -50.72 19.75
N ILE N 70 -56.42 -50.87 20.46
CA ILE N 70 -56.65 -51.97 21.38
C ILE N 70 -56.40 -53.31 20.69
N ALA N 71 -57.04 -53.50 19.53
CA ALA N 71 -56.98 -54.74 18.78
C ALA N 71 -55.63 -54.90 18.09
N LEU N 72 -55.06 -53.80 17.55
CA LEU N 72 -53.79 -53.89 16.84
C LEU N 72 -52.68 -54.30 17.78
N HIS N 73 -52.72 -53.76 19.01
CA HIS N 73 -51.72 -54.01 20.03
C HIS N 73 -51.82 -55.44 20.51
N GLU N 74 -53.05 -55.96 20.57
CA GLU N 74 -53.27 -57.29 21.10
C GLU N 74 -52.72 -58.32 20.10
N ALA N 75 -52.99 -58.05 18.82
CA ALA N 75 -52.58 -58.86 17.69
C ALA N 75 -51.07 -58.91 17.59
N ALA N 76 -50.41 -57.76 17.80
CA ALA N 76 -48.96 -57.66 17.72
C ALA N 76 -48.30 -58.36 18.90
N ALA N 77 -48.99 -58.43 20.04
CA ALA N 77 -48.41 -59.05 21.22
C ALA N 77 -48.44 -60.56 21.09
N GLU N 78 -49.53 -61.09 20.51
CA GLU N 78 -49.73 -62.52 20.39
C GLU N 78 -48.94 -63.07 19.21
N GLY N 79 -48.63 -62.18 18.25
CA GLY N 79 -48.02 -62.55 16.98
C GLY N 79 -46.52 -62.26 16.96
N PRO N 80 -46.08 -61.16 16.30
CA PRO N 80 -44.65 -60.88 16.10
C PRO N 80 -43.84 -60.57 17.36
N CYS N 81 -44.54 -60.27 18.46
CA CYS N 81 -43.86 -59.86 19.68
C CYS N 81 -44.19 -60.86 20.77
N HIS N 82 -44.27 -62.14 20.41
CA HIS N 82 -44.71 -63.16 21.35
C HIS N 82 -43.58 -63.51 22.33
N ASP N 83 -42.34 -63.46 21.84
CA ASP N 83 -41.18 -63.79 22.66
C ASP N 83 -41.05 -62.75 23.78
N PHE N 84 -41.31 -61.49 23.43
CA PHE N 84 -41.19 -60.38 24.35
C PHE N 84 -42.34 -60.41 25.34
N LYS N 85 -43.52 -60.84 24.86
CA LYS N 85 -44.70 -60.98 25.68
C LYS N 85 -44.43 -62.00 26.78
N HIS N 86 -43.84 -63.14 26.39
CA HIS N 86 -43.50 -64.20 27.33
C HIS N 86 -42.52 -63.74 28.40
N HIS N 87 -41.52 -62.95 27.99
CA HIS N 87 -40.50 -62.50 28.92
C HIS N 87 -41.11 -61.58 29.96
N PHE N 88 -41.97 -60.65 29.51
CA PHE N 88 -42.68 -59.75 30.40
C PHE N 88 -43.56 -60.52 31.36
N ASP N 89 -44.31 -61.49 30.83
CA ASP N 89 -45.17 -62.35 31.63
C ASP N 89 -44.38 -63.07 32.71
N GLU N 90 -43.29 -63.73 32.31
CA GLU N 90 -42.46 -64.46 33.26
C GLU N 90 -41.96 -63.50 34.34
N CYS N 91 -41.48 -62.32 33.93
CA CYS N 91 -40.98 -61.32 34.87
C CYS N 91 -42.06 -60.96 35.88
N VAL N 92 -43.28 -60.64 35.41
CA VAL N 92 -44.32 -60.23 36.34
C VAL N 92 -44.62 -61.34 37.34
N GLU N 93 -44.71 -62.60 36.86
CA GLU N 93 -44.92 -63.74 37.74
C GLU N 93 -43.89 -63.77 38.86
N ARG N 94 -42.61 -63.61 38.52
CA ARG N 94 -41.51 -63.65 39.49
C ARG N 94 -41.63 -62.52 40.50
N VAL N 95 -41.94 -61.32 40.01
CA VAL N 95 -41.88 -60.14 40.85
C VAL N 95 -43.05 -60.15 41.83
N THR N 96 -44.24 -60.54 41.35
CA THR N 96 -45.43 -60.64 42.19
C THR N 96 -45.23 -61.67 43.28
N LYS N 97 -44.63 -62.80 42.92
CA LYS N 97 -44.32 -63.89 43.84
C LYS N 97 -43.31 -63.41 44.89
N ALA N 98 -42.38 -62.55 44.45
CA ALA N 98 -41.32 -62.08 45.32
C ALA N 98 -41.88 -61.05 46.30
N GLN N 99 -42.91 -60.32 45.87
CA GLN N 99 -43.57 -59.31 46.68
C GLN N 99 -44.45 -60.01 47.73
N GLU N 100 -44.98 -61.18 47.35
CA GLU N 100 -45.83 -62.02 48.19
C GLU N 100 -45.04 -62.54 49.39
N ALA N 101 -43.77 -62.89 49.17
CA ALA N 101 -42.87 -63.37 50.20
C ALA N 101 -42.58 -62.27 51.21
N GLU N 102 -42.45 -62.66 52.48
CA GLU N 102 -42.21 -61.73 53.57
C GLU N 102 -40.74 -61.33 53.58
N ASP N 103 -40.45 -60.19 54.23
CA ASP N 103 -39.14 -59.55 54.29
C ASP N 103 -38.69 -59.17 52.88
N TYR N 104 -39.67 -58.83 52.04
CA TYR N 104 -39.42 -58.25 50.72
C TYR N 104 -39.13 -56.77 50.87
N ASP N 105 -39.81 -56.12 51.83
CA ASP N 105 -39.71 -54.70 52.06
C ASP N 105 -38.32 -54.35 52.60
N HIS N 106 -37.70 -55.32 53.28
CA HIS N 106 -36.35 -55.18 53.83
C HIS N 106 -35.35 -55.96 52.97
N ALA N 107 -35.50 -55.84 51.65
CA ALA N 107 -34.55 -56.39 50.70
C ALA N 107 -33.74 -55.25 50.09
N GLU N 108 -32.54 -55.57 49.61
CA GLU N 108 -31.64 -54.57 49.08
C GLU N 108 -32.09 -54.24 47.66
N TYR N 109 -32.23 -55.30 46.85
CA TYR N 109 -32.59 -55.18 45.45
C TYR N 109 -34.02 -55.67 45.23
N LYS N 110 -34.89 -54.76 44.82
CA LYS N 110 -36.22 -55.10 44.35
C LYS N 110 -36.25 -55.02 42.82
N GLU N 111 -36.46 -56.17 42.18
CA GLU N 111 -36.60 -56.25 40.74
C GLU N 111 -37.92 -55.65 40.29
N ASP N 112 -37.89 -54.90 39.16
CA ASP N 112 -39.09 -54.50 38.45
C ASP N 112 -39.16 -55.22 37.10
N CYS N 113 -40.16 -54.86 36.31
CA CYS N 113 -40.33 -55.44 34.98
C CYS N 113 -40.34 -54.37 33.90
N VAL N 114 -39.75 -53.23 34.23
CA VAL N 114 -39.76 -52.10 33.30
C VAL N 114 -38.98 -52.46 32.04
N GLU N 115 -37.81 -53.09 32.21
CA GLU N 115 -36.97 -53.43 31.07
C GLU N 115 -37.75 -54.27 30.07
N GLU N 116 -38.40 -55.32 30.56
CA GLU N 116 -39.09 -56.29 29.72
C GLU N 116 -40.30 -55.64 29.08
N PHE N 117 -40.93 -54.74 29.84
CA PHE N 117 -42.07 -54.00 29.36
C PHE N 117 -41.64 -53.10 28.20
N PHE N 118 -40.51 -52.41 28.37
CA PHE N 118 -39.99 -51.59 27.28
C PHE N 118 -39.68 -52.45 26.06
N HIS N 119 -39.13 -53.65 26.24
CA HIS N 119 -38.80 -54.48 25.08
C HIS N 119 -40.07 -54.87 24.33
N LEU N 120 -41.13 -55.17 25.08
CA LEU N 120 -42.38 -55.54 24.49
C LEU N 120 -43.02 -54.34 23.77
N GLN N 121 -43.05 -53.18 24.45
CA GLN N 121 -43.73 -52.01 23.92
C GLN N 121 -43.02 -51.53 22.67
N HIS N 122 -41.69 -51.54 22.72
CA HIS N 122 -40.91 -51.11 21.58
C HIS N 122 -41.24 -51.98 20.37
N CYS N 123 -41.45 -53.27 20.64
CA CYS N 123 -41.75 -54.22 19.60
C CYS N 123 -43.17 -53.98 19.07
N ILE N 124 -44.14 -53.88 19.97
CA ILE N 124 -45.51 -53.63 19.55
C ILE N 124 -45.56 -52.37 18.67
N ASN N 125 -44.81 -51.33 19.07
CA ASN N 125 -44.89 -50.04 18.39
C ASN N 125 -44.36 -50.15 16.97
N ASP N 126 -43.30 -50.94 16.79
CA ASP N 126 -42.70 -51.20 15.49
C ASP N 126 -43.67 -51.89 14.55
N ASN N 127 -44.59 -52.70 15.10
CA ASN N 127 -45.46 -53.51 14.27
C ASN N 127 -46.85 -52.91 14.12
N THR N 128 -47.03 -51.68 14.58
CA THR N 128 -48.38 -51.18 14.74
C THR N 128 -48.49 -49.76 14.24
N ALA N 129 -47.43 -48.97 14.47
CA ALA N 129 -47.44 -47.54 14.23
C ALA N 129 -48.11 -47.21 12.90
N ASP N 130 -47.61 -47.79 11.81
CA ASP N 130 -48.08 -47.49 10.47
C ASP N 130 -49.51 -47.97 10.28
N LYS N 131 -49.84 -49.13 10.87
CA LYS N 131 -51.17 -49.70 10.69
C LYS N 131 -52.21 -48.84 11.39
N LEU N 132 -51.85 -48.33 12.56
CA LEU N 132 -52.79 -47.55 13.34
C LEU N 132 -53.09 -46.22 12.64
N PHE N 133 -52.05 -45.53 12.19
CA PHE N 133 -52.28 -44.25 11.55
C PHE N 133 -53.02 -44.38 10.23
N ARG N 134 -53.00 -45.58 9.65
CA ARG N 134 -53.67 -45.85 8.39
C ARG N 134 -55.18 -45.83 8.56
N VAL N 135 -55.66 -46.14 9.78
CA VAL N 135 -57.08 -46.25 10.05
C VAL N 135 -57.58 -45.09 10.91
N LEU N 136 -56.90 -43.95 10.86
CA LEU N 136 -57.39 -42.73 11.50
C LEU N 136 -57.57 -41.61 10.45
N VAL O 26 -0.51 12.16 -61.47
CA VAL O 26 -1.04 10.91 -62.13
C VAL O 26 0.12 10.08 -62.69
N SER O 27 0.28 8.87 -62.11
CA SER O 27 1.28 7.91 -62.51
C SER O 27 0.98 7.34 -63.90
N PRO O 28 1.97 6.90 -64.70
CA PRO O 28 1.69 6.25 -65.97
C PRO O 28 0.91 4.95 -65.78
N LYS O 29 0.11 4.63 -66.79
CA LYS O 29 -0.74 3.44 -66.87
C LYS O 29 0.08 2.14 -66.78
N THR O 30 -0.42 1.18 -66.00
CA THR O 30 0.14 -0.16 -65.98
C THR O 30 -0.37 -0.94 -67.19
N ARG O 31 0.55 -1.28 -68.09
CA ARG O 31 0.17 -2.06 -69.25
C ARG O 31 0.24 -3.54 -68.89
N THR O 32 -0.69 -4.33 -69.46
CA THR O 32 -0.83 -5.74 -69.16
C THR O 32 -1.05 -6.51 -70.45
N SER O 33 -0.26 -7.55 -70.66
CA SER O 33 -0.46 -8.47 -71.77
C SER O 33 -0.33 -9.89 -71.25
N ASN O 34 -0.87 -10.83 -72.04
CA ASN O 34 -0.75 -12.25 -71.80
C ASN O 34 0.06 -12.88 -72.93
N LEU O 35 0.65 -14.04 -72.65
CA LEU O 35 1.11 -14.95 -73.69
C LEU O 35 0.06 -16.04 -73.87
N LYS O 36 0.38 -17.00 -74.75
CA LYS O 36 -0.51 -18.09 -75.11
C LYS O 36 -0.64 -19.08 -73.96
N ASN O 37 0.48 -19.35 -73.27
CA ASN O 37 0.48 -20.29 -72.17
C ASN O 37 -0.36 -19.77 -71.01
N GLY O 38 -0.44 -18.44 -70.88
CA GLY O 38 -1.30 -17.84 -69.87
C GLY O 38 -0.48 -16.99 -68.92
N LEU O 39 0.78 -16.75 -69.30
CA LEU O 39 1.66 -15.94 -68.51
C LEU O 39 1.26 -14.48 -68.71
N THR O 40 1.04 -13.77 -67.61
CA THR O 40 0.74 -12.36 -67.63
C THR O 40 2.03 -11.55 -67.59
N ILE O 41 2.11 -10.52 -68.43
CA ILE O 41 3.19 -9.56 -68.38
C ILE O 41 2.61 -8.21 -67.99
N ALA O 42 3.15 -7.59 -66.94
CA ALA O 42 2.60 -6.33 -66.48
C ALA O 42 3.72 -5.35 -66.22
N SER O 43 3.59 -4.12 -66.71
CA SER O 43 4.73 -3.23 -66.67
C SER O 43 4.28 -1.82 -66.34
N GLU O 44 5.13 -1.07 -65.64
CA GLU O 44 4.87 0.35 -65.47
C GLU O 44 6.17 1.14 -65.64
N SER O 45 6.25 1.87 -66.76
CA SER O 45 7.44 2.62 -67.15
C SER O 45 7.52 3.95 -66.42
N ASN O 46 8.75 4.37 -66.12
CA ASN O 46 9.06 5.61 -65.43
C ASN O 46 10.26 6.25 -66.13
N PRO O 47 10.05 7.17 -67.09
CA PRO O 47 11.17 7.72 -67.88
C PRO O 47 12.06 8.71 -67.12
N LEU O 48 11.87 8.77 -65.79
CA LEU O 48 12.65 9.61 -64.90
C LEU O 48 13.83 8.83 -64.30
N VAL O 49 13.73 7.50 -64.29
CA VAL O 49 14.78 6.67 -63.68
C VAL O 49 15.57 5.98 -64.79
N GLN O 50 16.68 5.38 -64.38
CA GLN O 50 17.65 4.79 -65.30
C GLN O 50 17.82 3.30 -65.00
N THR O 51 17.14 2.82 -63.97
CA THR O 51 17.26 1.46 -63.48
C THR O 51 15.91 0.77 -63.64
N ALA O 52 15.88 -0.56 -63.77
CA ALA O 52 14.63 -1.30 -63.89
C ALA O 52 14.59 -2.48 -62.93
N THR O 53 13.41 -2.81 -62.41
CA THR O 53 13.22 -4.04 -61.68
C THR O 53 12.31 -4.95 -62.48
N VAL O 54 12.85 -6.04 -63.05
CA VAL O 54 12.02 -7.07 -63.65
C VAL O 54 12.02 -8.27 -62.73
N GLY O 55 10.88 -8.94 -62.64
CA GLY O 55 10.86 -10.20 -61.94
C GLY O 55 9.60 -11.01 -62.19
N VAL O 56 9.53 -12.16 -61.54
CA VAL O 56 8.43 -13.08 -61.70
C VAL O 56 7.74 -13.22 -60.36
N TRP O 57 6.47 -12.82 -60.30
CA TRP O 57 5.65 -13.02 -59.11
C TRP O 57 4.83 -14.28 -59.32
N ILE O 58 4.88 -15.18 -58.34
CA ILE O 58 4.17 -16.44 -58.50
C ILE O 58 3.09 -16.55 -57.42
N ASP O 59 1.90 -16.97 -57.84
CA ASP O 59 0.82 -17.22 -56.92
C ASP O 59 0.98 -18.63 -56.36
N ALA O 60 1.96 -18.80 -55.47
CA ALA O 60 2.26 -20.10 -54.88
C ALA O 60 3.24 -19.83 -53.76
N GLY O 61 3.19 -20.61 -52.69
CA GLY O 61 4.18 -20.44 -51.64
C GLY O 61 4.09 -21.63 -50.71
N SER O 62 4.46 -21.46 -49.44
CA SER O 62 4.51 -22.58 -48.49
C SER O 62 3.15 -23.24 -48.31
N ARG O 63 2.09 -22.46 -48.52
CA ARG O 63 0.76 -22.97 -48.23
C ARG O 63 0.39 -24.10 -49.20
N ASN O 64 1.18 -24.22 -50.27
CA ASN O 64 0.88 -25.20 -51.29
C ASN O 64 1.53 -26.54 -50.95
N GLU O 65 2.36 -26.55 -49.91
CA GLU O 65 2.94 -27.81 -49.46
C GLU O 65 1.94 -28.54 -48.57
N ASN O 66 2.13 -29.85 -48.41
CA ASN O 66 1.48 -30.60 -47.35
C ASN O 66 2.45 -30.73 -46.17
N ALA O 67 2.17 -31.66 -45.25
CA ALA O 67 2.92 -31.69 -44.02
C ALA O 67 4.27 -32.37 -44.25
N TYR O 68 4.31 -33.24 -45.26
CA TYR O 68 5.47 -34.07 -45.54
C TYR O 68 6.53 -33.29 -46.32
N ASN O 69 6.11 -32.41 -47.21
CA ASN O 69 7.08 -31.64 -47.97
C ASN O 69 7.08 -30.17 -47.52
N ASN O 70 6.71 -29.92 -46.26
CA ASN O 70 6.70 -28.54 -45.78
C ASN O 70 8.15 -28.07 -45.67
N GLY O 71 8.45 -26.97 -46.35
CA GLY O 71 9.81 -26.47 -46.39
C GLY O 71 10.40 -26.53 -47.80
N THR O 72 9.72 -27.22 -48.71
CA THR O 72 10.18 -27.39 -50.08
C THR O 72 10.34 -26.07 -50.80
N ALA O 73 9.34 -25.19 -50.68
CA ALA O 73 9.33 -23.95 -51.43
C ALA O 73 10.53 -23.11 -51.01
N HIS O 74 10.86 -23.14 -49.72
CA HIS O 74 11.96 -22.33 -49.25
C HIS O 74 13.28 -22.98 -49.63
N PHE O 75 13.28 -24.33 -49.65
CA PHE O 75 14.43 -25.11 -50.07
C PHE O 75 14.77 -24.77 -51.52
N PHE O 76 13.75 -24.74 -52.38
CA PHE O 76 13.96 -24.42 -53.79
C PHE O 76 14.61 -23.04 -53.99
N GLU O 77 14.15 -22.05 -53.23
CA GLU O 77 14.68 -20.70 -53.30
C GLU O 77 16.20 -20.70 -53.12
N HIS O 78 16.72 -21.60 -52.26
CA HIS O 78 18.14 -21.71 -52.02
C HIS O 78 18.88 -22.40 -53.15
N LEU O 79 18.16 -23.17 -53.97
CA LEU O 79 18.77 -24.03 -54.96
C LEU O 79 18.65 -23.42 -56.34
N ALA O 80 17.71 -22.48 -56.47
CA ALA O 80 17.54 -21.75 -57.70
C ALA O 80 18.83 -20.99 -58.01
N PHE O 81 19.63 -20.69 -56.98
CA PHE O 81 20.85 -19.92 -57.16
C PHE O 81 22.08 -20.79 -57.17
N LYS O 82 21.88 -22.12 -57.23
CA LYS O 82 23.00 -23.03 -57.07
C LYS O 82 23.38 -23.69 -58.41
N GLY O 83 22.90 -23.14 -59.52
CA GLY O 83 23.35 -23.63 -60.82
C GLY O 83 22.24 -24.23 -61.67
N THR O 84 22.33 -23.97 -62.97
CA THR O 84 21.40 -24.48 -63.96
C THR O 84 22.10 -25.45 -64.90
N ASP O 85 21.38 -25.91 -65.93
CA ASP O 85 21.88 -26.81 -66.95
C ASP O 85 23.03 -26.16 -67.74
N LYS O 86 23.01 -24.83 -67.90
CA LYS O 86 23.98 -24.11 -68.70
C LYS O 86 25.05 -23.51 -67.82
N ARG O 87 24.63 -22.65 -66.88
CA ARG O 87 25.58 -21.96 -66.02
C ARG O 87 25.72 -22.76 -64.73
N SER O 88 26.96 -22.97 -64.29
CA SER O 88 27.24 -23.57 -63.01
C SER O 88 27.02 -22.52 -61.92
N GLN O 89 27.23 -22.90 -60.66
CA GLN O 89 27.02 -21.94 -59.59
C GLN O 89 27.93 -20.73 -59.78
N HIS O 90 29.15 -20.99 -60.25
CA HIS O 90 30.18 -19.97 -60.40
C HIS O 90 29.87 -19.05 -61.57
N GLN O 91 29.45 -19.68 -62.67
CA GLN O 91 29.07 -18.95 -63.86
C GLN O 91 27.87 -18.05 -63.55
N LEU O 92 26.90 -18.56 -62.78
CA LEU O 92 25.74 -17.78 -62.39
C LEU O 92 26.20 -16.52 -61.65
N GLU O 93 27.05 -16.71 -60.61
CA GLU O 93 27.61 -15.61 -59.84
C GLU O 93 28.21 -14.56 -60.77
N LEU O 94 29.04 -15.02 -61.70
CA LEU O 94 29.77 -14.11 -62.58
C LEU O 94 28.81 -13.36 -63.49
N ASP O 95 27.80 -14.06 -64.02
CA ASP O 95 26.88 -13.47 -64.97
C ASP O 95 26.15 -12.28 -64.33
N ILE O 96 25.74 -12.44 -63.07
CA ILE O 96 25.04 -11.39 -62.35
C ILE O 96 26.00 -10.27 -61.98
N GLU O 97 27.20 -10.63 -61.54
CA GLU O 97 28.22 -9.63 -61.25
C GLU O 97 28.48 -8.77 -62.48
N ASN O 98 28.47 -9.38 -63.67
CA ASN O 98 28.78 -8.69 -64.90
C ASN O 98 27.62 -7.81 -65.36
N MET O 99 26.40 -8.16 -64.97
CA MET O 99 25.23 -7.34 -65.24
C MET O 99 25.43 -5.98 -64.59
N GLY O 100 25.80 -6.00 -63.30
CA GLY O 100 25.94 -4.76 -62.56
C GLY O 100 24.91 -4.62 -61.43
N GLY O 101 23.72 -5.19 -61.62
CA GLY O 101 22.67 -5.11 -60.61
C GLY O 101 22.71 -6.33 -59.70
N HIS O 102 21.56 -6.67 -59.12
CA HIS O 102 21.50 -7.85 -58.26
C HIS O 102 20.22 -8.63 -58.54
N LEU O 103 20.18 -9.85 -58.00
CA LEU O 103 18.98 -10.66 -58.01
C LEU O 103 18.52 -10.84 -56.57
N ASN O 104 17.21 -11.06 -56.40
CA ASN O 104 16.69 -11.28 -55.07
C ASN O 104 15.48 -12.20 -55.15
N ALA O 105 15.14 -12.85 -54.03
CA ALA O 105 14.02 -13.77 -54.00
C ALA O 105 13.42 -13.77 -52.61
N TYR O 106 12.11 -14.01 -52.51
CA TYR O 106 11.54 -14.39 -51.22
C TYR O 106 10.30 -15.25 -51.42
N THR O 107 10.12 -16.13 -50.45
CA THR O 107 9.02 -17.06 -50.41
C THR O 107 8.18 -16.69 -49.20
N SER O 108 6.87 -16.49 -49.40
CA SER O 108 5.97 -16.35 -48.28
C SER O 108 4.98 -17.51 -48.27
N ARG O 109 3.90 -17.38 -47.50
CA ARG O 109 2.94 -18.44 -47.39
C ARG O 109 2.16 -18.60 -48.68
N GLU O 110 1.86 -17.47 -49.35
CA GLU O 110 1.02 -17.56 -50.53
C GLU O 110 1.68 -16.99 -51.78
N SER O 111 2.92 -16.52 -51.68
CA SER O 111 3.52 -15.79 -52.78
C SER O 111 5.01 -16.11 -52.86
N THR O 112 5.53 -16.28 -54.07
CA THR O 112 6.97 -16.38 -54.27
C THR O 112 7.39 -15.32 -55.27
N VAL O 113 8.51 -14.64 -55.01
CA VAL O 113 8.98 -13.60 -55.92
C VAL O 113 10.43 -13.87 -56.29
N TYR O 114 10.80 -13.64 -57.55
CA TYR O 114 12.18 -13.70 -57.99
C TYR O 114 12.40 -12.47 -58.84
N TYR O 115 13.28 -11.55 -58.43
CA TYR O 115 13.40 -10.38 -59.27
C TYR O 115 14.85 -9.99 -59.47
N ALA O 116 15.07 -9.07 -60.41
CA ALA O 116 16.38 -8.65 -60.80
C ALA O 116 16.36 -7.14 -60.98
N LYS O 117 17.18 -6.44 -60.21
CA LYS O 117 17.31 -5.01 -60.41
C LYS O 117 18.54 -4.77 -61.27
N SER O 118 18.41 -3.96 -62.31
CA SER O 118 19.53 -3.76 -63.22
C SER O 118 19.53 -2.34 -63.76
N PHE O 119 20.38 -2.13 -64.77
CA PHE O 119 20.40 -0.93 -65.57
C PHE O 119 19.37 -1.08 -66.68
N LYS O 120 19.02 0.03 -67.33
CA LYS O 120 17.98 0.04 -68.35
C LYS O 120 18.26 -1.01 -69.44
N ASP O 121 19.53 -1.15 -69.83
CA ASP O 121 19.86 -1.85 -71.06
C ASP O 121 20.37 -3.26 -70.75
N ASP O 122 20.35 -3.59 -69.46
CA ASP O 122 20.73 -4.90 -68.94
C ASP O 122 19.49 -5.72 -68.62
N VAL O 123 18.33 -5.29 -69.14
CA VAL O 123 17.07 -5.93 -68.79
C VAL O 123 16.99 -7.27 -69.51
N PRO O 124 17.36 -7.36 -70.80
CA PRO O 124 17.33 -8.64 -71.50
C PRO O 124 18.23 -9.72 -70.88
N LYS O 125 19.30 -9.31 -70.20
CA LYS O 125 20.20 -10.25 -69.56
C LYS O 125 19.48 -10.85 -68.36
N SER O 126 18.88 -9.95 -67.58
CA SER O 126 18.25 -10.30 -66.32
C SER O 126 17.01 -11.17 -66.54
N VAL O 127 16.24 -10.88 -67.59
CA VAL O 127 15.08 -11.72 -67.89
C VAL O 127 15.54 -13.13 -68.25
N GLU O 128 16.65 -13.21 -68.97
CA GLU O 128 17.20 -14.47 -69.44
C GLU O 128 17.72 -15.27 -68.25
N ILE O 129 18.36 -14.59 -67.29
CA ILE O 129 18.89 -15.32 -66.15
C ILE O 129 17.71 -15.83 -65.30
N LEU O 130 16.68 -15.00 -65.11
CA LEU O 130 15.56 -15.42 -64.29
C LEU O 130 14.86 -16.62 -64.92
N ALA O 131 14.71 -16.59 -66.25
CA ALA O 131 14.01 -17.66 -66.95
C ALA O 131 14.79 -18.97 -66.80
N ASP O 132 16.11 -18.85 -66.70
CA ASP O 132 16.98 -20.00 -66.62
C ASP O 132 16.91 -20.66 -65.24
N ILE O 133 16.93 -19.85 -64.18
CA ILE O 133 17.00 -20.38 -62.84
C ILE O 133 15.64 -20.99 -62.44
N LEU O 134 14.56 -20.55 -63.11
CA LEU O 134 13.23 -21.03 -62.78
C LEU O 134 12.88 -22.30 -63.56
N GLN O 135 13.34 -22.37 -64.82
CA GLN O 135 12.91 -23.46 -65.67
C GLN O 135 13.94 -24.57 -65.71
N HIS O 136 15.23 -24.22 -65.56
CA HIS O 136 16.28 -25.13 -65.99
C HIS O 136 17.29 -25.33 -64.86
N SER O 137 16.82 -25.47 -63.62
CA SER O 137 17.74 -25.51 -62.50
C SER O 137 18.22 -26.95 -62.31
N LYS O 138 19.47 -27.13 -61.86
CA LYS O 138 20.00 -28.48 -61.80
C LYS O 138 19.34 -29.31 -60.70
N LEU O 139 19.31 -28.76 -59.47
CA LEU O 139 18.87 -29.45 -58.26
C LEU O 139 19.65 -30.76 -58.18
N ALA O 140 20.97 -30.58 -58.10
CA ALA O 140 21.93 -31.66 -58.05
C ALA O 140 22.02 -32.19 -56.62
N GLU O 141 21.99 -33.52 -56.45
CA GLU O 141 22.03 -34.15 -55.14
C GLU O 141 23.14 -33.56 -54.26
N SER O 142 24.28 -33.20 -54.87
CA SER O 142 25.38 -32.63 -54.10
C SER O 142 25.02 -31.29 -53.48
N ALA O 143 24.18 -30.50 -54.17
CA ALA O 143 23.82 -29.17 -53.74
C ALA O 143 22.66 -29.24 -52.74
N ILE O 144 21.74 -30.20 -52.96
CA ILE O 144 20.69 -30.51 -52.00
C ILE O 144 21.33 -30.80 -50.64
N ASP O 145 22.42 -31.60 -50.67
CA ASP O 145 23.05 -32.09 -49.46
C ASP O 145 23.79 -30.97 -48.75
N ARG O 146 24.40 -30.07 -49.53
CA ARG O 146 25.11 -28.92 -49.01
C ARG O 146 24.16 -27.92 -48.34
N GLU O 147 22.99 -27.65 -48.95
CA GLU O 147 22.08 -26.60 -48.45
C GLU O 147 21.33 -27.12 -47.23
N ARG O 148 21.24 -28.44 -47.14
CA ARG O 148 20.53 -29.13 -46.09
C ARG O 148 21.14 -28.76 -44.73
N GLU O 149 22.41 -28.33 -44.72
CA GLU O 149 23.07 -27.92 -43.48
C GLU O 149 22.85 -26.43 -43.25
N VAL O 150 22.90 -25.65 -44.33
CA VAL O 150 22.73 -24.21 -44.32
C VAL O 150 21.35 -23.84 -43.77
N ILE O 151 20.35 -24.58 -44.26
CA ILE O 151 18.97 -24.37 -43.87
C ILE O 151 18.79 -24.86 -42.43
N THR O 152 19.50 -25.93 -42.06
CA THR O 152 19.41 -26.44 -40.70
C THR O 152 19.92 -25.39 -39.71
N ARG O 153 20.97 -24.65 -40.08
CA ARG O 153 21.51 -23.59 -39.26
C ARG O 153 20.58 -22.37 -39.19
N GLU O 154 19.69 -22.22 -40.18
CA GLU O 154 18.78 -21.09 -40.23
C GLU O 154 17.69 -21.26 -39.17
N LEU O 155 17.35 -22.53 -38.87
CA LEU O 155 16.42 -22.87 -37.80
C LEU O 155 16.86 -22.30 -36.46
N GLU O 156 18.18 -22.20 -36.23
CA GLU O 156 18.66 -21.78 -34.91
C GLU O 156 19.18 -20.34 -34.90
N GLU O 157 18.71 -19.49 -35.82
CA GLU O 157 19.21 -18.13 -35.93
C GLU O 157 18.09 -17.14 -36.25
N VAL O 158 16.92 -17.65 -36.67
CA VAL O 158 15.67 -16.90 -36.73
C VAL O 158 15.29 -16.50 -35.31
N ASN O 159 15.68 -17.35 -34.34
CA ASN O 159 15.45 -17.26 -32.91
C ASN O 159 15.76 -15.86 -32.39
N LYS O 160 16.61 -15.13 -33.12
CA LYS O 160 17.08 -13.81 -32.76
C LYS O 160 16.14 -12.73 -33.30
N GLN O 161 15.49 -13.00 -34.44
CA GLN O 161 14.60 -12.04 -35.07
C GLN O 161 13.23 -12.10 -34.40
N TYR O 162 13.06 -11.32 -33.33
CA TYR O 162 11.95 -11.52 -32.43
C TYR O 162 10.62 -11.24 -33.10
N GLU O 163 10.54 -10.20 -33.93
CA GLU O 163 9.30 -9.96 -34.63
C GLU O 163 8.90 -11.18 -35.45
N GLU O 164 9.87 -11.81 -36.12
CA GLU O 164 9.54 -12.94 -36.96
C GLU O 164 9.12 -14.14 -36.12
N VAL O 165 9.78 -14.34 -34.98
CA VAL O 165 9.43 -15.41 -34.07
C VAL O 165 8.00 -15.24 -33.63
N VAL O 166 7.65 -14.01 -33.24
CA VAL O 166 6.31 -13.72 -32.77
C VAL O 166 5.32 -13.98 -33.90
N PHE O 167 5.56 -13.47 -35.11
CA PHE O 167 4.55 -13.70 -36.13
C PHE O 167 4.47 -15.14 -36.59
N ASP O 168 5.57 -15.90 -36.52
CA ASP O 168 5.42 -17.27 -36.93
C ASP O 168 4.62 -18.06 -35.89
N HIS O 169 4.79 -17.75 -34.60
CA HIS O 169 3.96 -18.43 -33.63
C HIS O 169 2.52 -17.97 -33.76
N LEU O 170 2.34 -16.71 -34.14
CA LEU O 170 0.99 -16.20 -34.29
C LEU O 170 0.23 -16.93 -35.40
N HIS O 171 0.86 -17.19 -36.55
CA HIS O 171 0.19 -17.98 -37.57
C HIS O 171 -0.03 -19.41 -37.12
N ALA O 172 0.95 -19.97 -36.41
CA ALA O 172 0.88 -21.36 -36.00
C ALA O 172 -0.34 -21.60 -35.11
N THR O 173 -0.62 -20.65 -34.21
CA THR O 173 -1.70 -20.86 -33.27
C THR O 173 -3.03 -20.41 -33.85
N ALA O 174 -3.06 -19.27 -34.54
CA ALA O 174 -4.30 -18.82 -35.15
C ALA O 174 -4.84 -19.85 -36.14
N PHE O 175 -3.94 -20.46 -36.93
CA PHE O 175 -4.43 -21.41 -37.91
C PHE O 175 -3.93 -22.78 -37.53
N MET O 176 -4.24 -23.19 -36.31
CA MET O 176 -3.72 -24.40 -35.71
C MET O 176 -4.02 -25.59 -36.63
N ASN O 177 -2.98 -26.39 -36.93
CA ASN O 177 -3.03 -27.58 -37.79
C ASN O 177 -3.68 -27.33 -39.14
N GLN O 178 -3.49 -26.12 -39.68
CA GLN O 178 -3.96 -25.85 -41.02
C GLN O 178 -2.76 -25.41 -41.84
N PRO O 179 -2.80 -25.49 -43.19
CA PRO O 179 -1.66 -25.05 -44.02
C PRO O 179 -1.14 -23.63 -43.77
N LEU O 180 -2.00 -22.64 -43.50
CA LEU O 180 -1.49 -21.31 -43.17
C LEU O 180 -0.75 -21.32 -41.84
N GLY O 181 -0.93 -22.35 -41.01
CA GLY O 181 -0.26 -22.36 -39.72
C GLY O 181 1.18 -22.84 -39.79
N ARG O 182 1.57 -23.43 -40.93
CA ARG O 182 2.90 -24.00 -41.06
C ARG O 182 3.92 -22.90 -41.28
N THR O 183 5.15 -23.21 -40.88
CA THR O 183 6.25 -22.29 -41.07
C THR O 183 6.67 -22.39 -42.52
N ILE O 184 7.43 -21.38 -42.97
CA ILE O 184 7.98 -21.39 -44.31
C ILE O 184 9.18 -22.35 -44.38
N LEU O 185 10.05 -22.32 -43.36
CA LEU O 185 11.25 -23.15 -43.32
C LEU O 185 10.89 -24.62 -43.22
N GLY O 186 9.82 -24.92 -42.50
CA GLY O 186 9.43 -26.31 -42.34
C GLY O 186 10.15 -26.92 -41.15
N PRO O 187 9.73 -28.10 -40.71
CA PRO O 187 10.38 -28.76 -39.58
C PRO O 187 11.75 -29.32 -39.97
N ARG O 188 12.64 -29.47 -38.97
CA ARG O 188 13.97 -30.01 -39.12
C ARG O 188 13.96 -31.38 -39.82
N GLU O 189 12.93 -32.19 -39.54
CA GLU O 189 12.80 -33.54 -40.05
C GLU O 189 12.67 -33.53 -41.58
N ASN O 190 11.97 -32.53 -42.12
CA ASN O 190 11.70 -32.44 -43.53
C ASN O 190 12.97 -31.97 -44.24
N ILE O 191 13.68 -31.07 -43.57
CA ILE O 191 14.89 -30.52 -44.15
C ILE O 191 15.88 -31.66 -44.43
N GLN O 192 15.87 -32.68 -43.58
CA GLN O 192 16.77 -33.82 -43.73
C GLN O 192 16.29 -34.80 -44.79
N THR O 193 15.03 -34.68 -45.24
CA THR O 193 14.45 -35.68 -46.13
C THR O 193 13.94 -35.10 -47.45
N ILE O 194 14.21 -33.83 -47.73
CA ILE O 194 13.75 -33.26 -48.99
C ILE O 194 14.68 -33.74 -50.10
N THR O 195 14.11 -34.35 -51.15
CA THR O 195 14.89 -34.89 -52.26
C THR O 195 14.70 -34.01 -53.49
N ASN O 196 15.57 -34.18 -54.50
CA ASN O 196 15.45 -33.45 -55.75
C ASN O 196 14.12 -33.78 -56.45
N THR O 197 13.58 -34.97 -56.18
CA THR O 197 12.33 -35.42 -56.77
C THR O 197 11.18 -34.56 -56.26
N GLU O 198 11.13 -34.39 -54.94
CA GLU O 198 10.09 -33.61 -54.31
C GLU O 198 10.20 -32.15 -54.71
N LEU O 199 11.44 -31.67 -54.83
CA LEU O 199 11.67 -30.31 -55.28
C LEU O 199 11.14 -30.10 -56.69
N ARG O 200 11.41 -31.06 -57.56
CA ARG O 200 11.04 -30.98 -58.96
C ARG O 200 9.52 -31.02 -59.06
N LYS O 201 8.91 -31.89 -58.24
CA LYS O 201 7.48 -32.08 -58.28
C LYS O 201 6.80 -30.79 -57.84
N PHE O 202 7.41 -30.08 -56.88
CA PHE O 202 6.76 -28.92 -56.33
C PHE O 202 6.72 -27.82 -57.40
N ILE O 203 7.86 -27.60 -58.05
CA ILE O 203 7.97 -26.50 -58.99
C ILE O 203 7.28 -26.84 -60.31
N THR O 204 6.94 -28.12 -60.51
CA THR O 204 6.27 -28.54 -61.73
C THR O 204 4.77 -28.39 -61.54
N GLU O 205 4.30 -28.65 -60.34
CA GLU O 205 2.89 -28.51 -60.02
C GLU O 205 2.51 -27.03 -59.85
N ASN O 206 3.43 -26.20 -59.36
CA ASN O 206 3.02 -24.90 -58.84
C ASN O 206 3.48 -23.74 -59.72
N TYR O 207 4.68 -23.85 -60.32
CA TYR O 207 5.26 -22.76 -61.07
C TYR O 207 4.77 -22.85 -62.52
N THR O 208 3.47 -22.64 -62.68
CA THR O 208 2.85 -22.76 -63.98
C THR O 208 2.52 -21.36 -64.49
N ALA O 209 2.34 -21.28 -65.80
CA ALA O 209 2.28 -20.01 -66.48
C ALA O 209 1.04 -19.23 -66.04
N ASP O 210 -0.03 -19.94 -65.72
CA ASP O 210 -1.26 -19.26 -65.36
C ASP O 210 -1.17 -18.77 -63.91
N ARG O 211 -0.07 -19.10 -63.22
CA ARG O 211 0.10 -18.65 -61.85
C ARG O 211 1.21 -17.60 -61.74
N MET O 212 1.75 -17.18 -62.88
CA MET O 212 2.98 -16.40 -62.87
C MET O 212 2.73 -15.07 -63.56
N VAL O 213 3.42 -14.06 -63.05
CA VAL O 213 3.32 -12.75 -63.66
C VAL O 213 4.74 -12.22 -63.83
N LEU O 214 5.07 -11.84 -65.07
CA LEU O 214 6.34 -11.18 -65.33
C LEU O 214 6.11 -9.68 -65.19
N VAL O 215 6.85 -9.06 -64.28
CA VAL O 215 6.57 -7.68 -63.95
C VAL O 215 7.80 -6.85 -64.31
N GLY O 216 7.60 -5.67 -64.90
CA GLY O 216 8.68 -4.73 -65.07
C GLY O 216 8.30 -3.35 -64.56
N ALA O 217 9.18 -2.73 -63.77
CA ALA O 217 8.97 -1.35 -63.37
C ALA O 217 10.25 -0.55 -63.56
N GLY O 218 10.08 0.72 -63.92
CA GLY O 218 11.19 1.65 -64.08
C GLY O 218 11.47 1.87 -65.56
N ALA O 219 12.73 1.72 -65.96
CA ALA O 219 13.08 1.96 -67.34
C ALA O 219 12.91 0.69 -68.16
N VAL O 220 11.65 0.28 -68.36
CA VAL O 220 11.32 -0.91 -69.14
C VAL O 220 10.32 -0.47 -70.20
N ASP O 221 10.45 -0.99 -71.42
CA ASP O 221 9.39 -0.84 -72.39
C ASP O 221 8.53 -2.09 -72.32
N HIS O 222 7.20 -1.90 -72.29
CA HIS O 222 6.28 -3.02 -72.21
C HIS O 222 6.45 -3.95 -73.40
N ASP O 223 6.59 -3.38 -74.60
CA ASP O 223 6.59 -4.19 -75.82
C ASP O 223 7.87 -5.01 -75.90
N ALA O 224 8.95 -4.46 -75.32
CA ALA O 224 10.24 -5.12 -75.27
C ALA O 224 10.19 -6.30 -74.31
N LEU O 225 9.47 -6.10 -73.20
CA LEU O 225 9.33 -7.08 -72.14
C LEU O 225 8.47 -8.26 -72.61
N VAL O 226 7.45 -7.96 -73.43
CA VAL O 226 6.56 -8.99 -73.94
C VAL O 226 7.31 -9.89 -74.93
N GLU O 227 8.25 -9.28 -75.66
CA GLU O 227 9.07 -10.03 -76.61
C GLU O 227 10.03 -10.95 -75.85
N LEU O 228 10.61 -10.44 -74.77
CA LEU O 228 11.54 -11.20 -73.95
C LEU O 228 10.81 -12.35 -73.25
N ALA O 229 9.51 -12.18 -73.00
CA ALA O 229 8.70 -13.20 -72.35
C ALA O 229 8.39 -14.33 -73.33
N GLU O 230 8.20 -13.93 -74.60
CA GLU O 230 7.92 -14.86 -75.68
C GLU O 230 9.17 -15.65 -76.02
N LYS O 231 10.33 -15.11 -75.64
CA LYS O 231 11.61 -15.71 -75.98
C LYS O 231 12.03 -16.70 -74.89
N TYR O 232 11.65 -16.42 -73.64
CA TYR O 232 12.25 -17.15 -72.55
C TYR O 232 11.22 -17.95 -71.76
N PHE O 233 10.00 -17.43 -71.68
CA PHE O 233 9.03 -18.08 -70.84
C PHE O 233 7.92 -18.69 -71.68
N SER O 234 8.19 -19.01 -72.96
CA SER O 234 7.09 -19.49 -73.77
C SER O 234 6.84 -20.99 -73.56
N HIS O 235 7.91 -21.74 -73.29
CA HIS O 235 7.79 -23.16 -72.98
C HIS O 235 7.60 -23.35 -71.47
N LEU O 236 6.67 -22.61 -70.85
CA LEU O 236 6.29 -22.88 -69.46
C LEU O 236 5.07 -23.79 -69.48
N PRO O 237 4.97 -24.78 -68.58
CA PRO O 237 3.77 -25.60 -68.48
C PRO O 237 2.55 -24.76 -68.11
N SER O 238 1.41 -25.09 -68.71
CA SER O 238 0.15 -24.57 -68.20
C SER O 238 -0.46 -25.61 -67.27
N SER O 239 -1.14 -25.15 -66.20
CA SER O 239 -1.84 -26.08 -65.31
C SER O 239 -3.06 -26.66 -66.02
N GLN O 240 -3.51 -27.83 -65.54
CA GLN O 240 -4.61 -28.58 -66.13
C GLN O 240 -5.91 -27.81 -65.99
N SER O 241 -6.12 -27.24 -64.79
CA SER O 241 -7.31 -26.47 -64.45
C SER O 241 -6.90 -25.03 -64.12
N PRO O 242 -6.82 -24.14 -65.13
CA PRO O 242 -6.47 -22.73 -64.89
C PRO O 242 -7.59 -21.99 -64.18
N VAL O 243 -7.40 -21.80 -62.87
CA VAL O 243 -8.20 -20.90 -62.06
C VAL O 243 -7.69 -19.47 -62.24
N PRO O 244 -8.49 -18.41 -61.94
CA PRO O 244 -8.01 -17.03 -62.02
C PRO O 244 -6.92 -16.77 -60.99
N LEU O 245 -6.09 -15.74 -61.23
CA LEU O 245 -5.05 -15.37 -60.29
C LEU O 245 -5.69 -14.92 -58.97
N GLY O 246 -5.07 -15.35 -57.87
CA GLY O 246 -5.46 -14.98 -56.52
C GLY O 246 -6.63 -15.81 -55.99
N THR O 247 -6.78 -17.02 -56.52
CA THR O 247 -7.80 -17.97 -56.11
C THR O 247 -7.26 -18.78 -54.94
N PRO O 248 -8.06 -18.97 -53.86
CA PRO O 248 -7.64 -19.77 -52.71
C PRO O 248 -7.06 -21.16 -53.01
N ILE O 260 -11.00 -24.50 -45.84
CA ILE O 260 -11.44 -23.13 -45.44
C ILE O 260 -10.87 -22.82 -44.06
N PRO O 261 -10.05 -21.76 -43.90
CA PRO O 261 -9.36 -21.50 -42.63
C PRO O 261 -10.32 -21.31 -41.47
N ASN O 262 -10.02 -21.97 -40.35
CA ASN O 262 -10.88 -21.92 -39.21
C ASN O 262 -10.01 -21.41 -38.07
N PHE O 263 -10.10 -20.12 -37.78
CA PHE O 263 -9.28 -19.43 -36.78
C PHE O 263 -9.44 -20.09 -35.41
N VAL O 264 -8.35 -20.21 -34.64
CA VAL O 264 -8.46 -20.77 -33.28
C VAL O 264 -8.05 -19.70 -32.29
N GLY O 265 -8.97 -19.24 -31.44
CA GLY O 265 -8.61 -18.35 -30.35
C GLY O 265 -7.69 -19.10 -29.39
N SER O 266 -6.50 -18.56 -29.11
CA SER O 266 -5.49 -19.36 -28.43
C SER O 266 -4.32 -18.48 -28.05
N GLU O 267 -3.39 -19.03 -27.28
CA GLU O 267 -2.21 -18.25 -26.94
C GLU O 267 -0.98 -19.14 -26.94
N VAL O 268 0.15 -18.54 -27.32
CA VAL O 268 1.47 -19.11 -27.11
C VAL O 268 2.20 -18.14 -26.19
N ARG O 269 2.77 -18.65 -25.11
CA ARG O 269 3.60 -17.82 -24.24
C ARG O 269 5.02 -18.38 -24.29
N LEU O 270 5.98 -17.52 -24.63
CA LEU O 270 7.37 -17.94 -24.69
C LEU O 270 8.11 -17.06 -23.70
N ARG O 271 7.91 -17.36 -22.43
CA ARG O 271 8.48 -16.48 -21.43
C ARG O 271 10.00 -16.65 -21.43
N ASP O 272 10.70 -15.53 -21.36
CA ASP O 272 12.14 -15.53 -21.24
C ASP O 272 12.53 -14.36 -20.36
N ASP O 273 12.83 -14.65 -19.09
CA ASP O 273 13.09 -13.60 -18.12
C ASP O 273 14.37 -12.84 -18.45
N THR O 274 15.24 -13.46 -19.25
CA THR O 274 16.54 -12.86 -19.49
C THR O 274 16.47 -11.81 -20.60
N MET O 275 15.41 -11.83 -21.41
CA MET O 275 15.20 -10.76 -22.40
C MET O 275 14.75 -9.50 -21.68
N PRO O 276 15.27 -8.31 -22.06
CA PRO O 276 14.75 -7.03 -21.55
C PRO O 276 13.44 -6.52 -22.15
N VAL O 277 13.15 -6.87 -23.41
CA VAL O 277 11.98 -6.35 -24.08
C VAL O 277 10.95 -7.47 -24.27
N ALA O 278 9.69 -7.18 -23.92
CA ALA O 278 8.61 -8.11 -24.19
C ALA O 278 8.05 -7.82 -25.58
N HIS O 279 7.79 -8.86 -26.36
CA HIS O 279 7.14 -8.71 -27.65
C HIS O 279 5.81 -9.41 -27.56
N ILE O 280 4.73 -8.71 -27.95
CA ILE O 280 3.40 -9.27 -27.84
C ILE O 280 2.66 -8.98 -29.14
N ALA O 281 2.04 -10.01 -29.72
CA ALA O 281 1.13 -9.77 -30.82
C ALA O 281 -0.26 -10.24 -30.41
N ILE O 282 -1.29 -9.50 -30.80
CA ILE O 282 -2.67 -9.87 -30.58
C ILE O 282 -3.38 -9.71 -31.90
N ALA O 283 -4.18 -10.69 -32.30
CA ALA O 283 -4.80 -10.60 -33.60
C ALA O 283 -6.16 -11.26 -33.51
N VAL O 284 -7.09 -10.81 -34.36
CA VAL O 284 -8.32 -11.53 -34.59
C VAL O 284 -8.28 -11.96 -36.05
N GLU O 285 -9.19 -12.85 -36.43
CA GLU O 285 -9.34 -13.16 -37.84
C GLU O 285 -9.70 -11.90 -38.62
N GLY O 286 -8.92 -11.61 -39.66
CA GLY O 286 -9.11 -10.40 -40.45
C GLY O 286 -9.77 -10.73 -41.78
N VAL O 287 -9.36 -10.03 -42.84
CA VAL O 287 -10.11 -10.01 -44.09
C VAL O 287 -9.20 -10.48 -45.22
N SER O 288 -9.79 -11.10 -46.24
CA SER O 288 -9.02 -11.52 -47.40
C SER O 288 -8.84 -10.35 -48.36
N TRP O 289 -8.00 -10.53 -49.38
CA TRP O 289 -7.70 -9.47 -50.34
C TRP O 289 -8.98 -9.01 -51.01
N THR O 290 -9.91 -9.94 -51.22
CA THR O 290 -11.04 -9.56 -52.04
C THR O 290 -12.28 -9.33 -51.17
N SER O 291 -12.11 -9.35 -49.86
CA SER O 291 -13.22 -9.02 -48.99
C SER O 291 -13.86 -7.68 -49.37
N GLU O 292 -15.16 -7.59 -49.12
CA GLU O 292 -15.86 -6.32 -49.22
C GLU O 292 -15.47 -5.39 -48.09
N ASP O 293 -14.82 -5.93 -47.05
CA ASP O 293 -14.44 -5.12 -45.92
C ASP O 293 -12.95 -4.77 -45.93
N TYR O 294 -12.28 -5.02 -47.06
CA TYR O 294 -10.84 -4.84 -47.15
C TYR O 294 -10.43 -3.42 -46.78
N TYR O 295 -11.09 -2.42 -47.36
CA TYR O 295 -10.73 -1.03 -47.07
C TYR O 295 -11.21 -0.61 -45.69
N THR O 296 -12.36 -1.15 -45.27
CA THR O 296 -12.88 -0.81 -43.96
C THR O 296 -11.88 -1.26 -42.90
N ALA O 297 -11.30 -2.45 -43.08
CA ALA O 297 -10.32 -2.95 -42.13
C ALA O 297 -9.06 -2.11 -42.14
N LEU O 298 -8.66 -1.53 -43.29
CA LEU O 298 -7.48 -0.68 -43.35
C LEU O 298 -7.75 0.64 -42.65
N VAL O 299 -8.92 1.22 -42.86
CA VAL O 299 -9.25 2.43 -42.14
C VAL O 299 -9.25 2.16 -40.63
N ALA O 300 -9.81 1.04 -40.19
CA ALA O 300 -9.84 0.78 -38.75
C ALA O 300 -8.40 0.68 -38.24
N GLN O 301 -7.55 -0.01 -38.99
CA GLN O 301 -6.18 -0.16 -38.60
C GLN O 301 -5.49 1.20 -38.48
N ALA O 302 -5.82 2.14 -39.37
CA ALA O 302 -5.20 3.47 -39.38
C ALA O 302 -5.63 4.31 -38.19
N ILE O 303 -6.85 4.09 -37.69
CA ILE O 303 -7.32 4.76 -36.49
C ILE O 303 -6.44 4.42 -35.28
N ILE O 304 -5.97 3.18 -35.16
CA ILE O 304 -5.08 2.87 -34.05
C ILE O 304 -3.66 3.32 -34.42
N GLY O 305 -3.19 2.86 -35.59
CA GLY O 305 -1.94 3.35 -36.15
C GLY O 305 -0.71 2.74 -35.49
N ASN O 306 0.44 3.37 -35.76
CA ASN O 306 1.71 2.92 -35.24
C ASN O 306 2.27 3.94 -34.29
N TYR O 307 3.27 3.50 -33.53
CA TYR O 307 3.94 4.38 -32.59
C TYR O 307 5.35 3.85 -32.38
N ASP O 308 6.32 4.76 -32.26
CA ASP O 308 7.69 4.36 -31.97
C ASP O 308 8.35 5.46 -31.16
N ARG O 309 8.81 5.14 -29.95
CA ARG O 309 9.34 6.20 -29.08
C ARG O 309 10.59 6.83 -29.68
N ALA O 310 11.25 6.12 -30.61
CA ALA O 310 12.48 6.63 -31.17
C ALA O 310 12.23 7.69 -32.24
N VAL O 311 11.02 7.74 -32.77
CA VAL O 311 10.74 8.71 -33.80
C VAL O 311 10.22 9.96 -33.10
N GLY O 312 10.73 11.13 -33.49
CA GLY O 312 10.42 12.37 -32.79
C GLY O 312 8.95 12.76 -32.86
N THR O 313 8.31 12.51 -34.01
CA THR O 313 6.96 12.99 -34.21
C THR O 313 5.93 12.16 -33.44
N SER O 314 6.31 10.98 -32.94
CA SER O 314 5.31 10.01 -32.51
C SER O 314 4.60 10.47 -31.23
N ARG O 315 5.24 11.32 -30.44
CA ARG O 315 4.55 11.81 -29.26
C ARG O 315 3.42 12.78 -29.62
N HIS O 316 3.33 13.20 -30.88
CA HIS O 316 2.35 14.20 -31.23
C HIS O 316 1.21 13.64 -32.07
N GLN O 317 1.23 12.34 -32.35
CA GLN O 317 0.26 11.71 -33.23
C GLN O 317 -1.15 11.83 -32.65
N GLY O 318 -2.13 11.84 -33.55
CA GLY O 318 -3.54 12.04 -33.19
C GLY O 318 -4.20 10.81 -32.56
N SER O 319 -3.68 9.61 -32.87
CA SER O 319 -4.19 8.34 -32.37
C SER O 319 -4.30 8.37 -30.85
N ARG O 320 -5.47 7.98 -30.31
CA ARG O 320 -5.68 7.95 -28.88
C ARG O 320 -4.70 7.00 -28.19
N LEU O 321 -4.52 5.80 -28.78
CA LEU O 321 -3.65 4.80 -28.17
C LEU O 321 -2.23 5.34 -28.11
N SER O 322 -1.82 6.01 -29.19
CA SER O 322 -0.51 6.64 -29.23
C SER O 322 -0.33 7.58 -28.04
N ASN O 323 -1.34 8.43 -27.79
CA ASN O 323 -1.28 9.39 -26.70
C ASN O 323 -1.16 8.68 -25.37
N ILE O 324 -1.97 7.64 -25.13
CA ILE O 324 -1.95 6.94 -23.85
C ILE O 324 -0.57 6.32 -23.62
N VAL O 325 -0.06 5.67 -24.67
CA VAL O 325 1.18 4.92 -24.57
C VAL O 325 2.36 5.85 -24.38
N SER O 326 2.38 6.96 -25.12
CA SER O 326 3.51 7.86 -24.98
C SER O 326 3.49 8.59 -23.63
N GLU O 327 2.31 9.07 -23.18
CA GLU O 327 2.24 9.79 -21.91
C GLU O 327 2.65 8.92 -20.72
N ASN O 328 2.37 7.63 -20.81
CA ASN O 328 2.54 6.75 -19.68
C ASN O 328 3.77 5.88 -19.82
N ASN O 329 4.53 6.07 -20.91
CA ASN O 329 5.70 5.22 -21.18
C ASN O 329 5.33 3.73 -21.16
N LEU O 330 4.27 3.36 -21.84
CA LEU O 330 3.88 1.97 -21.71
C LEU O 330 4.65 1.09 -22.69
N ALA O 331 5.20 1.65 -23.76
CA ALA O 331 5.76 0.79 -24.78
C ALA O 331 6.90 1.50 -25.50
N ASN O 332 7.79 0.73 -26.12
CA ASN O 332 8.77 1.29 -27.02
C ASN O 332 8.11 1.49 -28.37
N SER O 333 7.19 0.59 -28.73
CA SER O 333 6.57 0.69 -30.04
C SER O 333 5.31 -0.14 -30.10
N PHE O 334 4.46 0.23 -31.05
CA PHE O 334 3.40 -0.66 -31.47
C PHE O 334 3.14 -0.42 -32.95
N GLN O 335 2.70 -1.48 -33.61
CA GLN O 335 2.49 -1.45 -35.05
C GLN O 335 1.18 -2.20 -35.30
N SER O 336 0.18 -1.50 -35.83
CA SER O 336 -1.06 -2.14 -36.19
C SER O 336 -0.84 -2.87 -37.50
N PHE O 337 -1.49 -4.00 -37.70
CA PHE O 337 -1.33 -4.64 -38.99
C PHE O 337 -2.67 -5.18 -39.44
N SER O 338 -2.83 -5.29 -40.76
CA SER O 338 -3.96 -5.97 -41.30
C SER O 338 -3.48 -6.85 -42.45
N THR O 339 -3.06 -8.07 -42.14
CA THR O 339 -2.51 -9.00 -43.09
C THR O 339 -3.64 -9.76 -43.79
N SER O 340 -3.58 -9.83 -45.13
CA SER O 340 -4.60 -10.54 -45.89
C SER O 340 -4.00 -11.76 -46.57
N TYR O 341 -4.84 -12.79 -46.73
CA TYR O 341 -4.53 -13.90 -47.58
C TYR O 341 -5.68 -14.08 -48.55
N SER O 342 -5.65 -15.18 -49.30
CA SER O 342 -6.63 -15.35 -50.36
C SER O 342 -8.00 -15.61 -49.76
N ASP O 343 -8.05 -16.25 -48.60
CA ASP O 343 -9.34 -16.65 -48.05
C ASP O 343 -9.52 -16.26 -46.58
N THR O 344 -8.58 -15.53 -46.00
CA THR O 344 -8.64 -15.16 -44.58
C THR O 344 -7.67 -14.01 -44.37
N GLY O 345 -7.41 -13.65 -43.11
CA GLY O 345 -6.45 -12.62 -42.76
C GLY O 345 -6.20 -12.60 -41.26
N LEU O 346 -5.21 -11.83 -40.80
CA LEU O 346 -5.12 -11.54 -39.38
C LEU O 346 -5.09 -10.04 -39.22
N TRP O 347 -5.85 -9.50 -38.27
CA TRP O 347 -5.86 -8.07 -38.05
C TRP O 347 -5.48 -7.91 -36.59
N GLY O 348 -4.50 -7.06 -36.28
CA GLY O 348 -4.12 -6.99 -34.88
C GLY O 348 -3.04 -5.95 -34.65
N ILE O 349 -2.25 -6.18 -33.61
CA ILE O 349 -1.28 -5.19 -33.23
C ILE O 349 -0.07 -5.92 -32.70
N TYR O 350 1.10 -5.37 -32.96
CA TYR O 350 2.34 -5.92 -32.43
C TYR O 350 2.95 -4.86 -31.50
N LEU O 351 3.25 -5.25 -30.25
CA LEU O 351 3.69 -4.31 -29.21
C LEU O 351 5.08 -4.70 -28.75
N THR O 352 5.93 -3.72 -28.46
CA THR O 352 7.16 -4.03 -27.75
C THR O 352 7.29 -3.08 -26.57
N SER O 353 7.77 -3.63 -25.46
CA SER O 353 7.78 -2.87 -24.23
C SER O 353 8.88 -3.38 -23.30
N GLU O 354 9.51 -2.45 -22.59
CA GLU O 354 10.45 -2.75 -21.53
C GLU O 354 9.78 -2.53 -20.17
N ASN O 355 8.56 -2.02 -20.19
CA ASN O 355 7.90 -1.66 -18.95
C ASN O 355 7.23 -2.92 -18.43
N THR O 356 7.97 -3.75 -17.71
CA THR O 356 7.44 -5.09 -17.53
C THR O 356 6.43 -5.17 -16.40
N THR O 357 6.31 -4.10 -15.61
CA THR O 357 5.25 -4.12 -14.61
C THR O 357 3.99 -3.44 -15.11
N GLN O 358 3.99 -2.94 -16.35
CA GLN O 358 2.75 -2.32 -16.78
C GLN O 358 2.28 -2.92 -18.09
N ILE O 359 2.69 -4.14 -18.38
CA ILE O 359 2.22 -4.82 -19.58
C ILE O 359 0.70 -4.93 -19.52
N ASP O 360 0.18 -5.17 -18.31
CA ASP O 360 -1.26 -5.26 -18.11
C ASP O 360 -1.93 -3.97 -18.58
N ASP O 361 -1.37 -2.79 -18.22
CA ASP O 361 -1.93 -1.52 -18.64
C ASP O 361 -1.85 -1.37 -20.16
N LEU O 362 -0.69 -1.73 -20.72
CA LEU O 362 -0.49 -1.61 -22.14
C LEU O 362 -1.55 -2.43 -22.88
N VAL O 363 -1.75 -3.68 -22.46
CA VAL O 363 -2.71 -4.51 -23.16
C VAL O 363 -4.12 -3.99 -22.89
N HIS O 364 -4.40 -3.66 -21.62
CA HIS O 364 -5.71 -3.12 -21.28
C HIS O 364 -6.04 -1.93 -22.17
N PHE O 365 -5.15 -0.93 -22.25
CA PHE O 365 -5.47 0.27 -23.01
C PHE O 365 -5.58 0.01 -24.50
N THR O 366 -4.75 -0.88 -25.01
CA THR O 366 -4.87 -1.24 -26.41
C THR O 366 -6.25 -1.83 -26.66
N LEU O 367 -6.68 -2.80 -25.86
CA LEU O 367 -7.94 -3.44 -26.23
C LEU O 367 -9.11 -2.50 -26.00
N LYS O 368 -8.98 -1.57 -25.06
CA LYS O 368 -10.06 -0.60 -24.86
C LYS O 368 -10.14 0.37 -26.03
N GLU O 369 -9.03 0.67 -26.71
CA GLU O 369 -9.09 1.46 -27.95
C GLU O 369 -9.73 0.69 -29.08
N TRP O 370 -9.47 -0.62 -29.20
CA TRP O 370 -10.23 -1.42 -30.14
C TRP O 370 -11.71 -1.40 -29.81
N ASN O 371 -12.09 -1.47 -28.52
CA ASN O 371 -13.51 -1.48 -28.18
C ASN O 371 -14.18 -0.26 -28.79
N ARG O 372 -13.49 0.89 -28.80
CA ARG O 372 -14.06 2.13 -29.28
C ARG O 372 -14.32 2.15 -30.79
N LEU O 373 -13.72 1.21 -31.54
CA LEU O 373 -14.03 1.10 -32.96
C LEU O 373 -15.47 0.62 -33.10
N SER O 374 -15.97 -0.09 -32.08
CA SER O 374 -17.34 -0.59 -32.07
C SER O 374 -18.29 0.42 -31.44
N THR O 375 -17.83 1.17 -30.44
CA THR O 375 -18.80 1.88 -29.62
C THR O 375 -18.81 3.37 -29.91
N SER O 376 -17.65 3.95 -30.29
CA SER O 376 -17.47 5.39 -30.18
C SER O 376 -17.04 6.09 -31.47
N VAL O 377 -16.54 5.36 -32.46
CA VAL O 377 -15.92 6.10 -33.56
C VAL O 377 -16.97 6.85 -34.34
N SER O 378 -16.57 8.04 -34.78
CA SER O 378 -17.45 8.97 -35.45
C SER O 378 -16.78 9.41 -36.75
N ASN O 379 -17.34 10.39 -37.43
CA ASN O 379 -16.69 10.89 -38.63
C ASN O 379 -15.35 11.53 -38.31
N LEU O 380 -15.16 12.01 -37.08
CA LEU O 380 -13.89 12.61 -36.72
C LEU O 380 -12.72 11.66 -36.97
N GLN O 381 -12.79 10.45 -36.40
CA GLN O 381 -11.67 9.52 -36.50
C GLN O 381 -11.62 8.94 -37.92
N VAL O 382 -12.80 8.62 -38.46
CA VAL O 382 -12.87 7.95 -39.75
C VAL O 382 -12.33 8.87 -40.83
N GLU O 383 -12.72 10.15 -40.82
CA GLU O 383 -12.26 11.02 -41.90
C GLU O 383 -10.78 11.34 -41.74
N ARG O 384 -10.29 11.35 -40.50
CA ARG O 384 -8.88 11.60 -40.31
C ARG O 384 -8.05 10.44 -40.88
N ALA O 385 -8.51 9.20 -40.66
CA ALA O 385 -7.79 8.00 -41.08
C ALA O 385 -7.85 7.85 -42.58
N LYS O 386 -8.99 8.22 -43.19
CA LYS O 386 -9.09 8.16 -44.62
C LYS O 386 -8.11 9.12 -45.27
N SER O 387 -7.99 10.35 -44.74
CA SER O 387 -7.04 11.33 -45.25
C SER O 387 -5.62 10.78 -45.27
N GLN O 388 -5.20 10.23 -44.13
CA GLN O 388 -3.92 9.61 -43.93
C GLN O 388 -3.65 8.45 -44.90
N LEU O 389 -4.69 7.71 -45.33
CA LEU O 389 -4.52 6.48 -46.11
C LEU O 389 -4.50 6.79 -47.60
N LYS O 390 -5.31 7.77 -47.99
CA LYS O 390 -5.38 8.20 -49.37
C LYS O 390 -3.98 8.56 -49.87
N ALA O 391 -3.15 9.16 -49.01
CA ALA O 391 -1.76 9.42 -49.35
C ALA O 391 -0.91 8.18 -49.12
N GLY O 392 -1.14 7.49 -47.99
CA GLY O 392 -0.27 6.40 -47.56
C GLY O 392 -0.15 5.27 -48.59
N LEU O 393 -1.26 4.97 -49.28
CA LEU O 393 -1.29 3.91 -50.27
C LEU O 393 -0.53 4.30 -51.54
N LEU O 394 -0.30 5.60 -51.73
CA LEU O 394 0.47 6.09 -52.86
C LEU O 394 1.94 6.29 -52.49
N LEU O 395 2.20 6.72 -51.25
CA LEU O 395 3.52 7.13 -50.78
C LEU O 395 4.45 5.92 -50.67
N SER O 396 3.87 4.77 -50.35
CA SER O 396 4.61 3.53 -50.21
C SER O 396 5.38 3.20 -51.49
N LEU O 397 4.83 3.60 -52.65
CA LEU O 397 5.43 3.26 -53.93
C LEU O 397 6.47 4.30 -54.33
N ASP O 398 7.68 4.13 -53.80
CA ASP O 398 8.79 5.04 -53.98
C ASP O 398 9.66 4.66 -55.18
N GLY O 399 10.47 3.61 -55.02
CA GLY O 399 11.41 3.16 -56.04
C GLY O 399 10.81 2.06 -56.89
N THR O 400 11.59 1.61 -57.88
CA THR O 400 11.12 0.66 -58.88
C THR O 400 10.76 -0.67 -58.22
N THR O 401 11.47 -1.02 -57.14
CA THR O 401 11.25 -2.31 -56.51
C THR O 401 9.90 -2.30 -55.80
N TYR O 402 9.53 -1.17 -55.20
CA TYR O 402 8.25 -1.05 -54.54
C TYR O 402 7.11 -1.04 -55.56
N VAL O 403 7.35 -0.40 -56.71
CA VAL O 403 6.34 -0.38 -57.75
C VAL O 403 6.15 -1.77 -58.30
N ALA O 404 7.26 -2.49 -58.52
CA ALA O 404 7.14 -3.83 -59.08
C ALA O 404 6.46 -4.74 -58.07
N GLU O 405 6.75 -4.51 -56.79
CA GLU O 405 6.17 -5.36 -55.76
C GLU O 405 4.67 -5.09 -55.70
N ASP O 406 4.28 -3.84 -56.00
CA ASP O 406 2.87 -3.49 -55.96
C ASP O 406 2.15 -4.09 -57.16
N ILE O 407 2.77 -4.01 -58.34
CA ILE O 407 2.12 -4.59 -59.50
C ILE O 407 2.01 -6.10 -59.29
N GLY O 408 3.09 -6.72 -58.82
CA GLY O 408 3.12 -8.16 -58.68
C GLY O 408 2.13 -8.67 -57.64
N ARG O 409 2.06 -7.96 -56.51
CA ARG O 409 1.15 -8.35 -55.44
C ARG O 409 -0.29 -8.24 -55.93
N GLN O 410 -0.66 -7.08 -56.46
CA GLN O 410 -2.02 -6.89 -56.93
C GLN O 410 -2.40 -7.86 -58.04
N LEU O 411 -1.47 -8.22 -58.94
CA LEU O 411 -1.84 -9.09 -60.05
C LEU O 411 -2.03 -10.52 -59.55
N THR O 412 -1.28 -10.91 -58.50
CA THR O 412 -1.37 -12.28 -58.02
C THR O 412 -2.42 -12.47 -56.93
N THR O 413 -3.05 -11.38 -56.46
CA THR O 413 -4.03 -11.47 -55.39
C THR O 413 -5.41 -11.07 -55.88
N LEU O 414 -5.46 -10.14 -56.84
CA LEU O 414 -6.73 -9.60 -57.27
C LEU O 414 -6.96 -9.87 -58.75
N GLY O 415 -5.90 -10.26 -59.46
CA GLY O 415 -6.00 -10.56 -60.88
C GLY O 415 -5.86 -9.33 -61.77
N ARG O 416 -5.73 -8.15 -61.16
CA ARG O 416 -5.61 -6.89 -61.87
C ARG O 416 -4.92 -5.87 -60.98
N ARG O 417 -4.35 -4.83 -61.60
CA ARG O 417 -3.82 -3.70 -60.86
C ARG O 417 -4.97 -2.74 -60.65
N VAL O 418 -5.19 -2.35 -59.41
CA VAL O 418 -6.25 -1.39 -59.14
C VAL O 418 -5.66 0.01 -59.25
N THR O 419 -6.24 0.83 -60.13
CA THR O 419 -5.81 2.20 -60.40
C THR O 419 -6.00 3.07 -59.16
N PRO O 420 -5.17 4.11 -58.91
CA PRO O 420 -5.38 4.97 -57.74
C PRO O 420 -6.73 5.68 -57.66
N ALA O 421 -7.39 5.89 -58.81
CA ALA O 421 -8.72 6.50 -58.83
C ALA O 421 -9.75 5.56 -58.22
N GLU O 422 -9.62 4.25 -58.50
CA GLU O 422 -10.51 3.25 -57.96
C GLU O 422 -10.25 3.12 -56.46
N VAL O 423 -8.98 3.18 -56.08
CA VAL O 423 -8.62 3.06 -54.68
C VAL O 423 -9.14 4.27 -53.91
N GLU O 424 -9.14 5.44 -54.56
CA GLU O 424 -9.58 6.65 -53.89
C GLU O 424 -11.08 6.59 -53.67
N ALA O 425 -11.79 5.98 -54.63
CA ALA O 425 -13.24 5.80 -54.55
C ALA O 425 -13.64 4.80 -53.47
N LYS O 426 -12.90 3.68 -53.37
CA LYS O 426 -13.17 2.65 -52.38
C LYS O 426 -12.94 3.19 -50.97
N LEU O 427 -11.87 3.99 -50.79
CA LEU O 427 -11.62 4.63 -49.50
C LEU O 427 -12.72 5.63 -49.17
N GLU O 428 -13.17 6.39 -50.17
CA GLU O 428 -14.18 7.42 -49.95
C GLU O 428 -15.49 6.80 -49.52
N ALA O 429 -15.71 5.56 -49.95
CA ALA O 429 -16.97 4.89 -49.63
C ALA O 429 -17.01 4.41 -48.19
N VAL O 430 -15.87 4.40 -47.47
CA VAL O 430 -15.87 3.88 -46.11
C VAL O 430 -16.44 4.95 -45.18
N THR O 431 -17.56 4.64 -44.50
CA THR O 431 -18.16 5.60 -43.58
C THR O 431 -17.90 5.18 -42.14
N GLU O 432 -18.29 6.04 -41.19
CA GLU O 432 -18.21 5.69 -39.78
C GLU O 432 -19.11 4.48 -39.48
N HIS O 433 -20.23 4.40 -40.19
CA HIS O 433 -21.16 3.32 -39.94
C HIS O 433 -20.51 2.01 -40.38
N ASP O 434 -19.78 2.04 -41.49
CA ASP O 434 -19.08 0.87 -41.99
C ASP O 434 -18.04 0.38 -40.99
N VAL O 435 -17.26 1.31 -40.42
CA VAL O 435 -16.23 0.92 -39.48
C VAL O 435 -16.90 0.31 -38.24
N ARG O 436 -17.94 0.98 -37.71
CA ARG O 436 -18.60 0.44 -36.53
C ARG O 436 -19.17 -0.95 -36.83
N ALA O 437 -19.82 -1.10 -37.99
CA ALA O 437 -20.43 -2.37 -38.30
C ALA O 437 -19.37 -3.46 -38.42
N TRP O 438 -18.23 -3.13 -39.03
CA TRP O 438 -17.15 -4.07 -39.21
C TRP O 438 -16.57 -4.49 -37.86
N ALA O 439 -16.31 -3.51 -36.98
CA ALA O 439 -15.66 -3.81 -35.71
C ALA O 439 -16.59 -4.65 -34.84
N GLN O 440 -17.90 -4.40 -34.96
CA GLN O 440 -18.87 -5.13 -34.14
C GLN O 440 -18.98 -6.60 -34.55
N LYS O 441 -18.63 -6.91 -35.79
CA LYS O 441 -18.71 -8.27 -36.29
C LYS O 441 -17.34 -8.97 -36.21
N THR O 442 -16.25 -8.19 -36.14
CA THR O 442 -14.92 -8.73 -36.32
C THR O 442 -14.12 -8.66 -35.03
N LEU O 443 -14.32 -7.59 -34.25
CA LEU O 443 -13.48 -7.39 -33.09
C LEU O 443 -14.26 -7.61 -31.81
N TYR O 444 -15.48 -7.06 -31.78
CA TYR O 444 -16.16 -6.92 -30.52
C TYR O 444 -16.47 -8.30 -29.93
N ASP O 445 -15.96 -8.59 -28.72
CA ASP O 445 -16.26 -9.84 -28.03
C ASP O 445 -15.84 -11.06 -28.86
N LYS O 446 -14.69 -10.99 -29.53
CA LYS O 446 -14.26 -12.10 -30.38
C LYS O 446 -13.03 -12.74 -29.77
N ASP O 447 -12.71 -13.95 -30.22
CA ASP O 447 -11.55 -14.67 -29.71
C ASP O 447 -10.30 -14.06 -30.33
N ILE O 448 -9.21 -14.06 -29.58
CA ILE O 448 -7.99 -13.48 -30.12
C ILE O 448 -6.95 -14.59 -30.19
N ALA O 449 -5.95 -14.38 -31.04
CA ALA O 449 -4.76 -15.18 -30.97
C ALA O 449 -3.71 -14.28 -30.33
N LEU O 450 -2.97 -14.82 -29.39
CA LEU O 450 -2.10 -13.99 -28.58
C LEU O 450 -0.74 -14.67 -28.47
N VAL O 451 0.32 -13.94 -28.79
CA VAL O 451 1.65 -14.48 -28.62
C VAL O 451 2.44 -13.53 -27.75
N GLY O 452 3.11 -14.07 -26.73
CA GLY O 452 3.93 -13.23 -25.87
C GLY O 452 5.33 -13.82 -25.81
N LEU O 453 6.35 -12.98 -25.95
CA LEU O 453 7.71 -13.46 -25.92
C LEU O 453 8.54 -12.54 -25.03
N GLY O 454 9.33 -13.12 -24.13
CA GLY O 454 10.23 -12.32 -23.32
C GLY O 454 9.72 -12.24 -21.88
N PRO O 455 9.98 -11.12 -21.18
CA PRO O 455 9.57 -11.01 -19.78
C PRO O 455 8.08 -10.69 -19.65
N ILE O 456 7.22 -11.72 -19.80
CA ILE O 456 5.80 -11.51 -19.95
C ILE O 456 5.05 -12.02 -18.74
N GLU O 457 5.75 -12.16 -17.61
CA GLU O 457 5.11 -12.53 -16.36
C GLU O 457 3.84 -11.69 -16.12
N GLY O 458 3.90 -10.39 -16.43
CA GLY O 458 2.79 -9.49 -16.19
C GLY O 458 1.70 -9.56 -17.26
N LEU O 459 1.87 -10.43 -18.25
CA LEU O 459 0.79 -10.57 -19.21
C LEU O 459 -0.25 -11.48 -18.58
N TYR O 460 -1.51 -11.04 -18.40
CA TYR O 460 -2.46 -11.88 -17.70
C TYR O 460 -2.86 -13.06 -18.57
N ASP O 461 -3.56 -14.02 -17.97
CA ASP O 461 -4.02 -15.23 -18.65
C ASP O 461 -5.01 -14.89 -19.76
N TYR O 462 -5.32 -15.90 -20.59
CA TYR O 462 -6.17 -15.70 -21.75
C TYR O 462 -7.49 -15.01 -21.41
N ASN O 463 -8.21 -15.48 -20.39
CA ASN O 463 -9.52 -14.94 -20.05
C ASN O 463 -9.49 -13.44 -19.81
N ARG O 464 -8.53 -12.98 -19.00
CA ARG O 464 -8.50 -11.57 -18.68
C ARG O 464 -8.15 -10.74 -19.90
N ILE O 465 -7.35 -11.29 -20.82
CA ILE O 465 -7.09 -10.54 -22.04
C ILE O 465 -8.37 -10.53 -22.88
N ARG O 466 -8.94 -11.69 -23.09
CA ARG O 466 -10.13 -11.77 -23.90
C ARG O 466 -11.31 -11.00 -23.31
N ASN O 467 -11.38 -10.84 -21.99
CA ASN O 467 -12.45 -10.02 -21.44
C ASN O 467 -12.33 -8.54 -21.79
N ASP O 468 -11.14 -8.08 -22.14
CA ASP O 468 -11.02 -6.72 -22.64
C ASP O 468 -11.55 -6.53 -24.06
N MET O 469 -12.01 -7.60 -24.72
CA MET O 469 -12.54 -7.43 -26.07
C MET O 469 -13.99 -6.91 -26.05
N SER O 470 -14.53 -6.64 -24.87
CA SER O 470 -15.84 -5.99 -24.84
C SER O 470 -15.85 -4.99 -23.69
N MET O 471 -16.85 -4.12 -23.65
CA MET O 471 -16.96 -3.19 -22.54
C MET O 471 -18.27 -3.47 -21.83
N MET O 472 -18.26 -3.69 -20.53
CA MET O 472 -19.49 -3.88 -19.79
C MET O 472 -20.39 -2.65 -19.76
N ARG O 473 -19.80 -1.46 -19.92
CA ARG O 473 -20.54 -0.21 -19.87
C ARG O 473 -21.36 0.02 -21.15
N TRP O 474 -21.10 -0.78 -22.19
CA TRP O 474 -21.79 -0.63 -23.46
C TRP O 474 -22.77 -1.79 -23.64
N PHE P 15 17.12 17.64 -63.06
CA PHE P 15 16.90 18.75 -62.07
C PHE P 15 17.35 20.08 -62.66
N SER P 16 16.37 20.93 -62.96
CA SER P 16 16.64 22.32 -63.32
C SER P 16 17.03 23.13 -62.08
N THR P 17 18.35 23.42 -62.01
CA THR P 17 18.94 24.35 -61.07
C THR P 17 18.49 25.77 -61.42
N ALA P 18 17.94 26.49 -60.42
CA ALA P 18 17.67 27.92 -60.49
C ALA P 18 17.86 28.56 -59.11
N GLU P 19 17.48 29.84 -59.05
CA GLU P 19 17.68 30.67 -57.88
C GLU P 19 16.40 31.47 -57.62
N ALA P 20 15.93 31.42 -56.37
CA ALA P 20 14.71 32.10 -56.00
C ALA P 20 14.97 32.84 -54.71
N ALA P 21 14.94 34.18 -54.80
CA ALA P 21 15.23 35.08 -53.70
C ALA P 21 16.48 34.65 -52.93
N GLY P 22 17.55 34.32 -53.68
CA GLY P 22 18.85 34.12 -53.08
C GLY P 22 19.06 32.69 -52.62
N VAL P 23 18.03 31.86 -52.79
CA VAL P 23 18.08 30.47 -52.40
C VAL P 23 18.15 29.65 -53.68
N LYS P 24 19.10 28.71 -53.72
CA LYS P 24 19.25 27.75 -54.80
C LYS P 24 18.19 26.65 -54.74
N VAL P 25 17.43 26.53 -55.84
CA VAL P 25 16.30 25.63 -55.94
C VAL P 25 16.52 24.70 -57.14
N ALA P 26 16.46 23.38 -56.91
CA ALA P 26 16.55 22.40 -57.99
C ALA P 26 15.34 21.49 -57.96
N ALA P 27 14.64 21.41 -59.10
CA ALA P 27 13.43 20.61 -59.17
C ALA P 27 13.38 19.87 -60.50
N GLN P 28 12.74 18.71 -60.46
CA GLN P 28 12.57 17.83 -61.60
C GLN P 28 11.11 17.40 -61.57
N ASP P 29 10.33 17.81 -62.57
CA ASP P 29 8.95 17.37 -62.66
C ASP P 29 8.88 15.91 -63.15
N GLY P 30 7.83 15.20 -62.72
CA GLY P 30 7.66 13.80 -63.00
C GLY P 30 6.19 13.45 -63.19
N GLN P 31 5.91 12.15 -63.30
CA GLN P 31 4.55 11.71 -63.54
C GLN P 31 4.17 10.74 -62.43
N SER P 32 3.96 11.30 -61.23
CA SER P 32 3.61 10.51 -60.07
C SER P 32 2.81 11.39 -59.14
N PRO P 33 1.95 10.83 -58.25
CA PRO P 33 1.23 11.65 -57.30
C PRO P 33 2.04 12.10 -56.09
N ILE P 34 3.27 11.59 -55.94
CA ILE P 34 4.02 11.86 -54.72
C ILE P 34 5.25 12.72 -55.01
N SER P 35 5.39 13.79 -54.22
CA SER P 35 6.51 14.70 -54.32
C SER P 35 7.41 14.54 -53.10
N ASP P 36 8.70 14.78 -53.31
CA ASP P 36 9.64 14.84 -52.20
C ASP P 36 10.30 16.21 -52.19
N LEU P 37 10.04 17.02 -51.16
CA LEU P 37 10.75 18.28 -51.01
C LEU P 37 11.79 18.14 -49.91
N SER P 38 13.05 18.47 -50.24
CA SER P 38 14.14 18.34 -49.28
C SER P 38 14.91 19.64 -49.16
N VAL P 39 15.02 20.15 -47.94
CA VAL P 39 15.93 21.26 -47.68
C VAL P 39 17.28 20.68 -47.29
N VAL P 40 18.32 21.03 -48.05
CA VAL P 40 19.65 20.54 -47.76
C VAL P 40 20.43 21.70 -47.17
N LEU P 41 20.99 21.50 -45.97
CA LEU P 41 21.67 22.56 -45.26
C LEU P 41 23.15 22.27 -45.20
N ARG P 42 23.98 23.28 -45.47
CA ARG P 42 25.42 23.12 -45.31
C ARG P 42 25.71 23.18 -43.81
N GLY P 43 25.46 22.08 -43.13
CA GLY P 43 25.52 22.16 -41.69
C GLY P 43 25.86 20.80 -41.12
N GLY P 44 26.50 19.98 -41.95
CA GLY P 44 26.88 18.66 -41.49
C GLY P 44 27.94 18.73 -40.40
N SER P 45 28.42 17.57 -39.96
CA SER P 45 29.25 17.53 -38.78
C SER P 45 30.65 18.11 -39.02
N ARG P 46 31.07 18.24 -40.28
CA ARG P 46 32.40 18.79 -40.53
C ARG P 46 32.37 20.29 -40.24
N TYR P 47 31.16 20.88 -40.19
CA TYR P 47 31.05 22.30 -39.97
C TYR P 47 30.73 22.57 -38.51
N ALA P 48 30.60 21.50 -37.73
CA ALA P 48 30.12 21.62 -36.35
C ALA P 48 31.12 22.42 -35.52
N THR P 49 30.60 23.11 -34.51
CA THR P 49 31.32 24.07 -33.70
C THR P 49 31.61 23.37 -32.39
N VAL P 50 30.65 22.55 -31.99
CA VAL P 50 30.69 21.71 -30.81
C VAL P 50 30.36 20.30 -31.23
N PRO P 51 30.98 19.24 -30.66
CA PRO P 51 30.66 17.86 -31.03
C PRO P 51 29.19 17.51 -30.84
N GLY P 52 28.53 17.15 -31.94
CA GLY P 52 27.18 16.63 -31.88
C GLY P 52 26.16 17.69 -32.25
N VAL P 53 26.59 18.94 -32.51
CA VAL P 53 25.57 19.95 -32.68
C VAL P 53 24.78 19.79 -33.98
N SER P 54 25.38 19.22 -35.02
CA SER P 54 24.65 19.13 -36.27
C SER P 54 23.60 18.03 -36.16
N HIS P 55 23.88 16.98 -35.39
CA HIS P 55 22.87 15.97 -35.06
C HIS P 55 21.71 16.57 -34.25
N ILE P 56 22.03 17.39 -33.24
CA ILE P 56 21.02 18.06 -32.43
C ILE P 56 20.21 19.03 -33.28
N LEU P 57 20.85 19.80 -34.16
CA LEU P 57 20.08 20.73 -34.99
C LEU P 57 19.12 20.00 -35.92
N GLU P 58 19.55 18.84 -36.42
CA GLU P 58 18.72 18.00 -37.27
C GLU P 58 17.50 17.54 -36.49
N LYS P 59 17.73 17.07 -35.26
CA LYS P 59 16.65 16.62 -34.39
C LYS P 59 15.78 17.78 -33.88
N PHE P 60 16.24 19.03 -33.98
CA PHE P 60 15.44 20.18 -33.59
C PHE P 60 14.57 20.68 -34.73
N ALA P 61 14.59 20.02 -35.89
CA ALA P 61 13.77 20.51 -36.98
C ALA P 61 12.33 20.09 -36.71
N PHE P 62 11.39 20.98 -37.05
CA PHE P 62 9.97 20.73 -36.85
C PHE P 62 9.63 20.56 -35.35
N GLN P 63 10.40 21.20 -34.48
CA GLN P 63 9.97 21.49 -33.13
C GLN P 63 9.11 22.76 -33.18
N ASN P 64 8.90 23.40 -32.02
CA ASN P 64 7.98 24.53 -31.98
C ASN P 64 8.56 25.71 -32.76
N THR P 65 7.77 26.19 -33.71
CA THR P 65 8.10 27.45 -34.32
C THR P 65 7.14 28.48 -33.75
N VAL P 66 7.37 29.75 -34.07
CA VAL P 66 6.51 30.81 -33.57
C VAL P 66 5.13 30.73 -34.24
N PRO P 67 5.02 30.55 -35.58
CA PRO P 67 3.71 30.37 -36.20
C PRO P 67 2.99 29.05 -35.93
N LYS P 68 3.72 27.97 -35.65
CA LYS P 68 3.09 26.66 -35.61
C LYS P 68 3.84 25.74 -34.66
N SER P 69 3.11 25.13 -33.72
CA SER P 69 3.74 24.27 -32.73
C SER P 69 4.11 22.91 -33.34
N ALA P 70 5.06 22.20 -32.73
CA ALA P 70 5.40 20.85 -33.17
C ALA P 70 4.15 19.98 -33.21
N LEU P 71 3.29 20.13 -32.20
CA LEU P 71 2.08 19.33 -32.10
C LEU P 71 1.17 19.68 -33.27
N ARG P 72 0.96 20.97 -33.50
CA ARG P 72 0.06 21.29 -34.59
C ARG P 72 0.61 20.82 -35.94
N PHE P 73 1.92 20.92 -36.13
CA PHE P 73 2.55 20.45 -37.35
C PHE P 73 2.29 18.97 -37.57
N VAL P 74 2.55 18.14 -36.56
CA VAL P 74 2.37 16.70 -36.71
C VAL P 74 0.90 16.38 -36.97
N ARG P 75 -0.04 17.05 -36.30
CA ARG P 75 -1.45 16.72 -36.53
C ARG P 75 -1.87 17.12 -37.94
N GLU P 76 -1.27 18.17 -38.50
CA GLU P 76 -1.70 18.59 -39.82
C GLU P 76 -1.01 17.77 -40.89
N LEU P 77 0.23 17.37 -40.62
CA LEU P 77 0.96 16.48 -41.52
C LEU P 77 0.20 15.16 -41.68
N GLU P 78 -0.46 14.68 -40.62
CA GLU P 78 -1.25 13.46 -40.67
C GLU P 78 -2.51 13.65 -41.52
N LEU P 79 -3.06 14.88 -41.56
CA LEU P 79 -4.21 15.13 -42.41
C LEU P 79 -3.85 15.16 -43.89
N PHE P 80 -2.58 15.42 -44.20
CA PHE P 80 -2.10 15.39 -45.57
C PHE P 80 -1.53 14.01 -45.88
N GLY P 81 -1.39 13.19 -44.85
CA GLY P 81 -0.69 11.93 -44.95
C GLY P 81 0.78 12.08 -45.40
N GLY P 82 1.37 13.26 -45.17
CA GLY P 82 2.79 13.43 -45.44
C GLY P 82 3.68 12.65 -44.47
N LYS P 83 4.95 12.50 -44.84
CA LYS P 83 5.94 11.94 -43.94
C LYS P 83 7.14 12.88 -43.88
N LEU P 84 7.91 12.74 -42.81
CA LEU P 84 9.05 13.58 -42.53
C LEU P 84 10.26 12.68 -42.35
N TYR P 85 11.37 13.00 -43.01
CA TYR P 85 12.58 12.23 -42.82
C TYR P 85 13.72 13.22 -42.65
N THR P 86 14.58 12.97 -41.66
CA THR P 86 15.69 13.88 -41.45
C THR P 86 16.94 13.03 -41.24
N HIS P 87 18.09 13.50 -41.74
CA HIS P 87 19.33 12.88 -41.32
C HIS P 87 20.46 13.90 -41.39
N THR P 88 21.57 13.57 -40.72
CA THR P 88 22.78 14.36 -40.71
C THR P 88 23.87 13.56 -41.40
N THR P 89 24.67 14.20 -42.24
CA THR P 89 25.88 13.57 -42.75
C THR P 89 27.09 14.37 -42.28
N ARG P 90 28.26 14.10 -42.85
CA ARG P 90 29.43 14.89 -42.49
C ARG P 90 29.38 16.22 -43.21
N GLU P 91 28.59 16.29 -44.28
CA GLU P 91 28.54 17.46 -45.11
C GLU P 91 27.23 18.22 -44.96
N HIS P 92 26.10 17.50 -44.79
CA HIS P 92 24.81 18.20 -44.81
C HIS P 92 23.91 17.78 -43.66
N ILE P 93 22.88 18.59 -43.41
CA ILE P 93 21.68 18.15 -42.72
C ILE P 93 20.62 18.13 -43.80
N VAL P 94 19.86 17.02 -43.85
CA VAL P 94 18.83 16.89 -44.87
C VAL P 94 17.49 16.73 -44.17
N LEU P 95 16.51 17.53 -44.58
CA LEU P 95 15.18 17.48 -44.02
C LEU P 95 14.27 17.23 -45.21
N ARG P 96 13.63 16.07 -45.24
CA ARG P 96 12.87 15.71 -46.42
C ARG P 96 11.41 15.52 -46.02
N THR P 97 10.50 16.03 -46.85
CA THR P 97 9.10 15.70 -46.67
C THR P 97 8.57 14.99 -47.91
N GLN P 98 7.72 13.99 -47.69
CA GLN P 98 7.11 13.28 -48.80
C GLN P 98 5.60 13.51 -48.71
N PHE P 99 4.96 13.96 -49.80
CA PHE P 99 3.56 14.32 -49.70
C PHE P 99 2.91 14.17 -51.08
N LEU P 100 1.61 14.43 -51.18
CA LEU P 100 0.96 14.45 -52.47
C LEU P 100 1.28 15.75 -53.19
N LYS P 101 1.39 15.69 -54.52
CA LYS P 101 1.91 16.78 -55.35
C LYS P 101 1.22 18.09 -54.96
N GLN P 102 -0.10 18.03 -54.84
CA GLN P 102 -0.90 19.23 -54.71
C GLN P 102 -0.66 19.96 -53.38
N ASP P 103 -0.08 19.29 -52.37
CA ASP P 103 0.12 19.88 -51.06
C ASP P 103 1.42 20.70 -50.97
N LEU P 104 2.06 21.00 -52.11
CA LEU P 104 3.37 21.64 -52.13
C LEU P 104 3.41 22.94 -51.31
N PRO P 105 2.48 23.91 -51.48
CA PRO P 105 2.57 25.17 -50.75
C PRO P 105 2.64 25.06 -49.22
N TYR P 106 1.93 24.09 -48.65
CA TYR P 106 2.01 23.83 -47.22
C TYR P 106 3.43 23.48 -46.81
N PHE P 107 4.08 22.56 -47.56
CA PHE P 107 5.39 22.07 -47.17
C PHE P 107 6.47 23.12 -47.35
N VAL P 108 6.32 23.98 -48.36
CA VAL P 108 7.29 25.04 -48.55
C VAL P 108 7.20 25.99 -47.35
N ASP P 109 5.97 26.31 -46.95
CA ASP P 109 5.75 27.24 -45.85
C ASP P 109 6.24 26.66 -44.52
N ALA P 110 6.15 25.34 -44.38
CA ALA P 110 6.58 24.67 -43.15
C ALA P 110 8.10 24.76 -43.01
N PHE P 111 8.79 24.54 -44.12
CA PHE P 111 10.24 24.68 -44.16
C PHE P 111 10.63 26.11 -43.85
N ALA P 112 9.91 27.08 -44.42
CA ALA P 112 10.19 28.47 -44.12
C ALA P 112 10.05 28.75 -42.64
N ASN P 113 9.02 28.21 -41.98
CA ASN P 113 8.83 28.45 -40.55
C ASN P 113 9.97 27.86 -39.73
N VAL P 114 10.50 26.71 -40.15
CA VAL P 114 11.53 26.04 -39.39
C VAL P 114 12.83 26.85 -39.47
N LEU P 115 13.11 27.45 -40.63
CA LEU P 115 14.39 28.11 -40.88
C LEU P 115 14.39 29.52 -40.30
N LYS P 116 13.21 30.15 -40.29
CA LYS P 116 13.07 31.53 -39.86
C LYS P 116 12.71 31.67 -38.39
N GLU P 117 11.91 30.74 -37.84
CA GLU P 117 11.12 31.01 -36.64
C GLU P 117 11.15 29.89 -35.60
N THR P 118 12.17 29.03 -35.61
CA THR P 118 12.25 27.98 -34.60
C THR P 118 12.58 28.61 -33.24
N LYS P 119 11.70 28.40 -32.26
CA LYS P 119 11.91 28.77 -30.87
C LYS P 119 12.77 27.69 -30.26
N PHE P 120 14.06 27.93 -30.03
CA PHE P 120 14.82 26.81 -29.52
C PHE P 120 14.69 26.83 -28.00
N GLN P 121 13.75 26.05 -27.46
CA GLN P 121 13.42 26.14 -26.05
C GLN P 121 14.16 25.07 -25.29
N GLN P 122 14.60 25.38 -24.08
CA GLN P 122 15.40 24.46 -23.31
C GLN P 122 14.65 23.16 -23.02
N PHE P 123 13.34 23.23 -22.76
CA PHE P 123 12.62 22.01 -22.44
C PHE P 123 12.58 21.08 -23.65
N GLU P 124 12.52 21.61 -24.89
CA GLU P 124 12.52 20.78 -26.09
C GLU P 124 13.84 20.04 -26.16
N LEU P 125 14.93 20.74 -25.86
CA LEU P 125 16.23 20.08 -25.87
C LEU P 125 16.28 18.96 -24.83
N THR P 126 15.87 19.23 -23.59
CA THR P 126 15.98 18.23 -22.55
C THR P 126 15.02 17.06 -22.73
N GLU P 127 13.78 17.35 -23.14
CA GLU P 127 12.74 16.33 -23.04
C GLU P 127 12.51 15.66 -24.39
N ARG P 128 12.74 16.39 -25.48
CA ARG P 128 12.32 15.88 -26.78
C ARG P 128 13.55 15.55 -27.63
N VAL P 129 14.37 16.56 -27.88
CA VAL P 129 15.41 16.50 -28.89
C VAL P 129 16.54 15.58 -28.42
N ALA P 130 17.13 15.88 -27.27
CA ALA P 130 18.29 15.11 -26.86
C ALA P 130 17.98 13.64 -26.65
N PRO P 131 16.87 13.22 -25.99
CA PRO P 131 16.55 11.80 -25.82
C PRO P 131 16.38 11.02 -27.13
N VAL P 132 15.79 11.69 -28.13
CA VAL P 132 15.61 11.11 -29.44
C VAL P 132 16.96 10.97 -30.13
N ALA P 133 17.81 12.00 -30.04
CA ALA P 133 19.16 11.91 -30.60
C ALA P 133 19.91 10.75 -29.97
N GLU P 134 19.65 10.46 -28.69
CA GLU P 134 20.38 9.40 -28.00
C GLU P 134 19.92 8.01 -28.45
N LEU P 135 18.62 7.86 -28.68
CA LEU P 135 18.08 6.61 -29.21
C LEU P 135 18.53 6.39 -30.65
N ASP P 136 18.66 7.47 -31.42
CA ASP P 136 19.13 7.40 -32.81
C ASP P 136 20.52 6.79 -32.83
N LEU P 137 21.40 7.29 -31.96
CA LEU P 137 22.76 6.78 -31.92
C LEU P 137 22.80 5.33 -31.46
N LEU P 138 22.06 4.99 -30.42
CA LEU P 138 22.07 3.63 -29.91
C LEU P 138 21.58 2.63 -30.95
N LYS P 139 20.63 3.04 -31.79
CA LYS P 139 20.15 2.16 -32.84
C LYS P 139 21.24 1.91 -33.87
N ARG P 140 21.99 2.96 -34.20
CA ARG P 140 23.02 2.83 -35.22
C ARG P 140 24.17 1.96 -34.72
N GLU P 141 24.50 2.11 -33.44
CA GLU P 141 25.65 1.45 -32.86
C GLU P 141 25.35 -0.03 -32.61
N SER P 142 24.08 -0.43 -32.73
CA SER P 142 23.75 -1.84 -32.59
C SER P 142 24.53 -2.65 -33.62
N ASP P 143 24.78 -2.03 -34.78
CA ASP P 143 25.63 -2.58 -35.82
C ASP P 143 27.09 -2.22 -35.54
N PRO P 144 27.99 -3.19 -35.20
CA PRO P 144 29.38 -2.89 -34.91
C PRO P 144 30.14 -2.32 -36.11
N ALA P 145 29.63 -2.56 -37.32
CA ALA P 145 30.29 -2.07 -38.52
C ALA P 145 30.14 -0.55 -38.64
N PHE P 146 29.01 -0.02 -38.15
CA PHE P 146 28.75 1.40 -38.15
C PHE P 146 29.78 2.07 -37.25
N THR P 147 29.91 1.55 -36.04
CA THR P 147 30.88 1.99 -35.05
C THR P 147 32.28 1.99 -35.64
N ALA P 148 32.68 0.89 -36.30
CA ALA P 148 34.02 0.76 -36.85
C ALA P 148 34.28 1.81 -37.92
N LEU P 149 33.29 2.09 -38.77
CA LEU P 149 33.58 3.03 -39.83
C LEU P 149 33.58 4.47 -39.30
N GLU P 150 32.78 4.74 -38.26
CA GLU P 150 32.80 6.03 -37.60
C GLU P 150 34.15 6.23 -36.90
N ALA P 151 34.61 5.21 -36.17
CA ALA P 151 35.91 5.28 -35.49
C ALA P 151 37.01 5.55 -36.50
N ALA P 152 36.91 4.97 -37.69
CA ALA P 152 37.97 5.08 -38.68
C ALA P 152 38.04 6.51 -39.20
N HIS P 153 36.90 7.17 -39.36
CA HIS P 153 36.97 8.55 -39.81
C HIS P 153 37.59 9.43 -38.73
N GLU P 154 37.44 9.03 -37.47
CA GLU P 154 37.88 9.87 -36.36
C GLU P 154 39.41 9.85 -36.29
N VAL P 155 39.99 8.65 -36.49
CA VAL P 155 41.42 8.45 -36.57
C VAL P 155 42.02 9.12 -37.79
N ALA P 156 41.30 9.06 -38.92
CA ALA P 156 41.90 9.47 -40.17
C ALA P 156 41.95 11.00 -40.27
N PHE P 157 40.95 11.67 -39.70
CA PHE P 157 40.84 13.10 -39.97
C PHE P 157 40.96 13.95 -38.71
N ARG P 158 40.73 13.33 -37.54
CA ARG P 158 40.78 13.97 -36.23
C ARG P 158 39.67 15.01 -36.02
N THR P 159 39.69 16.10 -36.77
CA THR P 159 38.66 17.11 -36.66
C THR P 159 38.00 17.24 -38.03
N GLY P 160 37.03 18.16 -38.16
CA GLY P 160 36.35 18.35 -39.43
C GLY P 160 35.59 17.09 -39.82
N LEU P 161 36.12 16.37 -40.81
CA LEU P 161 35.57 15.07 -41.19
C LEU P 161 35.74 14.08 -40.06
N GLY P 162 36.63 14.39 -39.11
CA GLY P 162 36.86 13.46 -38.02
C GLY P 162 35.91 13.71 -36.85
N ASN P 163 35.16 14.83 -36.86
CA ASN P 163 34.16 15.06 -35.82
C ASN P 163 33.12 13.95 -35.86
N SER P 164 32.57 13.57 -34.70
CA SER P 164 31.49 12.60 -34.72
C SER P 164 30.27 13.21 -35.38
N VAL P 165 29.51 12.38 -36.10
CA VAL P 165 28.32 12.84 -36.78
C VAL P 165 27.23 13.02 -35.74
N TYR P 166 27.26 12.17 -34.72
CA TYR P 166 26.13 12.02 -33.83
C TYR P 166 26.52 12.57 -32.48
N ALA P 167 25.51 13.03 -31.76
CA ALA P 167 25.66 13.50 -30.39
C ALA P 167 25.97 12.31 -29.49
N GLN P 168 26.96 12.49 -28.61
CA GLN P 168 27.27 11.47 -27.62
C GLN P 168 27.13 12.06 -26.23
N GLY P 169 27.01 11.17 -25.22
CA GLY P 169 26.68 11.55 -23.86
C GLY P 169 27.83 12.28 -23.16
N TYR P 170 29.05 11.91 -23.57
CA TYR P 170 30.27 12.42 -22.99
C TYR P 170 30.48 13.89 -23.34
N SER P 171 29.91 14.37 -24.47
CA SER P 171 30.01 15.77 -24.85
C SER P 171 28.62 16.37 -24.97
N PRO P 172 28.09 16.95 -23.88
CA PRO P 172 26.72 17.48 -23.88
C PRO P 172 26.63 18.77 -24.67
N VAL P 173 25.68 18.79 -25.61
CA VAL P 173 25.39 19.97 -26.40
C VAL P 173 24.40 20.83 -25.62
N THR P 174 24.67 22.13 -25.54
CA THR P 174 23.82 23.04 -24.80
C THR P 174 22.90 23.80 -25.74
N LEU P 175 21.91 24.47 -25.16
CA LEU P 175 20.95 25.16 -25.97
C LEU P 175 21.61 26.36 -26.64
N GLU P 176 22.69 26.87 -26.03
CA GLU P 176 23.35 28.02 -26.62
C GLU P 176 24.20 27.58 -27.82
N ASP P 177 24.84 26.41 -27.68
CA ASP P 177 25.53 25.75 -28.78
C ASP P 177 24.60 25.57 -29.98
N VAL P 178 23.43 24.99 -29.75
CA VAL P 178 22.55 24.71 -30.87
C VAL P 178 22.05 26.03 -31.46
N LYS P 179 21.75 27.02 -30.61
CA LYS P 179 21.18 28.26 -31.09
C LYS P 179 22.18 29.04 -31.96
N GLU P 180 23.46 28.98 -31.57
CA GLU P 180 24.53 29.66 -32.30
C GLU P 180 24.73 29.02 -33.67
N PHE P 181 24.84 27.68 -33.66
CA PHE P 181 25.03 26.95 -34.89
C PHE P 181 23.87 27.22 -35.85
N ALA P 182 22.65 27.21 -35.31
CA ALA P 182 21.50 27.43 -36.18
C ALA P 182 21.50 28.84 -36.77
N ARG P 183 22.09 29.80 -36.04
CA ARG P 183 22.14 31.18 -36.50
C ARG P 183 23.02 31.26 -37.75
N GLN P 184 24.08 30.46 -37.78
CA GLN P 184 24.96 30.35 -38.94
C GLN P 184 24.30 29.56 -40.07
N VAL P 185 23.77 28.37 -39.75
CA VAL P 185 23.33 27.44 -40.77
C VAL P 185 22.00 27.90 -41.38
N TYR P 186 21.06 28.39 -40.57
CA TYR P 186 19.77 28.66 -41.15
C TYR P 186 19.79 30.01 -41.85
N ALA P 187 20.42 30.08 -43.03
CA ALA P 187 20.70 31.33 -43.73
C ALA P 187 20.64 31.05 -45.22
N LYS P 188 20.32 32.05 -46.06
CA LYS P 188 20.18 31.83 -47.50
C LYS P 188 21.43 31.19 -48.11
N GLN P 189 22.58 31.41 -47.49
CA GLN P 189 23.84 31.00 -48.09
C GLN P 189 24.08 29.52 -47.82
N ASN P 190 23.30 28.92 -46.94
CA ASN P 190 23.62 27.56 -46.55
C ASN P 190 22.46 26.62 -46.82
N VAL P 191 21.52 27.07 -47.64
CA VAL P 191 20.27 26.36 -47.81
C VAL P 191 20.08 26.11 -49.30
N ALA P 192 19.78 24.86 -49.63
CA ALA P 192 19.38 24.47 -50.97
C ALA P 192 18.07 23.68 -50.88
N VAL P 193 17.13 24.01 -51.76
CA VAL P 193 15.86 23.32 -51.83
C VAL P 193 15.87 22.39 -53.04
N VAL P 194 15.54 21.11 -52.82
CA VAL P 194 15.53 20.09 -53.87
C VAL P 194 14.17 19.42 -53.91
N GLY P 195 13.48 19.58 -55.06
CA GLY P 195 12.14 19.06 -55.28
C GLY P 195 12.09 17.95 -56.33
N ASN P 196 11.88 16.71 -55.87
CA ASN P 196 11.63 15.55 -56.71
C ASN P 196 10.14 15.42 -57.02
N ASN P 197 9.80 15.43 -58.32
CA ASN P 197 8.43 15.36 -58.83
C ASN P 197 7.68 16.63 -58.41
N VAL P 198 8.36 17.77 -58.57
CA VAL P 198 7.80 19.06 -58.25
C VAL P 198 7.94 19.89 -59.52
N VAL P 199 6.88 20.59 -59.92
CA VAL P 199 6.97 21.43 -61.11
C VAL P 199 7.95 22.57 -60.82
N PRO P 200 9.07 22.69 -61.57
CA PRO P 200 10.12 23.65 -61.21
C PRO P 200 9.71 25.11 -61.16
N ALA P 201 8.74 25.52 -61.99
CA ALA P 201 8.36 26.92 -62.00
C ALA P 201 7.54 27.27 -60.76
N ASP P 202 6.77 26.29 -60.28
CA ASP P 202 5.87 26.47 -59.16
C ASP P 202 6.68 26.52 -57.86
N LEU P 203 7.73 25.71 -57.79
CA LEU P 203 8.58 25.70 -56.63
C LEU P 203 9.30 27.03 -56.49
N GLN P 204 9.83 27.55 -57.60
CA GLN P 204 10.61 28.79 -57.56
C GLN P 204 9.73 29.94 -57.07
N GLN P 205 8.46 29.96 -57.49
CA GLN P 205 7.54 31.01 -57.09
C GLN P 205 7.25 30.92 -55.59
N LEU P 206 7.19 29.69 -55.04
CA LEU P 206 6.77 29.54 -53.66
C LEU P 206 7.97 29.79 -52.75
N VAL P 207 9.15 29.31 -53.15
CA VAL P 207 10.35 29.49 -52.35
C VAL P 207 10.70 30.97 -52.35
N GLY P 208 10.33 31.65 -53.44
CA GLY P 208 10.67 33.05 -53.61
C GLY P 208 9.85 33.94 -52.67
N THR P 209 8.70 33.44 -52.22
CA THR P 209 7.83 34.25 -51.38
C THR P 209 8.03 33.85 -49.93
N ALA P 210 8.40 32.59 -49.70
CA ALA P 210 8.43 32.04 -48.35
C ALA P 210 9.81 32.24 -47.72
N PHE P 211 10.87 32.15 -48.53
CA PHE P 211 12.20 32.27 -48.00
C PHE P 211 12.81 33.63 -48.33
N ALA P 212 11.96 34.66 -48.49
CA ALA P 212 12.46 35.99 -48.85
C ALA P 212 13.08 36.70 -47.65
N ASP P 213 12.53 36.42 -46.46
CA ASP P 213 12.89 37.13 -45.23
C ASP P 213 13.90 36.33 -44.42
N LEU P 214 14.42 35.24 -45.00
CA LEU P 214 15.46 34.46 -44.37
C LEU P 214 16.74 35.29 -44.39
N GLN P 215 17.53 35.24 -43.30
CA GLN P 215 18.79 35.97 -43.30
C GLN P 215 19.60 35.57 -44.52
N GLU P 216 20.49 36.46 -44.96
CA GLU P 216 21.45 36.06 -45.97
C GLU P 216 22.59 35.26 -45.35
N GLY P 217 23.13 35.74 -44.22
CA GLY P 217 24.17 35.02 -43.49
C GLY P 217 25.45 34.93 -44.32
N SER P 218 26.32 33.99 -43.93
CA SER P 218 27.54 33.72 -44.70
C SER P 218 27.71 32.21 -44.84
N LYS P 219 28.52 31.80 -45.82
CA LYS P 219 28.88 30.39 -45.96
C LYS P 219 29.59 29.90 -44.71
N VAL P 220 29.03 28.84 -44.15
CA VAL P 220 29.64 28.09 -43.07
C VAL P 220 30.89 27.43 -43.59
N THR P 221 31.94 27.42 -42.77
CA THR P 221 33.22 26.86 -43.17
C THR P 221 33.73 25.90 -42.11
N GLN P 222 34.59 24.98 -42.55
CA GLN P 222 35.29 24.06 -41.69
C GLN P 222 36.35 24.89 -40.97
N ALA P 223 36.31 24.88 -39.63
CA ALA P 223 37.41 25.40 -38.86
C ALA P 223 38.63 24.51 -39.09
N GLY P 224 39.58 25.03 -39.88
CA GLY P 224 40.86 24.38 -40.13
C GLY P 224 40.84 23.56 -41.43
N THR P 225 42.01 23.31 -41.99
CA THR P 225 42.11 22.52 -43.20
C THR P 225 42.10 21.04 -42.85
N THR P 226 41.68 20.23 -43.82
CA THR P 226 41.63 18.79 -43.65
C THR P 226 43.04 18.22 -43.62
N THR P 227 43.37 17.57 -42.51
CA THR P 227 44.66 16.91 -42.34
C THR P 227 44.43 15.41 -42.22
N LEU P 228 45.29 14.62 -42.88
CA LEU P 228 45.18 13.17 -42.89
C LEU P 228 46.18 12.60 -41.90
N HIS P 229 45.78 11.51 -41.25
CA HIS P 229 46.58 10.85 -40.23
C HIS P 229 46.28 9.36 -40.36
N GLY P 230 47.23 8.53 -39.92
CA GLY P 230 47.00 7.10 -39.81
C GLY P 230 46.85 6.70 -38.35
N GLY P 231 46.65 5.42 -38.07
CA GLY P 231 46.52 5.05 -36.67
C GLY P 231 45.63 3.85 -36.43
N GLU P 232 45.19 3.71 -35.17
CA GLU P 232 44.33 2.63 -34.71
C GLU P 232 43.31 3.18 -33.72
N ALA P 233 42.11 2.61 -33.79
CA ALA P 233 41.09 2.84 -32.79
C ALA P 233 40.61 1.48 -32.31
N ARG P 234 40.42 1.36 -30.99
CA ARG P 234 40.11 0.08 -30.39
C ARG P 234 38.96 0.30 -29.41
N VAL P 235 37.75 0.03 -29.89
CA VAL P 235 36.52 0.28 -29.18
C VAL P 235 36.02 -1.04 -28.62
N ARG P 236 36.18 -1.22 -27.30
CA ARG P 236 35.70 -2.40 -26.59
C ARG P 236 34.19 -2.32 -26.41
N THR P 237 33.46 -3.18 -27.14
CA THR P 237 32.05 -3.42 -26.91
C THR P 237 31.89 -4.89 -26.56
N SER P 238 30.71 -5.24 -26.02
CA SER P 238 30.34 -6.64 -25.81
C SER P 238 29.25 -7.05 -26.80
N THR P 239 29.03 -6.19 -27.79
CA THR P 239 27.88 -6.31 -28.69
C THR P 239 28.35 -6.49 -30.14
N GLY P 240 29.14 -7.54 -30.37
CA GLY P 240 29.53 -7.95 -31.72
C GLY P 240 30.85 -7.31 -32.16
N ASN P 241 31.37 -7.80 -33.29
CA ASN P 241 32.76 -7.58 -33.67
C ASN P 241 32.83 -7.02 -35.08
N ALA P 242 33.71 -6.05 -35.30
CA ALA P 242 33.91 -5.54 -36.64
C ALA P 242 35.31 -4.96 -36.74
N LEU P 243 35.73 -4.72 -37.99
CA LEU P 243 37.04 -4.17 -38.28
C LEU P 243 36.98 -3.36 -39.56
N THR P 244 37.38 -2.09 -39.47
CA THR P 244 37.52 -1.27 -40.67
C THR P 244 38.99 -1.09 -41.00
N ILE P 245 39.34 -1.25 -42.27
CA ILE P 245 40.68 -0.93 -42.74
C ILE P 245 40.55 0.27 -43.67
N ALA P 246 40.89 1.44 -43.19
CA ALA P 246 40.62 2.59 -44.03
C ALA P 246 41.94 3.12 -44.57
N LEU P 247 41.90 3.75 -45.75
CA LEU P 247 43.04 4.46 -46.28
C LEU P 247 42.62 5.87 -46.63
N PRO P 248 43.11 6.89 -45.91
CA PRO P 248 42.82 8.28 -46.26
C PRO P 248 43.35 8.60 -47.67
N ILE P 249 42.60 9.39 -48.43
CA ILE P 249 42.99 9.74 -49.79
C ILE P 249 43.12 11.25 -49.79
N ALA P 250 44.27 11.76 -50.22
CA ALA P 250 44.53 13.19 -50.22
C ALA P 250 43.96 13.86 -51.47
N GLU P 251 44.00 13.13 -52.60
CA GLU P 251 43.43 13.59 -53.87
C GLU P 251 42.28 12.67 -54.25
N PRO P 252 41.03 13.03 -53.89
CA PRO P 252 39.87 12.21 -54.26
C PRO P 252 39.75 12.15 -55.78
N LYS P 253 39.67 10.93 -56.31
CA LYS P 253 39.58 10.66 -57.73
C LYS P 253 38.42 9.71 -57.96
N PRO P 254 37.64 9.82 -59.07
CA PRO P 254 36.47 8.98 -59.31
C PRO P 254 36.77 7.49 -59.51
N VAL P 255 38.04 7.17 -59.74
CA VAL P 255 38.44 5.78 -59.93
C VAL P 255 38.20 4.97 -58.66
N TYR P 256 38.16 5.63 -57.48
CA TYR P 256 38.01 4.85 -56.25
C TYR P 256 36.61 4.25 -56.11
N HIS P 257 35.61 4.87 -56.77
CA HIS P 257 34.28 4.30 -56.89
C HIS P 257 34.35 2.97 -57.62
N ALA P 258 35.02 2.97 -58.79
CA ALA P 258 35.16 1.74 -59.54
C ALA P 258 35.91 0.71 -58.71
N LEU P 259 36.96 1.14 -58.01
CA LEU P 259 37.71 0.18 -57.22
C LEU P 259 36.86 -0.38 -56.07
N ALA P 260 36.04 0.46 -55.43
CA ALA P 260 35.19 0.00 -54.34
C ALA P 260 34.20 -1.06 -54.82
N SER P 261 33.64 -0.81 -56.01
CA SER P 261 32.61 -1.70 -56.56
C SER P 261 33.25 -2.98 -57.06
N PHE P 262 34.43 -2.88 -57.70
CA PHE P 262 35.21 -4.05 -58.08
C PHE P 262 35.49 -4.95 -56.88
N LEU P 263 36.19 -4.41 -55.86
CA LEU P 263 36.53 -5.21 -54.69
C LEU P 263 35.26 -5.78 -54.06
N GLY P 264 34.21 -4.96 -54.11
CA GLY P 264 32.87 -5.42 -53.76
C GLY P 264 32.76 -5.85 -52.30
N GLY P 265 32.23 -7.06 -52.10
CA GLY P 265 32.09 -7.63 -50.77
C GLY P 265 30.71 -8.24 -50.54
N PRO P 266 29.60 -7.48 -50.72
CA PRO P 266 28.26 -8.06 -50.61
C PRO P 266 27.91 -8.89 -51.83
N ALA P 267 27.00 -9.86 -51.65
CA ALA P 267 26.62 -10.79 -52.70
C ALA P 267 25.52 -10.17 -53.57
N SER P 268 25.52 -10.56 -54.85
CA SER P 268 24.59 -9.95 -55.79
C SER P 268 23.41 -10.90 -56.04
N MET P 269 23.33 -11.96 -55.23
CA MET P 269 22.27 -12.94 -55.35
C MET P 269 22.12 -13.69 -54.02
N PRO P 270 20.89 -14.13 -53.66
CA PRO P 270 20.65 -14.71 -52.34
C PRO P 270 21.40 -16.01 -52.12
N TRP P 271 21.75 -16.27 -50.86
CA TRP P 271 22.35 -17.52 -50.42
C TRP P 271 23.67 -17.81 -51.15
N SER P 272 24.36 -16.76 -51.60
CA SER P 272 25.60 -16.96 -52.33
C SER P 272 26.69 -16.14 -51.65
N VAL P 273 27.93 -16.35 -52.11
CA VAL P 273 29.05 -15.62 -51.54
C VAL P 273 29.35 -14.41 -52.43
N GLY P 274 29.42 -14.63 -53.74
CA GLY P 274 29.71 -13.57 -54.69
C GLY P 274 31.07 -13.76 -55.36
N ALA P 275 31.27 -13.05 -56.47
CA ALA P 275 32.43 -13.30 -57.34
C ALA P 275 33.48 -12.21 -57.15
N SER P 276 33.19 -11.29 -56.24
CA SER P 276 34.06 -10.15 -55.96
C SER P 276 35.23 -10.63 -55.10
N PRO P 277 36.46 -10.11 -55.31
CA PRO P 277 37.62 -10.49 -54.50
C PRO P 277 37.42 -10.48 -52.98
N LEU P 278 36.69 -9.48 -52.47
CA LEU P 278 36.48 -9.39 -51.02
C LEU P 278 35.43 -10.39 -50.55
N ALA P 279 34.48 -10.73 -51.43
CA ALA P 279 33.41 -11.66 -51.11
C ALA P 279 34.01 -13.05 -50.94
N GLN P 280 34.96 -13.38 -51.82
CA GLN P 280 35.63 -14.67 -51.90
C GLN P 280 36.61 -14.84 -50.72
N ALA P 281 36.86 -13.75 -49.99
CA ALA P 281 37.76 -13.74 -48.86
C ALA P 281 37.03 -14.24 -47.62
N THR P 282 35.71 -14.37 -47.72
CA THR P 282 34.91 -14.75 -46.57
C THR P 282 34.59 -16.24 -46.57
N VAL P 283 35.07 -16.99 -47.57
CA VAL P 283 34.58 -18.36 -47.74
C VAL P 283 35.07 -19.23 -46.60
N GLY P 284 34.11 -19.91 -45.95
CA GLY P 284 34.40 -20.75 -44.81
C GLY P 284 34.13 -20.04 -43.50
N THR P 285 33.69 -18.78 -43.61
CA THR P 285 33.42 -17.95 -42.44
C THR P 285 32.02 -17.34 -42.54
N HIS P 286 31.41 -17.11 -41.37
CA HIS P 286 30.17 -16.36 -41.27
C HIS P 286 30.50 -14.88 -41.07
N THR P 287 31.16 -14.29 -42.06
CA THR P 287 31.55 -12.90 -41.99
C THR P 287 31.08 -12.21 -43.27
N SER P 288 30.85 -10.90 -43.15
CA SER P 288 30.55 -10.09 -44.32
C SER P 288 31.58 -8.97 -44.40
N VAL P 289 31.70 -8.41 -45.61
CA VAL P 289 32.71 -7.43 -45.95
C VAL P 289 32.09 -6.46 -46.93
N LYS P 290 32.61 -5.23 -46.98
CA LYS P 290 32.05 -4.22 -47.85
C LYS P 290 33.11 -3.15 -48.05
N ALA P 291 33.52 -2.93 -49.30
CA ALA P 291 34.41 -1.83 -49.60
C ALA P 291 33.59 -0.58 -49.88
N THR P 292 34.05 0.55 -49.37
CA THR P 292 33.33 1.79 -49.61
C THR P 292 34.30 2.92 -49.87
N TYR P 293 33.88 3.83 -50.74
CA TYR P 293 34.69 5.01 -50.94
C TYR P 293 33.85 6.23 -50.61
N HIS P 294 34.42 7.13 -49.82
CA HIS P 294 33.75 8.35 -49.43
C HIS P 294 34.51 9.55 -49.97
N ASN P 295 33.89 10.26 -50.89
CA ASN P 295 34.47 11.48 -51.39
C ASN P 295 33.96 12.61 -50.52
N TYR P 296 34.85 13.50 -50.05
CA TYR P 296 34.41 14.63 -49.25
C TYR P 296 34.94 15.93 -49.85
N GLY P 297 35.37 15.83 -51.11
CA GLY P 297 35.73 16.99 -51.91
C GLY P 297 37.22 17.25 -51.86
N ASP P 298 37.74 17.40 -50.65
CA ASP P 298 39.11 17.81 -50.44
C ASP P 298 39.92 16.65 -49.87
N ALA P 299 39.22 15.60 -49.44
CA ALA P 299 39.89 14.38 -49.04
C ALA P 299 38.89 13.25 -49.22
N GLY P 300 39.38 12.02 -49.11
CA GLY P 300 38.46 10.91 -49.28
C GLY P 300 38.84 9.79 -48.33
N LEU P 301 37.98 8.78 -48.27
CA LEU P 301 38.35 7.66 -47.44
C LEU P 301 37.97 6.37 -48.14
N PHE P 302 38.95 5.49 -48.27
CA PHE P 302 38.62 4.21 -48.84
C PHE P 302 38.60 3.20 -47.71
N ALA P 303 37.47 2.54 -47.51
CA ALA P 303 37.37 1.70 -46.33
C ALA P 303 36.93 0.30 -46.73
N ILE P 304 37.34 -0.69 -45.94
CA ILE P 304 36.89 -2.06 -46.09
C ILE P 304 36.46 -2.50 -44.71
N THR P 305 35.18 -2.78 -44.55
CA THR P 305 34.68 -3.10 -43.23
C THR P 305 34.26 -4.57 -43.21
N ILE P 306 34.59 -5.25 -42.11
CA ILE P 306 34.35 -6.67 -41.98
C ILE P 306 33.64 -6.85 -40.65
N LYS P 307 32.45 -7.43 -40.66
CA LYS P 307 31.85 -7.79 -39.38
C LYS P 307 31.68 -9.30 -39.35
N GLY P 308 31.36 -9.81 -38.17
CA GLY P 308 31.26 -11.24 -37.93
C GLY P 308 31.12 -11.48 -36.44
N ASP P 309 30.84 -12.72 -36.07
CA ASP P 309 30.68 -13.07 -34.65
C ASP P 309 31.99 -13.62 -34.09
N SER P 310 32.87 -14.09 -34.96
CA SER P 310 34.14 -14.63 -34.52
C SER P 310 35.24 -13.62 -34.79
N PRO P 311 35.98 -13.19 -33.75
CA PRO P 311 37.15 -12.33 -33.94
C PRO P 311 38.25 -13.07 -34.71
N ALA P 312 38.33 -14.39 -34.54
CA ALA P 312 39.32 -15.20 -35.25
C ALA P 312 39.06 -15.18 -36.76
N GLU P 313 37.78 -15.24 -37.13
CA GLU P 313 37.39 -15.25 -38.53
C GLU P 313 37.60 -13.87 -39.13
N ILE P 314 37.30 -12.83 -38.35
CA ILE P 314 37.47 -11.47 -38.82
C ILE P 314 38.94 -11.23 -39.16
N SER P 315 39.83 -11.71 -38.28
CA SER P 315 41.27 -11.60 -38.42
C SER P 315 41.74 -12.30 -39.70
N GLN P 316 41.21 -13.50 -39.92
CA GLN P 316 41.47 -14.32 -41.08
C GLN P 316 41.04 -13.58 -42.36
N VAL P 317 39.85 -12.97 -42.34
CA VAL P 317 39.35 -12.28 -43.52
C VAL P 317 40.19 -11.02 -43.78
N ALA P 318 40.62 -10.37 -42.69
CA ALA P 318 41.30 -9.09 -42.78
C ALA P 318 42.62 -9.25 -43.53
N HIS P 319 43.29 -10.37 -43.28
CA HIS P 319 44.52 -10.67 -43.98
C HIS P 319 44.25 -10.87 -45.47
N LYS P 320 43.21 -11.64 -45.78
CA LYS P 320 42.83 -11.91 -47.17
C LYS P 320 42.39 -10.62 -47.86
N ALA P 321 41.72 -9.74 -47.12
CA ALA P 321 41.26 -8.47 -47.65
C ALA P 321 42.42 -7.58 -48.09
N VAL P 322 43.49 -7.55 -47.28
CA VAL P 322 44.63 -6.69 -47.61
C VAL P 322 45.35 -7.29 -48.81
N GLN P 323 45.41 -8.63 -48.84
CA GLN P 323 46.02 -9.36 -49.94
C GLN P 323 45.28 -9.05 -51.24
N ALA P 324 43.95 -9.12 -51.20
CA ALA P 324 43.09 -8.82 -52.34
C ALA P 324 43.42 -7.46 -52.95
N LEU P 325 43.63 -6.47 -52.08
CA LEU P 325 43.92 -5.12 -52.55
C LEU P 325 45.31 -5.07 -53.21
N LYS P 326 46.28 -5.83 -52.67
CA LYS P 326 47.63 -5.90 -53.20
C LYS P 326 47.62 -6.61 -54.56
N ASP P 327 46.90 -7.74 -54.62
CA ASP P 327 46.68 -8.49 -55.84
C ASP P 327 46.02 -7.62 -56.92
N THR P 328 45.12 -6.72 -56.52
CA THR P 328 44.49 -5.84 -57.48
C THR P 328 45.52 -4.86 -58.04
N GLY P 329 46.45 -4.44 -57.17
CA GLY P 329 47.50 -3.51 -57.55
C GLY P 329 48.43 -4.11 -58.60
N ALA P 330 48.50 -5.46 -58.63
CA ALA P 330 49.27 -6.22 -59.59
C ALA P 330 48.58 -6.23 -60.96
N GLU P 331 47.44 -6.92 -61.04
CA GLU P 331 46.73 -7.10 -62.28
C GLU P 331 45.22 -7.17 -62.07
N VAL P 332 44.49 -6.43 -62.91
CA VAL P 332 43.09 -6.71 -63.15
C VAL P 332 42.92 -7.02 -64.63
N THR P 333 42.09 -8.02 -64.90
CA THR P 333 41.75 -8.47 -66.23
C THR P 333 40.73 -7.52 -66.86
N GLU P 334 40.55 -7.61 -68.17
CA GLU P 334 39.64 -6.75 -68.91
C GLU P 334 38.19 -7.00 -68.48
N GLU P 335 37.87 -8.28 -68.25
CA GLU P 335 36.56 -8.71 -67.77
C GLU P 335 36.25 -8.02 -66.45
N GLN P 336 37.25 -7.97 -65.56
CA GLN P 336 37.07 -7.48 -64.21
C GLN P 336 36.90 -5.97 -64.24
N ALA P 337 37.57 -5.33 -65.20
CA ALA P 337 37.45 -3.89 -65.31
C ALA P 337 36.07 -3.52 -65.84
N ALA P 338 35.49 -4.40 -66.66
CA ALA P 338 34.18 -4.12 -67.23
C ALA P 338 33.11 -4.38 -66.17
N ARG P 339 33.31 -5.43 -65.39
CA ARG P 339 32.48 -5.74 -64.23
C ARG P 339 32.49 -4.56 -63.27
N ALA P 340 33.61 -3.82 -63.20
CA ALA P 340 33.69 -2.72 -62.25
C ALA P 340 32.88 -1.54 -62.78
N TYR P 341 32.93 -1.36 -64.10
CA TYR P 341 32.19 -0.28 -64.71
C TYR P 341 30.70 -0.51 -64.54
N ALA P 342 30.30 -1.77 -64.70
CA ALA P 342 28.90 -2.16 -64.60
C ALA P 342 28.39 -1.94 -63.19
N LYS P 343 29.11 -2.49 -62.20
CA LYS P 343 28.72 -2.38 -60.80
C LYS P 343 28.72 -0.91 -60.36
N SER P 344 29.62 -0.11 -60.94
CA SER P 344 29.72 1.27 -60.51
C SER P 344 28.64 2.16 -61.13
N LYS P 345 28.34 1.97 -62.43
CA LYS P 345 27.26 2.69 -63.09
C LYS P 345 25.95 2.44 -62.34
N PHE P 346 25.74 1.17 -61.97
CA PHE P 346 24.52 0.78 -61.30
C PHE P 346 24.45 1.43 -59.93
N ALA P 347 25.57 1.44 -59.19
CA ALA P 347 25.56 2.06 -57.87
C ALA P 347 25.21 3.54 -57.99
N ALA P 348 25.74 4.19 -59.02
CA ALA P 348 25.48 5.60 -59.20
C ALA P 348 24.00 5.83 -59.49
N ALA P 349 23.40 4.92 -60.27
CA ALA P 349 22.02 5.09 -60.73
C ALA P 349 21.08 4.99 -59.53
N GLU P 350 21.27 3.96 -58.72
CA GLU P 350 20.40 3.72 -57.58
C GLU P 350 20.59 4.79 -56.50
N ALA P 351 21.77 5.42 -56.44
CA ALA P 351 22.01 6.50 -55.50
C ALA P 351 21.24 7.76 -55.93
N PHE P 352 21.17 8.01 -57.23
CA PHE P 352 20.43 9.16 -57.74
C PHE P 352 18.93 8.90 -57.66
N GLU P 353 18.52 7.64 -57.44
CA GLU P 353 17.11 7.30 -57.37
C GLU P 353 16.61 7.43 -55.93
N ASN P 354 17.32 6.81 -54.98
CA ASN P 354 16.97 6.86 -53.57
C ASN P 354 16.86 8.31 -53.12
N PRO P 355 15.69 8.77 -52.61
CA PRO P 355 15.48 10.18 -52.28
C PRO P 355 16.45 10.71 -51.22
N ASP P 356 16.85 9.83 -50.29
CA ASP P 356 17.79 10.17 -49.25
C ASP P 356 19.10 10.70 -49.85
N SER P 357 19.72 9.91 -50.72
CA SER P 357 21.02 10.23 -51.30
C SER P 357 20.86 11.23 -52.44
N SER P 358 19.76 11.13 -53.19
CA SER P 358 19.49 12.01 -54.32
C SER P 358 19.62 13.47 -53.89
N ALA P 359 18.94 13.81 -52.78
CA ALA P 359 18.85 15.16 -52.26
C ALA P 359 20.24 15.70 -51.98
N SER P 360 21.09 14.88 -51.36
CA SER P 360 22.41 15.34 -50.98
C SER P 360 23.33 15.47 -52.18
N VAL P 361 23.08 14.70 -53.24
CA VAL P 361 23.87 14.77 -54.46
C VAL P 361 23.67 16.14 -55.13
N ILE P 362 22.41 16.54 -55.34
CA ILE P 362 22.14 17.84 -55.92
C ILE P 362 22.43 18.95 -54.92
N GLY P 363 22.25 18.61 -53.63
CA GLY P 363 22.62 19.53 -52.57
C GLY P 363 24.09 19.90 -52.65
N MET P 364 24.95 18.93 -53.01
CA MET P 364 26.38 19.18 -53.15
C MET P 364 26.70 20.03 -54.39
N GLU P 365 25.87 19.88 -55.41
CA GLU P 365 26.04 20.63 -56.65
C GLU P 365 25.59 22.06 -56.43
N LEU P 366 24.52 22.23 -55.64
CA LEU P 366 23.96 23.55 -55.39
C LEU P 366 24.81 24.30 -54.38
N LEU P 367 25.18 23.65 -53.27
CA LEU P 367 25.81 24.37 -52.18
C LEU P 367 27.28 24.58 -52.51
N SER P 368 27.97 23.47 -52.78
CA SER P 368 29.40 23.50 -53.00
C SER P 368 29.70 23.95 -54.43
N GLY P 369 29.16 23.23 -55.41
CA GLY P 369 29.42 23.63 -56.78
C GLY P 369 29.99 22.49 -57.61
N VAL P 370 30.13 21.32 -56.96
CA VAL P 370 30.59 20.09 -57.59
C VAL P 370 29.48 19.61 -58.51
N SER P 371 29.60 19.88 -59.82
CA SER P 371 28.60 19.44 -60.79
C SER P 371 28.43 17.93 -60.73
N ARG P 372 27.16 17.47 -60.72
CA ARG P 372 26.87 16.06 -60.51
C ARG P 372 27.34 15.25 -61.72
N ILE P 373 27.81 14.03 -61.45
CA ILE P 373 28.09 13.06 -62.51
C ILE P 373 26.88 12.14 -62.65
N ALA P 374 26.17 12.33 -63.76
CA ALA P 374 25.02 11.53 -64.11
C ALA P 374 25.45 10.07 -64.26
N PRO P 375 24.63 9.08 -63.80
CA PRO P 375 24.95 7.66 -63.95
C PRO P 375 25.33 7.24 -65.37
N GLU P 376 24.78 7.93 -66.37
CA GLU P 376 25.04 7.63 -67.78
C GLU P 376 26.39 8.18 -68.23
N ASN P 377 27.11 8.86 -67.34
CA ASN P 377 28.35 9.55 -67.69
C ASN P 377 29.50 9.06 -66.82
N VAL P 378 29.21 8.03 -66.02
CA VAL P 378 30.18 7.41 -65.15
C VAL P 378 31.29 6.83 -66.02
N GLN P 379 32.53 7.19 -65.70
CA GLN P 379 33.68 6.90 -66.53
C GLN P 379 34.02 5.41 -66.49
N LYS P 380 34.43 4.86 -67.64
CA LYS P 380 34.95 3.50 -67.68
C LYS P 380 36.46 3.56 -67.48
N PHE P 381 36.93 2.89 -66.42
CA PHE P 381 38.35 2.82 -66.10
C PHE P 381 38.95 1.55 -66.67
N THR P 382 40.08 1.71 -67.38
CA THR P 382 40.86 0.61 -67.97
C THR P 382 41.47 -0.24 -66.85
N PRO P 383 41.93 -1.48 -67.12
CA PRO P 383 42.59 -2.27 -66.08
C PRO P 383 43.85 -1.61 -65.54
N ALA P 384 44.50 -0.77 -66.36
CA ALA P 384 45.69 -0.05 -65.98
C ALA P 384 45.37 0.96 -64.87
N GLU P 385 44.29 1.72 -65.05
CA GLU P 385 43.89 2.79 -64.15
C GLU P 385 43.41 2.23 -62.81
N LEU P 386 42.82 1.03 -62.83
CA LEU P 386 42.27 0.43 -61.64
C LEU P 386 43.38 -0.14 -60.77
N SER P 387 44.34 -0.78 -61.44
CA SER P 387 45.44 -1.45 -60.77
C SER P 387 46.35 -0.40 -60.15
N GLU P 388 46.44 0.77 -60.81
CA GLU P 388 47.26 1.88 -60.37
C GLU P 388 46.67 2.49 -59.08
N ALA P 389 45.34 2.57 -59.05
CA ALA P 389 44.62 3.11 -57.91
C ALA P 389 44.76 2.17 -56.72
N ALA P 390 44.76 0.85 -56.97
CA ALA P 390 44.85 -0.09 -55.87
C ALA P 390 46.28 -0.13 -55.33
N ALA P 391 47.23 0.18 -56.21
CA ALA P 391 48.66 0.10 -55.91
C ALA P 391 49.02 1.24 -54.98
N GLN P 392 48.39 2.38 -55.24
CA GLN P 392 48.51 3.62 -54.51
C GLN P 392 47.90 3.50 -53.11
N LEU P 393 47.07 2.48 -52.88
CA LEU P 393 46.36 2.31 -51.61
C LEU P 393 47.10 1.31 -50.73
N SER P 394 47.57 0.22 -51.33
CA SER P 394 48.35 -0.78 -50.61
C SER P 394 49.64 -0.20 -50.07
N ALA P 395 50.12 0.87 -50.73
CA ALA P 395 51.38 1.50 -50.42
C ALA P 395 51.13 2.88 -49.83
N SER P 396 50.15 2.97 -48.93
CA SER P 396 49.86 4.23 -48.27
C SER P 396 50.64 4.29 -46.96
N ALA P 397 51.07 5.50 -46.62
CA ALA P 397 51.89 5.77 -45.45
C ALA P 397 51.04 5.92 -44.20
N LYS P 398 49.71 5.98 -44.36
CA LYS P 398 48.84 6.33 -43.25
C LYS P 398 47.64 5.40 -43.16
N PRO P 399 47.84 4.06 -43.03
CA PRO P 399 46.71 3.15 -42.88
C PRO P 399 46.02 3.29 -41.52
N VAL P 400 44.70 3.29 -41.57
CA VAL P 400 43.86 3.36 -40.40
C VAL P 400 43.24 1.99 -40.20
N VAL P 401 43.18 1.55 -38.94
CA VAL P 401 42.46 0.35 -38.57
C VAL P 401 41.62 0.63 -37.32
N ALA P 402 40.29 0.44 -37.44
CA ALA P 402 39.44 0.54 -36.27
C ALA P 402 38.86 -0.82 -35.96
N ALA P 403 39.11 -1.29 -34.74
CA ALA P 403 38.61 -2.58 -34.29
C ALA P 403 37.52 -2.32 -33.26
N VAL P 404 36.44 -3.10 -33.33
CA VAL P 404 35.31 -2.97 -32.44
C VAL P 404 34.94 -4.35 -31.93
N GLY P 405 34.73 -4.47 -30.61
CA GLY P 405 34.31 -5.71 -30.00
C GLY P 405 35.42 -6.27 -29.12
N GLN P 406 35.78 -7.55 -29.34
CA GLN P 406 36.82 -8.15 -28.55
C GLN P 406 38.15 -7.71 -29.18
N VAL P 407 38.59 -6.52 -28.78
CA VAL P 407 39.64 -5.85 -29.52
C VAL P 407 40.98 -6.53 -29.30
N HIS P 408 41.12 -7.28 -28.20
CA HIS P 408 42.34 -8.01 -27.91
C HIS P 408 42.58 -9.13 -28.94
N ALA P 409 41.51 -9.50 -29.65
CA ALA P 409 41.54 -10.64 -30.57
C ALA P 409 41.44 -10.17 -32.01
N LEU P 410 41.38 -8.87 -32.22
CA LEU P 410 41.28 -8.39 -33.58
C LEU P 410 42.66 -7.93 -34.05
N PRO P 411 42.92 -7.80 -35.36
CA PRO P 411 44.24 -7.40 -35.86
C PRO P 411 44.62 -5.96 -35.55
N PHE P 412 45.90 -5.66 -35.73
CA PHE P 412 46.44 -4.33 -35.56
C PHE P 412 46.94 -3.86 -36.91
N ALA P 413 47.19 -2.54 -37.06
CA ALA P 413 47.60 -1.97 -38.33
C ALA P 413 48.92 -2.56 -38.82
N ASP P 414 49.86 -2.74 -37.90
CA ASP P 414 51.20 -3.21 -38.21
C ASP P 414 51.20 -4.69 -38.57
N GLU P 415 50.13 -5.41 -38.19
CA GLU P 415 49.99 -6.80 -38.58
C GLU P 415 49.48 -6.90 -40.02
N LEU P 416 48.89 -5.82 -40.55
CA LEU P 416 48.20 -5.88 -41.83
C LEU P 416 49.05 -5.26 -42.95
N MET Q 85 -27.31 -44.23 31.81
CA MET Q 85 -28.59 -44.20 32.57
C MET Q 85 -29.43 -45.40 32.15
N THR Q 86 -30.32 -45.83 33.05
CA THR Q 86 -31.30 -46.85 32.73
C THR Q 86 -32.32 -46.30 31.73
N ALA Q 87 -32.94 -47.23 30.98
CA ALA Q 87 -33.93 -46.89 29.99
C ALA Q 87 -35.13 -46.20 30.63
N ALA Q 88 -35.47 -46.64 31.84
CA ALA Q 88 -36.55 -46.02 32.60
C ALA Q 88 -36.27 -44.55 32.86
N GLU Q 89 -35.02 -44.22 33.21
CA GLU Q 89 -34.68 -42.83 33.50
C GLU Q 89 -34.82 -41.98 32.23
N HIS Q 90 -34.59 -42.61 31.07
CA HIS Q 90 -34.69 -41.90 29.80
C HIS Q 90 -36.15 -41.80 29.35
N GLY Q 91 -36.95 -42.81 29.68
CA GLY Q 91 -38.23 -42.91 29.02
C GLY Q 91 -38.12 -43.77 27.77
N LEU Q 92 -39.19 -44.51 27.49
CA LEU Q 92 -39.30 -45.27 26.27
C LEU Q 92 -39.33 -44.30 25.08
N HIS Q 93 -38.65 -44.66 23.99
CA HIS Q 93 -38.65 -43.78 22.84
C HIS Q 93 -39.91 -44.02 22.02
N PRO Q 94 -40.63 -42.94 21.63
CA PRO Q 94 -41.86 -43.09 20.86
C PRO Q 94 -41.58 -43.61 19.46
N ALA Q 95 -42.54 -44.38 18.94
CA ALA Q 95 -42.56 -44.84 17.56
C ALA Q 95 -42.55 -43.64 16.62
N GLU Q 96 -42.08 -43.83 15.39
CA GLU Q 96 -42.23 -42.79 14.38
C GLU Q 96 -43.55 -43.01 13.63
N TYR Q 97 -44.54 -42.17 13.91
CA TYR Q 97 -45.83 -42.31 13.27
C TYR Q 97 -45.81 -41.58 11.94
N PRO Q 98 -46.51 -42.08 10.91
CA PRO Q 98 -46.64 -41.32 9.68
C PRO Q 98 -47.60 -40.13 9.70
N TRP Q 99 -47.14 -39.00 10.25
CA TRP Q 99 -47.94 -37.79 10.27
C TRP Q 99 -48.14 -37.26 8.86
N PRO Q 100 -49.31 -36.65 8.55
CA PRO Q 100 -49.52 -36.01 7.25
C PRO Q 100 -48.46 -34.97 6.91
N GLN Q 101 -47.93 -34.27 7.93
CA GLN Q 101 -46.99 -33.19 7.69
C GLN Q 101 -45.56 -33.74 7.54
N ASN Q 102 -45.34 -35.03 7.76
CA ASN Q 102 -44.03 -35.60 7.47
C ASN Q 102 -43.87 -35.67 5.96
N GLY Q 103 -42.75 -35.19 5.44
CA GLY Q 103 -42.69 -35.16 4.00
C GLY Q 103 -42.34 -33.75 3.61
N MET Q 104 -41.25 -33.65 2.86
CA MET Q 104 -40.70 -32.37 2.42
C MET Q 104 -41.81 -31.53 1.80
N LEU Q 105 -42.78 -32.16 1.12
CA LEU Q 105 -43.73 -31.35 0.38
C LEU Q 105 -45.12 -31.32 1.03
N SER Q 106 -45.23 -31.73 2.30
CA SER Q 106 -46.54 -31.99 2.87
C SER Q 106 -46.95 -30.89 3.84
N THR Q 107 -48.19 -30.40 3.75
CA THR Q 107 -48.67 -29.50 4.79
C THR Q 107 -49.30 -30.32 5.91
N PHE Q 108 -49.74 -29.63 6.97
CA PHE Q 108 -50.66 -30.18 7.96
C PHE Q 108 -51.99 -30.50 7.29
N ASP Q 109 -52.70 -31.46 7.85
CA ASP Q 109 -54.09 -31.65 7.47
C ASP Q 109 -54.94 -30.71 8.32
N HIS Q 110 -55.55 -29.71 7.68
CA HIS Q 110 -56.18 -28.64 8.46
C HIS Q 110 -57.46 -29.10 9.13
N ALA Q 111 -58.07 -30.17 8.61
CA ALA Q 111 -59.24 -30.77 9.23
C ALA Q 111 -58.86 -31.42 10.55
N SER Q 112 -57.69 -32.06 10.56
CA SER Q 112 -57.16 -32.61 11.80
C SER Q 112 -56.80 -31.49 12.77
N LEU Q 113 -56.23 -30.38 12.28
CA LEU Q 113 -55.91 -29.25 13.13
C LEU Q 113 -57.16 -28.75 13.84
N ARG Q 114 -58.27 -28.55 13.11
CA ARG Q 114 -59.54 -28.06 13.64
C ARG Q 114 -60.06 -29.00 14.73
N ARG Q 115 -60.04 -30.32 14.46
CA ARG Q 115 -60.48 -31.31 15.43
C ARG Q 115 -59.59 -31.27 16.67
N GLY Q 116 -58.28 -31.05 16.48
CA GLY Q 116 -57.34 -31.03 17.58
C GLY Q 116 -57.56 -29.81 18.45
N TYR Q 117 -58.01 -28.70 17.83
CA TYR Q 117 -58.33 -27.54 18.64
C TYR Q 117 -59.49 -27.90 19.56
N GLN Q 118 -60.45 -28.66 19.05
CA GLN Q 118 -61.62 -28.98 19.83
C GLN Q 118 -61.27 -29.92 20.98
N VAL Q 119 -60.29 -30.80 20.80
CA VAL Q 119 -59.78 -31.58 21.92
C VAL Q 119 -59.08 -30.68 22.93
N TYR Q 120 -58.25 -29.74 22.46
CA TYR Q 120 -57.58 -28.84 23.38
C TYR Q 120 -58.63 -28.14 24.25
N LYS Q 121 -59.61 -27.55 23.57
CA LYS Q 121 -60.61 -26.73 24.20
C LYS Q 121 -61.43 -27.51 25.24
N GLU Q 122 -61.74 -28.78 24.97
CA GLU Q 122 -62.68 -29.53 25.80
C GLU Q 122 -62.01 -30.49 26.77
N VAL Q 123 -60.70 -30.69 26.63
CA VAL Q 123 -60.03 -31.61 27.54
C VAL Q 123 -58.86 -30.90 28.19
N CYS Q 124 -57.88 -30.49 27.39
CA CYS Q 124 -56.59 -30.06 27.90
C CYS Q 124 -56.72 -28.71 28.58
N ALA Q 125 -57.62 -27.87 28.09
CA ALA Q 125 -57.63 -26.48 28.52
C ALA Q 125 -58.04 -26.38 29.99
N ALA Q 126 -58.54 -27.48 30.56
CA ALA Q 126 -58.85 -27.50 31.98
C ALA Q 126 -57.59 -27.26 32.81
N CYS Q 127 -56.44 -27.76 32.33
CA CYS Q 127 -55.25 -27.71 33.16
C CYS Q 127 -54.11 -26.99 32.46
N HIS Q 128 -54.19 -26.83 31.14
CA HIS Q 128 -53.03 -26.37 30.40
C HIS Q 128 -53.38 -25.10 29.68
N SER Q 129 -52.46 -24.15 29.71
CA SER Q 129 -52.66 -22.94 28.93
C SER Q 129 -52.07 -23.11 27.54
N LEU Q 130 -52.42 -22.17 26.66
CA LEU Q 130 -51.90 -22.07 25.31
C LEU Q 130 -51.59 -20.59 25.05
N ASP Q 131 -50.66 -20.02 25.82
CA ASP Q 131 -50.62 -18.57 26.01
C ASP Q 131 -50.04 -17.83 24.83
N ARG Q 132 -49.36 -18.53 23.93
CA ARG Q 132 -48.69 -17.85 22.84
C ARG Q 132 -49.60 -17.77 21.62
N ILE Q 133 -50.81 -18.30 21.74
CA ILE Q 133 -51.71 -18.34 20.59
C ILE Q 133 -52.81 -17.30 20.80
N ALA Q 134 -53.03 -16.45 19.80
CA ALA Q 134 -54.08 -15.45 19.90
C ALA Q 134 -55.26 -15.93 19.06
N TRP Q 135 -56.46 -15.37 19.28
CA TRP Q 135 -57.60 -15.79 18.48
C TRP Q 135 -57.36 -15.59 17.00
N ARG Q 136 -56.66 -14.52 16.63
CA ARG Q 136 -56.39 -14.23 15.22
C ARG Q 136 -55.57 -15.34 14.56
N ASN Q 137 -54.82 -16.12 15.36
CA ASN Q 137 -53.98 -17.17 14.82
C ASN Q 137 -54.78 -18.31 14.22
N LEU Q 138 -55.99 -18.54 14.74
CA LEU Q 138 -56.85 -19.62 14.27
C LEU Q 138 -57.45 -19.27 12.90
N VAL Q 139 -57.49 -17.99 12.56
CA VAL Q 139 -58.29 -17.58 11.43
C VAL Q 139 -57.59 -17.97 10.14
N GLY Q 140 -58.29 -18.69 9.25
CA GLY Q 140 -57.67 -19.15 8.00
C GLY Q 140 -56.67 -20.29 8.22
N VAL Q 141 -56.72 -20.91 9.40
CA VAL Q 141 -55.97 -22.14 9.64
C VAL Q 141 -56.98 -23.20 10.00
N THR Q 142 -57.78 -22.92 11.03
CA THR Q 142 -58.73 -23.88 11.56
C THR Q 142 -60.15 -23.32 11.51
N HIS Q 143 -60.34 -21.99 11.51
CA HIS Q 143 -61.64 -21.37 11.70
C HIS Q 143 -61.78 -20.14 10.81
N THR Q 144 -63.02 -19.70 10.57
CA THR Q 144 -63.21 -18.48 9.81
C THR Q 144 -63.07 -17.30 10.74
N THR Q 145 -62.99 -16.07 10.21
CA THR Q 145 -62.89 -14.88 11.05
C THR Q 145 -64.06 -14.80 12.04
N ASP Q 146 -65.24 -15.24 11.59
CA ASP Q 146 -66.44 -15.09 12.39
C ASP Q 146 -66.46 -16.07 13.55
N GLU Q 147 -66.02 -17.30 13.28
CA GLU Q 147 -66.00 -18.29 14.33
C GLU Q 147 -65.02 -17.87 15.42
N ALA Q 148 -63.89 -17.30 15.00
CA ALA Q 148 -62.86 -16.97 15.97
C ALA Q 148 -63.28 -15.74 16.76
N LYS Q 149 -64.01 -14.80 16.12
CA LYS Q 149 -64.48 -13.64 16.86
C LYS Q 149 -65.52 -14.08 17.88
N ALA Q 150 -66.31 -15.09 17.50
CA ALA Q 150 -67.31 -15.61 18.41
C ALA Q 150 -66.64 -16.23 19.64
N PHE Q 151 -65.55 -16.98 19.45
CA PHE Q 151 -64.83 -17.54 20.58
C PHE Q 151 -64.28 -16.44 21.47
N ALA Q 152 -63.73 -15.38 20.86
CA ALA Q 152 -63.13 -14.30 21.64
C ALA Q 152 -64.20 -13.56 22.45
N GLU Q 153 -65.32 -13.22 21.80
CA GLU Q 153 -66.39 -12.42 22.38
C GLU Q 153 -67.11 -13.12 23.54
N GLU Q 154 -66.95 -14.45 23.67
CA GLU Q 154 -67.55 -15.15 24.80
C GLU Q 154 -66.76 -14.95 26.09
N LEU Q 155 -65.55 -14.42 26.00
CA LEU Q 155 -64.73 -14.29 27.20
C LEU Q 155 -64.68 -12.84 27.63
N GLU Q 156 -64.20 -12.61 28.86
CA GLU Q 156 -64.01 -11.27 29.40
C GLU Q 156 -62.52 -11.05 29.64
N TYR Q 157 -62.04 -9.90 29.20
CA TYR Q 157 -60.66 -9.55 29.42
C TYR Q 157 -60.61 -8.24 30.17
N ASP Q 158 -59.47 -8.00 30.85
CA ASP Q 158 -59.21 -6.75 31.52
C ASP Q 158 -59.15 -5.61 30.52
N ASP Q 159 -60.00 -4.60 30.74
CA ASP Q 159 -59.96 -3.36 29.99
C ASP Q 159 -59.01 -2.39 30.70
N GLU Q 160 -58.74 -1.25 30.05
CA GLU Q 160 -58.12 -0.09 30.70
C GLU Q 160 -59.10 0.45 31.73
N PRO Q 161 -58.64 1.05 32.86
CA PRO Q 161 -59.55 1.54 33.88
C PRO Q 161 -60.51 2.59 33.32
N ASP Q 162 -61.69 2.70 33.93
CA ASP Q 162 -62.67 3.71 33.56
C ASP Q 162 -62.23 5.09 34.03
N ASP Q 163 -63.15 6.06 33.99
CA ASP Q 163 -62.80 7.46 34.16
C ASP Q 163 -62.52 7.79 35.63
N GLU Q 164 -63.10 7.00 36.55
CA GLU Q 164 -62.82 7.14 37.97
C GLU Q 164 -61.63 6.25 38.35
N GLY Q 165 -61.01 5.64 37.34
CA GLY Q 165 -59.88 4.76 37.52
C GLY Q 165 -60.23 3.41 38.16
N ASN Q 166 -61.50 3.00 38.06
CA ASN Q 166 -61.92 1.70 38.56
C ASN Q 166 -61.65 0.62 37.52
N PRO Q 167 -61.31 -0.63 37.92
CA PRO Q 167 -61.16 -1.75 36.97
C PRO Q 167 -62.43 -2.07 36.20
N ARG Q 168 -62.24 -2.50 34.95
CA ARG Q 168 -63.32 -2.85 34.03
C ARG Q 168 -62.95 -4.10 33.24
N LYS Q 169 -63.97 -4.86 32.80
CA LYS Q 169 -63.76 -5.96 31.86
C LYS Q 169 -64.37 -5.57 30.50
N ARG Q 170 -63.83 -6.16 29.44
CA ARG Q 170 -64.41 -6.04 28.11
C ARG Q 170 -64.58 -7.43 27.51
N PRO Q 171 -65.42 -7.61 26.47
CA PRO Q 171 -65.40 -8.84 25.69
C PRO Q 171 -64.12 -8.95 24.86
N GLY Q 172 -63.70 -10.19 24.60
CA GLY Q 172 -62.47 -10.46 23.86
C GLY Q 172 -62.55 -10.04 22.40
N LYS Q 173 -61.36 -9.82 21.84
CA LYS Q 173 -61.16 -9.38 20.46
C LYS Q 173 -60.23 -10.38 19.81
N LEU Q 174 -60.07 -10.35 18.49
CA LEU Q 174 -59.18 -11.28 17.80
C LEU Q 174 -57.72 -11.10 18.25
N ALA Q 175 -57.34 -9.91 18.70
CA ALA Q 175 -55.96 -9.70 19.11
C ALA Q 175 -55.66 -10.33 20.47
N ASP Q 176 -56.69 -10.77 21.19
CA ASP Q 176 -56.46 -11.29 22.54
C ASP Q 176 -55.83 -12.67 22.48
N TYR Q 177 -55.05 -13.02 23.51
CA TYR Q 177 -54.49 -14.36 23.61
C TYR Q 177 -55.47 -15.29 24.28
N ILE Q 178 -55.39 -16.57 23.94
CA ILE Q 178 -56.28 -17.54 24.55
C ILE Q 178 -55.97 -17.59 26.04
N PRO Q 179 -56.97 -17.37 26.92
CA PRO Q 179 -56.71 -17.29 28.37
C PRO Q 179 -56.55 -18.65 29.02
N GLY Q 180 -55.67 -18.73 30.01
CA GLY Q 180 -55.30 -19.97 30.66
C GLY Q 180 -56.25 -20.32 31.81
N PRO Q 181 -56.25 -21.58 32.28
CA PRO Q 181 -57.15 -21.96 33.37
C PRO Q 181 -56.83 -21.44 34.77
N TYR Q 182 -55.58 -21.05 35.03
CA TYR Q 182 -55.16 -20.67 36.37
C TYR Q 182 -54.55 -19.27 36.38
N PRO Q 183 -54.72 -18.49 37.48
CA PRO Q 183 -54.12 -17.17 37.58
C PRO Q 183 -52.60 -17.13 37.78
N ASN Q 184 -52.02 -18.18 38.37
CA ASN Q 184 -50.59 -18.20 38.63
C ASN Q 184 -50.13 -19.65 38.83
N GLU Q 185 -48.82 -19.86 38.99
CA GLU Q 185 -48.23 -21.18 39.18
C GLU Q 185 -48.76 -21.84 40.44
N GLN Q 186 -49.01 -21.04 41.49
CA GLN Q 186 -49.33 -21.59 42.80
C GLN Q 186 -50.71 -22.21 42.72
N ALA Q 187 -51.62 -21.50 42.07
CA ALA Q 187 -52.95 -22.01 41.81
C ALA Q 187 -52.92 -23.23 40.90
N ALA Q 188 -51.99 -23.24 39.94
CA ALA Q 188 -51.95 -24.36 39.01
C ALA Q 188 -51.52 -25.61 39.75
N ARG Q 189 -50.46 -25.47 40.57
CA ARG Q 189 -49.90 -26.57 41.34
C ARG Q 189 -50.89 -27.09 42.38
N ALA Q 190 -51.68 -26.17 42.95
CA ALA Q 190 -52.62 -26.55 44.00
C ALA Q 190 -53.72 -27.44 43.45
N ALA Q 191 -54.06 -27.25 42.17
CA ALA Q 191 -55.12 -28.00 41.53
C ALA Q 191 -54.60 -29.32 40.97
N ASN Q 192 -53.29 -29.52 40.99
CA ASN Q 192 -52.71 -30.67 40.33
C ASN Q 192 -51.73 -31.38 41.25
N GLN Q 193 -52.07 -31.45 42.55
CA GLN Q 193 -51.33 -32.20 43.54
C GLN Q 193 -49.84 -31.88 43.42
N GLY Q 194 -49.55 -30.59 43.23
CA GLY Q 194 -48.18 -30.13 43.34
C GLY Q 194 -47.49 -29.98 41.98
N ALA Q 195 -47.98 -30.71 40.97
CA ALA Q 195 -47.37 -30.68 39.65
C ALA Q 195 -47.83 -29.46 38.88
N LEU Q 196 -46.96 -28.93 38.03
CA LEU Q 196 -47.38 -27.77 37.28
C LEU Q 196 -47.58 -28.16 35.83
N PRO Q 197 -48.81 -28.13 35.30
CA PRO Q 197 -49.02 -28.50 33.91
C PRO Q 197 -48.38 -27.44 33.03
N PRO Q 198 -47.43 -27.77 32.14
CA PRO Q 198 -46.77 -26.76 31.31
C PRO Q 198 -47.72 -26.15 30.30
N ASP Q 199 -47.35 -24.97 29.82
CA ASP Q 199 -48.05 -24.34 28.73
C ASP Q 199 -47.83 -25.18 27.48
N LEU Q 200 -48.80 -25.28 26.58
CA LEU Q 200 -48.63 -26.25 25.51
C LEU Q 200 -48.23 -25.59 24.20
N SER Q 201 -48.01 -24.27 24.20
CA SER Q 201 -47.74 -23.59 22.94
C SER Q 201 -46.43 -24.04 22.30
N LEU Q 202 -45.45 -24.48 23.08
CA LEU Q 202 -44.17 -24.83 22.49
C LEU Q 202 -43.83 -26.29 22.74
N ILE Q 203 -44.75 -27.02 23.38
CA ILE Q 203 -44.45 -28.34 23.90
C ILE Q 203 -44.01 -29.29 22.79
N ALA Q 204 -44.51 -29.11 21.56
CA ALA Q 204 -44.10 -29.99 20.48
C ALA Q 204 -42.65 -29.73 20.09
N LYS Q 205 -42.10 -28.56 20.41
CA LYS Q 205 -40.71 -28.28 20.07
C LYS Q 205 -39.82 -28.46 21.29
N ALA Q 206 -40.44 -28.53 22.46
CA ALA Q 206 -39.72 -28.50 23.71
C ALA Q 206 -39.52 -29.93 24.20
N ARG Q 207 -39.96 -30.92 23.44
CA ARG Q 207 -39.73 -32.29 23.87
C ARG Q 207 -39.12 -33.03 22.69
N HIS Q 208 -38.10 -33.85 22.95
CA HIS Q 208 -37.62 -34.80 21.95
C HIS Q 208 -38.80 -35.65 21.51
N GLY Q 209 -39.00 -35.75 20.19
CA GLY Q 209 -40.09 -36.59 19.76
C GLY Q 209 -41.18 -35.77 19.08
N GLY Q 210 -41.43 -34.56 19.58
CA GLY Q 210 -42.45 -33.72 18.96
C GLY Q 210 -43.84 -34.35 19.03
N ALA Q 211 -44.59 -34.29 17.93
CA ALA Q 211 -45.87 -34.95 17.79
C ALA Q 211 -45.81 -36.41 18.24
N ASP Q 212 -44.73 -37.14 17.94
CA ASP Q 212 -44.76 -38.56 18.26
C ASP Q 212 -44.73 -38.75 19.78
N TYR Q 213 -44.06 -37.83 20.48
CA TYR Q 213 -43.99 -37.94 21.92
C TYR Q 213 -45.36 -37.62 22.50
N ILE Q 214 -46.02 -36.61 21.95
CA ILE Q 214 -47.31 -36.24 22.50
C ILE Q 214 -48.29 -37.38 22.25
N PHE Q 215 -48.27 -37.95 21.06
CA PHE Q 215 -49.19 -39.02 20.77
C PHE Q 215 -48.88 -40.24 21.64
N ALA Q 216 -47.60 -40.60 21.72
CA ALA Q 216 -47.20 -41.75 22.51
C ALA Q 216 -47.59 -41.59 23.97
N LEU Q 217 -47.31 -40.42 24.54
CA LEU Q 217 -47.62 -40.15 25.95
C LEU Q 217 -49.11 -40.28 26.22
N LEU Q 218 -49.96 -39.68 25.37
CA LEU Q 218 -51.37 -39.58 25.69
C LEU Q 218 -52.03 -40.94 25.58
N THR Q 219 -51.46 -41.80 24.72
CA THR Q 219 -52.05 -43.09 24.43
C THR Q 219 -51.27 -44.20 25.12
N GLY Q 220 -50.27 -43.85 25.93
CA GLY Q 220 -49.39 -44.88 26.44
C GLY Q 220 -49.52 -45.12 27.93
N TYR Q 221 -50.69 -44.84 28.52
CA TYR Q 221 -50.91 -45.20 29.90
C TYR Q 221 -51.39 -46.64 29.95
N PRO Q 222 -50.58 -47.56 30.49
CA PRO Q 222 -50.99 -48.96 30.61
C PRO Q 222 -52.08 -49.04 31.67
N ASP Q 223 -52.92 -50.07 31.58
CA ASP Q 223 -53.94 -50.31 32.59
C ASP Q 223 -53.30 -50.53 33.96
N GLU Q 224 -52.21 -51.30 33.98
CA GLU Q 224 -51.50 -51.54 35.22
C GLU Q 224 -50.02 -51.24 35.02
N PRO Q 225 -49.37 -50.48 35.94
CA PRO Q 225 -47.92 -50.34 35.93
C PRO Q 225 -47.22 -51.69 36.00
N PRO Q 226 -46.13 -51.86 35.22
CA PRO Q 226 -45.26 -53.04 35.27
C PRO Q 226 -44.96 -53.40 36.71
N ALA Q 227 -45.10 -54.70 37.01
CA ALA Q 227 -44.89 -55.26 38.34
C ALA Q 227 -43.54 -54.81 38.88
N GLY Q 228 -43.57 -54.15 40.04
CA GLY Q 228 -42.34 -53.78 40.73
C GLY Q 228 -42.15 -52.28 40.82
N VAL Q 229 -42.86 -51.53 39.97
CA VAL Q 229 -42.80 -50.07 39.95
C VAL Q 229 -43.56 -49.54 41.16
N VAL Q 230 -42.90 -48.68 41.94
CA VAL Q 230 -43.55 -48.02 43.06
C VAL Q 230 -43.76 -46.57 42.65
N LEU Q 231 -45.02 -46.19 42.48
CA LEU Q 231 -45.31 -44.82 42.09
C LEU Q 231 -45.38 -43.94 43.33
N ALA Q 232 -44.76 -42.77 43.24
CA ALA Q 232 -44.91 -41.71 44.23
C ALA Q 232 -46.37 -41.27 44.33
N PRO Q 233 -46.82 -40.66 45.45
CA PRO Q 233 -48.23 -40.26 45.59
C PRO Q 233 -48.59 -39.19 44.56
N GLY Q 234 -49.73 -39.39 43.90
CA GLY Q 234 -50.23 -38.48 42.88
C GLY Q 234 -49.62 -38.70 41.51
N MET Q 235 -48.84 -39.79 41.35
CA MET Q 235 -48.21 -40.14 40.09
C MET Q 235 -48.93 -41.31 39.43
N ASN Q 236 -48.79 -41.34 38.10
CA ASN Q 236 -49.40 -42.32 37.22
C ASN Q 236 -48.27 -42.92 36.40
N TYR Q 237 -48.39 -44.19 36.05
CA TYR Q 237 -47.28 -44.76 35.34
C TYR Q 237 -47.45 -44.45 33.86
N ASN Q 238 -46.40 -43.95 33.20
CA ASN Q 238 -46.42 -43.80 31.76
C ASN Q 238 -45.01 -44.02 31.28
N PRO Q 239 -44.71 -45.06 30.48
CA PRO Q 239 -43.33 -45.37 30.15
C PRO Q 239 -42.63 -44.31 29.29
N TYR Q 240 -43.39 -43.48 28.57
CA TYR Q 240 -42.77 -42.51 27.69
C TYR Q 240 -42.23 -41.33 28.50
N PHE Q 241 -42.74 -41.17 29.70
CA PHE Q 241 -42.30 -40.05 30.49
C PHE Q 241 -41.04 -40.44 31.25
N PRO Q 242 -39.95 -39.64 31.23
CA PRO Q 242 -38.70 -40.06 31.87
C PRO Q 242 -38.87 -40.28 33.37
N GLY Q 243 -38.43 -41.45 33.84
CA GLY Q 243 -38.66 -41.85 35.22
C GLY Q 243 -39.94 -42.69 35.39
N GLY Q 244 -40.96 -42.47 34.55
CA GLY Q 244 -42.11 -43.36 34.47
C GLY Q 244 -43.32 -42.84 35.24
N GLY Q 245 -43.08 -41.96 36.22
CA GLY Q 245 -44.18 -41.49 37.06
C GLY Q 245 -44.54 -40.07 36.66
N ILE Q 246 -45.70 -39.89 36.06
CA ILE Q 246 -46.09 -38.58 35.59
C ILE Q 246 -47.26 -38.10 36.43
N GLY Q 247 -47.30 -36.79 36.72
CA GLY Q 247 -48.40 -36.33 37.54
C GLY Q 247 -49.68 -36.07 36.74
N MET Q 248 -49.70 -36.35 35.43
CA MET Q 248 -50.90 -36.16 34.64
C MET Q 248 -51.54 -37.53 34.49
N ALA Q 249 -52.82 -37.67 34.80
CA ALA Q 249 -53.47 -38.96 34.64
C ALA Q 249 -53.89 -39.13 33.18
N ARG Q 250 -54.30 -40.33 32.81
CA ARG Q 250 -54.93 -40.49 31.51
C ARG Q 250 -56.22 -39.66 31.43
N THR Q 251 -56.42 -38.98 30.29
CA THR Q 251 -57.54 -38.06 30.13
C THR Q 251 -58.35 -38.38 28.87
N LEU Q 252 -57.75 -39.06 27.90
CA LEU Q 252 -58.47 -39.34 26.68
C LEU Q 252 -59.07 -40.73 26.77
N PHE Q 253 -60.40 -40.77 26.70
CA PHE Q 253 -61.12 -42.03 26.65
C PHE Q 253 -62.13 -41.92 25.52
N ASP Q 254 -62.49 -43.06 24.93
CA ASP Q 254 -63.36 -43.06 23.76
C ASP Q 254 -64.62 -42.28 24.09
N GLY Q 255 -64.82 -41.21 23.31
CA GLY Q 255 -66.01 -40.39 23.30
C GLY Q 255 -66.05 -39.31 24.38
N VAL Q 256 -64.89 -38.75 24.78
CA VAL Q 256 -64.91 -37.66 25.75
C VAL Q 256 -65.23 -36.37 25.00
N VAL Q 257 -64.99 -36.38 23.70
CA VAL Q 257 -65.27 -35.27 22.82
C VAL Q 257 -66.25 -35.78 21.77
N GLU Q 258 -67.13 -34.90 21.29
CA GLU Q 258 -67.98 -35.25 20.16
C GLU Q 258 -67.59 -34.36 18.99
N TYR Q 259 -66.88 -34.92 18.01
CA TYR Q 259 -66.34 -34.06 16.99
C TYR Q 259 -67.47 -33.48 16.14
N GLU Q 260 -67.27 -32.26 15.65
CA GLU Q 260 -68.34 -31.57 14.95
C GLU Q 260 -68.42 -31.99 13.48
N ASP Q 261 -67.47 -32.83 13.04
CA ASP Q 261 -67.36 -33.26 11.64
C ASP Q 261 -67.73 -34.74 11.52
N GLY Q 262 -68.14 -35.34 12.64
CA GLY Q 262 -68.70 -36.68 12.69
C GLY Q 262 -67.66 -37.79 12.85
N THR Q 263 -66.38 -37.42 12.89
CA THR Q 263 -65.26 -38.35 13.06
C THR Q 263 -65.44 -39.11 14.39
N PRO Q 264 -65.30 -40.46 14.41
CA PRO Q 264 -65.33 -41.21 15.66
C PRO Q 264 -64.21 -40.82 16.62
N ALA Q 265 -64.61 -40.33 17.80
CA ALA Q 265 -63.62 -39.79 18.71
C ALA Q 265 -63.08 -40.91 19.58
N THR Q 266 -62.18 -41.71 19.01
CA THR Q 266 -61.50 -42.72 19.78
C THR Q 266 -60.29 -42.09 20.47
N THR Q 267 -59.80 -42.73 21.52
CA THR Q 267 -58.57 -42.32 22.16
C THR Q 267 -57.49 -42.02 21.12
N SER Q 268 -57.25 -42.95 20.21
CA SER Q 268 -56.21 -42.78 19.22
C SER Q 268 -56.49 -41.58 18.32
N GLN Q 269 -57.74 -41.41 17.90
CA GLN Q 269 -58.05 -40.35 16.97
C GLN Q 269 -57.84 -38.99 17.66
N MET Q 270 -58.27 -38.89 18.91
CA MET Q 270 -58.17 -37.62 19.60
C MET Q 270 -56.71 -37.29 19.87
N ALA Q 271 -55.91 -38.32 20.15
CA ALA Q 271 -54.52 -38.08 20.45
C ALA Q 271 -53.81 -37.61 19.18
N LYS Q 272 -54.19 -38.20 18.05
CA LYS Q 272 -53.55 -37.81 16.80
C LYS Q 272 -53.92 -36.38 16.47
N ASP Q 273 -55.19 -36.01 16.67
CA ASP Q 273 -55.64 -34.68 16.28
C ASP Q 273 -54.99 -33.64 17.16
N VAL Q 274 -54.97 -33.90 18.46
CA VAL Q 274 -54.47 -32.89 19.37
C VAL Q 274 -52.95 -32.79 19.20
N ALA Q 275 -52.26 -33.90 18.92
CA ALA Q 275 -50.83 -33.82 18.67
C ALA Q 275 -50.55 -32.99 17.41
N ALA Q 276 -51.39 -33.14 16.37
CA ALA Q 276 -51.24 -32.33 15.17
C ALA Q 276 -51.47 -30.87 15.51
N PHE Q 277 -52.56 -30.56 16.24
CA PHE Q 277 -52.86 -29.18 16.56
C PHE Q 277 -51.72 -28.54 17.36
N LEU Q 278 -51.17 -29.26 18.34
CA LEU Q 278 -50.09 -28.71 19.15
C LEU Q 278 -48.81 -28.52 18.35
N THR Q 279 -48.55 -29.41 17.39
CA THR Q 279 -47.42 -29.23 16.50
C THR Q 279 -47.62 -27.95 15.70
N TRP Q 280 -48.83 -27.74 15.17
CA TRP Q 280 -49.12 -26.47 14.53
C TRP Q 280 -48.88 -25.30 15.48
N ALA Q 281 -49.32 -25.40 16.74
CA ALA Q 281 -49.18 -24.29 17.67
C ALA Q 281 -47.70 -23.98 17.91
N ALA Q 282 -46.84 -25.00 17.83
CA ALA Q 282 -45.44 -24.74 18.10
C ALA Q 282 -44.77 -24.12 16.88
N GLU Q 283 -45.24 -24.47 15.69
CA GLU Q 283 -44.54 -24.06 14.48
C GLU Q 283 -45.56 -23.65 13.44
N PRO Q 284 -46.27 -22.53 13.62
CA PRO Q 284 -47.35 -22.17 12.69
C PRO Q 284 -46.91 -21.74 11.29
N GLU Q 285 -45.61 -21.49 11.13
CA GLU Q 285 -45.05 -21.14 9.82
C GLU Q 285 -44.76 -22.38 8.97
N HIS Q 286 -44.90 -23.58 9.55
CA HIS Q 286 -44.60 -24.86 8.95
C HIS Q 286 -44.98 -24.96 7.47
N ASP Q 287 -46.26 -24.70 7.14
CA ASP Q 287 -46.72 -24.86 5.77
C ASP Q 287 -46.04 -23.87 4.83
N GLU Q 288 -45.96 -22.59 5.21
CA GLU Q 288 -45.33 -21.62 4.33
C GLU Q 288 -43.84 -21.88 4.17
N ARG Q 289 -43.19 -22.26 5.28
CA ARG Q 289 -41.77 -22.51 5.31
C ARG Q 289 -41.42 -23.61 4.31
N LYS Q 290 -42.22 -24.66 4.27
CA LYS Q 290 -41.83 -25.77 3.43
C LYS Q 290 -42.07 -25.44 1.97
N LYS Q 291 -43.11 -24.65 1.69
CA LYS Q 291 -43.31 -24.28 0.30
C LYS Q 291 -42.21 -23.31 -0.17
N LEU Q 292 -41.81 -22.33 0.65
CA LEU Q 292 -40.72 -21.45 0.23
C LEU Q 292 -39.44 -22.25 0.07
N GLY Q 293 -39.25 -23.29 0.89
CA GLY Q 293 -38.07 -24.12 0.76
C GLY Q 293 -38.06 -24.91 -0.55
N LEU Q 294 -39.24 -25.30 -1.05
CA LEU Q 294 -39.31 -25.96 -2.35
C LEU Q 294 -38.83 -24.99 -3.43
N LYS Q 295 -39.30 -23.75 -3.37
CA LYS Q 295 -38.84 -22.77 -4.34
C LYS Q 295 -37.33 -22.57 -4.23
N ALA Q 296 -36.80 -22.45 -3.01
CA ALA Q 296 -35.37 -22.29 -2.78
C ALA Q 296 -34.60 -23.49 -3.34
N ILE Q 297 -35.06 -24.71 -3.04
CA ILE Q 297 -34.34 -25.88 -3.50
C ILE Q 297 -34.21 -25.83 -5.02
N ILE Q 298 -35.31 -25.52 -5.72
CA ILE Q 298 -35.32 -25.55 -7.17
C ILE Q 298 -34.36 -24.48 -7.71
N VAL Q 299 -34.50 -23.24 -7.26
CA VAL Q 299 -33.65 -22.17 -7.74
C VAL Q 299 -32.18 -22.45 -7.43
N ILE Q 300 -31.89 -22.87 -6.19
CA ILE Q 300 -30.52 -23.04 -5.76
C ILE Q 300 -29.89 -24.20 -6.54
N SER Q 301 -30.65 -25.28 -6.77
CA SER Q 301 -30.15 -26.38 -7.57
C SER Q 301 -29.81 -25.93 -8.99
N ALA Q 302 -30.73 -25.23 -9.65
CA ALA Q 302 -30.45 -24.72 -10.99
C ALA Q 302 -29.18 -23.87 -10.99
N MET Q 303 -29.07 -22.96 -10.01
CA MET Q 303 -27.88 -22.12 -9.93
C MET Q 303 -26.63 -22.96 -9.67
N LEU Q 304 -26.76 -24.08 -8.96
CA LEU Q 304 -25.59 -24.90 -8.72
C LEU Q 304 -25.13 -25.53 -10.04
N GLY Q 305 -26.09 -26.08 -10.80
CA GLY Q 305 -25.77 -26.65 -12.09
C GLY Q 305 -25.14 -25.62 -13.03
N LEU Q 306 -25.73 -24.42 -13.09
CA LEU Q 306 -25.17 -23.41 -13.98
C LEU Q 306 -23.80 -22.94 -13.49
N SER Q 307 -23.62 -22.83 -12.18
CA SER Q 307 -22.33 -22.42 -11.67
C SER Q 307 -21.24 -23.44 -12.04
N VAL Q 308 -21.61 -24.73 -12.15
CA VAL Q 308 -20.61 -25.72 -12.54
C VAL Q 308 -20.23 -25.53 -14.00
N TYR Q 309 -21.22 -25.39 -14.88
CA TYR Q 309 -20.95 -25.09 -16.27
C TYR Q 309 -20.07 -23.86 -16.39
N ILE Q 310 -20.41 -22.77 -15.71
CA ILE Q 310 -19.67 -21.54 -15.91
C ILE Q 310 -18.25 -21.68 -15.38
N LYS Q 311 -18.08 -22.37 -14.26
CA LYS Q 311 -16.73 -22.52 -13.76
C LYS Q 311 -15.91 -23.31 -14.76
N LYS Q 312 -16.47 -24.41 -15.28
CA LYS Q 312 -15.71 -25.22 -16.22
C LYS Q 312 -15.40 -24.45 -17.50
N PHE Q 313 -16.35 -23.66 -17.95
CA PHE Q 313 -16.14 -22.83 -19.12
C PHE Q 313 -14.97 -21.87 -18.87
N LYS Q 314 -15.01 -21.14 -17.77
CA LYS Q 314 -13.97 -20.15 -17.54
C LYS Q 314 -12.64 -20.84 -17.26
N TRP Q 315 -12.64 -22.02 -16.63
CA TRP Q 315 -11.37 -22.66 -16.28
C TRP Q 315 -10.75 -23.43 -17.45
N SER Q 316 -11.44 -23.56 -18.60
CA SER Q 316 -10.92 -24.53 -19.56
C SER Q 316 -9.56 -24.11 -20.11
N PRO Q 317 -9.25 -22.82 -20.33
CA PRO Q 317 -7.90 -22.47 -20.79
C PRO Q 317 -6.81 -22.90 -19.80
N ILE Q 318 -7.10 -22.88 -18.51
CA ILE Q 318 -6.12 -23.29 -17.54
C ILE Q 318 -6.02 -24.81 -17.54
N LYS Q 319 -7.16 -25.50 -17.54
CA LYS Q 319 -7.08 -26.96 -17.51
C LYS Q 319 -6.41 -27.49 -18.77
N ASN Q 320 -6.66 -26.84 -19.92
CA ASN Q 320 -6.21 -27.39 -21.19
C ASN Q 320 -4.78 -27.01 -21.55
N ARG Q 321 -4.13 -26.20 -20.73
CA ARG Q 321 -2.78 -25.69 -20.99
C ARG Q 321 -1.79 -26.82 -21.26
N LYS Q 322 -0.89 -26.63 -22.24
CA LYS Q 322 0.15 -27.59 -22.57
C LYS Q 322 1.49 -26.88 -22.66
N PHE Q 323 2.57 -27.61 -22.40
CA PHE Q 323 3.91 -27.04 -22.35
C PHE Q 323 4.87 -27.83 -23.23
N ILE Q 324 5.84 -27.13 -23.80
CA ILE Q 324 6.98 -27.77 -24.43
C ILE Q 324 8.19 -27.18 -23.74
N TYR Q 325 9.03 -28.02 -23.16
CA TYR Q 325 10.20 -27.47 -22.50
C TYR Q 325 11.44 -27.78 -23.33
N ASN Q 326 12.23 -26.78 -23.67
CA ASN Q 326 13.51 -27.05 -24.31
C ASN Q 326 14.57 -26.51 -23.39
N PRO Q 327 15.30 -27.35 -22.63
CA PRO Q 327 16.23 -26.86 -21.61
C PRO Q 327 17.25 -25.94 -22.27
N PRO Q 328 17.41 -24.70 -21.76
CA PRO Q 328 18.37 -23.75 -22.33
C PRO Q 328 19.82 -24.25 -22.32
N TYR R 7 8.20 -12.73 0.53
CA TYR R 7 8.29 -14.02 -0.28
C TYR R 7 7.36 -14.08 -1.48
N MET R 8 6.52 -13.06 -1.66
CA MET R 8 5.81 -12.98 -2.91
C MET R 8 5.91 -11.55 -3.38
N GLY R 9 6.13 -11.34 -4.69
CA GLY R 9 6.16 -9.98 -5.18
C GLY R 9 4.81 -9.63 -5.77
N TRP R 10 4.82 -9.18 -7.01
CA TRP R 10 3.60 -8.83 -7.70
C TRP R 10 3.79 -9.09 -9.18
N TRP R 11 2.74 -8.90 -9.99
CA TRP R 11 2.88 -9.17 -11.42
C TRP R 11 4.06 -8.40 -12.02
N GLY R 12 4.88 -9.10 -12.80
CA GLY R 12 6.09 -8.51 -13.33
C GLY R 12 7.33 -8.83 -12.49
N HIS R 13 7.16 -9.06 -11.19
CA HIS R 13 8.30 -9.35 -10.32
C HIS R 13 7.80 -10.26 -9.21
N MET R 14 7.23 -11.39 -9.60
CA MET R 14 6.56 -12.24 -8.64
C MET R 14 7.55 -12.89 -7.67
N GLY R 15 8.81 -13.05 -8.08
CA GLY R 15 9.80 -13.69 -7.22
C GLY R 15 10.17 -15.10 -7.69
N SER R 16 9.73 -15.46 -8.91
CA SER R 16 10.10 -16.70 -9.55
C SER R 16 11.59 -16.64 -9.87
N PRO R 17 12.33 -17.77 -9.80
CA PRO R 17 13.64 -17.83 -10.44
C PRO R 17 13.41 -17.53 -11.92
N PRO R 18 14.43 -17.06 -12.66
CA PRO R 18 14.27 -16.75 -14.08
C PRO R 18 13.70 -17.95 -14.85
N GLN R 19 12.71 -17.67 -15.69
CA GLN R 19 12.12 -18.72 -16.49
C GLN R 19 12.63 -18.56 -17.91
N LYS R 20 13.01 -19.67 -18.51
CA LYS R 20 13.44 -19.69 -19.90
C LYS R 20 13.23 -21.09 -20.43
N GLY R 21 12.82 -21.21 -21.69
CA GLY R 21 12.78 -22.49 -22.38
C GLY R 21 11.44 -23.21 -22.28
N ILE R 22 10.45 -22.63 -21.61
CA ILE R 22 9.13 -23.24 -21.56
C ILE R 22 8.21 -22.50 -22.52
N ALA R 23 7.57 -23.24 -23.43
CA ALA R 23 6.53 -22.63 -24.23
C ALA R 23 5.19 -23.14 -23.69
N GLY R 24 4.24 -22.23 -23.43
CA GLY R 24 2.94 -22.64 -22.93
C GLY R 24 1.87 -22.36 -23.97
N TYR R 25 0.89 -23.26 -24.10
CA TYR R 25 -0.13 -23.12 -25.13
C TYR R 25 -1.49 -23.33 -24.49
N THR R 26 -2.52 -22.65 -25.00
CA THR R 26 -3.87 -22.99 -24.60
C THR R 26 -4.86 -22.41 -25.59
N ILE R 27 -6.13 -22.80 -25.45
CA ILE R 27 -7.13 -22.36 -26.40
C ILE R 27 -8.21 -21.61 -25.64
N SER R 28 -8.96 -20.82 -26.39
CA SER R 28 -10.02 -19.96 -25.87
C SER R 28 -11.10 -20.80 -25.20
N PRO R 29 -11.76 -20.30 -24.13
CA PRO R 29 -12.88 -21.04 -23.54
C PRO R 29 -14.01 -21.22 -24.57
N PHE R 30 -14.15 -20.28 -25.51
CA PHE R 30 -15.19 -20.45 -26.53
C PHE R 30 -14.81 -21.48 -27.59
N ALA R 31 -13.52 -21.81 -27.70
CA ALA R 31 -13.09 -22.78 -28.70
C ALA R 31 -13.14 -24.20 -28.13
N ALA R 32 -13.27 -24.31 -26.81
CA ALA R 32 -13.08 -25.60 -26.16
C ALA R 32 -14.42 -26.17 -25.72
N ARG R 33 -14.48 -27.50 -25.58
CA ARG R 33 -15.63 -28.13 -24.97
C ARG R 33 -15.36 -28.19 -23.48
N PRO R 34 -16.08 -27.43 -22.62
CA PRO R 34 -15.78 -27.41 -21.19
C PRO R 34 -15.91 -28.80 -20.55
N PHE R 35 -16.85 -29.60 -21.06
CA PHE R 35 -17.06 -30.92 -20.49
C PHE R 35 -16.44 -32.03 -21.31
N ALA R 36 -15.43 -31.72 -22.12
CA ALA R 36 -14.70 -32.78 -22.81
C ALA R 36 -14.15 -33.79 -21.80
N GLY R 37 -14.38 -35.08 -22.09
CA GLY R 37 -13.83 -36.18 -21.34
C GLY R 37 -14.42 -36.33 -19.94
N VAL R 38 -15.61 -35.77 -19.73
CA VAL R 38 -16.21 -35.69 -18.41
C VAL R 38 -16.59 -37.08 -17.91
N VAL R 39 -17.06 -37.94 -18.82
CA VAL R 39 -17.57 -39.23 -18.42
C VAL R 39 -16.41 -40.12 -17.99
N HIS R 40 -15.34 -40.09 -18.77
CA HIS R 40 -14.13 -40.81 -18.40
C HIS R 40 -13.58 -40.31 -17.07
N ALA R 41 -13.55 -38.98 -16.88
CA ALA R 41 -13.05 -38.40 -15.63
C ALA R 41 -13.92 -38.85 -14.46
N ALA R 42 -15.24 -38.71 -14.64
CA ALA R 42 -16.18 -38.96 -13.56
C ALA R 42 -16.07 -40.40 -13.09
N ILE R 43 -15.74 -41.32 -14.00
CA ILE R 43 -15.70 -42.73 -13.64
C ILE R 43 -14.27 -43.15 -13.30
N PHE R 44 -13.36 -43.04 -14.27
CA PHE R 44 -12.04 -43.63 -14.12
C PHE R 44 -11.11 -42.75 -13.28
N ASN R 45 -11.16 -41.44 -13.52
CA ASN R 45 -10.30 -40.56 -12.75
C ASN R 45 -10.75 -40.59 -11.29
N THR R 46 -12.06 -40.51 -11.02
CA THR R 46 -12.51 -40.51 -9.65
C THR R 46 -12.20 -41.83 -8.96
N PHE R 47 -12.31 -42.94 -9.70
CA PHE R 47 -11.99 -44.23 -9.10
C PHE R 47 -10.52 -44.28 -8.70
N ARG R 48 -9.62 -43.86 -9.61
CA ARG R 48 -8.20 -43.85 -9.31
C ARG R 48 -7.95 -42.96 -8.09
N ARG R 49 -8.49 -41.73 -8.11
CA ARG R 49 -8.15 -40.84 -7.00
C ARG R 49 -8.65 -41.40 -5.66
N THR R 50 -9.80 -42.06 -5.68
CA THR R 50 -10.44 -42.53 -4.46
C THR R 50 -9.72 -43.79 -3.98
N LYS R 51 -9.47 -44.72 -4.88
CA LYS R 51 -8.71 -45.91 -4.54
C LYS R 51 -7.40 -45.54 -3.82
N ASN R 52 -6.68 -44.54 -4.32
CA ASN R 52 -5.37 -44.20 -3.76
C ASN R 52 -5.46 -43.52 -2.40
N GLN R 53 -6.61 -42.98 -2.03
CA GLN R 53 -6.72 -42.36 -0.72
C GLN R 53 -7.54 -43.20 0.25
N ALA R 54 -8.06 -44.37 -0.18
CA ALA R 54 -9.11 -45.01 0.60
C ALA R 54 -8.65 -45.47 1.99
N LEU R 55 -7.46 -46.08 2.10
CA LEU R 55 -6.95 -46.59 3.37
C LEU R 55 -6.78 -45.51 4.43
N PHE R 56 -6.43 -44.29 4.03
CA PHE R 56 -6.19 -43.19 4.96
C PHE R 56 -7.49 -42.71 5.59
N VAL R 57 -8.61 -43.07 4.99
CA VAL R 57 -9.88 -42.74 5.59
C VAL R 57 -10.39 -43.98 6.34
N ILE R 58 -10.31 -45.13 5.68
CA ILE R 58 -10.92 -46.34 6.19
C ILE R 58 -10.27 -46.74 7.51
N LEU R 59 -8.93 -46.77 7.59
CA LEU R 59 -8.31 -47.28 8.81
C LEU R 59 -8.69 -46.47 10.04
N PRO R 60 -8.51 -45.13 10.12
CA PRO R 60 -8.90 -44.40 11.32
C PRO R 60 -10.40 -44.40 11.59
N VAL R 61 -11.21 -44.31 10.53
CA VAL R 61 -12.64 -44.27 10.77
C VAL R 61 -13.08 -45.61 11.36
N SER R 62 -12.61 -46.72 10.78
CA SER R 62 -13.06 -48.02 11.25
C SER R 62 -12.56 -48.28 12.66
N PHE R 63 -11.37 -47.77 13.00
CA PHE R 63 -10.89 -48.04 14.34
C PHE R 63 -11.73 -47.29 15.36
N PHE R 64 -11.96 -46.00 15.11
CA PHE R 64 -12.67 -45.17 16.08
C PHE R 64 -14.14 -45.56 16.13
N TYR R 65 -14.68 -46.09 15.04
CA TYR R 65 -16.06 -46.53 15.09
C TYR R 65 -16.16 -47.82 15.91
N TYR R 66 -15.16 -48.67 15.80
CA TYR R 66 -15.19 -49.89 16.58
C TYR R 66 -15.07 -49.59 18.08
N VAL R 67 -14.13 -48.71 18.45
CA VAL R 67 -13.97 -48.27 19.83
C VAL R 67 -15.28 -47.71 20.39
N TRP R 68 -15.96 -46.87 19.63
CA TRP R 68 -17.19 -46.23 20.08
C TRP R 68 -18.28 -47.27 20.30
N THR R 69 -18.41 -48.17 19.33
CA THR R 69 -19.37 -49.25 19.35
C THR R 69 -19.19 -50.11 20.60
N GLN R 70 -17.94 -50.43 20.93
CA GLN R 70 -17.68 -51.28 22.09
C GLN R 70 -18.06 -50.54 23.37
N ALA R 71 -17.71 -49.25 23.44
CA ALA R 71 -17.94 -48.43 24.61
C ALA R 71 -19.43 -48.23 24.81
N SER R 72 -20.15 -47.88 23.74
CA SER R 72 -21.57 -47.61 23.83
C SER R 72 -22.34 -48.89 24.15
N GLU R 73 -21.91 -50.04 23.63
CA GLU R 73 -22.61 -51.27 23.95
C GLU R 73 -22.38 -51.67 25.41
N LYS R 74 -21.17 -51.43 25.91
CA LYS R 74 -20.90 -51.83 27.28
C LYS R 74 -21.67 -50.90 28.21
N ASN R 75 -21.73 -49.63 27.84
CA ASN R 75 -22.39 -48.67 28.70
C ASN R 75 -23.86 -49.05 28.78
N GLU R 76 -24.44 -49.43 27.63
CA GLU R 76 -25.83 -49.82 27.60
C GLU R 76 -26.08 -51.01 28.52
N TRP R 77 -25.14 -51.97 28.49
CA TRP R 77 -25.29 -53.22 29.18
C TRP R 77 -25.12 -53.04 30.68
N LEU R 78 -24.28 -52.07 31.07
CA LEU R 78 -23.99 -51.87 32.47
C LEU R 78 -25.22 -51.31 33.18
N TYR R 79 -26.12 -50.65 32.42
CA TYR R 79 -27.28 -50.01 33.01
C TYR R 79 -28.54 -50.84 32.78
N THR R 80 -28.36 -52.13 32.48
CA THR R 80 -29.44 -53.08 32.54
C THR R 80 -29.39 -53.81 33.87
N LYS R 81 -30.38 -54.67 34.12
CA LYS R 81 -30.48 -55.48 35.32
C LYS R 81 -29.33 -56.47 35.35
N ALA R 82 -29.05 -57.07 34.19
CA ALA R 82 -27.98 -58.05 33.99
C ALA R 82 -26.62 -57.45 34.36
N GLY R 83 -26.47 -56.14 34.18
CA GLY R 83 -25.17 -55.50 34.34
C GLY R 83 -25.00 -54.83 35.69
N ARG R 84 -25.89 -55.16 36.64
CA ARG R 84 -25.97 -54.52 37.94
C ARG R 84 -24.65 -54.67 38.69
N HIS R 85 -24.11 -55.88 38.64
CA HIS R 85 -22.98 -56.26 39.48
C HIS R 85 -21.71 -55.64 38.93
N GLU R 86 -21.59 -55.69 37.60
CA GLU R 86 -20.44 -55.13 36.90
C GLU R 86 -20.48 -53.62 37.03
N LEU R 87 -21.69 -53.05 37.13
CA LEU R 87 -21.81 -51.61 37.28
C LEU R 87 -21.36 -51.20 38.67
N ALA R 88 -21.65 -52.07 39.65
CA ALA R 88 -21.40 -51.74 41.04
C ALA R 88 -19.89 -51.68 41.28
N LYS R 89 -19.16 -52.57 40.58
CA LYS R 89 -17.72 -52.67 40.66
C LYS R 89 -17.08 -51.49 39.93
N ALA R 90 -17.67 -51.12 38.78
CA ALA R 90 -17.18 -50.06 37.93
C ALA R 90 -17.25 -48.72 38.65
N LEU R 91 -18.29 -48.54 39.48
CA LEU R 91 -18.37 -47.38 40.35
C LEU R 91 -17.78 -47.77 41.72
N ALA S 4 -29.50 -16.49 -35.17
CA ALA S 4 -28.42 -16.64 -34.11
C ALA S 4 -27.54 -15.39 -34.07
N THR S 5 -27.06 -14.98 -35.24
CA THR S 5 -26.45 -13.68 -35.36
C THR S 5 -27.44 -12.59 -34.94
N THR S 6 -28.68 -12.69 -35.42
CA THR S 6 -29.67 -11.68 -35.15
C THR S 6 -29.92 -11.62 -33.65
N PHE S 7 -30.16 -12.80 -33.07
CA PHE S 7 -30.40 -12.88 -31.64
C PHE S 7 -29.20 -12.32 -30.88
N TYR S 8 -27.98 -12.70 -31.25
CA TYR S 8 -26.79 -12.21 -30.56
C TYR S 8 -26.74 -10.69 -30.64
N ASN S 9 -26.96 -10.15 -31.84
CA ASN S 9 -26.84 -8.73 -32.10
C ASN S 9 -27.83 -7.88 -31.32
N VAL S 10 -29.04 -8.41 -31.14
CA VAL S 10 -30.08 -7.67 -30.46
C VAL S 10 -29.94 -7.83 -28.95
N PHE S 11 -29.77 -9.05 -28.45
CA PHE S 11 -29.97 -9.20 -27.03
C PHE S 11 -28.68 -9.40 -26.26
N VAL S 12 -27.56 -9.66 -26.94
CA VAL S 12 -26.40 -10.14 -26.21
C VAL S 12 -25.22 -9.18 -26.38
N LYS S 13 -25.00 -8.71 -27.61
CA LYS S 13 -23.82 -7.94 -27.95
C LYS S 13 -23.62 -6.74 -27.03
N ARG S 14 -24.62 -5.89 -26.88
CA ARG S 14 -24.46 -4.76 -25.97
C ARG S 14 -24.82 -5.24 -24.58
N ASN S 15 -23.98 -4.94 -23.59
CA ASN S 15 -24.21 -5.39 -22.24
C ASN S 15 -25.44 -4.71 -21.67
N SER S 16 -25.66 -3.46 -22.05
CA SER S 16 -26.89 -2.79 -21.64
C SER S 16 -28.11 -3.62 -22.07
N ALA S 17 -28.08 -4.19 -23.28
CA ALA S 17 -29.22 -4.96 -23.78
C ALA S 17 -29.28 -6.31 -23.09
N PHE S 18 -28.11 -6.89 -22.84
CA PHE S 18 -27.99 -8.18 -22.17
C PHE S 18 -28.54 -8.09 -20.76
N VAL S 19 -28.16 -7.03 -20.03
CA VAL S 19 -28.63 -6.87 -18.66
C VAL S 19 -30.12 -6.58 -18.65
N ALA S 20 -30.60 -5.75 -19.59
CA ALA S 20 -32.03 -5.51 -19.73
C ALA S 20 -32.80 -6.81 -19.98
N THR S 21 -32.29 -7.68 -20.85
CA THR S 21 -32.94 -8.94 -21.17
C THR S 21 -32.96 -9.86 -19.96
N ILE S 22 -31.85 -9.92 -19.22
CA ILE S 22 -31.72 -10.76 -18.04
C ILE S 22 -32.73 -10.31 -16.98
N LEU S 23 -32.82 -9.00 -16.73
CA LEU S 23 -33.74 -8.47 -15.72
C LEU S 23 -35.19 -8.70 -16.12
N ALA S 24 -35.52 -8.51 -17.39
CA ALA S 24 -36.89 -8.73 -17.82
C ALA S 24 -37.26 -10.21 -17.71
N SER S 25 -36.31 -11.09 -18.04
CA SER S 25 -36.50 -12.53 -17.87
C SER S 25 -36.66 -12.89 -16.39
N ALA S 26 -35.91 -12.21 -15.52
CA ALA S 26 -36.00 -12.49 -14.09
C ALA S 26 -37.39 -12.10 -13.58
N PHE S 27 -37.94 -10.99 -14.10
CA PHE S 27 -39.28 -10.54 -13.77
C PHE S 27 -40.30 -11.59 -14.19
N VAL S 28 -40.18 -12.07 -15.44
CA VAL S 28 -41.13 -13.05 -15.97
C VAL S 28 -41.00 -14.35 -15.19
N PHE S 29 -39.77 -14.82 -14.98
CA PHE S 29 -39.54 -16.05 -14.24
C PHE S 29 -40.18 -15.97 -12.87
N ASP S 30 -39.88 -14.89 -12.13
CA ASP S 30 -40.40 -14.66 -10.78
C ASP S 30 -41.92 -14.79 -10.72
N MET S 31 -42.64 -14.17 -11.67
CA MET S 31 -44.10 -14.19 -11.67
C MET S 31 -44.66 -15.55 -12.07
N THR S 32 -44.03 -16.21 -13.05
CA THR S 32 -44.54 -17.46 -13.54
C THR S 32 -44.22 -18.58 -12.56
N PHE S 33 -43.01 -18.56 -11.98
CA PHE S 33 -42.59 -19.58 -11.04
C PHE S 33 -43.49 -19.58 -9.81
N GLU S 34 -43.84 -18.38 -9.33
CA GLU S 34 -44.77 -18.18 -8.23
C GLU S 34 -46.07 -18.91 -8.51
N THR S 35 -46.67 -18.62 -9.68
CA THR S 35 -47.94 -19.20 -10.04
C THR S 35 -47.84 -20.71 -10.17
N ALA S 36 -46.76 -21.17 -10.78
CA ALA S 36 -46.58 -22.60 -11.03
C ALA S 36 -46.44 -23.37 -9.73
N ILE S 37 -45.63 -22.84 -8.79
CA ILE S 37 -45.42 -23.56 -7.55
C ILE S 37 -46.72 -23.56 -6.74
N ASP S 38 -47.40 -22.41 -6.69
CA ASP S 38 -48.69 -22.32 -6.03
C ASP S 38 -49.62 -23.45 -6.49
N ASN S 39 -49.79 -23.63 -7.82
CA ASN S 39 -50.66 -24.69 -8.31
C ASN S 39 -50.13 -26.07 -7.94
N PHE S 40 -48.83 -26.27 -8.05
CA PHE S 40 -48.29 -27.59 -7.79
C PHE S 40 -48.47 -27.96 -6.31
N TRP S 41 -48.25 -26.97 -5.44
CA TRP S 41 -48.29 -27.18 -4.00
C TRP S 41 -49.71 -27.53 -3.57
N ASP S 42 -50.69 -26.88 -4.22
CA ASP S 42 -52.10 -27.10 -3.93
C ASP S 42 -52.57 -28.47 -4.39
N ARG S 43 -51.98 -29.01 -5.47
CA ARG S 43 -52.33 -30.33 -5.98
C ARG S 43 -51.73 -31.45 -5.12
N ILE S 44 -50.47 -31.31 -4.69
CA ILE S 44 -49.90 -32.36 -3.88
C ILE S 44 -50.45 -32.36 -2.46
N ASN S 45 -51.05 -31.25 -2.03
CA ASN S 45 -51.57 -31.15 -0.68
C ASN S 45 -53.06 -30.91 -0.81
N ALA S 46 -53.73 -31.76 -1.60
CA ALA S 46 -55.12 -31.50 -1.94
C ALA S 46 -56.02 -32.04 -0.84
N GLY S 47 -57.02 -31.24 -0.47
CA GLY S 47 -57.93 -31.62 0.59
C GLY S 47 -57.36 -31.38 1.98
N LYS S 48 -56.12 -30.90 2.07
CA LYS S 48 -55.52 -30.77 3.39
C LYS S 48 -55.56 -29.32 3.87
N GLN S 49 -55.58 -28.38 2.94
CA GLN S 49 -55.29 -27.00 3.32
C GLN S 49 -56.57 -26.32 3.73
N TRP S 50 -56.49 -25.17 4.41
CA TRP S 50 -57.67 -24.42 4.83
C TRP S 50 -58.60 -24.14 3.66
N LYS S 51 -58.06 -23.66 2.54
CA LYS S 51 -58.83 -23.35 1.34
C LYS S 51 -59.65 -24.56 0.88
N ASP S 52 -59.26 -25.78 1.27
CA ASP S 52 -59.98 -26.99 0.85
C ASP S 52 -61.12 -27.35 1.80
N ILE S 53 -61.13 -26.81 3.01
CA ILE S 53 -62.15 -27.17 3.99
C ILE S 53 -63.00 -25.95 4.30
N ARG S 54 -62.54 -24.79 3.85
CA ARG S 54 -63.15 -23.51 4.12
C ARG S 54 -64.65 -23.53 3.81
N HIS S 55 -65.06 -24.29 2.78
CA HIS S 55 -66.42 -24.23 2.26
C HIS S 55 -67.43 -24.76 3.26
N LYS S 56 -66.98 -25.61 4.19
CA LYS S 56 -67.81 -26.15 5.25
C LYS S 56 -68.27 -25.10 6.25
N TYR S 57 -67.65 -23.90 6.26
CA TYR S 57 -67.81 -22.96 7.37
C TYR S 57 -68.13 -21.52 6.90
N TYR T 8 -3.43 23.38 -56.42
CA TYR T 8 -2.52 23.46 -55.20
C TYR T 8 -3.30 23.84 -53.94
N VAL T 9 -2.93 23.20 -52.83
CA VAL T 9 -3.57 23.35 -51.54
C VAL T 9 -2.55 24.01 -50.61
N LYS T 10 -2.95 25.14 -50.00
CA LYS T 10 -2.04 25.89 -49.17
C LYS T 10 -2.13 25.44 -47.70
N LYS T 11 -3.33 25.02 -47.29
CA LYS T 11 -3.60 24.74 -45.89
C LYS T 11 -4.51 23.52 -45.77
N PRO T 12 -4.37 22.68 -44.72
CA PRO T 12 -5.31 21.58 -44.51
C PRO T 12 -6.67 22.15 -44.11
N SER T 13 -7.74 21.40 -44.38
CA SER T 13 -9.08 21.94 -44.21
C SER T 13 -9.75 21.25 -43.03
N TYR T 14 -9.94 21.98 -41.93
CA TYR T 14 -10.54 21.39 -40.75
C TYR T 14 -11.13 22.47 -39.85
N LYS T 15 -12.03 22.05 -38.97
CA LYS T 15 -12.51 22.88 -37.89
C LYS T 15 -12.44 22.12 -36.58
N ILE T 16 -12.53 22.86 -35.48
CA ILE T 16 -12.62 22.27 -34.15
C ILE T 16 -14.08 22.21 -33.75
N VAL T 17 -14.56 21.00 -33.44
CA VAL T 17 -15.92 20.84 -32.96
C VAL T 17 -16.00 21.27 -31.50
N PRO T 18 -17.13 21.83 -31.04
CA PRO T 18 -17.29 22.15 -29.62
C PRO T 18 -17.12 20.92 -28.73
N HIS T 19 -16.43 21.10 -27.61
CA HIS T 19 -16.16 19.97 -26.73
C HIS T 19 -16.10 20.46 -25.29
N PHE T 20 -16.30 19.53 -24.36
CA PHE T 20 -16.38 19.87 -22.95
C PHE T 20 -16.07 18.62 -22.15
N LEU T 21 -15.07 18.74 -21.27
CA LEU T 21 -14.59 17.65 -20.43
C LEU T 21 -14.24 16.44 -21.27
N GLY T 22 -13.79 16.69 -22.49
CA GLY T 22 -13.32 15.64 -23.38
C GLY T 22 -14.47 14.90 -24.07
N PHE T 23 -15.67 15.49 -24.07
CA PHE T 23 -16.76 14.92 -24.82
C PHE T 23 -17.11 15.87 -25.95
N ASN T 24 -17.54 15.32 -27.06
CA ASN T 24 -18.04 16.15 -28.14
C ASN T 24 -19.35 15.55 -28.60
N ILE T 25 -20.09 16.28 -29.43
CA ILE T 25 -21.41 15.82 -29.83
C ILE T 25 -21.34 14.57 -30.70
N PRO T 26 -20.46 14.45 -31.71
CA PRO T 26 -20.36 13.20 -32.47
C PRO T 26 -20.24 11.97 -31.57
N THR T 27 -19.40 12.02 -30.54
CA THR T 27 -19.21 10.87 -29.67
C THR T 27 -20.45 10.61 -28.83
N VAL T 28 -20.94 11.63 -28.13
CA VAL T 28 -22.07 11.49 -27.21
C VAL T 28 -23.28 10.95 -27.95
N SER T 29 -23.49 11.44 -29.17
CA SER T 29 -24.65 11.00 -29.93
C SER T 29 -24.63 9.49 -30.19
N LYS T 30 -23.43 8.90 -30.30
CA LYS T 30 -23.32 7.46 -30.47
C LYS T 30 -23.76 6.72 -29.22
N TRP T 31 -23.70 7.39 -28.07
CA TRP T 31 -23.99 6.71 -26.82
C TRP T 31 -25.41 6.96 -26.35
N ILE T 32 -26.13 7.88 -27.00
CA ILE T 32 -27.49 8.22 -26.59
C ILE T 32 -28.35 6.95 -26.50
N PRO T 33 -28.42 6.10 -27.55
CA PRO T 33 -29.18 4.86 -27.43
C PRO T 33 -28.76 3.93 -26.30
N ILE T 34 -27.46 3.90 -25.98
CA ILE T 34 -26.98 3.05 -24.92
C ILE T 34 -27.51 3.53 -23.57
N PHE T 35 -27.54 4.85 -23.36
CA PHE T 35 -28.16 5.41 -22.17
C PHE T 35 -29.62 4.99 -22.11
N GLY T 36 -30.32 5.05 -23.24
CA GLY T 36 -31.67 4.55 -23.33
C GLY T 36 -31.84 3.12 -22.80
N ILE T 37 -31.05 2.18 -23.31
CA ILE T 37 -31.19 0.79 -22.86
C ILE T 37 -30.82 0.67 -21.39
N TRP T 38 -29.76 1.34 -20.94
CA TRP T 38 -29.43 1.29 -19.53
C TRP T 38 -30.58 1.85 -18.68
N GLY T 39 -31.33 2.79 -19.24
CA GLY T 39 -32.43 3.41 -18.52
C GLY T 39 -33.58 2.42 -18.38
N ALA T 40 -33.85 1.71 -19.47
CA ALA T 40 -34.77 0.59 -19.48
C ALA T 40 -34.34 -0.48 -18.46
N ALA T 41 -33.05 -0.86 -18.47
CA ALA T 41 -32.53 -1.86 -17.53
C ALA T 41 -32.77 -1.38 -16.10
N ALA T 42 -32.56 -0.08 -15.87
CA ALA T 42 -32.71 0.46 -14.52
C ALA T 42 -34.18 0.50 -14.15
N GLY T 43 -35.04 0.84 -15.13
CA GLY T 43 -36.48 0.88 -14.96
C GLY T 43 -37.04 -0.50 -14.64
N ILE T 44 -36.72 -1.49 -15.48
CA ILE T 44 -37.18 -2.85 -15.25
C ILE T 44 -36.68 -3.31 -13.88
N GLY T 45 -35.41 -3.08 -13.59
CA GLY T 45 -34.82 -3.54 -12.35
C GLY T 45 -35.50 -2.92 -11.13
N ALA T 46 -35.75 -1.60 -11.21
CA ALA T 46 -36.31 -0.86 -10.08
C ALA T 46 -37.71 -1.38 -9.81
N LEU T 47 -38.49 -1.47 -10.90
CA LEU T 47 -39.87 -1.87 -10.82
C LEU T 47 -39.96 -3.29 -10.26
N PHE T 48 -39.06 -4.16 -10.70
CA PHE T 48 -38.98 -5.53 -10.24
C PHE T 48 -38.67 -5.57 -8.75
N LEU T 49 -37.80 -4.67 -8.26
CA LEU T 49 -37.43 -4.66 -6.86
C LEU T 49 -38.59 -4.24 -5.97
N ILE T 50 -39.52 -3.45 -6.51
CA ILE T 50 -40.60 -2.96 -5.66
C ILE T 50 -41.92 -3.58 -6.08
N GLU T 51 -41.84 -4.69 -6.80
CA GLU T 51 -43.03 -5.37 -7.27
C GLU T 51 -43.87 -5.83 -6.08
N GLY T 52 -43.22 -6.14 -4.98
CA GLY T 52 -43.91 -6.60 -3.79
C GLY T 52 -44.64 -5.48 -3.04
N VAL T 53 -44.13 -4.26 -3.14
CA VAL T 53 -44.80 -3.12 -2.53
C VAL T 53 -46.24 -3.02 -3.03
N PRO T 54 -47.24 -3.02 -2.12
CA PRO T 54 -48.66 -2.98 -2.51
C PRO T 54 -49.08 -1.80 -3.39
N ARG T 55 -48.44 -0.65 -3.19
CA ARG T 55 -48.75 0.52 -3.97
C ARG T 55 -48.31 0.34 -5.43
N THR T 56 -47.14 -0.29 -5.64
CA THR T 56 -46.67 -0.61 -6.97
C THR T 56 -47.70 -1.47 -7.71
N ARG T 57 -48.31 -2.42 -6.99
CA ARG T 57 -49.25 -3.34 -7.60
C ARG T 57 -50.53 -2.57 -7.93
N GLN T 58 -50.99 -1.78 -6.95
CA GLN T 58 -52.23 -1.04 -7.03
C GLN T 58 -52.16 0.00 -8.16
N ASP T 59 -51.05 0.76 -8.23
CA ASP T 59 -50.94 1.92 -9.11
C ASP T 59 -50.32 1.61 -10.47
N ILE T 60 -49.42 0.61 -10.56
CA ILE T 60 -48.71 0.36 -11.80
C ILE T 60 -49.14 -1.00 -12.35
N LEU T 61 -48.82 -2.06 -11.62
CA LEU T 61 -48.74 -3.38 -12.23
C LEU T 61 -50.13 -3.92 -12.56
N SER T 62 -51.15 -3.58 -11.76
CA SER T 62 -52.47 -4.14 -11.97
C SER T 62 -53.18 -3.47 -13.15
N LYS T 63 -52.61 -2.36 -13.63
CA LYS T 63 -53.21 -1.54 -14.68
C LYS T 63 -52.74 -2.00 -16.06
N ILE T 64 -51.65 -2.79 -16.10
CA ILE T 64 -51.14 -3.34 -17.34
C ILE T 64 -52.20 -4.25 -17.93
N PRO T 65 -52.57 -4.08 -19.22
CA PRO T 65 -53.64 -4.88 -19.84
C PRO T 65 -53.26 -6.36 -19.97
N ILE T 66 -54.25 -7.23 -19.73
CA ILE T 66 -54.14 -8.69 -19.85
C ILE T 66 -53.42 -9.24 -18.62
N ILE T 67 -52.13 -8.89 -18.52
CA ILE T 67 -51.15 -9.35 -17.55
C ILE T 67 -51.55 -8.89 -16.14
N GLY T 68 -52.24 -7.74 -16.08
CA GLY T 68 -52.42 -6.98 -14.85
C GLY T 68 -53.28 -7.68 -13.82
N GLU T 69 -53.94 -8.76 -14.22
CA GLU T 69 -54.83 -9.45 -13.30
C GLU T 69 -54.02 -10.33 -12.37
N HIS T 70 -52.74 -10.53 -12.70
CA HIS T 70 -51.82 -11.27 -11.87
C HIS T 70 -51.71 -10.63 -10.49
N TRP T 71 -51.93 -9.31 -10.42
CA TRP T 71 -51.66 -8.55 -9.21
C TRP T 71 -52.95 -8.12 -8.53
N ILE T 72 -54.10 -8.55 -9.06
CA ILE T 72 -55.38 -8.27 -8.43
C ILE T 72 -55.78 -9.52 -7.65
N ARG T 73 -55.40 -9.54 -6.37
CA ARG T 73 -55.69 -10.68 -5.52
C ARG T 73 -56.30 -10.19 -4.22
N GLU T 74 -57.47 -10.75 -3.89
CA GLU T 74 -58.20 -10.44 -2.66
C GLU T 74 -58.15 -11.64 -1.71
N ILE T 75 -57.81 -11.35 -0.45
CA ILE T 75 -58.00 -12.31 0.63
C ILE T 75 -59.50 -12.32 0.94
N PRO T 76 -60.15 -13.51 0.95
CA PRO T 76 -61.55 -13.63 1.39
C PRO T 76 -61.70 -13.10 2.82
N ALA T 77 -62.80 -12.39 3.08
CA ALA T 77 -63.07 -11.77 4.37
C ALA T 77 -63.09 -12.80 5.50
N SER T 78 -63.36 -14.07 5.14
CA SER T 78 -63.43 -15.16 6.09
C SER T 78 -62.05 -15.59 6.58
N ASP T 79 -61.01 -15.18 5.86
CA ASP T 79 -59.67 -15.71 6.08
C ASP T 79 -58.76 -14.60 6.60
N ASN T 80 -59.37 -13.44 6.90
CA ASN T 80 -58.58 -12.27 7.21
C ASN T 80 -58.83 -11.84 8.65
N PRO T 81 -57.86 -11.98 9.57
CA PRO T 81 -58.07 -11.61 10.97
C PRO T 81 -58.17 -10.10 11.13
N PHE T 82 -57.54 -9.37 10.21
CA PHE T 82 -57.51 -7.92 10.28
C PHE T 82 -58.60 -7.38 9.33
#